data_5GOR
#
_entry.id   5GOR
#
_cell.length_a   96.171
_cell.length_b   179.282
_cell.length_c   96.362
_cell.angle_alpha   90.00
_cell.angle_beta   105.92
_cell.angle_gamma   90.00
#
_symmetry.space_group_name_H-M   'P 1 21 1'
#
loop_
_entity.id
_entity.type
_entity.pdbx_description
1 polymer 'Alkaline Invertase'
2 non-polymer GLYCEROL
3 non-polymer 'SULFATE ION'
4 water water
#
_entity_poly.entity_id   1
_entity_poly.type   'polypeptide(L)'
_entity_poly.pdbx_seq_one_letter_code
;MGHHHHHHMKTPPINQKSLRETESWKLLESSIIYYEGNPIGTVAAQDPELAALNYDQCFLRDFVPSAFVFLMDGQTDIVR
NFLIETLTLQSHEKEMDCFQPGAGLMPASFKVESDGSKEYLVADFGEKAIARVPPVDSCMWWILLLRAYEKATGDLTLAR
EPKFQAGIKLILDLCLAHRFSMYPTMLVPDGAFMIDRRMGVYEHPLEIQVLFYAALRAARELLLPDGDGEQYLNKVHGRL
GALQYHIRNYYWVDLKRLREIYRYKGNEFGKEIANKFNIFSQSIPDWVIEWLPEKGGYLAGNLGPGRMDFRFFALGNLMA
ILAGLASEEESQRIMNLFAHRWEDLIGYMPVKICYPALQGLEWQIVTGCDPKNIPWSYHNGGNWPVLLWLFTAAALKTGK
VELAHEAIAIAEGRLSNDKFPEYYDGNNGRLIGKEARIYQTWSIAGLLVAKQFLANPDHVEFISFPDTFIGPGCSL
;
_entity_poly.pdbx_strand_id   A,B,C,D,E,F
#
# COMPACT_ATOMS: atom_id res chain seq x y z
N LEU A 19 30.44 -0.82 49.30
CA LEU A 19 29.21 -0.56 50.05
C LEU A 19 28.36 0.47 49.31
N ARG A 20 27.76 1.40 50.05
CA ARG A 20 26.94 2.43 49.42
C ARG A 20 27.76 3.64 49.01
N GLU A 21 28.84 3.35 48.28
CA GLU A 21 29.75 4.34 47.70
C GLU A 21 29.76 4.35 46.16
N THR A 22 28.84 3.60 45.56
CA THR A 22 28.79 3.45 44.11
C THR A 22 28.29 4.74 43.42
N GLU A 23 28.71 4.95 42.17
CA GLU A 23 28.26 6.07 41.34
C GLU A 23 26.75 6.21 41.30
N SER A 24 26.08 5.08 41.12
CA SER A 24 24.63 5.04 41.07
C SER A 24 24.06 5.51 42.40
N TRP A 25 24.71 5.11 43.49
CA TRP A 25 24.23 5.50 44.80
C TRP A 25 24.27 7.00 45.00
N LYS A 26 25.31 7.66 44.52
CA LYS A 26 25.43 9.10 44.69
C LYS A 26 24.28 9.81 43.99
N LEU A 27 23.90 9.31 42.83
CA LEU A 27 22.84 9.88 42.00
C LEU A 27 21.46 9.81 42.63
N LEU A 28 21.09 8.64 43.16
CA LEU A 28 19.82 8.49 43.85
C LEU A 28 19.68 9.46 45.03
N GLU A 29 20.78 9.74 45.74
CA GLU A 29 20.77 10.70 46.84
C GLU A 29 20.39 12.10 46.34
N SER A 30 20.99 12.52 45.23
CA SER A 30 20.72 13.83 44.66
C SER A 30 19.34 13.92 44.00
N SER A 31 18.72 12.78 43.72
CA SER A 31 17.38 12.78 43.16
C SER A 31 16.34 13.08 44.22
N ILE A 32 16.72 12.97 45.49
CA ILE A 32 15.77 13.14 46.60
C ILE A 32 15.16 14.56 46.70
N ILE A 33 13.85 14.61 46.92
CA ILE A 33 13.16 15.89 47.15
C ILE A 33 12.90 16.10 48.64
N TYR A 34 13.26 17.28 49.14
CA TYR A 34 13.09 17.59 50.55
C TYR A 34 11.95 18.59 50.81
N TYR A 35 11.11 18.25 51.77
CA TYR A 35 9.94 19.06 52.10
C TYR A 35 9.90 19.35 53.59
N GLU A 36 9.94 20.64 53.93
CA GLU A 36 9.99 21.12 55.31
C GLU A 36 11.13 20.45 56.09
N GLY A 37 12.22 20.14 55.39
CA GLY A 37 13.36 19.48 56.01
C GLY A 37 13.44 17.97 55.86
N ASN A 38 12.32 17.32 55.54
CA ASN A 38 12.28 15.85 55.44
C ASN A 38 12.25 15.34 53.99
N PRO A 39 12.91 14.20 53.74
CA PRO A 39 12.87 13.61 52.39
C PRO A 39 11.54 12.91 52.12
N ILE A 40 10.89 13.26 51.02
CA ILE A 40 9.55 12.72 50.76
C ILE A 40 9.40 12.03 49.41
N GLY A 41 10.44 12.08 48.57
CA GLY A 41 10.36 11.45 47.27
C GLY A 41 11.56 11.69 46.39
N THR A 42 11.41 11.36 45.10
CA THR A 42 12.49 11.53 44.13
C THR A 42 11.99 12.14 42.83
N VAL A 43 12.82 12.95 42.18
CA VAL A 43 12.49 13.47 40.85
C VAL A 43 12.54 12.35 39.82
N ALA A 44 11.88 12.56 38.70
CA ALA A 44 11.85 11.60 37.60
C ALA A 44 13.23 11.48 36.94
N ALA A 45 13.94 12.60 36.81
CA ALA A 45 15.25 12.61 36.16
C ALA A 45 16.11 13.81 36.53
N GLN A 46 17.41 13.71 36.28
CA GLN A 46 18.37 14.77 36.54
C GLN A 46 19.15 15.07 35.28
N ASP A 47 18.46 15.45 34.22
CA ASP A 47 19.07 15.76 32.94
C ASP A 47 19.36 17.26 32.88
N PRO A 48 20.65 17.63 32.77
CA PRO A 48 21.04 19.05 32.77
C PRO A 48 20.62 19.82 31.53
N GLU A 49 20.82 19.20 30.37
CA GLU A 49 20.66 19.88 29.09
C GLU A 49 19.19 20.14 28.72
N LEU A 50 18.33 19.18 29.04
CA LEU A 50 16.93 19.26 28.66
C LEU A 50 16.08 20.05 29.64
N ALA A 51 15.05 20.69 29.10
CA ALA A 51 14.02 21.33 29.91
C ALA A 51 13.33 20.27 30.75
N ALA A 52 13.16 20.57 32.04
CA ALA A 52 12.59 19.63 32.99
C ALA A 52 11.15 19.26 32.68
N LEU A 53 10.35 20.23 32.28
CA LEU A 53 8.96 19.96 32.00
C LEU A 53 8.37 19.40 33.30
N ASN A 54 7.71 18.25 33.22
CA ASN A 54 7.14 17.64 34.40
C ASN A 54 8.11 16.63 35.05
N TYR A 55 9.30 16.48 34.49
CA TYR A 55 10.27 15.50 35.03
C TYR A 55 11.01 15.97 36.28
N ASP A 56 10.78 17.21 36.71
CA ASP A 56 11.31 17.71 37.98
C ASP A 56 10.36 17.39 39.15
N GLN A 57 9.25 16.74 38.83
CA GLN A 57 8.29 16.29 39.84
C GLN A 57 8.58 14.87 40.31
N CYS A 58 7.93 14.44 41.39
CA CYS A 58 8.02 13.05 41.84
C CYS A 58 6.79 12.28 41.39
N PHE A 59 6.95 11.44 40.38
CA PHE A 59 5.88 10.56 39.93
C PHE A 59 5.73 9.39 40.90
N LEU A 60 4.50 8.99 41.16
CA LEU A 60 4.25 7.93 42.12
C LEU A 60 4.76 6.58 41.64
N ARG A 61 4.53 6.27 40.38
CA ARG A 61 4.99 5.00 39.84
C ARG A 61 6.52 4.94 39.74
N ASP A 62 7.16 6.08 39.45
CA ASP A 62 8.62 6.15 39.36
C ASP A 62 9.28 5.98 40.73
N PHE A 63 8.53 6.28 41.79
CA PHE A 63 9.09 6.22 43.13
C PHE A 63 9.20 4.79 43.67
N VAL A 64 8.34 3.90 43.18
CA VAL A 64 8.32 2.51 43.65
C VAL A 64 9.73 1.88 43.69
N PRO A 65 10.49 1.90 42.56
CA PRO A 65 11.83 1.33 42.66
C PRO A 65 12.78 2.12 43.58
N SER A 66 12.69 3.45 43.58
CA SER A 66 13.46 4.27 44.52
C SER A 66 13.15 3.85 45.95
N ALA A 67 11.86 3.74 46.26
CA ALA A 67 11.39 3.31 47.57
C ALA A 67 11.99 1.98 47.98
N PHE A 68 12.03 1.02 47.06
CA PHE A 68 12.56 -0.31 47.37
C PHE A 68 14.04 -0.27 47.77
N VAL A 69 14.82 0.52 47.04
CA VAL A 69 16.22 0.71 47.39
C VAL A 69 16.34 1.16 48.83
N PHE A 70 15.61 2.21 49.17
CA PHE A 70 15.68 2.80 50.50
C PHE A 70 15.20 1.84 51.58
N LEU A 71 14.17 1.06 51.27
CA LEU A 71 13.72 0.06 52.22
C LEU A 71 14.83 -0.97 52.51
N MET A 72 15.47 -1.46 51.45
CA MET A 72 16.55 -2.43 51.57
C MET A 72 17.82 -1.83 52.19
N ASP A 73 17.98 -0.52 52.07
CA ASP A 73 19.10 0.14 52.73
C ASP A 73 18.87 0.30 54.24
N GLY A 74 17.61 0.38 54.64
CA GLY A 74 17.27 0.68 56.02
C GLY A 74 16.90 2.14 56.21
N GLN A 75 17.15 2.94 55.17
CA GLN A 75 16.76 4.35 55.18
C GLN A 75 15.28 4.45 54.85
N THR A 76 14.43 4.15 55.82
CA THR A 76 13.00 3.96 55.59
C THR A 76 12.12 5.18 55.87
N ASP A 77 12.71 6.30 56.28
CA ASP A 77 11.94 7.49 56.62
C ASP A 77 11.32 8.17 55.39
N ILE A 78 12.11 8.27 54.32
CA ILE A 78 11.63 8.86 53.06
C ILE A 78 10.40 8.13 52.51
N VAL A 79 10.37 6.80 52.62
CA VAL A 79 9.24 6.02 52.13
C VAL A 79 8.03 6.26 53.01
N ARG A 80 8.24 6.30 54.33
CA ARG A 80 7.18 6.60 55.27
C ARG A 80 6.60 7.98 54.99
N ASN A 81 7.49 8.95 54.84
CA ASN A 81 7.10 10.32 54.52
C ASN A 81 6.27 10.38 53.24
N PHE A 82 6.76 9.72 52.20
CA PHE A 82 6.08 9.67 50.91
C PHE A 82 4.66 9.16 51.06
N LEU A 83 4.51 8.01 51.70
CA LEU A 83 3.21 7.42 51.95
C LEU A 83 2.27 8.38 52.67
N ILE A 84 2.82 9.14 53.61
CA ILE A 84 2.04 10.10 54.37
C ILE A 84 1.62 11.30 53.50
N GLU A 85 2.59 11.89 52.81
CA GLU A 85 2.30 13.07 51.99
C GLU A 85 1.37 12.75 50.82
N THR A 86 1.51 11.55 50.26
CA THR A 86 0.63 11.10 49.18
C THR A 86 -0.76 10.81 49.72
N LEU A 87 -0.83 10.29 50.94
CA LEU A 87 -2.11 10.13 51.61
C LEU A 87 -2.78 11.50 51.82
N THR A 88 -1.99 12.49 52.22
CA THR A 88 -2.48 13.86 52.34
C THR A 88 -3.02 14.34 51.00
N LEU A 89 -2.22 14.17 49.95
CA LEU A 89 -2.57 14.65 48.61
C LEU A 89 -3.89 14.11 48.08
N GLN A 90 -4.21 12.87 48.41
CA GLN A 90 -5.51 12.29 48.04
C GLN A 90 -6.71 13.15 48.47
N SER A 91 -6.58 13.85 49.59
CA SER A 91 -7.64 14.70 50.14
C SER A 91 -7.80 16.03 49.40
N HIS A 92 -6.80 16.42 48.61
CA HIS A 92 -6.83 17.69 47.90
C HIS A 92 -8.00 17.74 46.93
N GLU A 93 -8.53 18.93 46.71
CA GLU A 93 -9.60 19.11 45.74
C GLU A 93 -8.98 19.21 44.35
N LYS A 94 -9.63 18.58 43.39
CA LYS A 94 -9.08 18.45 42.05
C LYS A 94 -10.21 18.52 41.03
N GLU A 95 -10.13 19.47 40.11
CA GLU A 95 -11.19 19.58 39.12
C GLU A 95 -10.72 20.15 37.80
N MET A 96 -11.53 19.90 36.78
CA MET A 96 -11.33 20.40 35.44
C MET A 96 -12.69 20.75 34.88
N ASP A 97 -12.91 22.05 34.70
CA ASP A 97 -14.18 22.56 34.20
C ASP A 97 -15.33 22.16 35.14
N CYS A 98 -15.20 22.55 36.41
CA CYS A 98 -16.20 22.28 37.45
C CYS A 98 -16.61 20.81 37.55
N PHE A 99 -15.72 19.92 37.15
CA PHE A 99 -15.98 18.50 37.34
C PHE A 99 -14.92 17.89 38.23
N GLN A 100 -15.38 17.14 39.24
CA GLN A 100 -14.49 16.45 40.14
C GLN A 100 -14.59 14.94 39.92
N PRO A 101 -13.43 14.27 39.95
CA PRO A 101 -13.39 12.79 39.90
C PRO A 101 -13.68 12.17 41.26
N GLY A 102 -13.66 10.84 41.32
CA GLY A 102 -13.82 10.12 42.59
C GLY A 102 -12.81 10.56 43.62
N ALA A 103 -13.25 10.64 44.88
CA ALA A 103 -12.40 11.13 45.96
C ALA A 103 -11.10 10.34 46.10
N GLY A 104 -11.17 9.03 45.91
CA GLY A 104 -10.02 8.16 46.11
C GLY A 104 -8.85 8.32 45.16
N LEU A 105 -8.98 9.19 44.17
CA LEU A 105 -7.94 9.34 43.15
C LEU A 105 -6.60 9.84 43.70
N MET A 106 -5.53 9.12 43.37
CA MET A 106 -4.17 9.54 43.70
C MET A 106 -3.52 10.27 42.52
N PRO A 107 -2.57 11.16 42.81
CA PRO A 107 -1.98 11.91 41.70
C PRO A 107 -0.96 11.10 40.89
N ALA A 108 -0.69 11.58 39.68
CA ALA A 108 0.40 11.03 38.87
C ALA A 108 1.72 11.46 39.49
N SER A 109 1.77 12.74 39.85
CA SER A 109 3.00 13.36 40.33
C SER A 109 2.73 14.53 41.27
N PHE A 110 3.80 15.02 41.90
CA PHE A 110 3.71 16.20 42.75
C PHE A 110 5.09 16.82 42.89
N LYS A 111 5.12 18.10 43.26
CA LYS A 111 6.37 18.77 43.55
C LYS A 111 6.25 19.77 44.70
N VAL A 112 7.39 20.18 45.23
CA VAL A 112 7.41 21.16 46.30
C VAL A 112 7.47 22.58 45.71
N GLU A 113 6.34 23.28 45.79
CA GLU A 113 6.30 24.69 45.45
C GLU A 113 6.44 25.49 46.73
N SER A 114 7.38 26.42 46.74
CA SER A 114 7.61 27.18 47.94
C SER A 114 7.51 28.67 47.67
N ASP A 115 6.56 29.32 48.33
CA ASP A 115 6.62 30.75 48.50
C ASP A 115 7.76 31.01 49.47
N GLY A 116 8.43 32.15 49.31
CA GLY A 116 9.50 32.55 50.22
C GLY A 116 9.04 32.36 51.65
N SER A 117 7.75 32.59 51.86
CA SER A 117 7.11 32.43 53.16
C SER A 117 6.95 30.96 53.60
N LYS A 118 6.46 30.10 52.71
CA LYS A 118 6.15 28.72 53.09
C LYS A 118 6.26 27.70 51.95
N GLU A 119 6.58 26.44 52.29
CA GLU A 119 6.58 25.35 51.32
C GLU A 119 5.21 24.66 51.28
N TYR A 120 4.68 24.47 50.08
CA TYR A 120 3.41 23.76 49.89
C TYR A 120 3.54 22.76 48.74
N LEU A 121 2.78 21.68 48.80
CA LEU A 121 2.85 20.64 47.78
C LEU A 121 1.82 20.83 46.68
N VAL A 122 2.26 20.74 45.43
CA VAL A 122 1.38 20.83 44.28
C VAL A 122 1.38 19.52 43.52
N ALA A 123 0.18 18.99 43.25
CA ALA A 123 0.03 17.68 42.63
C ALA A 123 -0.64 17.73 41.26
N ASP A 124 -0.38 16.73 40.44
CA ASP A 124 -1.09 16.55 39.17
C ASP A 124 -1.90 15.25 39.24
N PHE A 125 -3.23 15.38 39.20
CA PHE A 125 -4.14 14.24 39.21
C PHE A 125 -4.64 13.87 37.81
N GLY A 126 -4.10 14.55 36.80
CA GLY A 126 -4.56 14.38 35.43
C GLY A 126 -5.12 15.65 34.83
N GLU A 127 -5.38 16.66 35.67
CA GLU A 127 -5.92 17.94 35.23
C GLU A 127 -4.85 18.84 34.62
N LYS A 128 -3.59 18.56 34.93
CA LYS A 128 -2.49 19.28 34.29
C LYS A 128 -1.75 18.43 33.26
N ALA A 129 -2.16 17.16 33.14
CA ALA A 129 -1.40 16.15 32.39
C ALA A 129 -1.53 16.29 30.87
N ILE A 130 -0.46 15.89 30.17
CA ILE A 130 -0.50 15.84 28.71
C ILE A 130 -1.59 14.87 28.27
N ALA A 131 -2.49 15.36 27.43
CA ALA A 131 -3.65 14.60 26.94
C ALA A 131 -4.68 14.32 28.04
N ARG A 132 -4.47 14.89 29.23
CA ARG A 132 -5.37 14.69 30.38
C ARG A 132 -5.57 13.23 30.73
N VAL A 133 -4.51 12.44 30.57
CA VAL A 133 -4.57 11.01 30.90
C VAL A 133 -4.76 10.82 32.41
N PRO A 134 -5.54 9.79 32.80
CA PRO A 134 -5.74 9.55 34.23
C PRO A 134 -4.72 8.54 34.78
N PRO A 135 -4.08 8.88 35.92
CA PRO A 135 -3.11 7.94 36.47
C PRO A 135 -3.78 6.88 37.33
N VAL A 136 -4.46 5.92 36.70
CA VAL A 136 -5.17 4.86 37.43
C VAL A 136 -4.22 3.95 38.20
N ASP A 137 -3.05 3.70 37.61
CA ASP A 137 -2.05 2.83 38.22
C ASP A 137 -1.45 3.41 39.51
N SER A 138 -1.60 4.72 39.72
CA SER A 138 -1.02 5.35 40.92
C SER A 138 -1.60 4.83 42.25
N CYS A 139 -2.93 4.80 42.36
CA CYS A 139 -3.55 4.35 43.60
C CYS A 139 -3.23 2.89 43.90
N MET A 140 -3.00 2.11 42.86
CA MET A 140 -2.63 0.70 43.01
C MET A 140 -1.17 0.54 43.44
N TRP A 141 -0.29 1.33 42.85
CA TRP A 141 1.12 1.32 43.25
C TRP A 141 1.30 1.85 44.67
N TRP A 142 0.50 2.85 45.03
CA TRP A 142 0.51 3.41 46.38
C TRP A 142 0.19 2.33 47.43
N ILE A 143 -0.86 1.56 47.20
CA ILE A 143 -1.25 0.46 48.07
C ILE A 143 -0.17 -0.60 48.17
N LEU A 144 0.28 -1.10 47.02
CA LEU A 144 1.33 -2.09 46.96
C LEU A 144 2.61 -1.59 47.62
N LEU A 145 2.86 -0.30 47.52
CA LEU A 145 4.00 0.30 48.19
C LEU A 145 3.82 0.29 49.70
N LEU A 146 2.59 0.52 50.14
CA LEU A 146 2.28 0.50 51.57
C LEU A 146 2.56 -0.86 52.16
N ARG A 147 2.12 -1.91 51.48
CA ARG A 147 2.39 -3.28 51.89
C ARG A 147 3.90 -3.55 51.87
N ALA A 148 4.56 -3.08 50.82
CA ALA A 148 6.00 -3.23 50.68
C ALA A 148 6.74 -2.58 51.85
N TYR A 149 6.22 -1.45 52.30
CA TYR A 149 6.78 -0.77 53.46
C TYR A 149 6.62 -1.61 54.71
N GLU A 150 5.40 -2.10 54.92
CA GLU A 150 5.05 -2.92 56.08
C GLU A 150 5.90 -4.17 56.22
N LYS A 151 6.02 -4.95 55.15
CA LYS A 151 6.77 -6.20 55.20
C LYS A 151 8.26 -5.96 55.38
N ALA A 152 8.77 -4.85 54.84
CA ALA A 152 10.20 -4.55 54.90
C ALA A 152 10.65 -4.08 56.28
N THR A 153 9.85 -3.24 56.94
CA THR A 153 10.22 -2.64 58.22
C THR A 153 9.60 -3.36 59.43
N GLY A 154 8.44 -3.97 59.23
CA GLY A 154 7.70 -4.59 60.31
C GLY A 154 6.82 -3.60 61.06
N ASP A 155 6.71 -2.38 60.54
CA ASP A 155 5.85 -1.34 61.13
C ASP A 155 4.41 -1.55 60.68
N LEU A 156 3.59 -2.16 61.53
CA LEU A 156 2.19 -2.43 61.21
C LEU A 156 1.25 -1.32 61.64
N THR A 157 1.79 -0.36 62.39
CA THR A 157 0.96 0.72 62.92
C THR A 157 0.49 1.64 61.81
N LEU A 158 1.37 1.95 60.87
CA LEU A 158 1.11 2.95 59.83
C LEU A 158 -0.09 2.62 58.94
N ALA A 159 -0.12 1.41 58.39
CA ALA A 159 -1.24 1.00 57.53
C ALA A 159 -2.55 0.97 58.30
N ARG A 160 -2.47 0.79 59.62
CA ARG A 160 -3.67 0.70 60.44
C ARG A 160 -4.07 2.00 61.13
N GLU A 161 -3.29 3.07 60.94
CA GLU A 161 -3.71 4.40 61.37
C GLU A 161 -4.99 4.73 60.62
N PRO A 162 -5.99 5.30 61.31
CA PRO A 162 -7.34 5.48 60.75
C PRO A 162 -7.41 6.14 59.36
N LYS A 163 -6.62 7.18 59.13
CA LYS A 163 -6.60 7.86 57.85
C LYS A 163 -6.17 6.92 56.72
N PHE A 164 -5.18 6.07 57.02
CA PHE A 164 -4.68 5.10 56.04
C PHE A 164 -5.74 4.06 55.73
N GLN A 165 -6.56 3.72 56.72
CA GLN A 165 -7.69 2.84 56.47
C GLN A 165 -8.73 3.56 55.62
N ALA A 166 -8.93 4.85 55.88
CA ALA A 166 -9.86 5.67 55.09
C ALA A 166 -9.39 5.82 53.64
N GLY A 167 -8.09 6.04 53.47
CA GLY A 167 -7.50 6.20 52.14
C GLY A 167 -7.62 4.96 51.27
N ILE A 168 -7.30 3.81 51.84
CA ILE A 168 -7.43 2.55 51.12
C ILE A 168 -8.87 2.35 50.66
N LYS A 169 -9.80 2.61 51.56
CA LYS A 169 -11.21 2.40 51.27
C LYS A 169 -11.72 3.36 50.18
N LEU A 170 -11.21 4.58 50.17
CA LEU A 170 -11.53 5.53 49.10
C LEU A 170 -11.04 5.01 47.74
N ILE A 171 -9.84 4.42 47.73
CA ILE A 171 -9.28 3.82 46.53
C ILE A 171 -10.10 2.60 46.10
N LEU A 172 -10.44 1.76 47.07
CA LEU A 172 -11.25 0.59 46.81
C LEU A 172 -12.66 0.96 46.33
N ASP A 173 -13.15 2.12 46.77
CA ASP A 173 -14.46 2.62 46.33
C ASP A 173 -14.47 2.84 44.83
N LEU A 174 -13.44 3.53 44.32
CA LEU A 174 -13.31 3.77 42.89
C LEU A 174 -13.16 2.49 42.08
N CYS A 175 -12.18 1.66 42.46
CA CYS A 175 -11.86 0.45 41.72
C CYS A 175 -13.06 -0.50 41.63
N LEU A 176 -13.81 -0.62 42.72
CA LEU A 176 -14.95 -1.54 42.76
C LEU A 176 -16.27 -0.89 42.39
N ALA A 177 -16.21 0.30 41.80
CA ALA A 177 -17.42 1.01 41.37
C ALA A 177 -18.20 0.19 40.35
N HIS A 178 -19.51 0.43 40.29
CA HIS A 178 -20.41 -0.38 39.48
C HIS A 178 -20.28 -0.11 37.98
N ARG A 179 -20.58 -1.13 37.18
CA ARG A 179 -20.32 -1.11 35.75
C ARG A 179 -21.54 -1.50 34.94
N PHE A 180 -21.51 -1.16 33.64
CA PHE A 180 -22.53 -1.59 32.69
C PHE A 180 -22.21 -2.96 32.10
N SER A 181 -20.93 -3.22 31.92
CA SER A 181 -20.48 -4.44 31.28
C SER A 181 -20.44 -5.61 32.27
N MET A 182 -20.31 -6.81 31.72
CA MET A 182 -20.32 -8.04 32.50
C MET A 182 -18.89 -8.52 32.85
N TYR A 183 -17.91 -7.66 32.61
CA TYR A 183 -16.51 -8.00 32.84
C TYR A 183 -16.12 -7.57 34.24
N PRO A 184 -15.39 -8.42 34.97
CA PRO A 184 -14.87 -8.00 36.27
C PRO A 184 -13.67 -7.06 36.14
N THR A 185 -13.15 -6.91 34.91
CA THR A 185 -11.99 -6.04 34.69
C THR A 185 -12.30 -4.55 34.87
N MET A 186 -11.27 -3.73 34.95
CA MET A 186 -11.44 -2.30 35.09
C MET A 186 -11.42 -1.61 33.74
N LEU A 187 -12.47 -0.83 33.46
CA LEU A 187 -12.58 -0.05 32.23
C LEU A 187 -11.82 1.23 32.38
N VAL A 188 -11.03 1.59 31.37
CA VAL A 188 -10.22 2.81 31.38
C VAL A 188 -10.07 3.40 29.97
N PRO A 189 -9.74 4.70 29.88
CA PRO A 189 -9.35 5.23 28.56
C PRO A 189 -7.89 4.87 28.25
N ASP A 190 -7.40 5.31 27.09
CA ASP A 190 -6.05 5.02 26.65
C ASP A 190 -5.04 5.77 27.51
N GLY A 191 -3.85 5.20 27.66
CA GLY A 191 -2.79 5.83 28.42
C GLY A 191 -3.04 5.97 29.91
N ALA A 192 -3.65 4.97 30.53
CA ALA A 192 -4.05 5.05 31.93
C ALA A 192 -3.03 4.47 32.92
N PHE A 193 -1.85 4.08 32.44
CA PHE A 193 -0.83 3.53 33.34
C PHE A 193 0.58 3.99 32.96
N MET A 194 1.57 3.13 33.21
CA MET A 194 2.95 3.43 32.83
C MET A 194 3.00 3.97 31.42
N ILE A 195 2.30 3.30 30.50
CA ILE A 195 2.03 3.86 29.19
C ILE A 195 0.97 4.97 29.36
N ASP A 196 1.40 6.22 29.28
CA ASP A 196 0.55 7.39 29.53
C ASP A 196 0.30 8.25 28.27
N ARG A 197 0.30 7.58 27.12
CA ARG A 197 -0.02 8.20 25.85
C ARG A 197 -0.88 7.22 25.07
N ARG A 198 -1.44 7.67 23.95
CA ARG A 198 -2.38 6.88 23.17
C ARG A 198 -1.64 5.75 22.45
N MET A 199 -1.87 4.51 22.90
CA MET A 199 -1.13 3.34 22.38
C MET A 199 -2.02 2.15 22.11
N GLY A 200 -3.32 2.39 22.02
CA GLY A 200 -4.30 1.34 21.88
C GLY A 200 -4.42 0.46 23.11
N VAL A 201 -4.13 1.03 24.28
CA VAL A 201 -4.25 0.30 25.55
C VAL A 201 -5.49 0.73 26.35
N TYR A 202 -6.43 1.40 25.68
CA TYR A 202 -7.76 1.70 26.22
C TYR A 202 -8.56 0.42 26.49
N GLU A 203 -9.70 0.58 27.15
CA GLU A 203 -10.66 -0.49 27.45
C GLU A 203 -10.16 -1.32 28.65
N HIS A 204 -9.66 -2.53 28.44
CA HIS A 204 -9.23 -3.40 29.56
C HIS A 204 -7.76 -3.88 29.49
N PRO A 205 -6.80 -2.95 29.57
CA PRO A 205 -5.37 -3.31 29.47
C PRO A 205 -4.91 -4.25 30.59
N LEU A 206 -4.02 -5.18 30.24
CA LEU A 206 -3.53 -6.17 31.17
C LEU A 206 -2.94 -5.52 32.42
N GLU A 207 -1.95 -4.65 32.23
CA GLU A 207 -1.28 -3.98 33.33
C GLU A 207 -2.23 -3.46 34.39
N ILE A 208 -3.32 -2.82 33.96
CA ILE A 208 -4.33 -2.31 34.89
C ILE A 208 -5.00 -3.43 35.66
N GLN A 209 -5.34 -4.52 34.96
CA GLN A 209 -6.05 -5.63 35.59
C GLN A 209 -5.18 -6.36 36.62
N VAL A 210 -3.90 -6.54 36.28
CA VAL A 210 -2.94 -7.25 37.11
C VAL A 210 -2.60 -6.42 38.35
N LEU A 211 -2.32 -5.15 38.15
CA LEU A 211 -2.12 -4.24 39.28
C LEU A 211 -3.36 -4.17 40.16
N PHE A 212 -4.52 -4.17 39.54
CA PHE A 212 -5.80 -4.17 40.23
C PHE A 212 -5.94 -5.43 41.07
N TYR A 213 -5.60 -6.57 40.47
CA TYR A 213 -5.58 -7.83 41.20
C TYR A 213 -4.62 -7.77 42.39
N ALA A 214 -3.40 -7.29 42.16
CA ALA A 214 -2.36 -7.23 43.19
C ALA A 214 -2.73 -6.27 44.32
N ALA A 215 -3.34 -5.16 43.97
CA ALA A 215 -3.76 -4.17 44.94
C ALA A 215 -4.86 -4.74 45.83
N LEU A 216 -5.81 -5.45 45.22
CA LEU A 216 -6.86 -6.13 45.97
C LEU A 216 -6.26 -7.12 46.95
N ARG A 217 -5.26 -7.86 46.49
CA ARG A 217 -4.57 -8.82 47.34
C ARG A 217 -3.82 -8.11 48.46
N ALA A 218 -3.17 -6.99 48.13
CA ALA A 218 -2.53 -6.20 49.17
C ALA A 218 -3.55 -5.71 50.20
N ALA A 219 -4.61 -5.08 49.71
CA ALA A 219 -5.69 -4.55 50.55
C ALA A 219 -6.24 -5.59 51.53
N ARG A 220 -6.32 -6.84 51.08
CA ARG A 220 -6.83 -7.92 51.91
C ARG A 220 -5.99 -8.11 53.18
N GLU A 221 -4.69 -7.88 53.06
CA GLU A 221 -3.77 -7.98 54.19
C GLU A 221 -3.72 -6.69 55.02
N LEU A 222 -4.05 -5.58 54.38
CA LEU A 222 -3.89 -4.27 54.98
C LEU A 222 -5.10 -3.83 55.82
N LEU A 223 -6.30 -4.24 55.40
CA LEU A 223 -7.53 -3.76 56.02
C LEU A 223 -7.83 -4.38 57.39
N LEU A 224 -8.37 -3.57 58.29
CA LEU A 224 -8.89 -4.01 59.56
C LEU A 224 -10.29 -4.58 59.37
N PRO A 225 -10.60 -5.72 60.00
CA PRO A 225 -11.97 -6.23 59.82
C PRO A 225 -13.04 -5.35 60.48
N ASP A 226 -12.69 -4.53 61.46
CA ASP A 226 -13.70 -3.77 62.21
C ASP A 226 -14.45 -2.71 61.40
N GLY A 227 -15.65 -2.39 61.89
CA GLY A 227 -16.51 -1.43 61.25
C GLY A 227 -17.07 -1.95 59.94
N ASP A 228 -17.06 -1.11 58.91
CA ASP A 228 -17.39 -1.54 57.56
C ASP A 228 -16.28 -2.40 56.97
N GLY A 229 -15.12 -2.39 57.64
CA GLY A 229 -13.96 -3.20 57.23
C GLY A 229 -14.31 -4.61 56.76
N GLU A 230 -15.22 -5.27 57.46
CA GLU A 230 -15.65 -6.62 57.09
C GLU A 230 -16.43 -6.68 55.78
N GLN A 231 -17.21 -5.63 55.48
CA GLN A 231 -17.97 -5.58 54.24
C GLN A 231 -17.06 -5.44 53.00
N TYR A 232 -16.00 -4.63 53.14
CA TYR A 232 -15.02 -4.41 52.08
C TYR A 232 -14.27 -5.70 51.72
N LEU A 233 -13.84 -6.43 52.75
CA LEU A 233 -13.10 -7.67 52.57
C LEU A 233 -13.93 -8.70 51.82
N ASN A 234 -15.25 -8.63 51.97
CA ASN A 234 -16.13 -9.51 51.22
C ASN A 234 -16.22 -9.11 49.75
N LYS A 235 -16.34 -7.80 49.50
CA LYS A 235 -16.32 -7.27 48.14
C LYS A 235 -15.02 -7.65 47.43
N VAL A 236 -13.91 -7.35 48.09
CA VAL A 236 -12.57 -7.63 47.56
C VAL A 236 -12.41 -9.11 47.25
N HIS A 237 -12.74 -9.96 48.21
CA HIS A 237 -12.66 -11.40 48.00
C HIS A 237 -13.46 -11.86 46.77
N GLY A 238 -14.69 -11.38 46.66
CA GLY A 238 -15.58 -11.73 45.57
C GLY A 238 -15.06 -11.30 44.19
N ARG A 239 -14.55 -10.07 44.12
CA ARG A 239 -14.00 -9.54 42.87
C ARG A 239 -12.76 -10.30 42.45
N LEU A 240 -11.88 -10.56 43.40
CA LEU A 240 -10.62 -11.28 43.14
C LEU A 240 -10.85 -12.62 42.48
N GLY A 241 -11.81 -13.38 43.01
CA GLY A 241 -12.12 -14.69 42.49
C GLY A 241 -12.63 -14.64 41.05
N ALA A 242 -13.48 -13.65 40.76
CA ALA A 242 -14.05 -13.47 39.44
C ALA A 242 -13.03 -12.87 38.48
N LEU A 243 -12.23 -11.94 38.99
CA LEU A 243 -11.22 -11.26 38.18
C LEU A 243 -10.14 -12.22 37.70
N GLN A 244 -9.64 -13.06 38.60
CA GLN A 244 -8.63 -14.05 38.25
C GLN A 244 -9.15 -15.08 37.24
N TYR A 245 -10.39 -15.51 37.39
CA TYR A 245 -11.00 -16.46 36.45
C TYR A 245 -11.08 -15.84 35.06
N HIS A 246 -11.43 -14.56 35.02
CA HIS A 246 -11.60 -13.84 33.76
C HIS A 246 -10.26 -13.74 33.05
N ILE A 247 -9.27 -13.14 33.72
CA ILE A 247 -7.92 -13.00 33.17
C ILE A 247 -7.36 -14.34 32.68
N ARG A 248 -7.36 -15.34 33.56
CA ARG A 248 -6.72 -16.62 33.27
C ARG A 248 -7.39 -17.41 32.14
N ASN A 249 -8.72 -17.33 32.05
CA ASN A 249 -9.41 -18.06 30.98
C ASN A 249 -9.41 -17.38 29.61
N TYR A 250 -9.57 -16.05 29.62
CA TYR A 250 -9.82 -15.32 28.37
C TYR A 250 -8.62 -14.55 27.86
N TYR A 251 -7.69 -14.21 28.73
CA TYR A 251 -6.48 -13.50 28.30
C TYR A 251 -5.35 -14.47 27.95
N TRP A 252 -5.32 -15.63 28.60
CA TRP A 252 -4.19 -16.53 28.42
C TRP A 252 -4.04 -17.00 26.97
N VAL A 253 -2.80 -16.92 26.48
CA VAL A 253 -2.48 -17.31 25.12
C VAL A 253 -1.39 -18.37 25.12
N ASP A 254 -1.68 -19.47 24.42
CA ASP A 254 -0.68 -20.45 24.07
C ASP A 254 -1.13 -21.11 22.76
N LEU A 255 -0.34 -22.04 22.24
CA LEU A 255 -0.64 -22.70 20.98
C LEU A 255 -1.99 -23.44 21.00
N LYS A 256 -2.27 -24.16 22.08
CA LYS A 256 -3.51 -24.91 22.21
C LYS A 256 -4.71 -23.98 22.14
N ARG A 257 -4.58 -22.86 22.84
CA ARG A 257 -5.60 -21.84 22.91
C ARG A 257 -5.74 -21.10 21.58
N LEU A 258 -4.60 -20.71 21.02
CA LEU A 258 -4.53 -20.12 19.69
C LEU A 258 -5.26 -20.97 18.65
N ARG A 259 -5.05 -22.29 18.72
CA ARG A 259 -5.70 -23.23 17.82
C ARG A 259 -7.22 -23.24 17.96
N GLU A 260 -7.71 -23.02 19.18
CA GLU A 260 -9.15 -22.96 19.42
C GLU A 260 -9.75 -21.71 18.81
N ILE A 261 -9.15 -20.56 19.13
CA ILE A 261 -9.61 -19.25 18.69
C ILE A 261 -9.68 -19.16 17.17
N TYR A 262 -8.61 -19.62 16.51
CA TYR A 262 -8.53 -19.64 15.07
C TYR A 262 -9.67 -20.46 14.46
N ARG A 263 -10.16 -21.47 15.17
CA ARG A 263 -11.28 -22.28 14.68
C ARG A 263 -12.65 -21.86 15.20
N TYR A 264 -12.70 -20.72 15.90
CA TYR A 264 -13.95 -20.17 16.39
C TYR A 264 -14.89 -19.81 15.25
N LYS A 265 -16.18 -20.03 15.47
CA LYS A 265 -17.20 -19.52 14.59
C LYS A 265 -17.52 -18.07 14.98
N GLY A 266 -17.96 -17.26 14.02
CA GLY A 266 -18.30 -15.89 14.31
C GLY A 266 -19.77 -15.72 14.67
N ASN A 267 -20.08 -14.65 15.39
CA ASN A 267 -21.47 -14.26 15.67
C ASN A 267 -22.29 -15.25 16.46
N GLU A 268 -21.65 -15.93 17.39
CA GLU A 268 -22.33 -16.82 18.33
C GLU A 268 -23.05 -16.01 19.40
N PHE A 269 -24.29 -16.37 19.70
CA PHE A 269 -25.01 -15.69 20.78
C PHE A 269 -25.53 -16.67 21.83
N GLY A 270 -25.86 -16.16 23.01
CA GLY A 270 -26.27 -16.99 24.13
C GLY A 270 -25.12 -17.15 25.10
N LYS A 271 -25.35 -17.89 26.19
CA LYS A 271 -24.36 -18.01 27.26
C LYS A 271 -23.31 -19.08 27.03
N GLU A 272 -23.76 -20.28 26.66
CA GLU A 272 -22.85 -21.41 26.56
C GLU A 272 -22.27 -21.54 25.16
N ILE A 273 -21.45 -20.56 24.82
CA ILE A 273 -20.76 -20.51 23.53
C ILE A 273 -19.26 -20.38 23.76
N ALA A 274 -18.48 -20.81 22.77
CA ALA A 274 -17.02 -20.75 22.86
C ALA A 274 -16.51 -19.33 22.68
N ASN A 275 -16.89 -18.73 21.56
CA ASN A 275 -16.41 -17.42 21.15
C ASN A 275 -17.28 -16.30 21.71
N LYS A 276 -17.24 -16.15 23.02
CA LYS A 276 -18.09 -15.19 23.72
C LYS A 276 -17.83 -13.73 23.30
N PHE A 277 -16.58 -13.40 23.06
CA PHE A 277 -16.20 -12.01 22.76
C PHE A 277 -16.15 -11.72 21.27
N ASN A 278 -16.50 -12.73 20.48
CA ASN A 278 -16.66 -12.60 19.04
C ASN A 278 -15.34 -12.19 18.37
N ILE A 279 -14.26 -12.89 18.72
CA ILE A 279 -12.98 -12.71 18.06
C ILE A 279 -13.03 -13.38 16.69
N PHE A 280 -12.77 -12.61 15.63
CA PHE A 280 -12.71 -13.18 14.28
C PHE A 280 -11.32 -13.75 14.03
N SER A 281 -11.27 -15.01 13.60
CA SER A 281 -10.00 -15.72 13.44
C SER A 281 -9.06 -15.03 12.47
N GLN A 282 -9.58 -14.57 11.34
CA GLN A 282 -8.79 -13.84 10.35
C GLN A 282 -8.16 -12.55 10.92
N SER A 283 -8.60 -12.14 12.12
CA SER A 283 -8.04 -10.97 12.80
C SER A 283 -6.84 -11.32 13.70
N ILE A 284 -6.47 -12.59 13.79
CA ILE A 284 -5.28 -12.95 14.54
C ILE A 284 -4.06 -12.55 13.72
N PRO A 285 -3.13 -11.79 14.33
CA PRO A 285 -1.93 -11.41 13.57
C PRO A 285 -1.08 -12.61 13.20
N ASP A 286 -0.36 -12.51 12.10
CA ASP A 286 0.50 -13.57 11.62
C ASP A 286 1.71 -13.91 12.50
N TRP A 287 2.31 -12.89 13.10
CA TRP A 287 3.56 -13.05 13.86
C TRP A 287 3.41 -14.01 15.04
N VAL A 288 2.26 -14.01 15.71
CA VAL A 288 2.09 -14.70 17.00
C VAL A 288 2.22 -16.21 16.93
N ILE A 289 1.75 -16.79 15.84
CA ILE A 289 1.76 -18.25 15.69
C ILE A 289 3.22 -18.76 15.57
N GLU A 290 4.04 -18.02 14.85
CA GLU A 290 5.45 -18.39 14.70
C GLU A 290 6.19 -18.11 16.00
N TRP A 291 5.74 -17.08 16.70
CA TRP A 291 6.46 -16.52 17.86
C TRP A 291 6.52 -17.46 19.08
N LEU A 292 5.42 -18.13 19.40
CA LEU A 292 5.35 -18.97 20.59
C LEU A 292 6.19 -20.24 20.46
N PRO A 293 6.94 -20.58 21.52
CA PRO A 293 7.52 -21.92 21.59
C PRO A 293 6.48 -22.95 21.98
N GLU A 294 6.81 -24.23 21.81
CA GLU A 294 5.87 -25.31 22.08
C GLU A 294 5.39 -25.30 23.53
N LYS A 295 6.26 -24.85 24.44
CA LYS A 295 5.97 -24.84 25.87
C LYS A 295 5.83 -23.43 26.45
N GLY A 296 5.48 -22.48 25.59
CA GLY A 296 5.43 -21.10 26.02
C GLY A 296 4.02 -20.56 26.09
N GLY A 297 3.87 -19.38 26.65
CA GLY A 297 2.56 -18.77 26.74
C GLY A 297 2.63 -17.45 27.47
N TYR A 298 1.58 -16.66 27.34
CA TYR A 298 1.53 -15.36 28.00
C TYR A 298 0.10 -14.88 28.10
N LEU A 299 -0.12 -13.85 28.92
CA LEU A 299 -1.41 -13.21 29.02
C LEU A 299 -1.53 -12.13 27.95
N ALA A 300 -2.65 -12.12 27.21
CA ALA A 300 -2.91 -11.12 26.19
C ALA A 300 -2.91 -9.71 26.78
N GLY A 301 -2.64 -8.72 25.93
CA GLY A 301 -2.54 -7.33 26.33
C GLY A 301 -3.89 -6.66 26.58
N ASN A 302 -4.95 -7.19 25.96
CA ASN A 302 -6.25 -6.55 26.10
C ASN A 302 -7.37 -7.42 25.59
N LEU A 303 -8.56 -7.19 26.15
CA LEU A 303 -9.74 -7.91 25.74
C LEU A 303 -10.97 -7.01 25.85
N GLY A 304 -11.86 -7.14 24.87
CA GLY A 304 -13.10 -6.40 24.85
C GLY A 304 -13.99 -6.89 23.73
N PRO A 305 -15.10 -6.19 23.48
CA PRO A 305 -16.01 -6.59 22.41
C PRO A 305 -15.29 -6.64 21.04
N GLY A 306 -15.31 -7.82 20.42
CA GLY A 306 -14.67 -8.04 19.13
C GLY A 306 -13.17 -7.81 19.10
N ARG A 307 -12.52 -7.86 20.27
CA ARG A 307 -11.11 -7.46 20.35
C ARG A 307 -10.27 -8.26 21.35
N MET A 308 -9.20 -8.83 20.83
CA MET A 308 -8.18 -9.45 21.65
C MET A 308 -6.84 -8.89 21.17
N ASP A 309 -6.22 -8.04 21.97
CA ASP A 309 -4.92 -7.48 21.66
C ASP A 309 -3.85 -8.52 22.01
N PHE A 310 -3.22 -9.08 20.98
CA PHE A 310 -2.24 -10.16 21.16
C PHE A 310 -0.82 -9.68 21.49
N ARG A 311 -0.61 -8.36 21.51
CA ARG A 311 0.71 -7.85 21.88
C ARG A 311 1.12 -8.39 23.25
N PHE A 312 2.39 -8.74 23.37
CA PHE A 312 2.95 -9.15 24.64
C PHE A 312 3.29 -7.90 25.42
N PHE A 313 2.79 -7.78 26.63
CA PHE A 313 3.10 -6.64 27.52
C PHE A 313 3.92 -7.12 28.72
N ALA A 314 5.11 -6.54 28.89
CA ALA A 314 6.06 -7.08 29.86
C ALA A 314 5.61 -6.93 31.31
N LEU A 315 5.38 -5.69 31.75
CA LEU A 315 5.03 -5.42 33.14
C LEU A 315 3.84 -6.27 33.59
N GLY A 316 2.74 -6.20 32.86
CA GLY A 316 1.57 -6.99 33.16
C GLY A 316 1.85 -8.46 33.39
N ASN A 317 2.61 -9.08 32.49
CA ASN A 317 2.94 -10.51 32.64
C ASN A 317 3.85 -10.79 33.84
N LEU A 318 4.87 -9.97 34.02
CA LEU A 318 5.81 -10.17 35.12
C LEU A 318 5.18 -9.92 36.47
N MET A 319 4.35 -8.88 36.51
CA MET A 319 3.64 -8.56 37.73
C MET A 319 2.60 -9.60 38.03
N ALA A 320 2.06 -10.23 36.98
CA ALA A 320 1.11 -11.33 37.15
C ALA A 320 1.73 -12.53 37.88
N ILE A 321 3.02 -12.76 37.61
CA ILE A 321 3.78 -13.81 38.30
C ILE A 321 3.99 -13.43 39.77
N LEU A 322 4.44 -12.21 40.02
CA LEU A 322 4.71 -11.74 41.38
C LEU A 322 3.43 -11.61 42.21
N ALA A 323 2.37 -11.10 41.59
CA ALA A 323 1.06 -10.97 42.24
C ALA A 323 0.47 -12.33 42.57
N GLY A 324 0.98 -13.38 41.91
CA GLY A 324 0.48 -14.72 42.12
C GLY A 324 -0.82 -14.95 41.39
N LEU A 325 -1.04 -14.15 40.35
CA LEU A 325 -2.19 -14.28 39.47
C LEU A 325 -1.92 -15.41 38.48
N ALA A 326 -0.70 -15.44 37.95
CA ALA A 326 -0.30 -16.55 37.10
C ALA A 326 -0.07 -17.79 37.96
N SER A 327 -0.56 -18.93 37.51
CA SER A 327 -0.29 -20.19 38.18
C SER A 327 1.19 -20.48 38.12
N GLU A 328 1.62 -21.49 38.86
CA GLU A 328 2.98 -21.96 38.79
C GLU A 328 3.32 -22.39 37.36
N GLU A 329 2.41 -23.16 36.77
CA GLU A 329 2.60 -23.62 35.40
C GLU A 329 2.64 -22.46 34.43
N GLU A 330 1.69 -21.53 34.58
CA GLU A 330 1.61 -20.36 33.74
C GLU A 330 2.86 -19.47 33.89
N SER A 331 3.30 -19.24 35.12
CA SER A 331 4.52 -18.47 35.36
C SER A 331 5.72 -19.08 34.64
N GLN A 332 5.78 -20.42 34.63
CA GLN A 332 6.88 -21.08 33.96
C GLN A 332 6.81 -20.90 32.43
N ARG A 333 5.61 -21.04 31.86
CA ARG A 333 5.43 -20.88 30.41
C ARG A 333 5.74 -19.45 29.98
N ILE A 334 5.45 -18.48 30.84
CA ILE A 334 5.82 -17.10 30.59
C ILE A 334 7.35 -16.97 30.52
N MET A 335 8.06 -17.55 31.48
CA MET A 335 9.53 -17.47 31.47
C MET A 335 10.13 -18.28 30.32
N ASN A 336 9.52 -19.43 30.02
CA ASN A 336 9.92 -20.20 28.83
C ASN A 336 9.89 -19.33 27.58
N LEU A 337 8.84 -18.51 27.46
CA LEU A 337 8.74 -17.55 26.37
C LEU A 337 9.89 -16.53 26.40
N PHE A 338 10.23 -16.02 27.58
CA PHE A 338 11.38 -15.10 27.72
C PHE A 338 12.69 -15.75 27.28
N ALA A 339 12.85 -17.03 27.58
CA ALA A 339 14.06 -17.75 27.17
C ALA A 339 14.08 -17.96 25.64
N HIS A 340 12.94 -18.35 25.09
CA HIS A 340 12.82 -18.60 23.66
C HIS A 340 12.89 -17.34 22.80
N ARG A 341 12.34 -16.24 23.30
CA ARG A 341 12.34 -14.96 22.57
C ARG A 341 13.17 -13.93 23.31
N TRP A 342 14.37 -14.34 23.73
CA TRP A 342 15.27 -13.50 24.50
C TRP A 342 15.70 -12.29 23.69
N GLU A 343 15.98 -12.50 22.41
CA GLU A 343 16.37 -11.42 21.51
C GLU A 343 15.26 -10.38 21.38
N ASP A 344 14.02 -10.84 21.23
CA ASP A 344 12.89 -9.93 21.13
C ASP A 344 12.60 -9.19 22.45
N LEU A 345 12.55 -9.93 23.55
CA LEU A 345 12.08 -9.38 24.83
C LEU A 345 13.16 -8.70 25.70
N ILE A 346 14.41 -9.14 25.59
CA ILE A 346 15.48 -8.53 26.36
C ILE A 346 16.45 -7.81 25.42
N GLY A 347 16.93 -8.52 24.41
CA GLY A 347 17.88 -7.98 23.44
C GLY A 347 19.08 -7.32 24.08
N TYR A 348 19.36 -6.08 23.65
CA TYR A 348 20.51 -5.33 24.14
C TYR A 348 20.23 -4.54 25.41
N MET A 349 18.96 -4.50 25.83
CA MET A 349 18.59 -3.85 27.08
C MET A 349 17.25 -4.33 27.60
N PRO A 350 17.23 -4.94 28.79
CA PRO A 350 15.93 -5.35 29.33
C PRO A 350 15.17 -4.15 29.85
N VAL A 351 13.83 -4.15 29.83
CA VAL A 351 13.02 -5.18 29.19
C VAL A 351 12.20 -4.46 28.12
N LYS A 352 11.83 -5.16 27.04
CA LYS A 352 10.97 -4.55 26.05
C LYS A 352 9.59 -4.36 26.65
N ILE A 353 9.10 -3.12 26.64
CA ILE A 353 7.85 -2.77 27.29
C ILE A 353 6.66 -3.53 26.70
N CYS A 354 6.65 -3.69 25.38
CA CYS A 354 5.64 -4.52 24.73
C CYS A 354 6.12 -4.93 23.35
N TYR A 355 5.49 -5.95 22.78
CA TYR A 355 5.94 -6.54 21.51
C TYR A 355 4.75 -7.09 20.72
N PRO A 356 4.74 -6.89 19.39
CA PRO A 356 5.67 -6.06 18.63
C PRO A 356 5.25 -4.60 18.54
N ALA A 357 6.06 -3.79 17.87
CA ALA A 357 5.72 -2.39 17.68
C ALA A 357 4.63 -2.25 16.64
N LEU A 358 3.81 -1.21 16.79
CA LEU A 358 2.83 -0.86 15.78
C LEU A 358 3.53 -0.13 14.64
N GLN A 359 3.23 -0.49 13.40
CA GLN A 359 3.98 0.03 12.28
C GLN A 359 3.10 0.61 11.18
N GLY A 360 3.71 1.43 10.34
CA GLY A 360 3.04 2.01 9.19
C GLY A 360 1.73 2.66 9.53
N LEU A 361 0.69 2.26 8.81
CA LEU A 361 -0.63 2.85 8.97
C LEU A 361 -1.25 2.50 10.32
N GLU A 362 -0.79 1.40 10.90
CA GLU A 362 -1.28 1.00 12.21
C GLU A 362 -0.80 1.96 13.30
N TRP A 363 0.43 2.45 13.16
CA TRP A 363 0.95 3.47 14.07
C TRP A 363 0.12 4.76 13.95
N GLN A 364 -0.16 5.17 12.72
CA GLN A 364 -0.99 6.36 12.46
C GLN A 364 -2.37 6.27 13.14
N ILE A 365 -3.08 5.19 12.84
CA ILE A 365 -4.44 4.98 13.32
C ILE A 365 -4.49 4.84 14.85
N VAL A 366 -3.66 3.97 15.41
CA VAL A 366 -3.76 3.63 16.82
C VAL A 366 -3.21 4.73 17.73
N THR A 367 -2.09 5.36 17.35
CA THR A 367 -1.46 6.38 18.20
C THR A 367 -1.87 7.81 17.83
N GLY A 368 -2.66 7.95 16.76
CA GLY A 368 -3.02 9.25 16.23
C GLY A 368 -1.79 9.99 15.73
N CYS A 369 -0.90 9.27 15.06
CA CYS A 369 0.39 9.80 14.59
C CYS A 369 1.24 10.43 15.69
N ASP A 370 1.38 9.73 16.82
CA ASP A 370 2.19 10.24 17.94
C ASP A 370 3.68 10.13 17.58
N PRO A 371 4.36 11.28 17.43
CA PRO A 371 5.77 11.21 17.02
C PRO A 371 6.70 10.76 18.15
N LYS A 372 6.19 10.58 19.35
CA LYS A 372 7.02 10.03 20.42
C LYS A 372 7.01 8.51 20.42
N ASN A 373 5.93 7.94 19.90
CA ASN A 373 5.75 6.50 19.85
C ASN A 373 5.95 5.85 18.49
N ILE A 374 6.95 6.32 17.75
CA ILE A 374 7.26 5.78 16.44
C ILE A 374 7.69 4.33 16.64
N PRO A 375 7.52 3.49 15.63
CA PRO A 375 7.82 2.05 15.78
C PRO A 375 9.15 1.73 16.48
N TRP A 376 9.09 0.91 17.54
CA TRP A 376 10.23 0.48 18.34
C TRP A 376 10.81 1.59 19.20
N SER A 377 10.00 2.61 19.47
CA SER A 377 10.42 3.69 20.34
C SER A 377 9.47 3.84 21.53
N TYR A 378 10.05 4.02 22.73
CA TYR A 378 9.29 4.46 23.89
C TYR A 378 8.22 3.41 24.29
N HIS A 379 6.95 3.81 24.31
CA HIS A 379 5.89 2.85 24.64
C HIS A 379 5.66 1.86 23.51
N ASN A 380 6.03 2.25 22.30
CA ASN A 380 5.78 1.41 21.13
C ASN A 380 6.90 0.40 20.87
N GLY A 381 7.10 -0.49 21.83
CA GLY A 381 8.12 -1.51 21.70
C GLY A 381 9.51 -0.97 21.96
N GLY A 382 9.63 -0.10 22.95
CA GLY A 382 10.94 0.37 23.41
C GLY A 382 11.44 -0.54 24.52
N ASN A 383 12.71 -0.40 24.88
CA ASN A 383 13.26 -1.19 25.98
C ASN A 383 13.47 -0.30 27.19
N TRP A 384 12.97 -0.74 28.34
CA TRP A 384 12.93 0.10 29.54
C TRP A 384 13.73 -0.51 30.67
N PRO A 385 14.87 0.10 31.01
CA PRO A 385 15.73 -0.36 32.10
C PRO A 385 14.98 -0.63 33.41
N VAL A 386 14.10 0.26 33.82
CA VAL A 386 13.35 0.09 35.06
C VAL A 386 12.72 -1.31 35.19
N LEU A 387 12.20 -1.85 34.10
CA LEU A 387 11.53 -3.15 34.13
C LEU A 387 12.47 -4.31 34.48
N LEU A 388 13.77 -4.03 34.50
CA LEU A 388 14.74 -5.02 34.95
C LEU A 388 14.41 -5.54 36.34
N TRP A 389 13.94 -4.66 37.24
CA TRP A 389 13.60 -5.10 38.59
C TRP A 389 12.41 -6.05 38.62
N LEU A 390 11.39 -5.79 37.79
CA LEU A 390 10.26 -6.72 37.67
C LEU A 390 10.76 -8.07 37.18
N PHE A 391 11.60 -8.04 36.15
CA PHE A 391 12.08 -9.26 35.53
C PHE A 391 12.87 -10.07 36.52
N THR A 392 13.76 -9.41 37.25
CA THR A 392 14.61 -10.08 38.23
C THR A 392 13.77 -10.79 39.32
N ALA A 393 12.89 -10.03 39.97
CA ALA A 393 12.01 -10.60 41.00
C ALA A 393 11.25 -11.81 40.48
N ALA A 394 10.83 -11.75 39.22
CA ALA A 394 10.09 -12.83 38.59
C ALA A 394 11.00 -14.04 38.26
N ALA A 395 12.20 -13.76 37.74
CA ALA A 395 13.17 -14.81 37.45
C ALA A 395 13.52 -15.62 38.72
N LEU A 396 13.74 -14.89 39.81
CA LEU A 396 14.04 -15.50 41.11
C LEU A 396 12.89 -16.30 41.66
N LYS A 397 11.70 -15.71 41.61
CA LYS A 397 10.48 -16.35 42.09
C LYS A 397 10.16 -17.62 41.30
N THR A 398 10.59 -17.67 40.04
CA THR A 398 10.36 -18.84 39.17
C THR A 398 11.54 -19.82 39.21
N GLY A 399 12.48 -19.56 40.11
CA GLY A 399 13.66 -20.39 40.26
C GLY A 399 14.57 -20.42 39.04
N LYS A 400 14.72 -19.27 38.39
CA LYS A 400 15.59 -19.17 37.22
C LYS A 400 16.55 -18.00 37.40
N VAL A 401 17.53 -18.19 38.29
CA VAL A 401 18.52 -17.16 38.58
C VAL A 401 19.39 -16.79 37.39
N GLU A 402 19.79 -17.80 36.62
CA GLU A 402 20.62 -17.56 35.44
C GLU A 402 20.06 -16.47 34.50
N LEU A 403 18.75 -16.48 34.27
CA LEU A 403 18.13 -15.47 33.41
C LEU A 403 18.27 -14.06 34.00
N ALA A 404 18.18 -13.97 35.32
CA ALA A 404 18.36 -12.70 36.02
C ALA A 404 19.81 -12.19 35.90
N HIS A 405 20.78 -13.09 36.08
CA HIS A 405 22.21 -12.78 35.92
C HIS A 405 22.48 -12.18 34.55
N GLU A 406 22.01 -12.86 33.51
CA GLU A 406 22.26 -12.39 32.15
C GLU A 406 21.65 -11.02 31.90
N ALA A 407 20.43 -10.80 32.40
CA ALA A 407 19.71 -9.55 32.24
C ALA A 407 20.42 -8.39 32.92
N ILE A 408 20.94 -8.63 34.12
CA ILE A 408 21.65 -7.60 34.86
C ILE A 408 22.96 -7.24 34.15
N ALA A 409 23.69 -8.27 33.75
CA ALA A 409 24.95 -8.09 33.03
C ALA A 409 24.78 -7.19 31.81
N ILE A 410 23.73 -7.44 31.02
CA ILE A 410 23.47 -6.67 29.82
C ILE A 410 23.21 -5.18 30.14
N ALA A 411 22.40 -4.91 31.16
CA ALA A 411 22.09 -3.52 31.51
C ALA A 411 23.33 -2.81 32.07
N GLU A 412 24.01 -3.45 33.02
CA GLU A 412 25.26 -2.91 33.58
C GLU A 412 26.30 -2.55 32.50
N GLY A 413 26.37 -3.36 31.46
CA GLY A 413 27.29 -3.12 30.36
C GLY A 413 27.10 -1.81 29.63
N ARG A 414 25.91 -1.21 29.72
CA ARG A 414 25.62 0.00 28.95
C ARG A 414 25.17 1.22 29.78
N LEU A 415 24.36 0.98 30.81
CA LEU A 415 23.66 2.06 31.49
C LEU A 415 24.57 3.17 31.99
N SER A 416 25.54 2.83 32.83
CA SER A 416 26.46 3.81 33.40
C SER A 416 27.16 4.63 32.33
N ASN A 417 27.58 3.97 31.24
CA ASN A 417 28.25 4.65 30.14
C ASN A 417 27.32 5.53 29.31
N ASP A 418 26.07 5.10 29.18
CA ASP A 418 25.07 5.86 28.45
C ASP A 418 24.41 6.89 29.38
N LYS A 419 24.84 6.89 30.64
CA LYS A 419 24.35 7.82 31.66
C LYS A 419 22.91 7.52 32.05
N PHE A 420 22.60 6.24 32.16
CA PHE A 420 21.27 5.78 32.56
C PHE A 420 20.11 6.41 31.78
N PRO A 421 20.05 6.13 30.47
CA PRO A 421 18.92 6.69 29.71
C PRO A 421 17.57 6.21 30.23
N GLU A 422 16.56 7.05 30.00
CA GLU A 422 15.20 6.75 30.41
C GLU A 422 14.70 5.48 29.72
N TYR A 423 14.97 5.40 28.41
CA TYR A 423 14.56 4.24 27.63
C TYR A 423 15.48 4.00 26.43
N TYR A 424 15.33 2.84 25.79
CA TYR A 424 16.14 2.50 24.63
C TYR A 424 15.23 2.14 23.46
N ASP A 425 15.75 2.29 22.23
CA ASP A 425 14.94 2.06 21.03
C ASP A 425 15.51 1.03 20.06
N GLY A 426 14.66 0.59 19.13
CA GLY A 426 15.04 -0.41 18.14
C GLY A 426 14.36 -1.74 18.37
N ASN A 427 14.48 -2.65 17.41
CA ASN A 427 13.90 -3.98 17.54
C ASN A 427 14.43 -4.71 18.77
N ASN A 428 15.69 -4.46 19.09
CA ASN A 428 16.37 -5.12 20.20
C ASN A 428 16.95 -4.13 21.20
N GLY A 429 16.53 -2.88 21.11
CA GLY A 429 17.00 -1.86 22.04
C GLY A 429 18.45 -1.47 21.79
N ARG A 430 18.85 -1.45 20.54
CA ARG A 430 20.24 -1.16 20.18
C ARG A 430 20.52 0.32 20.25
N LEU A 431 19.46 1.12 20.09
CA LEU A 431 19.54 2.58 20.12
C LEU A 431 19.14 3.15 21.47
N ILE A 432 19.77 4.26 21.83
CA ILE A 432 19.35 5.00 23.00
C ILE A 432 18.05 5.71 22.64
N GLY A 433 17.12 5.77 23.59
CA GLY A 433 15.78 6.30 23.35
C GLY A 433 15.83 7.64 22.66
N LYS A 434 14.97 7.82 21.65
CA LYS A 434 14.97 9.02 20.82
C LYS A 434 14.92 10.30 21.66
N GLU A 435 13.96 10.38 22.57
CA GLU A 435 13.81 11.53 23.45
C GLU A 435 14.02 11.15 24.91
N ALA A 436 14.85 10.13 25.11
CA ALA A 436 15.12 9.60 26.44
C ALA A 436 15.91 10.59 27.28
N ARG A 437 15.43 10.82 28.50
CA ARG A 437 16.19 11.55 29.51
C ARG A 437 17.43 10.79 29.88
N ILE A 438 18.49 11.52 30.23
CA ILE A 438 19.64 10.89 30.87
C ILE A 438 19.48 11.06 32.36
N TYR A 439 20.18 10.23 33.12
CA TYR A 439 20.05 10.17 34.58
C TYR A 439 18.59 10.02 35.00
N GLN A 440 17.89 9.06 34.40
CA GLN A 440 16.52 8.76 34.77
C GLN A 440 16.51 7.92 36.04
N THR A 441 15.89 8.45 37.09
CA THR A 441 15.94 7.84 38.40
C THR A 441 15.53 6.36 38.43
N TRP A 442 14.43 6.00 37.78
CA TRP A 442 13.99 4.61 37.87
C TRP A 442 14.80 3.67 36.95
N SER A 443 15.62 4.23 36.05
CA SER A 443 16.63 3.42 35.37
C SER A 443 17.74 3.07 36.38
N ILE A 444 18.16 4.09 37.15
CA ILE A 444 19.17 3.91 38.19
C ILE A 444 18.65 2.99 39.30
N ALA A 445 17.47 3.32 39.80
CA ALA A 445 16.84 2.54 40.84
C ALA A 445 16.52 1.11 40.37
N GLY A 446 16.10 0.98 39.11
CA GLY A 446 15.77 -0.31 38.55
C GLY A 446 16.91 -1.31 38.64
N LEU A 447 18.12 -0.85 38.31
CA LEU A 447 19.31 -1.71 38.35
C LEU A 447 19.78 -2.01 39.78
N LEU A 448 19.73 -0.99 40.63
CA LEU A 448 20.06 -1.15 42.05
C LEU A 448 19.16 -2.19 42.72
N VAL A 449 17.86 -2.02 42.54
CA VAL A 449 16.90 -2.93 43.13
C VAL A 449 17.15 -4.37 42.69
N ALA A 450 17.30 -4.55 41.39
CA ALA A 450 17.54 -5.87 40.79
C ALA A 450 18.81 -6.52 41.35
N LYS A 451 19.88 -5.73 41.45
CA LYS A 451 21.13 -6.18 42.06
C LYS A 451 20.90 -6.63 43.50
N GLN A 452 20.19 -5.81 44.26
CA GLN A 452 19.91 -6.11 45.64
C GLN A 452 19.01 -7.33 45.79
N PHE A 453 18.06 -7.53 44.88
CA PHE A 453 17.25 -8.74 44.89
C PHE A 453 18.13 -9.97 44.65
N LEU A 454 19.05 -9.85 43.71
CA LEU A 454 19.93 -10.96 43.41
C LEU A 454 20.80 -11.33 44.62
N ALA A 455 21.27 -10.31 45.33
CA ALA A 455 22.08 -10.51 46.54
C ALA A 455 21.25 -11.16 47.67
N ASN A 456 20.06 -10.65 47.92
CA ASN A 456 19.16 -11.26 48.89
C ASN A 456 17.76 -11.42 48.30
N PRO A 457 17.45 -12.61 47.79
CA PRO A 457 16.16 -12.89 47.14
C PRO A 457 14.95 -12.88 48.08
N ASP A 458 15.17 -12.77 49.39
CA ASP A 458 14.05 -12.68 50.32
C ASP A 458 13.33 -11.33 50.26
N HIS A 459 14.05 -10.30 49.81
CA HIS A 459 13.46 -8.98 49.62
C HIS A 459 12.29 -8.98 48.63
N VAL A 460 12.29 -9.92 47.70
CA VAL A 460 11.22 -10.04 46.72
C VAL A 460 9.86 -10.26 47.41
N GLU A 461 9.89 -10.78 48.62
CA GLU A 461 8.66 -11.07 49.36
C GLU A 461 7.76 -9.85 49.61
N PHE A 462 8.34 -8.65 49.78
CA PHE A 462 7.50 -7.49 50.03
C PHE A 462 6.81 -6.94 48.77
N ILE A 463 7.34 -7.27 47.60
CA ILE A 463 6.69 -6.92 46.34
C ILE A 463 5.85 -8.10 45.81
N SER A 464 6.27 -9.32 46.05
CA SER A 464 5.53 -10.48 45.57
C SER A 464 4.53 -11.00 46.61
N PHE A 465 3.81 -12.05 46.25
CA PHE A 465 2.92 -12.77 47.16
C PHE A 465 3.40 -14.21 47.26
N PRO A 466 3.58 -14.71 48.50
CA PRO A 466 4.06 -16.09 48.64
C PRO A 466 3.03 -17.12 48.19
N ASP A 467 1.78 -16.86 48.53
CA ASP A 467 0.67 -17.74 48.17
C ASP A 467 0.16 -17.47 46.77
N THR A 468 -0.47 -18.47 46.17
CA THR A 468 -1.23 -18.29 44.94
C THR A 468 -2.70 -18.12 45.32
N PHE A 469 -3.40 -17.21 44.66
CA PHE A 469 -4.83 -17.02 44.96
C PHE A 469 -5.66 -17.06 43.69
N ILE A 470 -5.76 -18.27 43.15
CA ILE A 470 -6.51 -18.55 41.93
C ILE A 470 -7.25 -19.87 42.09
N GLY A 471 -8.17 -20.14 41.17
CA GLY A 471 -8.94 -21.38 41.21
C GLY A 471 -9.46 -21.69 39.83
N PRO A 472 -10.09 -22.86 39.68
CA PRO A 472 -10.69 -23.26 38.40
C PRO A 472 -12.06 -22.64 38.19
N GLY A 473 -12.53 -21.89 39.19
CA GLY A 473 -13.85 -21.30 39.11
C GLY A 473 -13.86 -19.82 39.43
N CYS A 474 -15.04 -19.24 39.34
CA CYS A 474 -15.21 -17.82 39.56
C CYS A 474 -15.22 -17.46 41.05
N SER A 475 -15.32 -18.47 41.91
CA SER A 475 -15.15 -18.27 43.35
C SER A 475 -14.70 -19.55 44.04
N ARG B 20 49.62 -13.96 -22.71
CA ARG B 20 49.57 -15.28 -22.08
C ARG B 20 48.56 -16.16 -22.80
N GLU B 21 48.42 -17.41 -22.38
CA GLU B 21 47.54 -18.38 -23.07
C GLU B 21 46.10 -18.51 -22.54
N THR B 22 45.78 -17.77 -21.49
CA THR B 22 44.45 -17.84 -20.89
C THR B 22 43.37 -17.20 -21.78
N GLU B 23 42.17 -17.75 -21.70
CA GLU B 23 41.01 -17.26 -22.45
C GLU B 23 40.73 -15.78 -22.17
N SER B 24 40.85 -15.40 -20.91
CA SER B 24 40.67 -14.02 -20.46
C SER B 24 41.64 -13.09 -21.17
N TRP B 25 42.92 -13.47 -21.18
CA TRP B 25 43.95 -12.71 -21.88
C TRP B 25 43.60 -12.48 -23.36
N LYS B 26 43.15 -13.54 -24.04
CA LYS B 26 42.82 -13.47 -25.46
C LYS B 26 41.67 -12.53 -25.78
N LEU B 27 40.63 -12.59 -24.97
CA LEU B 27 39.48 -11.73 -25.13
C LEU B 27 39.91 -10.30 -24.91
N LEU B 28 40.72 -10.07 -23.89
CA LEU B 28 41.27 -8.76 -23.65
C LEU B 28 42.10 -8.30 -24.85
N GLU B 29 42.80 -9.23 -25.48
CA GLU B 29 43.60 -8.93 -26.68
C GLU B 29 42.71 -8.49 -27.84
N SER B 30 41.62 -9.23 -28.07
CA SER B 30 40.70 -8.92 -29.15
C SER B 30 39.73 -7.78 -28.86
N SER B 31 39.77 -7.23 -27.65
CA SER B 31 38.97 -6.05 -27.30
C SER B 31 39.65 -4.77 -27.74
N ILE B 32 40.95 -4.88 -28.00
CA ILE B 32 41.76 -3.69 -28.24
C ILE B 32 41.31 -2.93 -29.47
N ILE B 33 41.27 -1.60 -29.34
CA ILE B 33 40.89 -0.72 -30.43
C ILE B 33 42.12 -0.11 -31.05
N TYR B 34 42.24 -0.22 -32.37
CA TYR B 34 43.40 0.27 -33.08
C TYR B 34 43.14 1.54 -33.87
N TYR B 35 44.02 2.50 -33.67
CA TYR B 35 43.93 3.80 -34.32
C TYR B 35 45.24 4.11 -35.02
N GLU B 36 45.16 4.29 -36.34
CA GLU B 36 46.34 4.55 -37.18
C GLU B 36 47.44 3.50 -36.93
N GLY B 37 47.02 2.25 -36.73
CA GLY B 37 47.94 1.16 -36.46
C GLY B 37 48.39 1.04 -35.01
N ASN B 38 47.88 1.92 -34.15
CA ASN B 38 48.28 1.92 -32.75
C ASN B 38 47.12 1.53 -31.84
N PRO B 39 47.41 0.79 -30.76
CA PRO B 39 46.36 0.46 -29.79
C PRO B 39 46.10 1.63 -28.85
N ILE B 40 44.88 2.16 -28.85
CA ILE B 40 44.56 3.35 -28.03
C ILE B 40 43.58 3.08 -26.91
N GLY B 41 42.88 1.96 -26.95
CA GLY B 41 41.92 1.62 -25.91
C GLY B 41 41.23 0.29 -26.10
N THR B 42 40.27 0.01 -25.22
CA THR B 42 39.50 -1.23 -25.29
C THR B 42 38.00 -0.97 -25.37
N VAL B 43 37.29 -1.79 -26.15
CA VAL B 43 35.84 -1.70 -26.22
C VAL B 43 35.22 -2.08 -24.89
N ALA B 44 33.99 -1.64 -24.66
CA ALA B 44 33.24 -2.02 -23.46
C ALA B 44 32.90 -3.51 -23.47
N ALA B 45 32.50 -4.03 -24.61
CA ALA B 45 32.07 -5.43 -24.70
C ALA B 45 32.13 -6.01 -26.13
N GLN B 46 32.24 -7.32 -26.20
CA GLN B 46 32.26 -8.05 -27.46
C GLN B 46 31.09 -9.00 -27.56
N ASP B 47 29.89 -8.53 -27.24
CA ASP B 47 28.69 -9.35 -27.30
C ASP B 47 28.30 -9.59 -28.75
N PRO B 48 28.22 -10.87 -29.16
CA PRO B 48 27.90 -11.17 -30.55
C PRO B 48 26.44 -10.90 -30.91
N GLU B 49 25.52 -11.47 -30.15
CA GLU B 49 24.10 -11.39 -30.46
C GLU B 49 23.59 -9.96 -30.41
N LEU B 50 23.87 -9.28 -29.30
CA LEU B 50 23.41 -7.92 -29.13
C LEU B 50 24.15 -6.96 -30.06
N ALA B 51 23.40 -6.02 -30.64
CA ALA B 51 23.98 -4.94 -31.40
C ALA B 51 24.94 -4.18 -30.49
N ALA B 52 26.12 -3.84 -31.01
CA ALA B 52 27.12 -3.17 -30.19
C ALA B 52 26.58 -1.86 -29.63
N LEU B 53 25.87 -1.10 -30.47
CA LEU B 53 25.30 0.19 -30.08
C LEU B 53 26.37 1.11 -29.53
N ASN B 54 26.19 1.54 -28.28
CA ASN B 54 27.18 2.37 -27.59
C ASN B 54 28.39 1.61 -27.04
N TYR B 55 28.23 0.31 -26.79
CA TYR B 55 29.26 -0.53 -26.14
C TYR B 55 30.48 -0.89 -27.01
N ASP B 56 30.43 -0.61 -28.30
CA ASP B 56 31.61 -0.73 -29.17
C ASP B 56 32.61 0.40 -28.91
N GLN B 57 32.19 1.42 -28.16
CA GLN B 57 33.08 2.50 -27.79
C GLN B 57 34.03 2.10 -26.66
N CYS B 58 35.07 2.90 -26.48
CA CYS B 58 35.96 2.77 -25.33
C CYS B 58 35.55 3.79 -24.27
N PHE B 59 35.06 3.30 -23.15
CA PHE B 59 34.70 4.16 -22.03
C PHE B 59 35.91 4.38 -21.13
N LEU B 60 36.16 5.62 -20.74
CA LEU B 60 37.36 5.94 -19.97
C LEU B 60 37.39 5.20 -18.63
N ARG B 61 36.26 5.17 -17.94
CA ARG B 61 36.17 4.44 -16.69
C ARG B 61 36.38 2.94 -16.92
N ASP B 62 35.84 2.41 -18.01
CA ASP B 62 35.97 1.00 -18.32
C ASP B 62 37.40 0.59 -18.63
N PHE B 63 38.19 1.54 -19.16
CA PHE B 63 39.57 1.25 -19.54
C PHE B 63 40.51 1.08 -18.35
N VAL B 64 40.27 1.80 -17.27
CA VAL B 64 41.13 1.78 -16.08
C VAL B 64 41.59 0.35 -15.68
N PRO B 65 40.65 -0.60 -15.50
CA PRO B 65 41.11 -1.96 -15.20
C PRO B 65 41.82 -2.61 -16.40
N SER B 66 41.40 -2.31 -17.62
CA SER B 66 42.13 -2.81 -18.79
C SER B 66 43.59 -2.33 -18.74
N ALA B 67 43.77 -1.03 -18.52
CA ALA B 67 45.08 -0.42 -18.39
C ALA B 67 45.96 -1.13 -17.37
N PHE B 68 45.41 -1.40 -16.19
CA PHE B 68 46.16 -2.08 -15.12
C PHE B 68 46.74 -3.41 -15.56
N VAL B 69 45.94 -4.20 -16.27
CA VAL B 69 46.40 -5.47 -16.78
C VAL B 69 47.61 -5.30 -17.69
N PHE B 70 47.55 -4.30 -18.57
CA PHE B 70 48.64 -4.03 -19.49
C PHE B 70 49.87 -3.48 -18.78
N LEU B 71 49.66 -2.55 -17.86
CA LEU B 71 50.77 -1.98 -17.09
C LEU B 71 51.53 -3.06 -16.33
N MET B 72 50.79 -4.00 -15.75
CA MET B 72 51.39 -5.08 -14.96
C MET B 72 52.00 -6.17 -15.85
N ASP B 73 51.54 -6.26 -17.09
CA ASP B 73 52.10 -7.21 -18.05
C ASP B 73 53.33 -6.68 -18.77
N GLY B 74 53.64 -5.41 -18.56
CA GLY B 74 54.83 -4.80 -19.16
C GLY B 74 54.58 -3.95 -20.40
N GLN B 75 53.56 -4.32 -21.18
CA GLN B 75 53.19 -3.57 -22.39
C GLN B 75 52.43 -2.28 -22.06
N THR B 76 53.15 -1.17 -22.05
CA THR B 76 52.62 0.09 -21.55
C THR B 76 52.28 1.12 -22.62
N ASP B 77 52.47 0.78 -23.90
CA ASP B 77 52.21 1.73 -24.99
C ASP B 77 50.72 2.09 -25.09
N ILE B 78 49.88 1.07 -25.15
CA ILE B 78 48.43 1.24 -25.20
C ILE B 78 47.89 2.23 -24.14
N VAL B 79 48.44 2.16 -22.93
CA VAL B 79 48.05 3.05 -21.86
C VAL B 79 48.56 4.45 -22.13
N ARG B 80 49.80 4.54 -22.61
CA ARG B 80 50.40 5.81 -22.97
C ARG B 80 49.64 6.45 -24.13
N ASN B 81 49.28 5.64 -25.12
CA ASN B 81 48.52 6.11 -26.28
C ASN B 81 47.18 6.69 -25.85
N PHE B 82 46.43 5.88 -25.10
CA PHE B 82 45.14 6.25 -24.52
C PHE B 82 45.20 7.58 -23.78
N LEU B 83 46.17 7.71 -22.89
CA LEU B 83 46.37 8.92 -22.11
C LEU B 83 46.62 10.13 -23.01
N ILE B 84 47.32 9.89 -24.10
CA ILE B 84 47.65 10.95 -25.05
C ILE B 84 46.44 11.35 -25.89
N GLU B 85 45.70 10.38 -26.39
CA GLU B 85 44.53 10.67 -27.20
C GLU B 85 43.37 11.27 -26.40
N THR B 86 43.15 10.78 -25.19
CA THR B 86 42.13 11.34 -24.31
C THR B 86 42.46 12.80 -23.97
N LEU B 87 43.74 13.08 -23.75
CA LEU B 87 44.18 14.47 -23.53
C LEU B 87 43.93 15.32 -24.78
N THR B 88 44.13 14.73 -25.95
CA THR B 88 43.83 15.40 -27.21
C THR B 88 42.33 15.64 -27.32
N LEU B 89 41.53 14.65 -26.96
CA LEU B 89 40.07 14.74 -27.04
C LEU B 89 39.50 15.84 -26.15
N GLN B 90 40.18 16.15 -25.05
CA GLN B 90 39.80 17.26 -24.20
C GLN B 90 39.70 18.57 -24.98
N SER B 91 40.58 18.73 -25.97
CA SER B 91 40.64 19.94 -26.81
C SER B 91 39.47 20.09 -27.78
N HIS B 92 38.82 18.97 -28.13
CA HIS B 92 37.72 18.97 -29.09
C HIS B 92 36.59 19.94 -28.71
N GLU B 93 35.98 20.55 -29.73
CA GLU B 93 34.81 21.40 -29.53
C GLU B 93 33.63 20.55 -29.09
N LYS B 94 33.00 20.95 -27.99
CA LYS B 94 31.90 20.18 -27.40
C LYS B 94 30.74 21.13 -27.06
N GLU B 95 29.66 20.99 -27.82
CA GLU B 95 28.54 21.92 -27.72
C GLU B 95 27.19 21.21 -27.84
N MET B 96 26.22 21.71 -27.08
CA MET B 96 24.82 21.27 -27.18
C MET B 96 23.94 22.51 -27.09
N ASP B 97 23.24 22.80 -28.18
CA ASP B 97 22.37 23.97 -28.23
C ASP B 97 23.12 25.26 -27.86
N CYS B 98 24.24 25.48 -28.54
CA CYS B 98 25.10 26.66 -28.34
C CYS B 98 25.51 26.90 -26.89
N PHE B 99 25.68 25.83 -26.13
CA PHE B 99 26.26 25.95 -24.79
C PHE B 99 27.47 25.04 -24.68
N GLN B 100 28.56 25.59 -24.16
CA GLN B 100 29.79 24.86 -23.97
C GLN B 100 30.07 24.65 -22.49
N PRO B 101 30.47 23.44 -22.10
CA PRO B 101 30.95 23.24 -20.73
C PRO B 101 32.39 23.71 -20.56
N GLY B 102 32.90 23.60 -19.33
CA GLY B 102 34.30 23.92 -19.05
C GLY B 102 35.26 23.12 -19.93
N ALA B 103 36.40 23.72 -20.26
CA ALA B 103 37.36 23.13 -21.20
C ALA B 103 37.98 21.84 -20.65
N GLY B 104 38.06 21.74 -19.32
CA GLY B 104 38.66 20.59 -18.67
C GLY B 104 37.96 19.25 -18.89
N LEU B 105 36.67 19.30 -19.20
CA LEU B 105 35.85 18.09 -19.31
C LEU B 105 36.49 17.02 -20.18
N MET B 106 36.52 15.80 -19.66
CA MET B 106 36.96 14.63 -20.40
C MET B 106 35.73 13.87 -20.89
N PRO B 107 35.87 13.11 -21.98
CA PRO B 107 34.71 12.39 -22.52
C PRO B 107 34.28 11.16 -21.70
N ALA B 108 33.05 10.72 -21.89
CA ALA B 108 32.59 9.46 -21.32
C ALA B 108 33.25 8.31 -22.07
N SER B 109 33.25 8.43 -23.38
CA SER B 109 33.75 7.39 -24.25
C SER B 109 34.26 7.92 -25.60
N PHE B 110 34.87 7.04 -26.38
CA PHE B 110 35.25 7.37 -27.74
C PHE B 110 35.34 6.11 -28.58
N LYS B 111 35.20 6.26 -29.88
CA LYS B 111 35.46 5.15 -30.80
C LYS B 111 36.18 5.66 -32.03
N VAL B 112 36.65 4.72 -32.83
CA VAL B 112 37.32 5.07 -34.07
C VAL B 112 36.34 4.90 -35.22
N GLU B 113 36.06 5.99 -35.92
CA GLU B 113 35.24 5.92 -37.11
C GLU B 113 36.05 6.32 -38.32
N SER B 114 35.63 5.86 -39.49
CA SER B 114 36.31 6.25 -40.70
C SER B 114 35.32 6.59 -41.80
N ASP B 115 35.54 7.72 -42.46
CA ASP B 115 34.98 7.93 -43.79
C ASP B 115 35.84 7.06 -44.70
N GLY B 116 35.44 6.88 -45.95
CA GLY B 116 36.20 6.04 -46.86
C GLY B 116 37.71 6.20 -46.90
N SER B 117 38.20 7.43 -46.78
CA SER B 117 39.64 7.68 -46.89
C SER B 117 40.45 7.40 -45.62
N LYS B 118 40.07 8.05 -44.52
CA LYS B 118 40.92 8.06 -43.31
C LYS B 118 40.17 7.82 -42.00
N GLU B 119 40.94 7.58 -40.94
CA GLU B 119 40.43 7.33 -39.61
C GLU B 119 40.45 8.58 -38.72
N TYR B 120 39.47 8.70 -37.85
CA TYR B 120 39.47 9.77 -36.86
C TYR B 120 38.68 9.37 -35.60
N LEU B 121 38.88 10.12 -34.52
CA LEU B 121 38.25 9.80 -33.25
C LEU B 121 36.97 10.62 -33.01
N VAL B 122 35.89 9.91 -32.73
CA VAL B 122 34.61 10.53 -32.36
C VAL B 122 34.31 10.27 -30.89
N ALA B 123 34.08 11.33 -30.12
CA ALA B 123 33.86 11.20 -28.69
C ALA B 123 32.42 11.51 -28.25
N ASP B 124 32.11 11.17 -26.99
CA ASP B 124 30.87 11.55 -26.33
C ASP B 124 31.22 12.22 -25.01
N PHE B 125 30.82 13.49 -24.87
CA PHE B 125 31.06 14.24 -23.65
C PHE B 125 29.77 14.38 -22.82
N GLY B 126 28.75 13.63 -23.18
CA GLY B 126 27.43 13.79 -22.58
C GLY B 126 26.41 14.31 -23.56
N GLU B 127 26.87 14.96 -24.63
CA GLU B 127 25.96 15.54 -25.62
C GLU B 127 25.29 14.45 -26.45
N LYS B 128 25.91 13.28 -26.55
CA LYS B 128 25.28 12.15 -27.24
C LYS B 128 24.75 11.11 -26.26
N ALA B 129 25.11 11.30 -24.99
CA ALA B 129 24.85 10.30 -23.97
C ALA B 129 23.36 10.15 -23.66
N ILE B 130 22.98 8.96 -23.21
CA ILE B 130 21.59 8.70 -22.81
C ILE B 130 21.28 9.52 -21.56
N ALA B 131 20.16 10.24 -21.60
CA ALA B 131 19.75 11.19 -20.56
C ALA B 131 20.72 12.38 -20.44
N ARG B 132 21.60 12.52 -21.43
CA ARG B 132 22.67 13.54 -21.41
C ARG B 132 23.42 13.59 -20.08
N VAL B 133 23.69 12.42 -19.51
CA VAL B 133 24.46 12.35 -18.28
C VAL B 133 25.88 12.87 -18.52
N PRO B 134 26.43 13.62 -17.54
CA PRO B 134 27.81 14.11 -17.67
C PRO B 134 28.82 13.15 -17.03
N PRO B 135 29.91 12.84 -17.75
CA PRO B 135 30.91 11.93 -17.19
C PRO B 135 31.88 12.65 -16.27
N VAL B 136 31.40 13.01 -15.08
CA VAL B 136 32.22 13.72 -14.11
C VAL B 136 33.39 12.86 -13.63
N ASP B 137 33.17 11.55 -13.52
CA ASP B 137 34.16 10.63 -13.00
C ASP B 137 35.33 10.38 -13.95
N SER B 138 35.10 10.57 -15.25
CA SER B 138 36.11 10.26 -16.25
C SER B 138 37.40 11.09 -16.11
N CYS B 139 37.26 12.39 -15.87
CA CYS B 139 38.42 13.26 -15.72
C CYS B 139 39.22 12.90 -14.49
N MET B 140 38.55 12.42 -13.45
CA MET B 140 39.22 12.01 -12.23
C MET B 140 39.96 10.67 -12.40
N TRP B 141 39.34 9.75 -13.14
CA TRP B 141 39.98 8.50 -13.50
C TRP B 141 41.18 8.73 -14.41
N TRP B 142 41.05 9.69 -15.33
CA TRP B 142 42.15 10.05 -16.24
C TRP B 142 43.39 10.50 -15.46
N ILE B 143 43.18 11.34 -14.44
CA ILE B 143 44.26 11.80 -13.60
C ILE B 143 44.87 10.63 -12.79
N LEU B 144 44.01 9.75 -12.27
CA LEU B 144 44.47 8.61 -11.49
C LEU B 144 45.21 7.59 -12.37
N LEU B 145 44.70 7.41 -13.58
CA LEU B 145 45.32 6.50 -14.54
C LEU B 145 46.69 7.03 -15.00
N LEU B 146 46.83 8.35 -15.04
CA LEU B 146 48.11 8.96 -15.38
C LEU B 146 49.14 8.64 -14.30
N ARG B 147 48.77 8.88 -13.04
CA ARG B 147 49.62 8.52 -11.91
C ARG B 147 49.99 7.04 -11.92
N ALA B 148 48.99 6.19 -12.17
CA ALA B 148 49.18 4.74 -12.24
C ALA B 148 50.23 4.38 -13.29
N TYR B 149 50.15 5.02 -14.45
CA TYR B 149 51.15 4.85 -15.50
C TYR B 149 52.53 5.26 -15.01
N GLU B 150 52.60 6.42 -14.38
CA GLU B 150 53.86 6.98 -13.89
C GLU B 150 54.54 6.10 -12.85
N LYS B 151 53.75 5.59 -11.90
CA LYS B 151 54.29 4.77 -10.83
C LYS B 151 54.71 3.39 -11.29
N ALA B 152 53.94 2.83 -12.22
CA ALA B 152 54.21 1.49 -12.74
C ALA B 152 55.43 1.46 -13.64
N THR B 153 55.56 2.47 -14.50
CA THR B 153 56.65 2.53 -15.50
C THR B 153 57.88 3.30 -14.99
N GLY B 154 57.64 4.35 -14.21
CA GLY B 154 58.72 5.21 -13.75
C GLY B 154 58.91 6.41 -14.64
N ASP B 155 58.21 6.43 -15.78
CA ASP B 155 58.31 7.53 -16.73
C ASP B 155 57.72 8.82 -16.12
N LEU B 156 58.61 9.72 -15.69
CA LEU B 156 58.18 10.98 -15.08
C LEU B 156 58.10 12.14 -16.07
N THR B 157 58.44 11.88 -17.33
CA THR B 157 58.48 12.92 -18.34
C THR B 157 57.08 13.25 -18.88
N LEU B 158 56.29 12.21 -19.14
CA LEU B 158 54.99 12.36 -19.78
C LEU B 158 54.03 13.28 -19.03
N ALA B 159 53.82 12.99 -17.75
CA ALA B 159 52.94 13.81 -16.90
C ALA B 159 53.43 15.25 -16.83
N ARG B 160 54.73 15.44 -16.98
CA ARG B 160 55.34 16.76 -16.84
C ARG B 160 55.53 17.50 -18.17
N GLU B 161 55.14 16.89 -19.27
CA GLU B 161 55.09 17.60 -20.55
C GLU B 161 54.06 18.74 -20.42
N PRO B 162 54.26 19.84 -21.18
CA PRO B 162 53.40 21.02 -21.03
C PRO B 162 51.92 20.71 -21.26
N LYS B 163 51.62 19.92 -22.28
CA LYS B 163 50.23 19.62 -22.64
C LYS B 163 49.50 18.85 -21.54
N PHE B 164 50.22 17.99 -20.83
CA PHE B 164 49.65 17.22 -19.74
C PHE B 164 49.43 18.09 -18.50
N GLN B 165 50.39 18.97 -18.22
CA GLN B 165 50.26 19.93 -17.13
C GLN B 165 49.06 20.85 -17.35
N ALA B 166 48.89 21.31 -18.59
CA ALA B 166 47.79 22.21 -18.94
C ALA B 166 46.42 21.55 -18.73
N GLY B 167 46.30 20.31 -19.20
CA GLY B 167 45.07 19.55 -19.10
C GLY B 167 44.64 19.26 -17.67
N ILE B 168 45.60 18.96 -16.80
CA ILE B 168 45.32 18.74 -15.38
C ILE B 168 44.75 20.00 -14.75
N LYS B 169 45.37 21.13 -15.06
CA LYS B 169 44.92 22.42 -14.55
C LYS B 169 43.51 22.76 -15.06
N LEU B 170 43.22 22.38 -16.30
CA LEU B 170 41.86 22.55 -16.83
C LEU B 170 40.86 21.74 -16.02
N ILE B 171 41.24 20.52 -15.69
CA ILE B 171 40.42 19.65 -14.86
C ILE B 171 40.25 20.25 -13.46
N LEU B 172 41.35 20.70 -12.88
CA LEU B 172 41.29 21.31 -11.56
C LEU B 172 40.48 22.62 -11.55
N ASP B 173 40.54 23.36 -12.66
CA ASP B 173 39.72 24.56 -12.81
C ASP B 173 38.23 24.22 -12.65
N LEU B 174 37.80 23.13 -13.30
CA LEU B 174 36.42 22.66 -13.16
C LEU B 174 36.13 22.16 -11.77
N CYS B 175 36.94 21.21 -11.29
CA CYS B 175 36.76 20.61 -9.98
C CYS B 175 36.73 21.63 -8.85
N LEU B 176 37.63 22.61 -8.93
CA LEU B 176 37.76 23.61 -7.87
C LEU B 176 36.99 24.88 -8.18
N ALA B 177 36.08 24.80 -9.14
CA ALA B 177 35.21 25.93 -9.46
C ALA B 177 34.43 26.38 -8.22
N HIS B 178 34.08 27.66 -8.20
CA HIS B 178 33.41 28.22 -7.04
C HIS B 178 31.93 27.85 -6.99
N ARG B 179 31.39 27.84 -5.77
CA ARG B 179 30.03 27.42 -5.54
C ARG B 179 29.28 28.41 -4.66
N PHE B 180 27.96 28.29 -4.65
CA PHE B 180 27.11 29.06 -3.75
C PHE B 180 27.10 28.40 -2.39
N SER B 181 27.60 27.17 -2.37
CA SER B 181 27.40 26.27 -1.26
C SER B 181 28.58 26.27 -0.27
N MET B 182 28.28 25.92 0.98
CA MET B 182 29.27 25.86 2.06
C MET B 182 29.93 24.47 2.15
N TYR B 183 29.69 23.65 1.12
CA TYR B 183 30.20 22.29 1.10
C TYR B 183 31.47 22.28 0.26
N PRO B 184 32.53 21.65 0.77
CA PRO B 184 33.73 21.47 -0.05
C PRO B 184 33.56 20.31 -1.04
N THR B 185 32.40 19.63 -0.98
CA THR B 185 32.12 18.54 -1.90
C THR B 185 31.79 19.05 -3.32
N MET B 186 31.72 18.13 -4.28
CA MET B 186 31.38 18.47 -5.65
C MET B 186 29.91 18.22 -5.94
N LEU B 187 29.20 19.27 -6.37
CA LEU B 187 27.79 19.17 -6.72
C LEU B 187 27.65 18.58 -8.11
N VAL B 188 26.81 17.55 -8.26
CA VAL B 188 26.58 16.93 -9.56
C VAL B 188 25.11 16.60 -9.76
N PRO B 189 24.68 16.47 -11.02
CA PRO B 189 23.35 15.92 -11.32
C PRO B 189 23.33 14.41 -11.14
N ASP B 190 22.18 13.78 -11.35
CA ASP B 190 22.04 12.34 -11.19
C ASP B 190 22.78 11.62 -12.31
N GLY B 191 23.37 10.46 -12.00
CA GLY B 191 24.04 9.62 -12.99
C GLY B 191 25.37 10.15 -13.50
N ALA B 192 26.16 10.78 -12.62
CA ALA B 192 27.40 11.43 -13.04
C ALA B 192 28.65 10.56 -12.95
N PHE B 193 28.50 9.32 -12.51
CA PHE B 193 29.65 8.42 -12.41
C PHE B 193 29.35 7.04 -13.00
N MET B 194 29.99 6.01 -12.45
CA MET B 194 29.75 4.63 -12.88
C MET B 194 28.25 4.34 -13.01
N ILE B 195 27.49 4.79 -12.02
CA ILE B 195 26.04 4.81 -12.15
C ILE B 195 25.70 5.98 -13.06
N ASP B 196 25.35 5.70 -14.31
CA ASP B 196 25.12 6.75 -15.30
C ASP B 196 23.65 6.81 -15.70
N ARG B 197 22.80 6.49 -14.75
CA ARG B 197 21.36 6.60 -14.95
C ARG B 197 20.73 7.17 -13.68
N ARG B 198 19.44 7.43 -13.74
CA ARG B 198 18.78 8.07 -12.60
C ARG B 198 18.59 7.09 -11.46
N MET B 199 19.36 7.28 -10.39
CA MET B 199 19.38 6.35 -9.26
C MET B 199 19.44 7.05 -7.90
N GLY B 200 19.02 8.32 -7.87
CA GLY B 200 19.10 9.10 -6.67
C GLY B 200 20.52 9.35 -6.21
N VAL B 201 21.46 9.38 -7.14
CA VAL B 201 22.85 9.66 -6.77
C VAL B 201 23.23 11.11 -7.13
N TYR B 202 22.22 11.95 -7.36
CA TYR B 202 22.39 13.40 -7.56
C TYR B 202 22.96 14.05 -6.30
N GLU B 203 23.38 15.31 -6.44
CA GLU B 203 23.88 16.16 -5.34
C GLU B 203 25.34 15.81 -5.01
N HIS B 204 25.62 15.24 -3.83
CA HIS B 204 27.00 14.92 -3.44
C HIS B 204 27.28 13.42 -3.20
N PRO B 205 27.19 12.59 -4.25
CA PRO B 205 27.42 11.15 -4.11
C PRO B 205 28.83 10.83 -3.67
N LEU B 206 28.95 9.87 -2.76
CA LEU B 206 30.23 9.46 -2.19
C LEU B 206 31.28 9.21 -3.26
N GLU B 207 30.90 8.44 -4.26
CA GLU B 207 31.83 8.03 -5.32
C GLU B 207 32.54 9.23 -5.96
N ILE B 208 31.79 10.27 -6.30
CA ILE B 208 32.39 11.48 -6.87
C ILE B 208 33.34 12.16 -5.89
N GLN B 209 32.97 12.17 -4.61
CA GLN B 209 33.77 12.86 -3.59
C GLN B 209 35.07 12.12 -3.29
N VAL B 210 35.02 10.78 -3.31
CA VAL B 210 36.21 9.96 -3.07
C VAL B 210 37.17 10.04 -4.24
N LEU B 211 36.64 9.98 -5.45
CA LEU B 211 37.46 10.15 -6.66
C LEU B 211 38.01 11.55 -6.78
N PHE B 212 37.26 12.51 -6.25
CA PHE B 212 37.67 13.92 -6.21
C PHE B 212 38.90 14.06 -5.29
N TYR B 213 38.76 13.55 -4.08
CA TYR B 213 39.85 13.51 -3.11
C TYR B 213 41.11 12.84 -3.67
N ALA B 214 40.93 11.67 -4.27
CA ALA B 214 42.04 10.90 -4.82
C ALA B 214 42.70 11.60 -6.00
N ALA B 215 41.89 12.16 -6.90
CA ALA B 215 42.41 12.89 -8.05
C ALA B 215 43.17 14.13 -7.61
N LEU B 216 42.77 14.70 -6.47
CA LEU B 216 43.49 15.83 -5.90
C LEU B 216 44.81 15.39 -5.30
N ARG B 217 44.79 14.25 -4.60
CA ARG B 217 46.00 13.65 -4.06
C ARG B 217 46.97 13.27 -5.18
N ALA B 218 46.42 12.79 -6.29
CA ALA B 218 47.23 12.53 -7.46
C ALA B 218 47.89 13.82 -7.92
N ALA B 219 47.09 14.82 -8.24
CA ALA B 219 47.59 16.12 -8.69
C ALA B 219 48.69 16.69 -7.78
N ARG B 220 48.58 16.45 -6.48
CA ARG B 220 49.60 16.89 -5.52
C ARG B 220 50.98 16.32 -5.88
N GLU B 221 51.00 15.12 -6.46
CA GLU B 221 52.25 14.50 -6.89
C GLU B 221 52.66 14.93 -8.30
N LEU B 222 51.72 14.91 -9.23
CA LEU B 222 52.04 15.08 -10.65
C LEU B 222 52.40 16.51 -11.05
N LEU B 223 51.88 17.48 -10.31
CA LEU B 223 52.04 18.87 -10.72
C LEU B 223 53.43 19.43 -10.42
N LEU B 224 53.85 20.35 -11.28
CA LEU B 224 55.09 21.11 -11.11
C LEU B 224 54.76 22.44 -10.45
N PRO B 225 55.61 22.88 -9.51
CA PRO B 225 55.42 24.20 -8.88
C PRO B 225 55.66 25.37 -9.83
N ASP B 226 56.24 25.10 -11.00
CA ASP B 226 56.60 26.13 -11.97
C ASP B 226 55.40 26.97 -12.43
N GLY B 227 55.60 28.28 -12.52
CA GLY B 227 54.56 29.20 -12.96
C GLY B 227 53.46 29.35 -11.92
N ASP B 228 52.21 29.18 -12.37
CA ASP B 228 51.06 29.20 -11.48
C ASP B 228 50.90 27.86 -10.74
N GLY B 229 51.72 26.88 -11.12
CA GLY B 229 51.77 25.59 -10.46
C GLY B 229 51.78 25.75 -8.95
N GLU B 230 52.62 26.66 -8.48
CA GLU B 230 52.68 27.02 -7.07
C GLU B 230 51.30 27.35 -6.49
N GLN B 231 50.49 28.07 -7.25
CA GLN B 231 49.15 28.46 -6.85
C GLN B 231 48.14 27.31 -6.79
N TYR B 232 48.19 26.42 -7.79
CA TYR B 232 47.30 25.26 -7.86
C TYR B 232 47.49 24.30 -6.68
N LEU B 233 48.75 24.04 -6.32
CA LEU B 233 49.05 23.15 -5.22
C LEU B 233 48.51 23.69 -3.91
N ASN B 234 48.46 25.02 -3.80
CA ASN B 234 47.91 25.67 -2.61
C ASN B 234 46.39 25.53 -2.52
N LYS B 235 45.71 25.62 -3.66
CA LYS B 235 44.28 25.34 -3.72
C LYS B 235 44.00 23.87 -3.46
N VAL B 236 44.69 23.00 -4.20
CA VAL B 236 44.59 21.55 -4.06
C VAL B 236 44.76 21.14 -2.61
N HIS B 237 45.76 21.73 -1.97
CA HIS B 237 46.09 21.39 -0.60
C HIS B 237 44.98 21.80 0.38
N GLY B 238 44.52 23.04 0.25
CA GLY B 238 43.44 23.54 1.09
C GLY B 238 42.15 22.79 0.93
N ARG B 239 41.81 22.47 -0.32
CA ARG B 239 40.58 21.71 -0.59
C ARG B 239 40.65 20.29 -0.04
N LEU B 240 41.81 19.64 -0.15
CA LEU B 240 42.01 18.30 0.39
C LEU B 240 41.76 18.24 1.91
N GLY B 241 42.21 19.27 2.63
CA GLY B 241 41.97 19.30 4.05
C GLY B 241 40.51 19.37 4.40
N ALA B 242 39.79 20.26 3.73
CA ALA B 242 38.36 20.47 3.95
C ALA B 242 37.54 19.26 3.53
N LEU B 243 37.94 18.67 2.41
CA LEU B 243 37.24 17.52 1.85
C LEU B 243 37.34 16.30 2.76
N GLN B 244 38.55 15.97 3.21
CA GLN B 244 38.73 14.83 4.10
C GLN B 244 37.96 15.04 5.41
N TYR B 245 38.02 16.25 5.96
CA TYR B 245 37.32 16.56 7.20
C TYR B 245 35.83 16.43 7.03
N HIS B 246 35.31 17.06 5.98
CA HIS B 246 33.88 17.03 5.70
C HIS B 246 33.37 15.60 5.53
N ILE B 247 34.04 14.83 4.68
CA ILE B 247 33.68 13.43 4.41
C ILE B 247 33.81 12.50 5.62
N ARG B 248 34.90 12.63 6.37
CA ARG B 248 35.11 11.77 7.54
C ARG B 248 34.15 12.11 8.68
N ASN B 249 33.85 13.39 8.86
CA ASN B 249 32.95 13.80 9.95
C ASN B 249 31.46 13.58 9.68
N TYR B 250 31.02 13.78 8.44
CA TYR B 250 29.59 13.83 8.15
C TYR B 250 29.05 12.61 7.38
N TYR B 251 29.89 11.99 6.57
CA TYR B 251 29.45 10.81 5.82
C TYR B 251 29.62 9.52 6.63
N TRP B 252 30.51 9.54 7.62
CA TRP B 252 30.84 8.31 8.33
C TRP B 252 29.67 7.76 9.14
N VAL B 253 29.40 6.47 9.00
CA VAL B 253 28.29 5.82 9.68
C VAL B 253 28.78 4.61 10.49
N ASP B 254 28.45 4.60 11.78
CA ASP B 254 28.61 3.42 12.64
C ASP B 254 27.63 3.56 13.80
N LEU B 255 27.59 2.58 14.69
CA LEU B 255 26.59 2.58 15.75
C LEU B 255 26.67 3.82 16.63
N LYS B 256 27.89 4.19 16.99
CA LYS B 256 28.08 5.35 17.87
C LYS B 256 27.48 6.58 17.22
N ARG B 257 27.87 6.80 15.97
CA ARG B 257 27.40 7.92 15.17
C ARG B 257 25.90 7.82 14.91
N LEU B 258 25.45 6.59 14.66
CA LEU B 258 24.05 6.33 14.37
C LEU B 258 23.15 6.64 15.57
N ARG B 259 23.67 6.39 16.78
CA ARG B 259 22.98 6.71 18.02
C ARG B 259 22.87 8.22 18.24
N GLU B 260 23.88 8.96 17.77
CA GLU B 260 23.86 10.40 17.87
C GLU B 260 22.80 11.00 16.95
N ILE B 261 22.85 10.62 15.68
CA ILE B 261 21.94 11.15 14.67
C ILE B 261 20.50 10.86 15.03
N TYR B 262 20.25 9.64 15.46
CA TYR B 262 18.92 9.22 15.87
C TYR B 262 18.35 10.16 16.93
N ARG B 263 19.20 10.69 17.80
CA ARG B 263 18.75 11.59 18.86
C ARG B 263 18.90 13.09 18.53
N TYR B 264 19.22 13.40 17.28
CA TYR B 264 19.27 14.78 16.86
C TYR B 264 17.91 15.45 17.03
N LYS B 265 17.95 16.73 17.39
CA LYS B 265 16.78 17.57 17.40
C LYS B 265 16.68 18.26 16.04
N GLY B 266 15.47 18.46 15.56
CA GLY B 266 15.27 19.07 14.26
C GLY B 266 15.31 20.58 14.26
N ASN B 267 15.57 21.16 13.10
CA ASN B 267 15.47 22.59 12.86
C ASN B 267 16.39 23.44 13.72
N GLU B 268 17.60 22.93 13.96
CA GLU B 268 18.63 23.70 14.63
C GLU B 268 19.20 24.76 13.71
N PHE B 269 19.43 25.95 14.23
CA PHE B 269 19.97 27.07 13.46
C PHE B 269 21.18 27.67 14.19
N GLY B 270 22.23 27.96 13.43
CA GLY B 270 23.45 28.53 13.98
C GLY B 270 24.69 27.75 13.59
N LYS B 271 25.86 28.29 13.94
CA LYS B 271 27.14 27.63 13.65
C LYS B 271 27.38 26.43 14.54
N GLU B 272 27.28 26.64 15.85
CA GLU B 272 27.57 25.59 16.82
C GLU B 272 26.33 24.74 17.11
N ILE B 273 25.98 23.90 16.14
CA ILE B 273 24.86 22.97 16.30
C ILE B 273 25.25 21.58 15.82
N ALA B 274 24.54 20.57 16.32
CA ALA B 274 24.82 19.17 16.00
C ALA B 274 24.26 18.78 14.62
N ASN B 275 22.94 18.93 14.48
CA ASN B 275 22.25 18.54 13.26
C ASN B 275 22.36 19.63 12.21
N LYS B 276 23.56 19.81 11.66
CA LYS B 276 23.84 20.88 10.71
C LYS B 276 23.00 20.77 9.44
N PHE B 277 22.77 19.55 8.99
CA PHE B 277 22.08 19.32 7.73
C PHE B 277 20.61 18.97 7.92
N ASN B 278 20.13 19.09 9.16
CA ASN B 278 18.72 18.95 9.48
C ASN B 278 18.17 17.58 9.07
N ILE B 279 18.89 16.53 9.43
CA ILE B 279 18.43 15.16 9.19
C ILE B 279 17.41 14.79 10.24
N PHE B 280 16.18 14.49 9.81
CA PHE B 280 15.15 14.01 10.74
C PHE B 280 15.36 12.53 10.99
N SER B 281 15.37 12.16 12.28
CA SER B 281 15.75 10.83 12.69
C SER B 281 14.77 9.77 12.21
N GLN B 282 13.49 10.12 12.22
CA GLN B 282 12.43 9.22 11.76
C GLN B 282 12.62 8.80 10.30
N SER B 283 13.36 9.59 9.54
CA SER B 283 13.62 9.25 8.15
C SER B 283 14.57 8.06 8.01
N ILE B 284 15.44 7.83 9.00
CA ILE B 284 16.44 6.77 8.92
C ILE B 284 15.77 5.41 8.75
N PRO B 285 16.22 4.63 7.76
CA PRO B 285 15.60 3.33 7.52
C PRO B 285 15.89 2.32 8.64
N ASP B 286 14.93 1.44 8.90
CA ASP B 286 15.01 0.43 9.97
C ASP B 286 16.13 -0.60 9.79
N TRP B 287 16.41 -0.93 8.53
CA TRP B 287 17.38 -1.96 8.19
C TRP B 287 18.81 -1.58 8.60
N VAL B 288 19.12 -0.29 8.67
CA VAL B 288 20.50 0.13 8.91
C VAL B 288 21.02 -0.23 10.32
N ILE B 289 20.12 -0.24 11.30
CA ILE B 289 20.51 -0.48 12.69
C ILE B 289 20.93 -1.92 12.90
N GLU B 290 20.15 -2.84 12.35
CA GLU B 290 20.45 -4.27 12.46
C GLU B 290 21.71 -4.65 11.70
N TRP B 291 21.85 -4.05 10.51
CA TRP B 291 22.84 -4.42 9.52
C TRP B 291 24.27 -4.21 9.98
N LEU B 292 24.52 -3.13 10.71
CA LEU B 292 25.88 -2.82 11.14
C LEU B 292 26.31 -3.79 12.23
N PRO B 293 27.49 -4.42 12.05
CA PRO B 293 28.07 -5.12 13.19
C PRO B 293 28.58 -4.13 14.20
N GLU B 294 28.75 -4.58 15.44
CA GLU B 294 29.27 -3.73 16.52
C GLU B 294 30.53 -2.98 16.10
N LYS B 295 31.41 -3.66 15.38
CA LYS B 295 32.70 -3.12 15.02
C LYS B 295 32.71 -2.54 13.61
N GLY B 296 31.59 -2.71 12.90
CA GLY B 296 31.52 -2.25 11.52
C GLY B 296 31.26 -0.76 11.37
N GLY B 297 31.46 -0.27 10.15
CA GLY B 297 31.14 1.11 9.79
C GLY B 297 31.33 1.32 8.30
N TYR B 298 30.78 2.41 7.77
CA TYR B 298 31.00 2.74 6.37
C TYR B 298 30.75 4.22 6.09
N LEU B 299 31.20 4.69 4.93
CA LEU B 299 30.87 6.05 4.49
C LEU B 299 29.53 6.04 3.75
N ALA B 300 28.62 6.95 4.12
CA ALA B 300 27.30 7.01 3.50
C ALA B 300 27.35 7.42 2.03
N GLY B 301 26.29 7.08 1.30
CA GLY B 301 26.23 7.30 -0.14
C GLY B 301 26.05 8.75 -0.57
N ASN B 302 25.55 9.59 0.34
CA ASN B 302 25.27 10.98 -0.03
C ASN B 302 24.93 11.83 1.18
N LEU B 303 25.16 13.13 1.05
CA LEU B 303 24.77 14.08 2.08
C LEU B 303 24.41 15.40 1.41
N GLY B 304 23.36 16.04 1.92
CA GLY B 304 22.92 17.32 1.41
C GLY B 304 21.92 17.97 2.34
N PRO B 305 21.31 19.08 1.91
CA PRO B 305 20.28 19.72 2.73
C PRO B 305 19.14 18.76 3.05
N GLY B 306 18.92 18.52 4.35
CA GLY B 306 17.88 17.63 4.82
C GLY B 306 18.00 16.20 4.34
N ARG B 307 19.18 15.79 3.90
CA ARG B 307 19.33 14.47 3.29
C ARG B 307 20.59 13.71 3.70
N MET B 308 20.39 12.46 4.05
CA MET B 308 21.51 11.58 4.30
C MET B 308 21.16 10.22 3.69
N ASP B 309 21.84 9.86 2.62
CA ASP B 309 21.59 8.58 1.96
C ASP B 309 22.42 7.49 2.61
N PHE B 310 21.75 6.61 3.34
CA PHE B 310 22.42 5.58 4.13
C PHE B 310 22.82 4.35 3.33
N ARG B 311 22.46 4.30 2.06
CA ARG B 311 22.87 3.18 1.24
C ARG B 311 24.39 3.03 1.22
N PHE B 312 24.86 1.80 1.36
CA PHE B 312 26.28 1.51 1.24
C PHE B 312 26.64 1.47 -0.23
N PHE B 313 27.64 2.25 -0.63
CA PHE B 313 28.13 2.22 -2.01
C PHE B 313 29.55 1.61 -2.08
N ALA B 314 29.71 0.55 -2.87
CA ALA B 314 30.94 -0.25 -2.83
C ALA B 314 32.18 0.49 -3.31
N LEU B 315 32.09 1.13 -4.48
CA LEU B 315 33.26 1.75 -5.09
C LEU B 315 33.83 2.86 -4.20
N GLY B 316 32.98 3.82 -3.83
CA GLY B 316 33.38 4.89 -2.94
C GLY B 316 34.04 4.40 -1.66
N ASN B 317 33.45 3.39 -1.02
CA ASN B 317 33.99 2.86 0.22
C ASN B 317 35.32 2.12 0.04
N LEU B 318 35.39 1.27 -0.99
CA LEU B 318 36.62 0.54 -1.29
C LEU B 318 37.73 1.50 -1.71
N MET B 319 37.40 2.44 -2.60
CA MET B 319 38.37 3.41 -3.09
C MET B 319 38.82 4.36 -2.00
N ALA B 320 37.94 4.63 -1.05
CA ALA B 320 38.28 5.50 0.08
C ALA B 320 39.40 4.91 0.93
N ILE B 321 39.44 3.58 1.01
CA ILE B 321 40.52 2.88 1.68
C ILE B 321 41.80 3.08 0.89
N LEU B 322 41.71 2.89 -0.43
CA LEU B 322 42.87 2.97 -1.30
C LEU B 322 43.44 4.40 -1.39
N ALA B 323 42.57 5.39 -1.48
CA ALA B 323 42.97 6.79 -1.59
C ALA B 323 43.61 7.33 -0.31
N GLY B 324 43.50 6.57 0.77
CA GLY B 324 44.01 7.00 2.06
C GLY B 324 43.05 7.94 2.77
N LEU B 325 41.85 8.10 2.22
CA LEU B 325 40.85 8.97 2.83
C LEU B 325 40.29 8.36 4.11
N ALA B 326 40.01 7.07 4.05
CA ALA B 326 39.55 6.37 5.24
C ALA B 326 40.74 6.22 6.20
N SER B 327 40.50 6.48 7.49
CA SER B 327 41.52 6.22 8.50
C SER B 327 41.80 4.73 8.53
N GLU B 328 42.93 4.35 9.12
CA GLU B 328 43.31 2.95 9.19
C GLU B 328 42.24 2.16 9.94
N GLU B 329 41.69 2.75 11.01
CA GLU B 329 40.63 2.08 11.73
C GLU B 329 39.35 2.07 10.90
N GLU B 330 38.99 3.21 10.31
CA GLU B 330 37.83 3.27 9.44
C GLU B 330 37.94 2.25 8.31
N SER B 331 39.15 2.09 7.78
CA SER B 331 39.42 1.08 6.76
C SER B 331 39.18 -0.34 7.27
N GLN B 332 39.52 -0.57 8.53
CA GLN B 332 39.28 -1.85 9.20
C GLN B 332 37.77 -2.10 9.40
N ARG B 333 37.07 -1.07 9.86
CA ARG B 333 35.64 -1.20 10.13
C ARG B 333 34.83 -1.41 8.85
N ILE B 334 35.31 -0.87 7.72
CA ILE B 334 34.66 -1.15 6.44
C ILE B 334 34.77 -2.62 6.07
N MET B 335 35.98 -3.17 6.19
CA MET B 335 36.22 -4.57 5.84
C MET B 335 35.53 -5.53 6.81
N ASN B 336 35.43 -5.14 8.09
CA ASN B 336 34.65 -5.93 9.05
C ASN B 336 33.20 -6.08 8.60
N LEU B 337 32.62 -4.98 8.12
CA LEU B 337 31.24 -4.98 7.59
C LEU B 337 31.14 -5.91 6.38
N PHE B 338 32.19 -5.90 5.55
CA PHE B 338 32.22 -6.79 4.39
C PHE B 338 32.22 -8.23 4.89
N ALA B 339 32.98 -8.51 5.94
CA ALA B 339 33.01 -9.84 6.55
C ALA B 339 31.67 -10.22 7.17
N HIS B 340 31.05 -9.29 7.88
CA HIS B 340 29.77 -9.56 8.55
C HIS B 340 28.59 -9.66 7.58
N ARG B 341 28.63 -8.91 6.48
CA ARG B 341 27.51 -8.92 5.52
C ARG B 341 27.96 -9.48 4.18
N TRP B 342 28.70 -10.57 4.26
CA TRP B 342 29.31 -11.23 3.11
C TRP B 342 28.29 -11.64 2.07
N GLU B 343 27.14 -12.14 2.50
CA GLU B 343 26.10 -12.55 1.56
C GLU B 343 25.44 -11.34 0.89
N ASP B 344 25.38 -10.20 1.58
CA ASP B 344 24.82 -8.99 0.99
C ASP B 344 25.81 -8.34 0.03
N LEU B 345 27.06 -8.18 0.46
CA LEU B 345 28.03 -7.41 -0.31
C LEU B 345 28.78 -8.22 -1.38
N ILE B 346 28.96 -9.51 -1.15
CA ILE B 346 29.64 -10.36 -2.12
C ILE B 346 28.68 -11.41 -2.68
N GLY B 347 28.12 -12.23 -1.80
CA GLY B 347 27.23 -13.31 -2.18
C GLY B 347 27.80 -14.22 -3.26
N TYR B 348 27.01 -14.44 -4.31
CA TYR B 348 27.37 -15.30 -5.43
C TYR B 348 28.31 -14.63 -6.45
N MET B 349 28.43 -13.32 -6.42
CA MET B 349 29.35 -12.60 -7.31
C MET B 349 29.78 -11.29 -6.69
N PRO B 350 31.06 -11.12 -6.38
CA PRO B 350 31.46 -9.79 -5.92
C PRO B 350 31.46 -8.83 -7.09
N VAL B 351 31.20 -7.54 -6.86
CA VAL B 351 30.77 -6.98 -5.58
C VAL B 351 29.41 -6.30 -5.83
N LYS B 352 28.52 -6.30 -4.84
CA LYS B 352 27.24 -5.58 -4.98
C LYS B 352 27.49 -4.09 -5.08
N ILE B 353 27.01 -3.47 -6.16
CA ILE B 353 27.34 -2.07 -6.43
C ILE B 353 26.86 -1.15 -5.32
N CYS B 354 25.65 -1.38 -4.80
CA CYS B 354 25.20 -0.67 -3.60
C CYS B 354 24.11 -1.46 -2.90
N TYR B 355 23.89 -1.14 -1.62
CA TYR B 355 22.97 -1.90 -0.78
C TYR B 355 22.19 -0.97 0.15
N PRO B 356 20.88 -1.17 0.28
CA PRO B 356 20.07 -2.14 -0.48
C PRO B 356 19.48 -1.55 -1.77
N ALA B 357 18.63 -2.33 -2.42
CA ALA B 357 17.94 -1.89 -3.59
C ALA B 357 16.73 -1.03 -3.24
N LEU B 358 16.44 -0.07 -4.12
CA LEU B 358 15.22 0.71 -4.02
C LEU B 358 14.07 -0.13 -4.52
N GLN B 359 13.05 -0.32 -3.71
CA GLN B 359 11.96 -1.22 -4.09
C GLN B 359 10.59 -0.55 -4.14
N GLY B 360 9.69 -1.13 -4.94
CA GLY B 360 8.32 -0.69 -5.01
C GLY B 360 8.14 0.76 -5.45
N LEU B 361 7.47 1.54 -4.62
CA LEU B 361 7.24 2.93 -4.97
C LEU B 361 8.53 3.73 -4.89
N GLU B 362 9.48 3.31 -4.06
CA GLU B 362 10.74 4.04 -3.98
C GLU B 362 11.52 3.92 -5.29
N TRP B 363 11.44 2.75 -5.92
CA TRP B 363 12.01 2.55 -7.25
C TRP B 363 11.34 3.47 -8.26
N GLN B 364 10.01 3.54 -8.23
CA GLN B 364 9.27 4.42 -9.16
C GLN B 364 9.69 5.90 -9.06
N ILE B 365 9.64 6.45 -7.86
CA ILE B 365 9.94 7.86 -7.63
C ILE B 365 11.39 8.20 -7.93
N VAL B 366 12.30 7.41 -7.37
CA VAL B 366 13.72 7.76 -7.40
C VAL B 366 14.37 7.53 -8.77
N THR B 367 14.00 6.45 -9.47
CA THR B 367 14.59 6.17 -10.80
C THR B 367 13.71 6.67 -11.95
N GLY B 368 12.49 7.10 -11.63
CA GLY B 368 11.55 7.52 -12.64
C GLY B 368 11.00 6.35 -13.45
N CYS B 369 10.78 5.22 -12.79
CA CYS B 369 10.31 3.98 -13.42
C CYS B 369 11.27 3.44 -14.48
N ASP B 370 12.57 3.59 -14.25
CA ASP B 370 13.60 3.08 -15.16
C ASP B 370 13.59 1.54 -15.12
N PRO B 371 13.19 0.89 -16.22
CA PRO B 371 13.01 -0.57 -16.20
C PRO B 371 14.32 -1.33 -16.25
N LYS B 372 15.43 -0.65 -16.47
CA LYS B 372 16.73 -1.31 -16.41
C LYS B 372 17.27 -1.36 -14.99
N ASN B 373 16.76 -0.49 -14.13
CA ASN B 373 17.20 -0.45 -12.73
C ASN B 373 16.09 -0.89 -11.78
N ILE B 374 15.35 -1.92 -12.17
CA ILE B 374 14.38 -2.57 -11.27
C ILE B 374 15.11 -3.12 -10.04
N PRO B 375 14.39 -3.46 -8.97
CA PRO B 375 15.13 -3.84 -7.74
C PRO B 375 16.13 -5.02 -7.86
N TRP B 376 17.33 -4.84 -7.31
CA TRP B 376 18.38 -5.87 -7.32
C TRP B 376 18.89 -6.14 -8.74
N SER B 377 18.81 -5.13 -9.59
CA SER B 377 19.30 -5.23 -10.95
C SER B 377 20.15 -4.02 -11.32
N TYR B 378 21.23 -4.28 -12.06
CA TYR B 378 22.07 -3.23 -12.61
C TYR B 378 22.60 -2.30 -11.51
N HIS B 379 22.37 -0.99 -11.62
CA HIS B 379 22.80 -0.04 -10.59
C HIS B 379 22.04 -0.19 -9.28
N ASN B 380 20.79 -0.64 -9.38
CA ASN B 380 19.91 -0.73 -8.23
C ASN B 380 20.17 -2.00 -7.44
N GLY B 381 21.38 -2.12 -6.91
CA GLY B 381 21.75 -3.27 -6.10
C GLY B 381 22.15 -4.52 -6.87
N GLY B 382 22.63 -4.33 -8.09
CA GLY B 382 23.16 -5.44 -8.86
C GLY B 382 24.56 -5.82 -8.42
N ASN B 383 25.03 -7.00 -8.84
CA ASN B 383 26.40 -7.43 -8.53
C ASN B 383 27.34 -7.32 -9.72
N TRP B 384 28.44 -6.57 -9.52
CA TRP B 384 29.35 -6.22 -10.61
C TRP B 384 30.75 -6.84 -10.48
N PRO B 385 31.11 -7.76 -11.39
CA PRO B 385 32.43 -8.38 -11.46
C PRO B 385 33.60 -7.37 -11.41
N VAL B 386 33.56 -6.30 -12.20
CA VAL B 386 34.64 -5.32 -12.26
C VAL B 386 35.10 -4.83 -10.89
N LEU B 387 34.18 -4.66 -9.96
CA LEU B 387 34.51 -4.12 -8.64
C LEU B 387 35.44 -5.04 -7.84
N LEU B 388 35.55 -6.29 -8.28
CA LEU B 388 36.47 -7.24 -7.68
C LEU B 388 37.88 -6.70 -7.53
N TRP B 389 38.36 -5.97 -8.53
CA TRP B 389 39.71 -5.43 -8.45
C TRP B 389 39.83 -4.40 -7.32
N LEU B 390 38.84 -3.51 -7.16
CA LEU B 390 38.84 -2.60 -6.01
C LEU B 390 38.87 -3.40 -4.71
N PHE B 391 38.04 -4.44 -4.66
CA PHE B 391 37.89 -5.23 -3.46
C PHE B 391 39.17 -5.96 -3.08
N THR B 392 39.81 -6.61 -4.05
CA THR B 392 41.08 -7.31 -3.83
C THR B 392 42.15 -6.33 -3.36
N ALA B 393 42.31 -5.24 -4.10
CA ALA B 393 43.28 -4.19 -3.75
C ALA B 393 43.06 -3.66 -2.32
N ALA B 394 41.80 -3.42 -1.94
CA ALA B 394 41.51 -2.91 -0.59
C ALA B 394 41.76 -3.95 0.50
N ALA B 395 41.56 -5.23 0.17
CA ALA B 395 41.73 -6.31 1.14
C ALA B 395 43.21 -6.53 1.48
N LEU B 396 44.06 -6.63 0.47
CA LEU B 396 45.51 -6.73 0.65
C LEU B 396 46.04 -5.55 1.48
N LYS B 397 45.61 -4.35 1.11
CA LYS B 397 46.02 -3.13 1.79
C LYS B 397 45.64 -3.12 3.28
N THR B 398 44.55 -3.80 3.62
CA THR B 398 44.09 -3.89 5.00
C THR B 398 44.58 -5.16 5.69
N GLY B 399 45.36 -5.95 4.96
CA GLY B 399 45.91 -7.18 5.49
C GLY B 399 44.85 -8.22 5.70
N LYS B 400 43.93 -8.34 4.74
CA LYS B 400 42.85 -9.32 4.81
C LYS B 400 42.83 -10.05 3.49
N VAL B 401 43.82 -10.90 3.28
CA VAL B 401 43.97 -11.65 2.05
C VAL B 401 42.93 -12.75 1.90
N GLU B 402 42.60 -13.43 3.00
CA GLU B 402 41.57 -14.46 3.03
C GLU B 402 40.27 -14.02 2.33
N LEU B 403 39.87 -12.76 2.55
CA LEU B 403 38.68 -12.21 1.93
C LEU B 403 38.88 -12.04 0.42
N ALA B 404 40.07 -11.59 0.04
CA ALA B 404 40.43 -11.50 -1.37
C ALA B 404 40.43 -12.88 -2.04
N HIS B 405 40.92 -13.89 -1.35
CA HIS B 405 40.92 -15.26 -1.89
C HIS B 405 39.52 -15.76 -2.13
N GLU B 406 38.64 -15.59 -1.14
CA GLU B 406 37.27 -16.07 -1.24
C GLU B 406 36.51 -15.37 -2.38
N ALA B 407 36.67 -14.04 -2.46
CA ALA B 407 36.03 -13.23 -3.50
C ALA B 407 36.44 -13.68 -4.89
N ILE B 408 37.75 -13.85 -5.08
CA ILE B 408 38.28 -14.30 -6.36
C ILE B 408 37.81 -15.71 -6.69
N ALA B 409 37.79 -16.59 -5.70
CA ALA B 409 37.30 -17.96 -5.94
C ALA B 409 35.85 -17.95 -6.45
N ILE B 410 35.00 -17.15 -5.79
CA ILE B 410 33.58 -17.08 -6.14
C ILE B 410 33.38 -16.60 -7.58
N ALA B 411 34.06 -15.53 -7.94
CA ALA B 411 33.99 -15.00 -9.30
C ALA B 411 34.53 -15.98 -10.33
N GLU B 412 35.68 -16.59 -10.03
CA GLU B 412 36.33 -17.51 -10.94
C GLU B 412 35.47 -18.72 -11.22
N GLY B 413 34.68 -19.11 -10.23
CA GLY B 413 33.78 -20.23 -10.38
C GLY B 413 32.65 -20.03 -11.39
N ARG B 414 32.36 -18.78 -11.78
CA ARG B 414 31.22 -18.55 -12.67
C ARG B 414 31.50 -17.80 -13.96
N LEU B 415 32.38 -16.80 -13.91
CA LEU B 415 32.54 -15.86 -15.03
C LEU B 415 32.77 -16.55 -16.37
N SER B 416 33.83 -17.35 -16.46
CA SER B 416 34.14 -18.08 -17.69
C SER B 416 32.94 -18.89 -18.18
N ASN B 417 32.34 -19.67 -17.30
CA ASN B 417 31.15 -20.47 -17.65
C ASN B 417 29.99 -19.63 -18.15
N ASP B 418 29.85 -18.45 -17.57
CA ASP B 418 28.77 -17.51 -17.89
C ASP B 418 29.20 -16.49 -18.94
N LYS B 419 30.40 -16.68 -19.47
CA LYS B 419 30.97 -15.80 -20.48
C LYS B 419 31.24 -14.35 -20.06
N PHE B 420 31.64 -14.16 -18.80
CA PHE B 420 31.97 -12.83 -18.28
C PHE B 420 30.91 -11.75 -18.41
N PRO B 421 29.70 -12.03 -17.93
CA PRO B 421 28.62 -11.03 -18.06
C PRO B 421 29.01 -9.68 -17.46
N GLU B 422 28.36 -8.63 -17.96
CA GLU B 422 28.58 -7.28 -17.47
C GLU B 422 28.23 -7.16 -16.00
N TYR B 423 27.11 -7.76 -15.60
CA TYR B 423 26.65 -7.69 -14.21
C TYR B 423 25.73 -8.83 -13.82
N TYR B 424 25.47 -8.94 -12.53
CA TYR B 424 24.58 -9.97 -12.00
C TYR B 424 23.46 -9.30 -11.20
N ASP B 425 22.32 -9.97 -11.13
CA ASP B 425 21.14 -9.41 -10.47
C ASP B 425 20.70 -10.26 -9.29
N GLY B 426 19.82 -9.69 -8.47
CA GLY B 426 19.25 -10.39 -7.35
C GLY B 426 19.85 -9.99 -6.03
N ASN B 427 19.19 -10.43 -4.96
CA ASN B 427 19.66 -10.16 -3.61
C ASN B 427 21.12 -10.53 -3.39
N ASN B 428 21.52 -11.65 -3.97
CA ASN B 428 22.86 -12.17 -3.73
C ASN B 428 23.67 -12.45 -5.00
N GLY B 429 23.13 -12.06 -6.15
CA GLY B 429 23.80 -12.23 -7.43
C GLY B 429 23.56 -13.54 -8.16
N ARG B 430 22.56 -14.30 -7.75
CA ARG B 430 22.29 -15.60 -8.37
C ARG B 430 22.01 -15.49 -9.84
N LEU B 431 21.30 -14.43 -10.23
CA LEU B 431 20.92 -14.25 -11.62
C LEU B 431 22.00 -13.51 -12.42
N ILE B 432 22.20 -13.95 -13.65
CA ILE B 432 22.97 -13.18 -14.60
C ILE B 432 22.13 -11.97 -14.95
N GLY B 433 22.76 -10.80 -15.09
CA GLY B 433 22.07 -9.55 -15.35
C GLY B 433 21.02 -9.63 -16.44
N LYS B 434 19.89 -8.96 -16.21
CA LYS B 434 18.73 -9.04 -17.09
C LYS B 434 19.08 -8.66 -18.53
N GLU B 435 19.76 -7.54 -18.68
CA GLU B 435 20.18 -7.06 -19.98
C GLU B 435 21.69 -6.99 -20.09
N ALA B 436 22.38 -7.77 -19.27
CA ALA B 436 23.84 -7.77 -19.24
C ALA B 436 24.45 -8.27 -20.54
N ARG B 437 25.37 -7.49 -21.10
CA ARG B 437 26.18 -7.92 -22.23
C ARG B 437 27.07 -9.07 -21.79
N ILE B 438 27.30 -10.04 -22.67
CA ILE B 438 28.32 -11.06 -22.42
C ILE B 438 29.65 -10.60 -23.02
N TYR B 439 30.76 -11.09 -22.47
CA TYR B 439 32.11 -10.66 -22.83
C TYR B 439 32.33 -9.17 -22.58
N GLN B 440 31.93 -8.72 -21.41
CA GLN B 440 32.15 -7.34 -20.99
C GLN B 440 33.60 -7.19 -20.54
N THR B 441 34.32 -6.25 -21.14
CA THR B 441 35.78 -6.15 -20.97
C THR B 441 36.26 -5.95 -19.53
N TRP B 442 35.60 -5.08 -18.76
CA TRP B 442 36.07 -4.82 -17.40
C TRP B 442 35.61 -5.89 -16.39
N SER B 443 34.73 -6.79 -16.82
CA SER B 443 34.45 -7.99 -16.03
C SER B 443 35.64 -8.93 -16.16
N ILE B 444 36.10 -9.13 -17.40
CA ILE B 444 37.27 -9.94 -17.67
C ILE B 444 38.51 -9.35 -17.03
N ALA B 445 38.77 -8.09 -17.36
CA ALA B 445 39.91 -7.39 -16.80
C ALA B 445 39.84 -7.34 -15.27
N GLY B 446 38.62 -7.26 -14.74
CA GLY B 446 38.42 -7.23 -13.30
C GLY B 446 39.04 -8.43 -12.61
N LEU B 447 38.75 -9.62 -13.13
CA LEU B 447 39.30 -10.85 -12.59
C LEU B 447 40.81 -10.86 -12.72
N LEU B 448 41.28 -10.65 -13.95
CA LEU B 448 42.71 -10.57 -14.23
C LEU B 448 43.46 -9.63 -13.28
N VAL B 449 43.01 -8.39 -13.18
CA VAL B 449 43.65 -7.42 -12.29
C VAL B 449 43.73 -7.94 -10.86
N ALA B 450 42.65 -8.57 -10.39
CA ALA B 450 42.57 -9.08 -9.03
C ALA B 450 43.57 -10.22 -8.78
N LYS B 451 43.70 -11.12 -9.75
CA LYS B 451 44.64 -12.22 -9.65
C LYS B 451 46.09 -11.72 -9.62
N GLN B 452 46.37 -10.71 -10.43
CA GLN B 452 47.70 -10.12 -10.51
C GLN B 452 48.08 -9.35 -9.25
N PHE B 453 47.11 -8.66 -8.64
CA PHE B 453 47.33 -8.02 -7.34
C PHE B 453 47.64 -9.09 -6.29
N LEU B 454 46.97 -10.22 -6.42
CA LEU B 454 47.15 -11.36 -5.55
C LEU B 454 48.56 -11.95 -5.71
N ALA B 455 48.96 -12.10 -6.97
CA ALA B 455 50.30 -12.59 -7.31
C ALA B 455 51.41 -11.65 -6.80
N ASN B 456 51.22 -10.35 -6.98
CA ASN B 456 52.20 -9.35 -6.54
C ASN B 456 51.53 -8.11 -5.91
N PRO B 457 51.34 -8.11 -4.59
CA PRO B 457 50.65 -7.05 -3.85
C PRO B 457 51.34 -5.67 -3.83
N ASP B 458 52.53 -5.58 -4.39
CA ASP B 458 53.18 -4.28 -4.53
C ASP B 458 52.65 -3.48 -5.72
N HIS B 459 51.96 -4.18 -6.63
CA HIS B 459 51.29 -3.52 -7.75
C HIS B 459 50.17 -2.60 -7.26
N VAL B 460 49.56 -2.95 -6.13
CA VAL B 460 48.53 -2.12 -5.51
C VAL B 460 49.00 -0.67 -5.31
N GLU B 461 50.31 -0.49 -5.12
CA GLU B 461 50.89 0.83 -4.85
C GLU B 461 50.62 1.93 -5.89
N PHE B 462 50.46 1.56 -7.16
CA PHE B 462 50.23 2.60 -8.17
C PHE B 462 48.82 3.21 -8.14
N ILE B 463 47.85 2.45 -7.62
CA ILE B 463 46.48 2.94 -7.52
C ILE B 463 46.14 3.42 -6.11
N SER B 464 46.98 3.07 -5.14
CA SER B 464 46.75 3.48 -3.77
C SER B 464 47.80 4.49 -3.30
N PHE B 465 47.56 5.10 -2.15
CA PHE B 465 48.49 6.06 -1.55
C PHE B 465 49.09 5.50 -0.25
N PRO B 466 50.42 5.58 -0.12
CA PRO B 466 51.17 4.94 0.97
C PRO B 466 50.70 5.40 2.35
N ASP B 467 50.69 6.71 2.57
CA ASP B 467 50.20 7.29 3.81
C ASP B 467 48.71 7.59 3.75
N THR B 468 48.10 7.85 4.89
CA THR B 468 46.72 8.33 4.92
C THR B 468 46.79 9.85 5.10
N PHE B 469 46.32 10.61 4.11
CA PHE B 469 46.40 12.08 4.17
C PHE B 469 45.09 12.66 4.71
N ILE B 470 44.94 12.56 6.02
CA ILE B 470 43.72 12.99 6.73
C ILE B 470 44.04 13.51 8.13
N GLY B 471 43.03 14.11 8.76
CA GLY B 471 43.16 14.65 10.11
C GLY B 471 41.80 15.03 10.67
N PRO B 472 41.71 15.22 12.00
CA PRO B 472 40.52 15.75 12.67
C PRO B 472 40.28 17.21 12.33
N GLY B 473 41.29 17.90 11.82
CA GLY B 473 41.12 19.29 11.45
C GLY B 473 40.64 19.47 10.02
N CYS B 474 40.03 20.62 9.76
CA CYS B 474 39.54 20.98 8.43
C CYS B 474 40.70 21.31 7.49
N SER B 475 41.85 21.65 8.05
CA SER B 475 43.05 21.98 7.28
C SER B 475 44.16 20.97 7.53
N LEU B 476 44.81 20.49 6.47
CA LEU B 476 45.91 19.51 6.60
C LEU B 476 45.42 18.15 7.07
N ARG C 20 0.88 56.48 5.10
CA ARG C 20 -0.52 56.17 4.82
C ARG C 20 -1.28 55.96 6.12
N GLU C 21 -2.61 56.09 6.06
CA GLU C 21 -3.47 55.89 7.23
C GLU C 21 -3.82 54.42 7.50
N THR C 22 -3.36 53.52 6.63
CA THR C 22 -3.78 52.12 6.70
C THR C 22 -2.97 51.26 7.65
N GLU C 23 -3.65 50.24 8.20
CA GLU C 23 -3.05 49.23 9.07
C GLU C 23 -1.79 48.59 8.48
N SER C 24 -1.85 48.28 7.19
CA SER C 24 -0.74 47.63 6.49
C SER C 24 0.51 48.51 6.43
N TRP C 25 0.33 49.82 6.32
CA TRP C 25 1.46 50.73 6.33
C TRP C 25 2.14 50.78 7.68
N LYS C 26 1.35 50.90 8.75
CA LYS C 26 1.89 50.94 10.11
C LYS C 26 2.66 49.68 10.43
N LEU C 27 2.11 48.54 10.03
CA LEU C 27 2.75 47.26 10.27
C LEU C 27 4.04 47.12 9.47
N LEU C 28 4.04 47.61 8.23
CA LEU C 28 5.26 47.66 7.44
C LEU C 28 6.27 48.64 8.03
N GLU C 29 5.76 49.73 8.60
CA GLU C 29 6.59 50.74 9.24
C GLU C 29 7.30 50.18 10.48
N SER C 30 6.56 49.40 11.27
CA SER C 30 7.07 48.77 12.49
C SER C 30 8.11 47.68 12.21
N SER C 31 8.11 47.14 11.00
CA SER C 31 9.03 46.08 10.62
C SER C 31 10.46 46.58 10.35
N ILE C 32 10.62 47.88 10.15
CA ILE C 32 11.88 48.44 9.69
C ILE C 32 13.06 48.25 10.68
N ILE C 33 14.22 47.90 10.13
CA ILE C 33 15.44 47.73 10.91
C ILE C 33 16.35 48.96 10.75
N TYR C 34 16.82 49.48 11.87
CA TYR C 34 17.68 50.66 11.86
C TYR C 34 19.12 50.35 12.25
N TYR C 35 20.01 50.78 11.39
CA TYR C 35 21.44 50.64 11.60
C TYR C 35 22.04 52.05 11.60
N GLU C 36 22.45 52.50 12.79
CA GLU C 36 23.02 53.84 12.96
C GLU C 36 22.03 54.95 12.57
N GLY C 37 20.77 54.79 13.00
CA GLY C 37 19.73 55.74 12.70
C GLY C 37 19.30 55.76 11.25
N ASN C 38 19.73 54.76 10.49
CA ASN C 38 19.36 54.66 9.09
C ASN C 38 18.53 53.41 8.83
N PRO C 39 17.42 53.55 8.08
CA PRO C 39 16.64 52.37 7.71
C PRO C 39 17.35 51.54 6.64
N ILE C 40 17.58 50.26 6.92
CA ILE C 40 18.34 49.42 5.99
C ILE C 40 17.60 48.16 5.54
N GLY C 41 16.45 47.86 6.16
CA GLY C 41 15.70 46.67 5.80
C GLY C 41 14.47 46.45 6.64
N THR C 42 13.84 45.28 6.50
CA THR C 42 12.66 44.92 7.30
C THR C 42 12.75 43.50 7.84
N VAL C 43 12.26 43.28 9.05
CA VAL C 43 12.26 41.95 9.64
C VAL C 43 11.28 41.04 8.89
N ALA C 44 11.48 39.73 9.01
CA ALA C 44 10.64 38.75 8.31
C ALA C 44 9.21 38.74 8.87
N ALA C 45 9.09 38.85 10.19
CA ALA C 45 7.77 38.86 10.82
C ALA C 45 7.81 39.53 12.20
N GLN C 46 6.64 39.85 12.73
CA GLN C 46 6.52 40.45 14.05
C GLN C 46 5.49 39.66 14.85
N ASP C 47 5.81 38.40 15.12
CA ASP C 47 4.95 37.50 15.85
C ASP C 47 5.34 37.56 17.33
N PRO C 48 4.41 38.01 18.18
CA PRO C 48 4.76 38.18 19.59
C PRO C 48 4.89 36.87 20.36
N GLU C 49 3.98 35.93 20.10
CA GLU C 49 3.88 34.73 20.92
C GLU C 49 4.96 33.71 20.59
N LEU C 50 5.29 33.58 19.31
CA LEU C 50 6.38 32.71 18.91
C LEU C 50 7.70 33.43 19.07
N ALA C 51 8.73 32.72 19.53
CA ALA C 51 10.07 33.28 19.58
C ALA C 51 10.51 33.62 18.16
N ALA C 52 11.22 34.73 18.02
CA ALA C 52 11.56 35.27 16.69
C ALA C 52 12.47 34.32 15.89
N LEU C 53 13.43 33.70 16.56
CA LEU C 53 14.43 32.83 15.93
C LEU C 53 15.22 33.63 14.89
N ASN C 54 15.21 33.17 13.63
CA ASN C 54 15.81 33.93 12.55
C ASN C 54 14.83 34.88 11.82
N TYR C 55 13.57 34.88 12.22
CA TYR C 55 12.55 35.76 11.61
C TYR C 55 12.60 37.21 12.11
N ASP C 56 13.53 37.51 13.01
CA ASP C 56 13.84 38.89 13.36
C ASP C 56 14.89 39.48 12.42
N GLN C 57 15.41 38.64 11.52
CA GLN C 57 16.36 39.08 10.51
C GLN C 57 15.68 39.60 9.24
N CYS C 58 16.45 40.33 8.44
CA CYS C 58 15.99 40.79 7.14
C CYS C 58 16.51 39.88 6.03
N PHE C 59 15.62 39.02 5.51
CA PHE C 59 15.95 38.18 4.37
C PHE C 59 15.90 39.00 3.09
N LEU C 60 16.91 38.82 2.24
CA LEU C 60 17.00 39.57 1.00
C LEU C 60 15.79 39.34 0.10
N ARG C 61 15.27 38.12 0.08
CA ARG C 61 14.10 37.82 -0.75
C ARG C 61 12.80 38.37 -0.15
N ASP C 62 12.67 38.36 1.18
CA ASP C 62 11.50 38.89 1.86
C ASP C 62 11.42 40.40 1.70
N PHE C 63 12.57 41.05 1.56
CA PHE C 63 12.62 42.49 1.43
C PHE C 63 12.10 43.02 0.10
N VAL C 64 12.33 42.26 -0.97
CA VAL C 64 11.94 42.67 -2.32
C VAL C 64 10.53 43.31 -2.38
N PRO C 65 9.50 42.60 -1.88
CA PRO C 65 8.17 43.21 -1.90
C PRO C 65 8.05 44.42 -0.99
N SER C 66 8.78 44.44 0.13
CA SER C 66 8.82 45.63 0.97
C SER C 66 9.39 46.80 0.19
N ALA C 67 10.57 46.62 -0.39
CA ALA C 67 11.23 47.64 -1.21
C ALA C 67 10.27 48.24 -2.23
N PHE C 68 9.50 47.39 -2.91
CA PHE C 68 8.54 47.85 -3.91
C PHE C 68 7.53 48.84 -3.36
N VAL C 69 7.04 48.60 -2.14
CA VAL C 69 6.11 49.54 -1.51
C VAL C 69 6.80 50.88 -1.30
N PHE C 70 8.00 50.85 -0.73
CA PHE C 70 8.78 52.05 -0.49
C PHE C 70 9.12 52.80 -1.78
N LEU C 71 9.34 52.06 -2.86
CA LEU C 71 9.64 52.69 -4.15
C LEU C 71 8.43 53.44 -4.72
N MET C 72 7.26 52.83 -4.63
CA MET C 72 6.04 53.41 -5.15
C MET C 72 5.47 54.50 -4.23
N ASP C 73 5.86 54.47 -2.95
CA ASP C 73 5.47 55.53 -2.03
C ASP C 73 6.28 56.80 -2.29
N GLY C 74 7.51 56.63 -2.78
CA GLY C 74 8.41 57.73 -3.05
C GLY C 74 9.58 57.82 -2.10
N GLN C 75 9.46 57.16 -0.95
CA GLN C 75 10.53 57.16 0.05
C GLN C 75 11.51 56.00 -0.20
N THR C 76 12.61 56.31 -0.89
CA THR C 76 13.50 55.31 -1.48
C THR C 76 14.86 55.12 -0.78
N ASP C 77 15.07 55.81 0.34
CA ASP C 77 16.34 55.75 1.04
C ASP C 77 16.64 54.36 1.57
N ILE C 78 15.63 53.74 2.19
CA ILE C 78 15.76 52.40 2.73
C ILE C 78 16.18 51.38 1.67
N VAL C 79 15.67 51.52 0.45
CA VAL C 79 16.06 50.63 -0.63
C VAL C 79 17.52 50.88 -1.00
N ARG C 80 17.91 52.14 -1.00
CA ARG C 80 19.27 52.55 -1.32
C ARG C 80 20.23 52.04 -0.24
N ASN C 81 19.85 52.22 1.02
CA ASN C 81 20.65 51.75 2.16
C ASN C 81 20.83 50.23 2.14
N PHE C 82 19.73 49.53 1.91
CA PHE C 82 19.72 48.08 1.75
C PHE C 82 20.74 47.63 0.69
N LEU C 83 20.62 48.18 -0.51
CA LEU C 83 21.52 47.81 -1.61
C LEU C 83 22.98 48.11 -1.27
N ILE C 84 23.22 49.22 -0.59
CA ILE C 84 24.57 49.58 -0.19
C ILE C 84 25.11 48.62 0.86
N GLU C 85 24.34 48.38 1.91
CA GLU C 85 24.79 47.50 2.98
C GLU C 85 24.95 46.04 2.53
N THR C 86 24.02 45.54 1.72
CA THR C 86 24.12 44.17 1.20
C THR C 86 25.32 43.99 0.27
N LEU C 87 25.70 45.04 -0.43
CA LEU C 87 26.93 45.01 -1.24
C LEU C 87 28.18 44.92 -0.35
N THR C 88 28.12 45.55 0.81
CA THR C 88 29.21 45.44 1.78
C THR C 88 29.27 44.02 2.33
N LEU C 89 28.09 43.47 2.63
CA LEU C 89 27.99 42.11 3.16
C LEU C 89 28.64 41.08 2.26
N GLN C 90 28.50 41.25 0.94
CA GLN C 90 29.20 40.43 -0.04
C GLN C 90 30.69 40.29 0.23
N SER C 91 31.30 41.35 0.76
CA SER C 91 32.72 41.36 1.10
C SER C 91 33.07 40.55 2.36
N HIS C 92 32.08 40.30 3.22
CA HIS C 92 32.32 39.62 4.50
C HIS C 92 32.93 38.23 4.31
N GLU C 93 33.81 37.83 5.23
CA GLU C 93 34.37 36.49 5.17
C GLU C 93 33.30 35.47 5.52
N LYS C 94 33.18 34.44 4.70
CA LYS C 94 32.11 33.44 4.87
C LYS C 94 32.73 32.06 4.71
N GLU C 95 32.89 31.36 5.83
CA GLU C 95 33.63 30.11 5.79
C GLU C 95 32.94 29.07 6.69
N MET C 96 32.90 27.82 6.23
CA MET C 96 32.39 26.71 7.04
C MET C 96 33.36 25.54 7.01
N ASP C 97 33.95 25.27 8.18
CA ASP C 97 34.93 24.20 8.34
C ASP C 97 36.05 24.32 7.28
N CYS C 98 36.74 25.46 7.32
CA CYS C 98 37.84 25.79 6.40
C CYS C 98 37.49 25.77 4.92
N PHE C 99 36.23 25.98 4.60
CA PHE C 99 35.81 26.11 3.21
C PHE C 99 35.08 27.44 2.98
N GLN C 100 35.40 28.08 1.86
CA GLN C 100 34.74 29.32 1.46
C GLN C 100 34.03 29.14 0.12
N PRO C 101 32.82 29.71 -0.01
CA PRO C 101 32.13 29.74 -1.31
C PRO C 101 32.66 30.86 -2.21
N GLY C 102 32.05 31.01 -3.38
CA GLY C 102 32.39 32.09 -4.29
C GLY C 102 32.23 33.45 -3.63
N ALA C 103 33.08 34.39 -4.02
CA ALA C 103 33.09 35.71 -3.38
C ALA C 103 31.84 36.54 -3.70
N GLY C 104 31.18 36.24 -4.81
CA GLY C 104 29.98 36.95 -5.21
C GLY C 104 28.69 36.56 -4.51
N LEU C 105 28.75 35.55 -3.65
CA LEU C 105 27.57 35.05 -2.95
C LEU C 105 26.95 36.09 -2.02
N MET C 106 25.68 36.40 -2.24
CA MET C 106 24.91 37.26 -1.35
C MET C 106 24.31 36.45 -0.21
N PRO C 107 24.03 37.11 0.92
CA PRO C 107 23.51 36.36 2.08
C PRO C 107 22.03 36.04 2.03
N ALA C 108 21.62 35.05 2.82
CA ALA C 108 20.21 34.73 3.00
C ALA C 108 19.54 35.85 3.79
N SER C 109 20.17 36.23 4.91
CA SER C 109 19.60 37.21 5.82
C SER C 109 20.70 38.02 6.54
N PHE C 110 20.32 39.16 7.10
CA PHE C 110 21.25 39.91 7.95
C PHE C 110 20.49 40.51 9.12
N LYS C 111 21.21 40.85 10.17
CA LYS C 111 20.62 41.57 11.29
C LYS C 111 21.65 42.46 11.98
N VAL C 112 21.14 43.39 12.77
CA VAL C 112 21.97 44.32 13.52
C VAL C 112 22.22 43.82 14.94
N GLU C 113 23.49 43.75 15.32
CA GLU C 113 23.85 43.41 16.68
C GLU C 113 24.76 44.51 17.24
N SER C 114 24.58 44.82 18.53
CA SER C 114 25.40 45.80 19.23
C SER C 114 25.86 45.21 20.55
N ASP C 115 27.13 44.85 20.61
CA ASP C 115 27.70 44.22 21.80
C ASP C 115 28.67 45.16 22.53
N GLY C 116 29.53 45.82 21.76
CA GLY C 116 30.47 46.78 22.32
C GLY C 116 29.88 48.17 22.38
N SER C 117 28.55 48.28 22.49
CA SER C 117 27.83 49.57 22.44
C SER C 117 27.87 50.15 21.02
N LYS C 118 28.48 49.41 20.10
CA LYS C 118 28.61 49.80 18.71
C LYS C 118 27.86 48.79 17.88
N GLU C 119 27.16 49.28 16.87
CA GLU C 119 26.39 48.42 15.97
C GLU C 119 27.25 47.82 14.87
N TYR C 120 27.03 46.53 14.61
CA TYR C 120 27.68 45.84 13.50
C TYR C 120 26.68 44.87 12.86
N LEU C 121 26.92 44.53 11.60
CA LEU C 121 26.01 43.68 10.85
C LEU C 121 26.47 42.22 10.82
N VAL C 122 25.57 41.32 11.21
CA VAL C 122 25.84 39.89 11.18
C VAL C 122 25.00 39.25 10.06
N ALA C 123 25.63 38.44 9.22
CA ALA C 123 24.94 37.83 8.09
C ALA C 123 24.96 36.30 8.13
N ASP C 124 24.00 35.70 7.43
CA ASP C 124 23.96 34.25 7.22
C ASP C 124 24.01 33.99 5.71
N PHE C 125 25.08 33.35 5.25
CA PHE C 125 25.25 32.96 3.86
C PHE C 125 24.90 31.52 3.61
N GLY C 126 24.27 30.90 4.60
CA GLY C 126 24.08 29.46 4.58
C GLY C 126 24.95 28.74 5.58
N GLU C 127 25.95 29.42 6.13
CA GLU C 127 26.82 28.81 7.12
C GLU C 127 26.13 28.68 8.49
N LYS C 128 25.08 29.48 8.73
CA LYS C 128 24.27 29.32 9.95
C LYS C 128 22.89 28.73 9.67
N ALA C 129 22.51 28.67 8.39
CA ALA C 129 21.14 28.34 7.99
C ALA C 129 20.71 26.92 8.34
N ILE C 130 19.42 26.69 8.46
CA ILE C 130 18.92 25.34 8.71
C ILE C 130 19.19 24.46 7.50
N ALA C 131 19.86 23.35 7.74
CA ALA C 131 20.26 22.38 6.71
C ALA C 131 21.38 22.91 5.82
N ARG C 132 21.97 24.05 6.20
CA ARG C 132 23.03 24.71 5.44
C ARG C 132 22.66 24.93 3.97
N VAL C 133 21.39 25.25 3.75
CA VAL C 133 20.89 25.54 2.41
C VAL C 133 21.53 26.82 1.86
N PRO C 134 21.88 26.83 0.56
CA PRO C 134 22.45 28.05 -0.04
C PRO C 134 21.37 29.04 -0.53
N PRO C 135 21.52 30.33 -0.20
CA PRO C 135 20.57 31.32 -0.71
C PRO C 135 20.96 31.75 -2.11
N VAL C 136 20.77 30.84 -3.06
CA VAL C 136 21.15 31.09 -4.44
C VAL C 136 20.31 32.23 -5.03
N ASP C 137 19.03 32.25 -4.68
CA ASP C 137 18.10 33.24 -5.22
C ASP C 137 18.34 34.65 -4.70
N SER C 138 19.01 34.78 -3.55
CA SER C 138 19.23 36.10 -2.98
C SER C 138 20.09 37.01 -3.87
N CYS C 139 21.17 36.47 -4.41
CA CYS C 139 22.06 37.27 -5.24
C CYS C 139 21.35 37.76 -6.51
N MET C 140 20.41 36.97 -7.01
CA MET C 140 19.67 37.34 -8.22
C MET C 140 18.55 38.34 -7.95
N TRP C 141 17.93 38.22 -6.78
CA TRP C 141 16.96 39.20 -6.33
C TRP C 141 17.65 40.54 -6.10
N TRP C 142 18.85 40.48 -5.53
CA TRP C 142 19.65 41.67 -5.31
C TRP C 142 19.83 42.46 -6.61
N ILE C 143 20.19 41.76 -7.67
CA ILE C 143 20.36 42.37 -8.99
C ILE C 143 19.06 42.94 -9.55
N LEU C 144 17.97 42.21 -9.37
CA LEU C 144 16.66 42.65 -9.84
C LEU C 144 16.13 43.83 -9.03
N LEU C 145 16.39 43.79 -7.73
CA LEU C 145 15.95 44.85 -6.84
C LEU C 145 16.70 46.13 -7.16
N LEU C 146 17.97 45.97 -7.52
CA LEU C 146 18.80 47.07 -7.95
C LEU C 146 18.22 47.75 -9.18
N ARG C 147 17.82 46.94 -10.16
CA ARG C 147 17.21 47.45 -11.39
C ARG C 147 15.90 48.17 -11.07
N ALA C 148 15.11 47.60 -10.18
CA ALA C 148 13.85 48.20 -9.78
C ALA C 148 14.08 49.59 -9.21
N TYR C 149 15.08 49.71 -8.34
CA TYR C 149 15.49 51.00 -7.78
C TYR C 149 15.84 52.00 -8.87
N GLU C 150 16.61 51.54 -9.85
CA GLU C 150 17.05 52.39 -10.95
C GLU C 150 15.88 52.86 -11.82
N LYS C 151 14.96 51.94 -12.12
CA LYS C 151 13.81 52.26 -12.96
C LYS C 151 12.76 53.11 -12.26
N ALA C 152 12.67 52.98 -10.94
CA ALA C 152 11.68 53.71 -10.16
C ALA C 152 12.13 55.14 -9.85
N THR C 153 13.39 55.29 -9.46
CA THR C 153 13.93 56.60 -9.09
C THR C 153 14.52 57.36 -10.28
N GLY C 154 15.07 56.62 -11.25
CA GLY C 154 15.76 57.24 -12.36
C GLY C 154 17.22 57.48 -12.04
N ASP C 155 17.64 57.04 -10.86
CA ASP C 155 19.03 57.17 -10.41
C ASP C 155 19.90 56.11 -11.09
N LEU C 156 20.67 56.52 -12.10
CA LEU C 156 21.58 55.63 -12.81
C LEU C 156 22.94 55.54 -12.12
N THR C 157 23.21 56.49 -11.23
CA THR C 157 24.54 56.60 -10.60
C THR C 157 24.88 55.40 -9.73
N LEU C 158 23.96 55.03 -8.84
CA LEU C 158 24.21 53.99 -7.83
C LEU C 158 24.80 52.70 -8.40
N ALA C 159 24.11 52.11 -9.37
CA ALA C 159 24.54 50.84 -9.98
C ALA C 159 25.87 50.95 -10.72
N ARG C 160 26.18 52.13 -11.24
CA ARG C 160 27.38 52.33 -12.04
C ARG C 160 28.62 52.66 -11.22
N GLU C 161 28.43 52.97 -9.93
CA GLU C 161 29.57 53.22 -9.06
C GLU C 161 30.41 51.97 -9.02
N PRO C 162 31.74 52.14 -9.05
CA PRO C 162 32.68 51.01 -9.20
C PRO C 162 32.43 49.82 -8.28
N LYS C 163 32.05 50.05 -7.02
CA LYS C 163 31.82 48.94 -6.11
C LYS C 163 30.63 48.07 -6.55
N PHE C 164 29.58 48.71 -7.07
CA PHE C 164 28.40 48.00 -7.56
C PHE C 164 28.68 47.20 -8.84
N GLN C 165 29.49 47.76 -9.74
CA GLN C 165 29.86 47.03 -10.96
C GLN C 165 30.70 45.80 -10.59
N ALA C 166 31.49 45.93 -9.53
CA ALA C 166 32.25 44.79 -9.01
C ALA C 166 31.31 43.75 -8.39
N GLY C 167 30.26 44.22 -7.72
CA GLY C 167 29.29 43.36 -7.10
C GLY C 167 28.50 42.53 -8.09
N ILE C 168 28.07 43.16 -9.18
CA ILE C 168 27.35 42.47 -10.25
C ILE C 168 28.24 41.40 -10.89
N LYS C 169 29.45 41.81 -11.28
CA LYS C 169 30.39 40.93 -11.96
C LYS C 169 30.80 39.71 -11.13
N LEU C 170 30.92 39.89 -9.81
CA LEU C 170 31.23 38.76 -8.93
C LEU C 170 30.08 37.75 -8.91
N ILE C 171 28.85 38.24 -8.89
CA ILE C 171 27.68 37.40 -8.98
C ILE C 171 27.67 36.69 -10.32
N LEU C 172 28.00 37.43 -11.38
CA LEU C 172 28.02 36.84 -12.71
C LEU C 172 29.10 35.77 -12.87
N ASP C 173 30.28 36.01 -12.28
CA ASP C 173 31.36 35.02 -12.27
C ASP C 173 30.86 33.70 -11.70
N LEU C 174 30.12 33.81 -10.61
CA LEU C 174 29.58 32.67 -9.88
C LEU C 174 28.45 31.97 -10.64
N CYS C 175 27.55 32.75 -11.24
CA CYS C 175 26.41 32.22 -11.98
C CYS C 175 26.82 31.61 -13.33
N LEU C 176 27.80 32.22 -13.99
CA LEU C 176 28.26 31.76 -15.30
C LEU C 176 29.48 30.85 -15.21
N ALA C 177 29.78 30.39 -13.99
CA ALA C 177 30.89 29.48 -13.75
C ALA C 177 30.76 28.21 -14.60
N HIS C 178 31.90 27.67 -15.02
CA HIS C 178 31.92 26.54 -15.93
C HIS C 178 31.40 25.25 -15.28
N ARG C 179 30.76 24.42 -16.09
CA ARG C 179 30.11 23.22 -15.61
C ARG C 179 30.61 21.97 -16.33
N PHE C 180 30.27 20.82 -15.78
CA PHE C 180 30.49 19.53 -16.43
C PHE C 180 29.37 19.26 -17.40
N SER C 181 28.21 19.82 -17.08
CA SER C 181 26.97 19.62 -17.83
C SER C 181 26.83 20.33 -19.16
N MET C 182 25.99 19.76 -20.01
CA MET C 182 25.69 20.33 -21.32
C MET C 182 24.46 21.25 -21.25
N TYR C 183 23.94 21.44 -20.03
CA TYR C 183 22.75 22.25 -19.84
C TYR C 183 23.18 23.68 -19.54
N PRO C 184 22.54 24.66 -20.19
CA PRO C 184 22.85 26.06 -19.85
C PRO C 184 22.19 26.48 -18.54
N THR C 185 21.32 25.63 -18.00
CA THR C 185 20.68 25.88 -16.71
C THR C 185 21.69 25.86 -15.55
N MET C 186 21.30 26.45 -14.42
CA MET C 186 22.12 26.45 -13.22
C MET C 186 21.82 25.25 -12.33
N LEU C 187 22.87 24.55 -11.92
CA LEU C 187 22.75 23.41 -11.04
C LEU C 187 22.79 23.82 -9.58
N VAL C 188 21.81 23.35 -8.81
CA VAL C 188 21.74 23.64 -7.39
C VAL C 188 21.40 22.39 -6.55
N PRO C 189 21.70 22.44 -5.24
CA PRO C 189 21.16 21.40 -4.36
C PRO C 189 19.73 21.74 -3.95
N ASP C 190 19.10 20.85 -3.20
CA ASP C 190 17.72 21.07 -2.79
C ASP C 190 17.59 22.30 -1.88
N GLY C 191 16.46 22.99 -1.98
CA GLY C 191 16.14 24.12 -1.11
C GLY C 191 16.96 25.37 -1.33
N ALA C 192 17.25 25.67 -2.59
CA ALA C 192 18.18 26.76 -2.91
C ALA C 192 17.50 28.09 -3.20
N PHE C 193 16.20 28.17 -2.94
CA PHE C 193 15.48 29.42 -3.18
C PHE C 193 14.36 29.68 -2.15
N MET C 194 13.30 30.35 -2.58
CA MET C 194 12.15 30.59 -1.72
C MET C 194 11.75 29.33 -0.98
N ILE C 195 11.66 28.22 -1.70
CA ILE C 195 11.56 26.90 -1.09
C ILE C 195 12.94 26.58 -0.54
N ASP C 196 13.14 26.77 0.76
CA ASP C 196 14.46 26.63 1.38
C ASP C 196 14.58 25.39 2.25
N ARG C 197 13.72 24.41 2.00
CA ARG C 197 13.82 23.12 2.66
C ARG C 197 13.83 22.02 1.60
N ARG C 198 14.20 20.81 1.99
CA ARG C 198 14.26 19.72 1.04
C ARG C 198 12.87 19.42 0.47
N MET C 199 12.69 19.63 -0.84
CA MET C 199 11.37 19.48 -1.48
C MET C 199 11.40 18.82 -2.87
N GLY C 200 12.52 18.19 -3.20
CA GLY C 200 12.71 17.66 -4.52
C GLY C 200 12.86 18.76 -5.54
N VAL C 201 13.33 19.93 -5.11
CA VAL C 201 13.59 21.01 -6.03
C VAL C 201 15.10 21.11 -6.33
N TYR C 202 15.82 20.03 -6.04
CA TYR C 202 17.24 19.93 -6.42
C TYR C 202 17.44 19.87 -7.93
N GLU C 203 18.69 20.10 -8.37
CA GLU C 203 19.14 19.98 -9.77
C GLU C 203 18.88 21.28 -10.54
N HIS C 204 17.83 21.33 -11.38
CA HIS C 204 17.54 22.52 -12.19
C HIS C 204 16.11 23.06 -12.03
N PRO C 205 15.76 23.50 -10.81
CA PRO C 205 14.40 23.97 -10.52
C PRO C 205 14.06 25.24 -11.27
N LEU C 206 12.84 25.29 -11.80
CA LEU C 206 12.37 26.39 -12.63
C LEU C 206 12.67 27.77 -12.04
N GLU C 207 12.34 27.98 -10.76
CA GLU C 207 12.54 29.30 -10.13
C GLU C 207 13.96 29.84 -10.32
N ILE C 208 14.95 29.04 -9.94
CA ILE C 208 16.35 29.39 -10.12
C ILE C 208 16.66 29.73 -11.57
N GLN C 209 16.13 28.93 -12.50
CA GLN C 209 16.41 29.14 -13.92
C GLN C 209 15.78 30.42 -14.46
N VAL C 210 14.58 30.76 -14.00
CA VAL C 210 13.87 31.96 -14.44
C VAL C 210 14.49 33.23 -13.83
N LEU C 211 14.81 33.17 -12.54
CA LEU C 211 15.51 34.26 -11.87
C LEU C 211 16.89 34.48 -12.47
N PHE C 212 17.53 33.38 -12.85
CA PHE C 212 18.82 33.39 -13.52
C PHE C 212 18.68 34.09 -14.87
N TYR C 213 17.56 33.84 -15.56
CA TYR C 213 17.29 34.49 -16.83
C TYR C 213 17.05 35.99 -16.66
N ALA C 214 16.19 36.34 -15.71
CA ALA C 214 15.83 37.75 -15.47
C ALA C 214 17.02 38.60 -15.00
N ALA C 215 17.86 38.00 -14.15
CA ALA C 215 19.04 38.67 -13.63
C ALA C 215 20.10 38.91 -14.72
N LEU C 216 20.26 37.96 -15.62
CA LEU C 216 21.13 38.17 -16.77
C LEU C 216 20.62 39.33 -17.60
N ARG C 217 19.30 39.41 -17.73
CA ARG C 217 18.69 40.51 -18.45
C ARG C 217 18.84 41.84 -17.73
N ALA C 218 18.71 41.79 -16.41
CA ALA C 218 18.95 42.96 -15.57
C ALA C 218 20.41 43.41 -15.68
N ALA C 219 21.33 42.46 -15.62
CA ALA C 219 22.75 42.75 -15.78
C ALA C 219 23.04 43.39 -17.15
N ARG C 220 22.29 42.98 -18.15
CA ARG C 220 22.46 43.48 -19.50
C ARG C 220 22.20 44.98 -19.61
N GLU C 221 21.26 45.48 -18.82
CA GLU C 221 21.00 46.92 -18.72
C GLU C 221 21.98 47.64 -17.80
N LEU C 222 22.25 47.03 -16.65
CA LEU C 222 22.98 47.69 -15.57
C LEU C 222 24.48 47.79 -15.79
N LEU C 223 25.04 46.88 -16.58
CA LEU C 223 26.49 46.86 -16.78
C LEU C 223 27.00 47.98 -17.68
N LEU C 224 28.19 48.47 -17.35
CA LEU C 224 28.90 49.42 -18.16
C LEU C 224 29.81 48.64 -19.10
N PRO C 225 29.85 49.03 -20.38
CA PRO C 225 30.72 48.40 -21.38
C PRO C 225 32.21 48.66 -21.11
N ASP C 226 32.50 49.66 -20.27
CA ASP C 226 33.87 50.05 -19.94
C ASP C 226 34.75 48.92 -19.43
N GLY C 227 36.03 48.96 -19.78
CA GLY C 227 36.97 47.96 -19.30
C GLY C 227 36.64 46.55 -19.74
N ASP C 228 36.53 45.65 -18.77
CA ASP C 228 36.14 44.25 -19.02
C ASP C 228 34.63 44.06 -19.07
N GLY C 229 33.88 45.15 -18.98
CA GLY C 229 32.43 45.09 -19.07
C GLY C 229 31.90 44.46 -20.35
N GLU C 230 32.62 44.68 -21.45
CA GLU C 230 32.18 44.15 -22.74
C GLU C 230 32.25 42.62 -22.81
N GLN C 231 33.24 42.01 -22.17
CA GLN C 231 33.34 40.55 -22.12
C GLN C 231 32.19 39.93 -21.33
N TYR C 232 31.77 40.62 -20.28
CA TYR C 232 30.65 40.14 -19.47
C TYR C 232 29.36 40.20 -20.27
N LEU C 233 29.15 41.29 -20.99
CA LEU C 233 27.95 41.44 -21.79
C LEU C 233 27.86 40.36 -22.85
N ASN C 234 28.99 39.98 -23.41
CA ASN C 234 29.05 38.86 -24.37
C ASN C 234 28.72 37.52 -23.72
N LYS C 235 29.28 37.30 -22.52
CA LYS C 235 28.99 36.10 -21.73
C LYS C 235 27.52 36.06 -21.38
N VAL C 236 27.02 37.16 -20.82
CA VAL C 236 25.60 37.30 -20.48
C VAL C 236 24.73 37.00 -21.69
N HIS C 237 25.05 37.63 -22.81
CA HIS C 237 24.27 37.50 -24.03
C HIS C 237 24.23 36.08 -24.59
N GLY C 238 25.39 35.44 -24.69
CA GLY C 238 25.48 34.08 -25.18
C GLY C 238 24.71 33.11 -24.29
N ARG C 239 24.80 33.32 -22.97
CA ARG C 239 24.12 32.45 -22.03
C ARG C 239 22.59 32.59 -22.15
N LEU C 240 22.12 33.83 -22.26
CA LEU C 240 20.68 34.11 -22.36
C LEU C 240 19.99 33.40 -23.53
N GLY C 241 20.60 33.43 -24.70
CA GLY C 241 20.03 32.77 -25.85
C GLY C 241 19.95 31.28 -25.65
N ALA C 242 21.00 30.69 -25.10
CA ALA C 242 21.03 29.26 -24.82
C ALA C 242 20.02 28.91 -23.74
N LEU C 243 19.93 29.77 -22.73
CA LEU C 243 19.04 29.52 -21.60
C LEU C 243 17.58 29.51 -22.01
N GLN C 244 17.13 30.57 -22.68
CA GLN C 244 15.74 30.68 -23.11
C GLN C 244 15.34 29.53 -24.04
N TYR C 245 16.22 29.13 -24.96
CA TYR C 245 15.92 28.00 -25.86
C TYR C 245 15.69 26.73 -25.07
N HIS C 246 16.57 26.47 -24.11
CA HIS C 246 16.49 25.29 -23.26
C HIS C 246 15.21 25.26 -22.42
N ILE C 247 14.92 26.37 -21.75
CA ILE C 247 13.73 26.45 -20.90
C ILE C 247 12.48 26.23 -21.77
N ARG C 248 12.35 27.01 -22.83
CA ARG C 248 11.14 26.98 -23.65
C ARG C 248 10.93 25.64 -24.39
N ASN C 249 11.96 25.08 -24.99
CA ASN C 249 11.81 23.82 -25.74
C ASN C 249 11.59 22.57 -24.86
N TYR C 250 12.20 22.54 -23.68
CA TYR C 250 12.21 21.33 -22.86
C TYR C 250 11.36 21.39 -21.58
N TYR C 251 11.12 22.59 -21.04
CA TYR C 251 10.29 22.74 -19.85
C TYR C 251 8.83 22.97 -20.20
N TRP C 252 8.56 23.44 -21.42
CA TRP C 252 7.17 23.78 -21.75
C TRP C 252 6.26 22.54 -21.78
N VAL C 253 5.17 22.61 -21.03
CA VAL C 253 4.21 21.54 -20.99
C VAL C 253 2.87 22.03 -21.51
N ASP C 254 2.34 21.33 -22.51
CA ASP C 254 0.94 21.44 -22.91
C ASP C 254 0.54 20.07 -23.48
N LEU C 255 -0.71 19.91 -23.88
CA LEU C 255 -1.20 18.61 -24.37
C LEU C 255 -0.43 18.10 -25.57
N LYS C 256 -0.13 18.99 -26.50
CA LYS C 256 0.62 18.60 -27.69
C LYS C 256 1.98 18.01 -27.32
N ARG C 257 2.71 18.71 -26.46
CA ARG C 257 4.01 18.26 -25.99
C ARG C 257 3.84 16.95 -25.22
N LEU C 258 2.76 16.87 -24.44
CA LEU C 258 2.44 15.71 -23.63
C LEU C 258 2.22 14.47 -24.49
N ARG C 259 1.48 14.62 -25.58
CA ARG C 259 1.24 13.52 -26.49
C ARG C 259 2.51 13.02 -27.16
N GLU C 260 3.46 13.93 -27.38
CA GLU C 260 4.73 13.57 -27.96
C GLU C 260 5.60 12.79 -26.97
N ILE C 261 5.77 13.34 -25.77
CA ILE C 261 6.54 12.70 -24.70
C ILE C 261 5.96 11.34 -24.38
N TYR C 262 4.64 11.28 -24.24
CA TYR C 262 3.96 10.03 -23.95
C TYR C 262 4.35 8.92 -24.93
N ARG C 263 4.63 9.29 -26.18
CA ARG C 263 4.98 8.30 -27.19
C ARG C 263 6.49 8.21 -27.43
N TYR C 264 7.29 8.79 -26.54
CA TYR C 264 8.74 8.65 -26.63
C TYR C 264 9.21 7.20 -26.50
N LYS C 265 10.14 6.81 -27.37
CA LYS C 265 10.84 5.55 -27.22
C LYS C 265 11.95 5.73 -26.19
N GLY C 266 12.21 4.70 -25.42
CA GLY C 266 13.18 4.76 -24.35
C GLY C 266 14.60 4.53 -24.82
N ASN C 267 15.56 5.04 -24.05
CA ASN C 267 16.98 4.74 -24.24
C ASN C 267 17.54 5.09 -25.61
N GLU C 268 17.01 6.17 -26.18
CA GLU C 268 17.56 6.73 -27.40
C GLU C 268 18.96 7.27 -27.11
N PHE C 269 19.83 7.13 -28.10
CA PHE C 269 21.24 7.49 -28.00
C PHE C 269 21.63 8.37 -29.18
N GLY C 270 22.57 9.29 -28.99
CA GLY C 270 23.02 10.16 -30.06
C GLY C 270 22.46 11.57 -30.01
N LYS C 271 22.81 12.40 -31.00
CA LYS C 271 22.46 13.83 -30.97
C LYS C 271 21.08 14.16 -31.53
N GLU C 272 20.70 13.52 -32.63
CA GLU C 272 19.40 13.81 -33.22
C GLU C 272 18.33 12.82 -32.77
N ILE C 273 17.90 12.99 -31.53
CA ILE C 273 16.87 12.17 -30.93
C ILE C 273 15.81 13.04 -30.28
N ALA C 274 14.60 12.51 -30.19
CA ALA C 274 13.52 13.23 -29.55
C ALA C 274 13.72 13.25 -28.04
N ASN C 275 13.83 12.07 -27.44
CA ASN C 275 13.90 11.93 -25.99
C ASN C 275 15.31 12.07 -25.45
N LYS C 276 15.80 13.30 -25.44
CA LYS C 276 17.18 13.60 -25.05
C LYS C 276 17.49 13.26 -23.59
N PHE C 277 16.55 13.52 -22.70
CA PHE C 277 16.80 13.36 -21.28
C PHE C 277 16.21 12.05 -20.76
N ASN C 278 15.80 11.20 -21.70
CA ASN C 278 15.34 9.84 -21.42
C ASN C 278 14.17 9.78 -20.44
N ILE C 279 13.14 10.57 -20.71
CA ILE C 279 11.94 10.53 -19.90
C ILE C 279 11.12 9.32 -20.32
N PHE C 280 10.81 8.46 -19.35
CA PHE C 280 9.97 7.29 -19.61
C PHE C 280 8.50 7.68 -19.48
N SER C 281 7.73 7.44 -20.55
CA SER C 281 6.32 7.85 -20.58
C SER C 281 5.50 7.38 -19.39
N GLN C 282 5.65 6.12 -19.01
CA GLN C 282 4.86 5.56 -17.94
C GLN C 282 5.03 6.36 -16.65
N SER C 283 6.14 7.06 -16.54
CA SER C 283 6.39 7.85 -15.35
C SER C 283 5.62 9.18 -15.31
N ILE C 284 5.03 9.60 -16.43
CA ILE C 284 4.21 10.81 -16.43
C ILE C 284 3.04 10.63 -15.46
N PRO C 285 2.84 11.57 -14.53
CA PRO C 285 1.78 11.36 -13.54
C PRO C 285 0.38 11.42 -14.18
N ASP C 286 -0.59 10.73 -13.59
CA ASP C 286 -1.93 10.62 -14.18
C ASP C 286 -2.69 11.95 -14.14
N TRP C 287 -2.42 12.74 -13.10
CA TRP C 287 -3.17 13.96 -12.86
C TRP C 287 -2.96 14.96 -13.98
N VAL C 288 -1.72 15.09 -14.47
CA VAL C 288 -1.39 16.18 -15.40
C VAL C 288 -2.24 16.17 -16.67
N ILE C 289 -2.56 14.99 -17.19
CA ILE C 289 -3.30 14.86 -18.45
C ILE C 289 -4.74 15.39 -18.30
N GLU C 290 -5.35 15.09 -17.17
CA GLU C 290 -6.69 15.61 -16.91
C GLU C 290 -6.66 17.09 -16.57
N TRP C 291 -5.57 17.52 -15.94
CA TRP C 291 -5.48 18.86 -15.34
C TRP C 291 -5.47 20.00 -16.34
N LEU C 292 -4.70 19.83 -17.41
CA LEU C 292 -4.54 20.86 -18.43
C LEU C 292 -5.82 21.08 -19.21
N PRO C 293 -6.20 22.34 -19.41
CA PRO C 293 -7.21 22.57 -20.44
C PRO C 293 -6.55 22.51 -21.81
N GLU C 294 -7.36 22.39 -22.86
CA GLU C 294 -6.85 22.37 -24.23
C GLU C 294 -6.04 23.63 -24.52
N LYS C 295 -6.50 24.74 -23.94
CA LYS C 295 -5.92 26.04 -24.21
C LYS C 295 -4.78 26.41 -23.25
N GLY C 296 -4.51 25.54 -22.29
CA GLY C 296 -3.57 25.85 -21.23
C GLY C 296 -2.15 25.41 -21.51
N GLY C 297 -1.23 25.78 -20.62
CA GLY C 297 0.16 25.39 -20.74
C GLY C 297 0.97 26.00 -19.61
N TYR C 298 2.13 25.41 -19.31
CA TYR C 298 2.99 25.91 -18.24
C TYR C 298 4.41 25.37 -18.34
N LEU C 299 5.36 26.03 -17.69
CA LEU C 299 6.73 25.53 -17.64
C LEU C 299 6.90 24.54 -16.49
N ALA C 300 7.51 23.39 -16.80
CA ALA C 300 7.73 22.32 -15.82
C ALA C 300 8.56 22.79 -14.63
N GLY C 301 8.43 22.08 -13.51
CA GLY C 301 9.13 22.46 -12.29
C GLY C 301 10.62 22.19 -12.32
N ASN C 302 11.03 21.20 -13.12
CA ASN C 302 12.41 20.77 -13.11
C ASN C 302 12.70 19.81 -14.26
N LEU C 303 13.98 19.75 -14.63
CA LEU C 303 14.43 18.85 -15.68
C LEU C 303 15.84 18.39 -15.39
N GLY C 304 16.09 17.12 -15.64
CA GLY C 304 17.41 16.55 -15.44
C GLY C 304 17.50 15.18 -16.07
N PRO C 305 18.64 14.53 -15.91
CA PRO C 305 18.84 13.20 -16.50
C PRO C 305 17.77 12.22 -16.01
N GLY C 306 16.91 11.77 -16.93
CA GLY C 306 15.84 10.84 -16.60
C GLY C 306 14.77 11.45 -15.73
N ARG C 307 14.70 12.78 -15.69
CA ARG C 307 13.77 13.43 -14.79
C ARG C 307 13.04 14.58 -15.42
N MET C 308 11.75 14.63 -15.17
CA MET C 308 10.93 15.75 -15.54
C MET C 308 9.87 15.93 -14.44
N ASP C 309 10.00 16.98 -13.65
CA ASP C 309 9.05 17.30 -12.60
C ASP C 309 7.89 18.08 -13.21
N PHE C 310 6.71 17.45 -13.24
CA PHE C 310 5.52 18.04 -13.87
C PHE C 310 4.72 18.96 -12.94
N ARG C 311 5.17 19.08 -11.70
CA ARG C 311 4.53 20.03 -10.78
C ARG C 311 4.56 21.46 -11.34
N PHE C 312 3.42 22.14 -11.22
CA PHE C 312 3.34 23.55 -11.56
C PHE C 312 3.92 24.35 -10.41
N PHE C 313 4.94 25.17 -10.69
CA PHE C 313 5.49 26.09 -9.69
C PHE C 313 5.08 27.51 -10.03
N ALA C 314 4.38 28.16 -9.10
CA ALA C 314 3.77 29.47 -9.34
C ALA C 314 4.76 30.59 -9.62
N LEU C 315 5.73 30.77 -8.75
CA LEU C 315 6.65 31.90 -8.91
C LEU C 315 7.32 31.88 -10.27
N GLY C 316 7.98 30.77 -10.58
CA GLY C 316 8.73 30.61 -11.80
C GLY C 316 7.93 30.88 -13.05
N ASN C 317 6.70 30.37 -13.07
CA ASN C 317 5.84 30.59 -14.22
C ASN C 317 5.40 32.05 -14.33
N LEU C 318 5.03 32.64 -13.20
CA LEU C 318 4.63 34.04 -13.16
C LEU C 318 5.81 34.95 -13.49
N MET C 319 6.95 34.68 -12.87
CA MET C 319 8.14 35.46 -13.14
C MET C 319 8.60 35.30 -14.58
N ALA C 320 8.33 34.15 -15.18
CA ALA C 320 8.65 33.90 -16.59
C ALA C 320 7.91 34.87 -17.50
N ILE C 321 6.66 35.13 -17.15
CA ILE C 321 5.86 36.12 -17.85
C ILE C 321 6.50 37.52 -17.70
N LEU C 322 6.82 37.90 -16.47
CA LEU C 322 7.34 39.24 -16.22
C LEU C 322 8.72 39.47 -16.85
N ALA C 323 9.57 38.46 -16.76
CA ALA C 323 10.94 38.56 -17.26
C ALA C 323 10.99 38.52 -18.78
N GLY C 324 9.88 38.15 -19.42
CA GLY C 324 9.84 38.07 -20.86
C GLY C 324 10.40 36.76 -21.39
N LEU C 325 10.37 35.72 -20.57
CA LEU C 325 10.89 34.42 -20.97
C LEU C 325 9.83 33.68 -21.79
N ALA C 326 8.62 33.68 -21.28
CA ALA C 326 7.49 33.10 -22.01
C ALA C 326 7.06 34.01 -23.16
N SER C 327 6.83 33.42 -24.32
CA SER C 327 6.28 34.17 -25.44
C SER C 327 4.92 34.72 -25.06
N GLU C 328 4.47 35.70 -25.82
CA GLU C 328 3.16 36.29 -25.61
C GLU C 328 2.08 35.20 -25.53
N GLU C 329 2.16 34.22 -26.43
CA GLU C 329 1.22 33.12 -26.42
C GLU C 329 1.37 32.22 -25.19
N GLU C 330 2.61 31.89 -24.86
CA GLU C 330 2.91 31.06 -23.70
C GLU C 330 2.39 31.72 -22.41
N SER C 331 2.54 33.04 -22.32
CA SER C 331 2.01 33.82 -21.20
C SER C 331 0.49 33.68 -21.08
N GLN C 332 -0.19 33.82 -22.22
CA GLN C 332 -1.64 33.70 -22.25
C GLN C 332 -2.12 32.31 -21.79
N ARG C 333 -1.44 31.27 -22.27
CA ARG C 333 -1.81 29.91 -21.93
C ARG C 333 -1.58 29.60 -20.45
N ILE C 334 -0.53 30.16 -19.87
CA ILE C 334 -0.31 30.03 -18.43
C ILE C 334 -1.46 30.63 -17.64
N MET C 335 -1.88 31.85 -18.03
CA MET C 335 -2.98 32.52 -17.38
C MET C 335 -4.30 31.77 -17.66
N ASN C 336 -4.44 31.23 -18.86
CA ASN C 336 -5.59 30.34 -19.17
C ASN C 336 -5.65 29.16 -18.23
N LEU C 337 -4.49 28.64 -17.85
CA LEU C 337 -4.39 27.55 -16.91
C LEU C 337 -4.85 28.01 -15.53
N PHE C 338 -4.38 29.19 -15.12
CA PHE C 338 -4.84 29.82 -13.87
C PHE C 338 -6.37 29.96 -13.83
N ALA C 339 -6.94 30.37 -14.95
CA ALA C 339 -8.39 30.57 -15.01
C ALA C 339 -9.15 29.26 -14.91
N HIS C 340 -8.70 28.28 -15.69
CA HIS C 340 -9.33 26.97 -15.74
C HIS C 340 -9.20 26.22 -14.41
N ARG C 341 -8.03 26.29 -13.78
CA ARG C 341 -7.83 25.63 -12.50
C ARG C 341 -7.67 26.66 -11.38
N TRP C 342 -8.56 27.64 -11.40
CA TRP C 342 -8.62 28.70 -10.41
C TRP C 342 -8.66 28.16 -8.98
N GLU C 343 -9.50 27.15 -8.74
CA GLU C 343 -9.66 26.60 -7.39
C GLU C 343 -8.37 25.93 -6.89
N ASP C 344 -7.61 25.29 -7.77
CA ASP C 344 -6.34 24.68 -7.37
C ASP C 344 -5.26 25.72 -7.13
N LEU C 345 -5.13 26.66 -8.05
CA LEU C 345 -4.02 27.61 -8.01
C LEU C 345 -4.25 28.82 -7.11
N ILE C 346 -5.50 29.26 -7.02
CA ILE C 346 -5.85 30.41 -6.20
C ILE C 346 -6.66 29.98 -4.99
N GLY C 347 -7.77 29.29 -5.24
CA GLY C 347 -8.64 28.80 -4.18
C GLY C 347 -9.12 29.91 -3.27
N TYR C 348 -8.93 29.70 -1.96
CA TYR C 348 -9.37 30.66 -0.94
C TYR C 348 -8.28 31.64 -0.55
N MET C 349 -7.06 31.41 -1.01
CA MET C 349 -5.98 32.37 -0.79
C MET C 349 -4.94 32.27 -1.90
N PRO C 350 -4.74 33.34 -2.66
CA PRO C 350 -3.66 33.29 -3.65
C PRO C 350 -2.30 33.44 -2.95
N VAL C 351 -1.23 32.85 -3.45
CA VAL C 351 -1.22 31.95 -4.60
C VAL C 351 -0.59 30.62 -4.15
N LYS C 352 -1.10 29.50 -4.65
CA LYS C 352 -0.51 28.20 -4.33
C LYS C 352 0.90 28.13 -4.86
N ILE C 353 1.85 27.82 -3.97
CA ILE C 353 3.27 27.86 -4.28
C ILE C 353 3.67 26.80 -5.31
N CYS C 354 3.06 25.61 -5.21
CA CYS C 354 3.19 24.61 -6.27
C CYS C 354 2.05 23.61 -6.18
N TYR C 355 1.83 22.88 -7.26
CA TYR C 355 0.74 21.93 -7.35
C TYR C 355 1.16 20.75 -8.20
N PRO C 356 0.77 19.53 -7.80
CA PRO C 356 0.06 19.21 -6.56
C PRO C 356 1.05 18.92 -5.44
N ALA C 357 0.53 18.59 -4.26
CA ALA C 357 1.35 18.25 -3.10
C ALA C 357 1.91 16.84 -3.22
N LEU C 358 3.09 16.64 -2.65
CA LEU C 358 3.65 15.30 -2.47
C LEU C 358 2.91 14.61 -1.33
N GLN C 359 2.45 13.39 -1.56
CA GLN C 359 1.60 12.73 -0.58
C GLN C 359 2.13 11.36 -0.17
N GLY C 360 1.81 10.97 1.06
CA GLY C 360 2.12 9.64 1.54
C GLY C 360 3.60 9.30 1.46
N LEU C 361 3.89 8.19 0.81
CA LEU C 361 5.27 7.71 0.75
C LEU C 361 6.16 8.64 -0.07
N GLU C 362 5.56 9.33 -1.04
CA GLU C 362 6.27 10.29 -1.86
C GLU C 362 6.74 11.47 -1.01
N TRP C 363 5.88 11.90 -0.09
CA TRP C 363 6.28 12.92 0.89
C TRP C 363 7.46 12.41 1.74
N GLN C 364 7.41 11.14 2.16
CA GLN C 364 8.47 10.60 3.02
C GLN C 364 9.81 10.56 2.29
N ILE C 365 9.81 10.08 1.07
CA ILE C 365 11.02 9.94 0.29
C ILE C 365 11.63 11.28 -0.10
N VAL C 366 10.81 12.13 -0.71
CA VAL C 366 11.29 13.37 -1.27
C VAL C 366 11.71 14.39 -0.22
N THR C 367 10.92 14.56 0.84
CA THR C 367 11.23 15.56 1.87
C THR C 367 12.04 15.01 3.05
N GLY C 368 12.25 13.69 3.10
CA GLY C 368 12.93 13.06 4.23
C GLY C 368 12.10 13.15 5.51
N CYS C 369 10.80 12.91 5.37
CA CYS C 369 9.83 13.01 6.47
C CYS C 369 9.87 14.38 7.19
N ASP C 370 9.89 15.46 6.42
CA ASP C 370 9.95 16.81 6.99
C ASP C 370 8.57 17.24 7.52
N PRO C 371 8.43 17.34 8.85
CA PRO C 371 7.09 17.58 9.40
C PRO C 371 6.57 18.99 9.14
N LYS C 372 7.42 19.92 8.73
CA LYS C 372 6.90 21.22 8.34
C LYS C 372 6.30 21.23 6.93
N ASN C 373 6.63 20.23 6.12
CA ASN C 373 6.13 20.16 4.74
C ASN C 373 5.21 18.97 4.48
N ILE C 374 4.33 18.66 5.44
CA ILE C 374 3.30 17.66 5.26
C ILE C 374 2.43 18.11 4.06
N PRO C 375 1.68 17.19 3.44
CA PRO C 375 0.95 17.56 2.20
C PRO C 375 0.04 18.80 2.36
N TRP C 376 0.08 19.68 1.37
CA TRP C 376 -0.73 20.89 1.33
C TRP C 376 -0.34 21.90 2.43
N SER C 377 0.90 21.82 2.87
CA SER C 377 1.39 22.72 3.89
C SER C 377 2.73 23.32 3.48
N TYR C 378 2.86 24.63 3.68
CA TYR C 378 4.13 25.33 3.53
C TYR C 378 4.64 25.26 2.08
N HIS C 379 5.82 24.69 1.88
CA HIS C 379 6.36 24.52 0.52
C HIS C 379 5.61 23.45 -0.27
N ASN C 380 5.01 22.50 0.44
CA ASN C 380 4.41 21.34 -0.24
C ASN C 380 2.94 21.56 -0.60
N GLY C 381 2.71 22.51 -1.50
CA GLY C 381 1.35 22.80 -1.95
C GLY C 381 0.59 23.77 -1.06
N GLY C 382 1.29 24.60 -0.33
CA GLY C 382 0.69 25.64 0.49
C GLY C 382 0.28 26.85 -0.34
N ASN C 383 -0.47 27.76 0.27
CA ASN C 383 -0.85 29.02 -0.38
C ASN C 383 -0.18 30.21 0.29
N TRP C 384 0.50 31.02 -0.53
CA TRP C 384 1.33 32.11 -0.01
C TRP C 384 0.81 33.46 -0.48
N PRO C 385 0.31 34.27 0.46
CA PRO C 385 -0.16 35.63 0.16
C PRO C 385 0.84 36.46 -0.65
N VAL C 386 2.12 36.43 -0.28
CA VAL C 386 3.14 37.22 -0.96
C VAL C 386 3.11 37.11 -2.49
N LEU C 387 2.84 35.91 -3.00
CA LEU C 387 2.86 35.65 -4.44
C LEU C 387 1.82 36.45 -5.21
N LEU C 388 0.89 37.05 -4.48
CA LEU C 388 -0.12 37.91 -5.06
C LEU C 388 0.48 39.02 -5.92
N TRP C 389 1.61 39.57 -5.49
CA TRP C 389 2.22 40.66 -6.27
C TRP C 389 2.73 40.16 -7.62
N LEU C 390 3.30 38.97 -7.65
CA LEU C 390 3.73 38.36 -8.91
C LEU C 390 2.52 38.12 -9.83
N PHE C 391 1.46 37.61 -9.22
CA PHE C 391 0.26 37.26 -9.95
C PHE C 391 -0.42 38.50 -10.54
N THR C 392 -0.46 39.58 -9.75
CA THR C 392 -1.09 40.83 -10.18
C THR C 392 -0.30 41.47 -11.32
N ALA C 393 1.01 41.54 -11.16
CA ALA C 393 1.87 42.05 -12.23
C ALA C 393 1.66 41.25 -13.53
N ALA C 394 1.67 39.92 -13.42
CA ALA C 394 1.50 39.05 -14.57
C ALA C 394 0.09 39.19 -15.20
N ALA C 395 -0.92 39.34 -14.35
CA ALA C 395 -2.29 39.49 -14.84
C ALA C 395 -2.47 40.82 -15.57
N LEU C 396 -1.85 41.87 -15.05
CA LEU C 396 -1.84 43.17 -15.73
C LEU C 396 -1.09 43.14 -17.07
N LYS C 397 0.08 42.52 -17.07
CA LYS C 397 0.93 42.40 -18.27
C LYS C 397 0.24 41.66 -19.41
N THR C 398 -0.58 40.69 -19.05
CA THR C 398 -1.30 39.86 -20.01
C THR C 398 -2.73 40.35 -20.28
N GLY C 399 -3.07 41.54 -19.77
CA GLY C 399 -4.38 42.11 -19.98
C GLY C 399 -5.52 41.30 -19.40
N LYS C 400 -5.30 40.79 -18.20
CA LYS C 400 -6.33 39.98 -17.54
C LYS C 400 -6.60 40.56 -16.16
N VAL C 401 -7.03 41.81 -16.13
CA VAL C 401 -7.26 42.54 -14.88
C VAL C 401 -8.28 41.88 -13.98
N GLU C 402 -9.35 41.38 -14.59
CA GLU C 402 -10.41 40.71 -13.82
C GLU C 402 -9.85 39.64 -12.87
N LEU C 403 -8.83 38.91 -13.31
CA LEU C 403 -8.17 37.91 -12.47
C LEU C 403 -7.43 38.57 -11.33
N ALA C 404 -6.79 39.70 -11.63
CA ALA C 404 -6.12 40.48 -10.60
C ALA C 404 -7.11 40.99 -9.54
N HIS C 405 -8.24 41.55 -9.98
CA HIS C 405 -9.29 42.05 -9.07
C HIS C 405 -9.77 40.94 -8.13
N GLU C 406 -10.06 39.79 -8.70
CA GLU C 406 -10.59 38.66 -7.96
C GLU C 406 -9.58 38.10 -6.94
N ALA C 407 -8.33 37.99 -7.35
CA ALA C 407 -7.28 37.48 -6.47
C ALA C 407 -7.13 38.36 -5.23
N ILE C 408 -7.10 39.68 -5.44
CA ILE C 408 -6.95 40.63 -4.33
C ILE C 408 -8.15 40.60 -3.39
N ALA C 409 -9.35 40.62 -3.96
CA ALA C 409 -10.58 40.55 -3.18
C ALA C 409 -10.52 39.41 -2.17
N ILE C 410 -10.17 38.23 -2.68
CA ILE C 410 -10.06 37.01 -1.87
C ILE C 410 -9.04 37.18 -0.74
N ALA C 411 -7.87 37.71 -1.06
CA ALA C 411 -6.83 37.94 -0.06
C ALA C 411 -7.20 39.04 0.93
N GLU C 412 -7.81 40.13 0.44
CA GLU C 412 -8.26 41.22 1.31
C GLU C 412 -9.32 40.78 2.31
N GLY C 413 -10.13 39.81 1.90
CA GLY C 413 -11.19 39.31 2.74
C GLY C 413 -10.73 38.52 3.97
N ARG C 414 -9.49 38.06 3.98
CA ARG C 414 -9.02 37.20 5.07
C ARG C 414 -7.81 37.74 5.83
N LEU C 415 -6.85 38.27 5.08
CA LEU C 415 -5.52 38.59 5.62
C LEU C 415 -5.52 39.42 6.89
N SER C 416 -6.25 40.54 6.87
CA SER C 416 -6.25 41.45 8.01
C SER C 416 -6.91 40.82 9.25
N ASN C 417 -8.01 40.10 9.05
CA ASN C 417 -8.68 39.40 10.14
C ASN C 417 -7.86 38.20 10.67
N ASP C 418 -7.05 37.61 9.79
CA ASP C 418 -6.17 36.51 10.17
C ASP C 418 -4.82 37.00 10.69
N LYS C 419 -4.65 38.32 10.72
CA LYS C 419 -3.42 38.97 11.19
C LYS C 419 -2.24 38.69 10.25
N PHE C 420 -2.52 38.61 8.95
CA PHE C 420 -1.50 38.41 7.92
C PHE C 420 -0.56 37.22 8.15
N PRO C 421 -1.10 36.00 8.07
CA PRO C 421 -0.27 34.81 8.25
C PRO C 421 0.80 34.65 7.18
N GLU C 422 1.90 34.02 7.57
CA GLU C 422 3.01 33.73 6.65
C GLU C 422 2.58 32.93 5.44
N TYR C 423 1.71 31.94 5.66
CA TYR C 423 1.19 31.10 4.59
C TYR C 423 -0.13 30.45 4.96
N TYR C 424 -0.76 29.78 4.01
CA TYR C 424 -2.01 29.08 4.24
C TYR C 424 -1.90 27.65 3.73
N ASP C 425 -2.68 26.74 4.31
CA ASP C 425 -2.59 25.31 4.01
C ASP C 425 -3.89 24.74 3.49
N GLY C 426 -3.80 23.54 2.91
CA GLY C 426 -4.94 22.83 2.39
C GLY C 426 -4.93 22.72 0.88
N ASN C 427 -5.81 21.89 0.36
CA ASN C 427 -5.98 21.76 -1.08
C ASN C 427 -6.28 23.12 -1.72
N ASN C 428 -7.08 23.93 -1.03
CA ASN C 428 -7.57 25.20 -1.55
C ASN C 428 -7.22 26.42 -0.70
N GLY C 429 -6.30 26.22 0.26
CA GLY C 429 -5.86 27.29 1.14
C GLY C 429 -6.85 27.68 2.23
N ARG C 430 -7.82 26.80 2.51
CA ARG C 430 -8.80 27.06 3.56
C ARG C 430 -8.19 27.24 4.93
N LEU C 431 -7.13 26.50 5.22
CA LEU C 431 -6.51 26.54 6.53
C LEU C 431 -5.43 27.60 6.67
N ILE C 432 -5.33 28.21 7.84
CA ILE C 432 -4.19 29.04 8.13
C ILE C 432 -3.01 28.09 8.34
N GLY C 433 -1.83 28.51 7.90
CA GLY C 433 -0.63 27.68 7.93
C GLY C 433 -0.35 27.06 9.28
N LYS C 434 0.05 25.79 9.28
CA LYS C 434 0.28 25.02 10.51
C LYS C 434 1.25 25.70 11.47
N GLU C 435 2.42 26.07 10.97
CA GLU C 435 3.42 26.74 11.76
C GLU C 435 3.65 28.18 11.30
N ALA C 436 2.67 28.74 10.60
CA ALA C 436 2.82 30.06 10.02
C ALA C 436 2.96 31.16 11.06
N ARG C 437 3.90 32.07 10.84
CA ARG C 437 4.07 33.22 11.70
C ARG C 437 3.04 34.27 11.26
N ILE C 438 2.49 35.01 12.22
CA ILE C 438 1.52 36.07 11.92
C ILE C 438 2.26 37.39 11.82
N TYR C 439 1.59 38.41 11.26
CA TYR C 439 2.23 39.68 10.91
C TYR C 439 3.51 39.43 10.13
N GLN C 440 3.43 38.54 9.14
CA GLN C 440 4.55 38.25 8.27
C GLN C 440 4.71 39.42 7.31
N THR C 441 5.92 39.98 7.24
CA THR C 441 6.13 41.24 6.53
C THR C 441 5.79 41.19 5.04
N TRP C 442 6.37 40.24 4.30
CA TRP C 442 6.12 40.18 2.85
C TRP C 442 4.69 39.74 2.54
N SER C 443 4.02 39.16 3.52
CA SER C 443 2.62 38.86 3.34
C SER C 443 1.84 40.20 3.30
N ILE C 444 2.23 41.10 4.19
CA ILE C 444 1.66 42.44 4.25
C ILE C 444 2.13 43.23 3.03
N ALA C 445 3.41 43.13 2.71
CA ALA C 445 3.96 43.83 1.56
C ALA C 445 3.36 43.36 0.24
N GLY C 446 3.03 42.07 0.15
CA GLY C 446 2.47 41.49 -1.05
C GLY C 446 1.11 42.07 -1.44
N LEU C 447 0.25 42.23 -0.45
CA LEU C 447 -1.07 42.81 -0.69
C LEU C 447 -0.95 44.28 -1.08
N LEU C 448 -0.06 45.02 -0.40
CA LEU C 448 0.15 46.43 -0.75
C LEU C 448 0.62 46.60 -2.18
N VAL C 449 1.62 45.83 -2.58
CA VAL C 449 2.21 45.93 -3.91
C VAL C 449 1.18 45.61 -5.02
N ALA C 450 0.30 44.66 -4.74
CA ALA C 450 -0.73 44.28 -5.69
C ALA C 450 -1.72 45.42 -5.87
N LYS C 451 -2.13 46.01 -4.75
CA LYS C 451 -3.00 47.18 -4.78
C LYS C 451 -2.33 48.36 -5.50
N GLN C 452 -1.09 48.66 -5.15
CA GLN C 452 -0.34 49.72 -5.81
C GLN C 452 -0.20 49.47 -7.31
N PHE C 453 0.03 48.21 -7.69
CA PHE C 453 0.08 47.83 -9.10
C PHE C 453 -1.25 48.02 -9.80
N LEU C 454 -2.33 47.72 -9.10
CA LEU C 454 -3.65 47.86 -9.68
C LEU C 454 -3.96 49.33 -9.92
N ALA C 455 -3.76 50.14 -8.88
CA ALA C 455 -3.94 51.59 -8.95
C ALA C 455 -3.12 52.24 -10.07
N ASN C 456 -1.88 51.80 -10.25
CA ASN C 456 -1.03 52.32 -11.33
C ASN C 456 -0.19 51.21 -11.97
N PRO C 457 -0.74 50.54 -12.99
CA PRO C 457 -0.10 49.40 -13.65
C PRO C 457 1.24 49.71 -14.32
N ASP C 458 1.56 51.00 -14.49
CA ASP C 458 2.86 51.38 -15.03
C ASP C 458 4.02 50.93 -14.15
N HIS C 459 3.78 50.79 -12.85
CA HIS C 459 4.81 50.36 -11.91
C HIS C 459 5.36 48.95 -12.17
N VAL C 460 4.56 48.10 -12.82
CA VAL C 460 4.99 46.75 -13.19
C VAL C 460 6.31 46.82 -13.98
N GLU C 461 6.51 47.91 -14.71
CA GLU C 461 7.75 48.12 -15.48
C GLU C 461 9.03 48.00 -14.63
N PHE C 462 8.91 48.13 -13.31
CA PHE C 462 10.07 47.99 -12.41
C PHE C 462 10.57 46.55 -12.29
N ILE C 463 9.64 45.61 -12.19
CA ILE C 463 10.00 44.20 -12.02
C ILE C 463 9.82 43.38 -13.31
N SER C 464 9.42 44.03 -14.39
CA SER C 464 9.23 43.31 -15.64
C SER C 464 10.07 43.87 -16.77
N PHE C 465 10.17 43.10 -17.85
CA PHE C 465 10.89 43.52 -19.04
C PHE C 465 9.90 43.65 -20.21
N PRO C 466 9.86 44.82 -20.86
CA PRO C 466 8.92 45.00 -21.97
C PRO C 466 9.25 44.13 -23.18
N ASP C 467 10.53 44.03 -23.52
CA ASP C 467 10.99 43.21 -24.63
C ASP C 467 10.94 41.72 -24.31
N THR C 468 10.78 40.89 -25.36
CA THR C 468 10.74 39.44 -25.20
C THR C 468 12.13 38.83 -25.01
N PHE C 469 13.03 39.20 -25.90
CA PHE C 469 14.37 38.60 -25.98
C PHE C 469 14.31 37.07 -26.00
N ILE C 470 13.62 36.55 -27.00
CA ILE C 470 13.52 35.12 -27.23
C ILE C 470 13.60 34.88 -28.74
N GLY C 471 14.06 33.70 -29.13
CA GLY C 471 14.13 33.36 -30.53
C GLY C 471 13.78 31.91 -30.73
N PRO C 472 13.65 31.49 -31.99
CA PRO C 472 13.45 30.07 -32.34
C PRO C 472 14.76 29.30 -32.34
N GLY C 473 15.85 29.97 -31.95
CA GLY C 473 17.17 29.36 -31.95
C GLY C 473 17.94 29.56 -30.66
N CYS C 474 19.08 28.87 -30.58
CA CYS C 474 19.96 28.91 -29.41
C CYS C 474 20.72 30.24 -29.28
N SER C 475 20.82 30.98 -30.38
CA SER C 475 21.47 32.29 -30.36
C SER C 475 20.43 33.39 -30.48
N LEU C 476 20.57 34.43 -29.65
CA LEU C 476 19.66 35.58 -29.65
C LEU C 476 18.24 35.19 -29.25
N ARG D 20 -55.10 2.74 11.79
CA ARG D 20 -55.24 3.08 10.37
C ARG D 20 -55.39 1.80 9.54
N GLU D 21 -55.54 1.97 8.23
CA GLU D 21 -55.70 0.83 7.33
C GLU D 21 -54.48 0.53 6.48
N THR D 22 -53.43 1.36 6.58
CA THR D 22 -52.30 1.20 5.68
C THR D 22 -51.58 -0.10 6.03
N GLU D 23 -50.88 -0.65 5.05
CA GLU D 23 -50.10 -1.87 5.21
C GLU D 23 -49.02 -1.71 6.29
N SER D 24 -48.45 -0.52 6.39
CA SER D 24 -47.41 -0.25 7.38
C SER D 24 -48.01 -0.47 8.77
N TRP D 25 -49.25 -0.02 8.96
CA TRP D 25 -49.93 -0.26 10.22
C TRP D 25 -50.13 -1.74 10.44
N LYS D 26 -50.58 -2.42 9.40
CA LYS D 26 -50.82 -3.86 9.45
C LYS D 26 -49.58 -4.63 9.89
N LEU D 27 -48.42 -4.22 9.38
CA LEU D 27 -47.15 -4.86 9.70
C LEU D 27 -46.70 -4.57 11.11
N LEU D 28 -46.86 -3.32 11.53
CA LEU D 28 -46.55 -2.93 12.90
C LEU D 28 -47.47 -3.63 13.90
N GLU D 29 -48.71 -3.89 13.48
CA GLU D 29 -49.68 -4.62 14.29
C GLU D 29 -49.29 -6.08 14.44
N SER D 30 -48.81 -6.68 13.35
CA SER D 30 -48.38 -8.07 13.35
C SER D 30 -47.03 -8.28 14.07
N SER D 31 -46.32 -7.19 14.30
CA SER D 31 -45.03 -7.23 14.98
C SER D 31 -45.16 -7.38 16.49
N ILE D 32 -46.35 -7.12 17.01
CA ILE D 32 -46.56 -6.96 18.45
C ILE D 32 -46.34 -8.26 19.21
N ILE D 33 -45.74 -8.14 20.39
CA ILE D 33 -45.51 -9.27 21.28
C ILE D 33 -46.45 -9.20 22.47
N TYR D 34 -47.15 -10.30 22.75
CA TYR D 34 -48.10 -10.34 23.85
C TYR D 34 -47.60 -11.17 25.02
N TYR D 35 -47.92 -10.71 26.22
CA TYR D 35 -47.54 -11.38 27.46
C TYR D 35 -48.73 -11.37 28.40
N GLU D 36 -49.29 -12.56 28.65
CA GLU D 36 -50.49 -12.70 29.45
C GLU D 36 -51.65 -11.89 28.85
N GLY D 37 -51.80 -12.01 27.53
CA GLY D 37 -52.83 -11.27 26.81
C GLY D 37 -52.55 -9.78 26.63
N ASN D 38 -51.55 -9.26 27.32
CA ASN D 38 -51.24 -7.84 27.29
C ASN D 38 -50.11 -7.50 26.29
N PRO D 39 -50.25 -6.36 25.58
CA PRO D 39 -49.19 -5.91 24.67
C PRO D 39 -48.00 -5.30 25.44
N ILE D 40 -46.80 -5.85 25.26
CA ILE D 40 -45.63 -5.39 26.01
C ILE D 40 -44.50 -4.87 25.12
N GLY D 41 -44.48 -5.28 23.85
CA GLY D 41 -43.46 -4.81 22.94
C GLY D 41 -43.63 -5.36 21.53
N THR D 42 -42.64 -5.08 20.68
CA THR D 42 -42.66 -5.54 19.30
C THR D 42 -41.33 -6.18 18.90
N VAL D 43 -41.39 -7.17 18.00
CA VAL D 43 -40.20 -7.84 17.48
C VAL D 43 -39.33 -6.86 16.70
N ALA D 44 -38.03 -7.16 16.60
CA ALA D 44 -37.09 -6.35 15.83
C ALA D 44 -37.40 -6.42 14.33
N ALA D 45 -37.74 -7.63 13.87
CA ALA D 45 -38.05 -7.85 12.46
C ALA D 45 -38.97 -9.05 12.27
N GLN D 46 -39.64 -9.09 11.13
CA GLN D 46 -40.52 -10.20 10.77
C GLN D 46 -40.05 -10.86 9.47
N ASP D 47 -38.74 -10.93 9.28
CA ASP D 47 -38.18 -11.55 8.08
C ASP D 47 -38.59 -13.02 8.01
N PRO D 48 -39.21 -13.43 6.90
CA PRO D 48 -39.66 -14.82 6.80
C PRO D 48 -38.54 -15.84 6.63
N GLU D 49 -37.68 -15.62 5.65
CA GLU D 49 -36.68 -16.62 5.26
C GLU D 49 -35.54 -16.75 6.27
N LEU D 50 -35.12 -15.63 6.84
CA LEU D 50 -34.04 -15.66 7.81
C LEU D 50 -34.50 -16.21 9.14
N ALA D 51 -33.61 -16.95 9.80
CA ALA D 51 -33.83 -17.42 11.15
C ALA D 51 -33.99 -16.21 12.03
N ALA D 52 -34.94 -16.27 12.96
CA ALA D 52 -35.23 -15.15 13.84
C ALA D 52 -33.99 -14.67 14.60
N LEU D 53 -33.15 -15.63 15.01
CA LEU D 53 -31.96 -15.36 15.81
C LEU D 53 -32.34 -14.57 17.06
N ASN D 54 -31.69 -13.43 17.28
CA ASN D 54 -32.12 -12.53 18.34
C ASN D 54 -33.13 -11.46 17.88
N TYR D 55 -33.52 -11.49 16.60
CA TYR D 55 -34.42 -10.48 16.03
C TYR D 55 -35.92 -10.73 16.23
N ASP D 56 -36.29 -11.89 16.75
CA ASP D 56 -37.66 -12.10 17.23
C ASP D 56 -37.81 -11.50 18.62
N GLN D 57 -36.70 -11.04 19.20
CA GLN D 57 -36.75 -10.38 20.49
C GLN D 57 -37.14 -8.91 20.35
N CYS D 58 -37.46 -8.30 21.49
CA CYS D 58 -37.85 -6.91 21.51
C CYS D 58 -36.73 -6.09 22.13
N PHE D 59 -36.01 -5.34 21.29
CA PHE D 59 -34.93 -4.49 21.74
C PHE D 59 -35.46 -3.15 22.23
N LEU D 60 -34.93 -2.68 23.35
CA LEU D 60 -35.40 -1.43 23.94
C LEU D 60 -35.18 -0.23 23.04
N ARG D 61 -34.08 -0.21 22.31
CA ARG D 61 -33.83 0.87 21.37
C ARG D 61 -34.78 0.84 20.17
N ASP D 62 -35.07 -0.37 19.65
CA ASP D 62 -35.95 -0.55 18.49
C ASP D 62 -37.40 -0.15 18.80
N PHE D 63 -37.76 -0.25 20.07
CA PHE D 63 -39.13 0.01 20.47
C PHE D 63 -39.48 1.50 20.53
N VAL D 64 -38.48 2.33 20.78
CA VAL D 64 -38.70 3.78 20.90
C VAL D 64 -39.56 4.35 19.74
N PRO D 65 -39.14 4.13 18.47
CA PRO D 65 -40.03 4.60 17.39
C PRO D 65 -41.38 3.88 17.35
N SER D 66 -41.38 2.56 17.57
CA SER D 66 -42.62 1.80 17.62
C SER D 66 -43.57 2.39 18.66
N ALA D 67 -43.02 2.71 19.82
CA ALA D 67 -43.80 3.33 20.89
C ALA D 67 -44.39 4.66 20.44
N PHE D 68 -43.59 5.49 19.78
CA PHE D 68 -44.04 6.81 19.37
C PHE D 68 -45.26 6.71 18.47
N VAL D 69 -45.24 5.77 17.54
CA VAL D 69 -46.41 5.56 16.69
C VAL D 69 -47.64 5.36 17.55
N PHE D 70 -47.49 4.50 18.56
CA PHE D 70 -48.61 4.16 19.43
C PHE D 70 -49.03 5.33 20.32
N LEU D 71 -48.07 6.13 20.78
CA LEU D 71 -48.40 7.31 21.58
C LEU D 71 -49.21 8.33 20.79
N MET D 72 -48.87 8.49 19.52
CA MET D 72 -49.56 9.47 18.66
C MET D 72 -50.92 8.97 18.17
N ASP D 73 -51.06 7.66 18.00
CA ASP D 73 -52.36 7.09 17.64
C ASP D 73 -53.37 7.22 18.78
N GLY D 74 -52.88 7.19 20.02
CA GLY D 74 -53.73 7.31 21.19
C GLY D 74 -53.85 6.03 22.00
N GLN D 75 -53.50 4.90 21.37
CA GLN D 75 -53.53 3.60 22.05
C GLN D 75 -52.22 3.31 22.79
N THR D 76 -52.14 3.81 24.02
CA THR D 76 -50.89 3.84 24.76
C THR D 76 -50.74 2.72 25.80
N ASP D 77 -51.61 1.72 25.76
CA ASP D 77 -51.53 0.60 26.71
C ASP D 77 -50.23 -0.20 26.56
N ILE D 78 -49.79 -0.35 25.32
CA ILE D 78 -48.55 -1.06 25.02
C ILE D 78 -47.32 -0.36 25.62
N VAL D 79 -47.27 0.96 25.54
CA VAL D 79 -46.14 1.73 26.06
C VAL D 79 -46.12 1.65 27.58
N ARG D 80 -47.30 1.71 28.19
CA ARG D 80 -47.44 1.58 29.63
C ARG D 80 -46.85 0.24 30.10
N ASN D 81 -47.30 -0.84 29.45
CA ASN D 81 -46.88 -2.19 29.80
C ASN D 81 -45.38 -2.42 29.61
N PHE D 82 -44.85 -1.91 28.50
CA PHE D 82 -43.43 -1.98 28.19
C PHE D 82 -42.60 -1.40 29.34
N LEU D 83 -42.88 -0.15 29.68
CA LEU D 83 -42.16 0.54 30.75
C LEU D 83 -42.22 -0.22 32.07
N ILE D 84 -43.35 -0.88 32.33
CA ILE D 84 -43.54 -1.65 33.55
C ILE D 84 -42.71 -2.95 33.54
N GLU D 85 -42.80 -3.71 32.46
CA GLU D 85 -42.05 -4.96 32.37
C GLU D 85 -40.54 -4.74 32.38
N THR D 86 -40.10 -3.72 31.65
CA THR D 86 -38.69 -3.35 31.61
C THR D 86 -38.18 -2.93 32.99
N LEU D 87 -39.02 -2.30 33.77
CA LEU D 87 -38.66 -1.90 35.13
C LEU D 87 -38.51 -3.10 36.07
N THR D 88 -39.30 -4.14 35.81
CA THR D 88 -39.20 -5.39 36.56
C THR D 88 -37.97 -6.18 36.14
N LEU D 89 -37.65 -6.13 34.86
CA LEU D 89 -36.44 -6.76 34.33
C LEU D 89 -35.19 -6.15 34.96
N GLN D 90 -35.21 -4.83 35.17
CA GLN D 90 -34.14 -4.14 35.88
C GLN D 90 -33.81 -4.80 37.22
N SER D 91 -34.82 -5.32 37.88
CA SER D 91 -34.66 -5.99 39.18
C SER D 91 -34.17 -7.45 39.07
N HIS D 92 -34.19 -8.00 37.86
CA HIS D 92 -33.75 -9.39 37.65
C HIS D 92 -32.28 -9.57 38.03
N GLU D 93 -31.95 -10.80 38.40
CA GLU D 93 -30.58 -11.15 38.75
C GLU D 93 -29.82 -11.51 37.48
N LYS D 94 -28.78 -10.75 37.21
CA LYS D 94 -28.03 -10.87 35.97
C LYS D 94 -26.54 -10.98 36.32
N GLU D 95 -25.90 -12.05 35.87
CA GLU D 95 -24.50 -12.17 36.19
C GLU D 95 -23.74 -13.02 35.15
N MET D 96 -22.45 -12.72 34.97
CA MET D 96 -21.56 -13.51 34.12
C MET D 96 -20.30 -13.90 34.87
N ASP D 97 -20.03 -15.20 34.94
CA ASP D 97 -18.87 -15.74 35.65
C ASP D 97 -18.73 -15.08 37.03
N CYS D 98 -19.82 -15.14 37.81
CA CYS D 98 -19.87 -14.64 39.18
C CYS D 98 -19.54 -13.15 39.37
N PHE D 99 -19.67 -12.36 38.30
CA PHE D 99 -19.55 -10.91 38.41
C PHE D 99 -20.88 -10.25 38.06
N GLN D 100 -21.24 -9.20 38.80
CA GLN D 100 -22.50 -8.51 38.57
C GLN D 100 -22.29 -7.07 38.20
N PRO D 101 -23.02 -6.59 37.17
CA PRO D 101 -23.00 -5.15 36.89
C PRO D 101 -23.85 -4.38 37.89
N GLY D 102 -23.92 -3.05 37.70
CA GLY D 102 -24.77 -2.21 38.53
C GLY D 102 -26.21 -2.66 38.49
N ALA D 103 -26.97 -2.33 39.54
CA ALA D 103 -28.37 -2.71 39.64
C ALA D 103 -29.22 -1.95 38.61
N GLY D 104 -28.80 -0.73 38.30
CA GLY D 104 -29.56 0.12 37.40
C GLY D 104 -29.62 -0.30 35.94
N LEU D 105 -28.76 -1.22 35.55
CA LEU D 105 -28.67 -1.65 34.15
C LEU D 105 -29.99 -2.18 33.56
N MET D 106 -30.39 -1.59 32.43
CA MET D 106 -31.50 -2.12 31.65
C MET D 106 -31.00 -3.10 30.61
N PRO D 107 -31.85 -4.07 30.22
CA PRO D 107 -31.38 -5.07 29.25
C PRO D 107 -31.34 -4.56 27.83
N ALA D 108 -30.62 -5.28 26.99
CA ALA D 108 -30.57 -4.98 25.56
C ALA D 108 -31.89 -5.36 24.91
N SER D 109 -32.37 -6.54 25.26
CA SER D 109 -33.58 -7.07 24.67
C SER D 109 -34.28 -8.05 25.59
N PHE D 110 -35.51 -8.43 25.22
CA PHE D 110 -36.23 -9.46 25.94
C PHE D 110 -37.24 -10.15 25.01
N LYS D 111 -37.60 -11.38 25.37
CA LYS D 111 -38.59 -12.14 24.62
C LYS D 111 -39.44 -12.99 25.58
N VAL D 112 -40.65 -13.29 25.15
CA VAL D 112 -41.58 -14.11 25.91
C VAL D 112 -41.30 -15.58 25.61
N GLU D 113 -40.88 -16.30 26.65
CA GLU D 113 -40.69 -17.74 26.55
C GLU D 113 -41.75 -18.47 27.34
N SER D 114 -42.24 -19.55 26.74
CA SER D 114 -43.29 -20.34 27.36
C SER D 114 -42.80 -21.75 27.65
N ASP D 115 -43.06 -22.21 28.87
CA ASP D 115 -42.72 -23.58 29.22
C ASP D 115 -43.73 -24.15 30.22
N GLY D 116 -44.08 -25.42 30.04
CA GLY D 116 -45.09 -26.05 30.86
C GLY D 116 -46.43 -25.37 30.72
N SER D 117 -46.75 -24.99 29.49
CA SER D 117 -47.95 -24.23 29.17
C SER D 117 -48.06 -22.94 29.98
N LYS D 118 -46.92 -22.30 30.26
CA LYS D 118 -46.91 -21.03 30.99
C LYS D 118 -45.80 -20.12 30.47
N GLU D 119 -46.07 -18.82 30.47
CA GLU D 119 -45.16 -17.81 29.92
C GLU D 119 -44.26 -17.17 30.97
N TYR D 120 -43.02 -16.86 30.58
CA TYR D 120 -42.12 -16.08 31.43
C TYR D 120 -41.18 -15.22 30.57
N LEU D 121 -40.77 -14.08 31.10
CA LEU D 121 -39.92 -13.15 30.35
C LEU D 121 -38.43 -13.47 30.46
N VAL D 122 -37.76 -13.52 29.32
CA VAL D 122 -36.32 -13.78 29.26
C VAL D 122 -35.58 -12.63 28.61
N ALA D 123 -34.62 -12.08 29.35
CA ALA D 123 -33.91 -10.88 28.90
C ALA D 123 -32.40 -11.05 28.84
N ASP D 124 -31.79 -10.35 27.89
CA ASP D 124 -30.34 -10.32 27.72
C ASP D 124 -29.81 -8.97 28.16
N PHE D 125 -28.93 -8.96 29.16
CA PHE D 125 -28.31 -7.73 29.64
C PHE D 125 -26.88 -7.58 29.11
N GLY D 126 -26.48 -8.49 28.24
CA GLY D 126 -25.12 -8.51 27.74
C GLY D 126 -24.48 -9.88 27.86
N GLU D 127 -24.94 -10.66 28.84
CA GLU D 127 -24.36 -11.97 29.12
C GLU D 127 -24.73 -13.01 28.06
N LYS D 128 -25.76 -12.74 27.26
CA LYS D 128 -26.10 -13.60 26.12
C LYS D 128 -25.73 -12.94 24.80
N ALA D 129 -25.28 -11.69 24.89
CA ALA D 129 -25.09 -10.83 23.73
C ALA D 129 -23.83 -11.15 22.93
N ILE D 130 -23.91 -10.95 21.62
CA ILE D 130 -22.77 -11.19 20.73
C ILE D 130 -21.67 -10.20 21.08
N ALA D 131 -20.47 -10.73 21.33
CA ALA D 131 -19.32 -9.93 21.76
C ALA D 131 -19.53 -9.38 23.17
N ARG D 132 -20.53 -9.91 23.87
CA ARG D 132 -20.91 -9.45 25.21
C ARG D 132 -20.95 -7.91 25.30
N VAL D 133 -21.52 -7.27 24.28
CA VAL D 133 -21.66 -5.81 24.26
C VAL D 133 -22.66 -5.32 25.31
N PRO D 134 -22.33 -4.24 26.01
CA PRO D 134 -23.25 -3.68 27.00
C PRO D 134 -24.24 -2.67 26.44
N PRO D 135 -25.54 -2.86 26.73
CA PRO D 135 -26.53 -1.91 26.22
C PRO D 135 -26.64 -0.68 27.10
N VAL D 136 -25.67 0.22 26.97
CA VAL D 136 -25.63 1.43 27.78
C VAL D 136 -26.77 2.38 27.40
N ASP D 137 -27.07 2.48 26.12
CA ASP D 137 -28.13 3.38 25.65
C ASP D 137 -29.53 2.90 26.06
N SER D 138 -29.68 1.61 26.32
CA SER D 138 -30.98 1.07 26.70
C SER D 138 -31.58 1.75 27.93
N CYS D 139 -30.77 1.93 28.97
CA CYS D 139 -31.26 2.56 30.18
C CYS D 139 -31.53 4.05 29.97
N MET D 140 -30.84 4.66 29.02
CA MET D 140 -31.07 6.07 28.70
C MET D 140 -32.32 6.27 27.84
N TRP D 141 -32.55 5.38 26.89
CA TRP D 141 -33.75 5.43 26.08
C TRP D 141 -34.98 5.19 26.93
N TRP D 142 -34.86 4.29 27.90
CA TRP D 142 -35.93 3.98 28.83
C TRP D 142 -36.47 5.23 29.52
N ILE D 143 -35.56 6.05 30.04
CA ILE D 143 -35.93 7.29 30.71
C ILE D 143 -36.60 8.30 29.77
N LEU D 144 -36.09 8.38 28.54
CA LEU D 144 -36.66 9.28 27.54
C LEU D 144 -38.02 8.80 27.09
N LEU D 145 -38.16 7.48 26.95
CA LEU D 145 -39.43 6.88 26.56
C LEU D 145 -40.46 7.02 27.68
N LEU D 146 -39.98 7.04 28.92
CA LEU D 146 -40.84 7.31 30.06
C LEU D 146 -41.40 8.73 30.00
N ARG D 147 -40.52 9.69 29.79
CA ARG D 147 -40.93 11.09 29.68
C ARG D 147 -41.86 11.29 28.50
N ALA D 148 -41.57 10.62 27.39
CA ALA D 148 -42.44 10.67 26.21
C ALA D 148 -43.87 10.26 26.57
N TYR D 149 -44.01 9.12 27.22
CA TYR D 149 -45.30 8.63 27.70
C TYR D 149 -45.99 9.69 28.57
N GLU D 150 -45.25 10.20 29.55
CA GLU D 150 -45.77 11.21 30.47
C GLU D 150 -46.34 12.43 29.73
N LYS D 151 -45.60 12.93 28.74
CA LYS D 151 -46.00 14.13 28.01
C LYS D 151 -47.06 13.85 26.93
N ALA D 152 -47.14 12.61 26.47
CA ALA D 152 -48.05 12.24 25.38
C ALA D 152 -49.47 11.90 25.87
N THR D 153 -49.57 11.43 27.12
CA THR D 153 -50.86 11.07 27.70
C THR D 153 -51.29 12.03 28.81
N GLY D 154 -50.31 12.66 29.47
CA GLY D 154 -50.58 13.56 30.57
C GLY D 154 -50.52 12.91 31.93
N ASP D 155 -50.40 11.58 31.94
CA ASP D 155 -50.31 10.80 33.17
C ASP D 155 -48.97 11.02 33.88
N LEU D 156 -49.02 11.77 34.98
CA LEU D 156 -47.83 12.06 35.78
C LEU D 156 -47.68 11.08 36.95
N THR D 157 -48.68 10.23 37.13
CA THR D 157 -48.70 9.31 38.26
C THR D 157 -47.72 8.17 38.08
N LEU D 158 -47.69 7.60 36.87
CA LEU D 158 -46.85 6.43 36.56
C LEU D 158 -45.38 6.63 36.90
N ALA D 159 -44.78 7.67 36.34
CA ALA D 159 -43.39 8.01 36.60
C ALA D 159 -43.11 8.16 38.10
N ARG D 160 -44.13 8.63 38.83
CA ARG D 160 -43.98 8.92 40.24
C ARG D 160 -44.42 7.76 41.17
N GLU D 161 -44.84 6.65 40.59
CA GLU D 161 -45.03 5.42 41.37
C GLU D 161 -43.68 5.07 41.97
N PRO D 162 -43.66 4.55 43.22
CA PRO D 162 -42.38 4.43 43.94
C PRO D 162 -41.31 3.58 43.26
N LYS D 163 -41.73 2.52 42.58
CA LYS D 163 -40.78 1.65 41.87
C LYS D 163 -40.10 2.40 40.73
N PHE D 164 -40.87 3.21 40.01
CA PHE D 164 -40.34 3.99 38.90
C PHE D 164 -39.42 5.07 39.42
N GLN D 165 -39.71 5.62 40.59
CA GLN D 165 -38.78 6.57 41.17
C GLN D 165 -37.51 5.83 41.56
N ALA D 166 -37.64 4.60 42.05
CA ALA D 166 -36.49 3.75 42.39
C ALA D 166 -35.61 3.43 41.19
N GLY D 167 -36.23 3.00 40.09
CA GLY D 167 -35.52 2.64 38.88
C GLY D 167 -34.74 3.80 38.29
N ILE D 168 -35.33 4.99 38.32
CA ILE D 168 -34.65 6.20 37.88
C ILE D 168 -33.39 6.45 38.70
N LYS D 169 -33.49 6.36 40.03
CA LYS D 169 -32.35 6.63 40.91
C LYS D 169 -31.25 5.62 40.69
N LEU D 170 -31.63 4.38 40.43
CA LEU D 170 -30.64 3.34 40.17
C LEU D 170 -29.83 3.62 38.92
N ILE D 171 -30.54 3.93 37.83
CA ILE D 171 -29.89 4.30 36.57
C ILE D 171 -28.90 5.44 36.81
N LEU D 172 -29.33 6.45 37.55
CA LEU D 172 -28.46 7.58 37.86
C LEU D 172 -27.27 7.17 38.74
N ASP D 173 -27.47 6.17 39.59
CA ASP D 173 -26.36 5.63 40.38
C ASP D 173 -25.28 5.10 39.46
N LEU D 174 -25.69 4.42 38.39
CA LEU D 174 -24.76 3.92 37.39
C LEU D 174 -24.09 5.04 36.61
N CYS D 175 -24.90 5.97 36.12
CA CYS D 175 -24.42 7.02 35.23
C CYS D 175 -23.54 8.05 35.93
N LEU D 176 -23.86 8.35 37.19
CA LEU D 176 -23.09 9.33 37.95
C LEU D 176 -22.03 8.68 38.83
N ALA D 177 -21.75 7.40 38.56
CA ALA D 177 -20.70 6.67 39.25
C ALA D 177 -19.39 7.40 39.08
N HIS D 178 -18.57 7.40 40.13
CA HIS D 178 -17.29 8.10 40.14
C HIS D 178 -16.28 7.49 39.16
N ARG D 179 -15.38 8.34 38.68
CA ARG D 179 -14.39 7.92 37.69
C ARG D 179 -12.99 8.35 38.12
N PHE D 180 -11.99 7.81 37.43
CA PHE D 180 -10.60 8.23 37.59
C PHE D 180 -10.34 9.45 36.72
N SER D 181 -11.21 9.65 35.75
CA SER D 181 -11.09 10.74 34.79
C SER D 181 -11.62 12.10 35.19
N MET D 182 -11.02 13.13 34.61
CA MET D 182 -11.42 14.52 34.80
C MET D 182 -12.49 14.92 33.76
N TYR D 183 -12.96 13.95 32.98
CA TYR D 183 -13.97 14.20 31.95
C TYR D 183 -15.35 13.99 32.59
N PRO D 184 -16.29 14.93 32.37
CA PRO D 184 -17.65 14.68 32.87
C PRO D 184 -18.43 13.73 31.96
N THR D 185 -17.81 13.36 30.84
CA THR D 185 -18.43 12.43 29.91
C THR D 185 -18.49 11.04 30.49
N MET D 186 -19.12 10.13 29.75
CA MET D 186 -19.31 8.76 30.17
C MET D 186 -18.35 7.81 29.44
N LEU D 187 -17.61 7.01 30.21
CA LEU D 187 -16.63 6.09 29.65
C LEU D 187 -17.27 4.74 29.37
N VAL D 188 -17.08 4.22 28.16
CA VAL D 188 -17.69 2.96 27.76
C VAL D 188 -16.74 2.08 26.92
N PRO D 189 -17.00 0.77 26.87
CA PRO D 189 -16.33 -0.09 25.89
C PRO D 189 -16.88 0.12 24.49
N ASP D 190 -16.32 -0.55 23.49
CA ASP D 190 -16.77 -0.41 22.11
C ASP D 190 -18.14 -1.07 21.96
N GLY D 191 -18.97 -0.53 21.06
CA GLY D 191 -20.25 -1.15 20.72
C GLY D 191 -21.32 -1.03 21.80
N ALA D 192 -21.42 0.14 22.43
CA ALA D 192 -22.26 0.29 23.62
C ALA D 192 -23.64 0.93 23.36
N PHE D 193 -23.97 1.18 22.10
CA PHE D 193 -25.24 1.82 21.77
C PHE D 193 -25.90 1.22 20.53
N MET D 194 -26.58 2.05 19.74
CA MET D 194 -27.19 1.60 18.49
C MET D 194 -26.18 0.79 17.69
N ILE D 195 -24.98 1.33 17.57
CA ILE D 195 -23.84 0.59 17.07
C ILE D 195 -23.41 -0.39 18.16
N ASP D 196 -23.73 -1.67 17.97
CA ASP D 196 -23.51 -2.72 18.96
C ASP D 196 -22.41 -3.71 18.56
N ARG D 197 -21.49 -3.26 17.72
CA ARG D 197 -20.32 -4.04 17.30
C ARG D 197 -19.07 -3.17 17.36
N ARG D 198 -17.91 -3.79 17.13
CA ARG D 198 -16.65 -3.05 17.23
C ARG D 198 -16.50 -2.08 16.06
N MET D 199 -16.57 -0.78 16.35
CA MET D 199 -16.52 0.22 15.29
C MET D 199 -15.69 1.44 15.66
N GLY D 200 -14.82 1.25 16.64
CA GLY D 200 -13.99 2.33 17.15
C GLY D 200 -14.79 3.40 17.84
N VAL D 201 -15.93 3.01 18.43
CA VAL D 201 -16.80 3.96 19.15
C VAL D 201 -16.58 3.82 20.66
N TYR D 202 -15.46 3.26 21.04
CA TYR D 202 -15.09 3.12 22.44
C TYR D 202 -14.73 4.48 23.07
N GLU D 203 -14.59 4.48 24.40
CA GLU D 203 -14.17 5.62 25.21
C GLU D 203 -15.34 6.58 25.45
N HIS D 204 -15.48 7.62 24.63
CA HIS D 204 -16.49 8.65 24.89
C HIS D 204 -17.34 8.98 23.66
N PRO D 205 -18.01 7.96 23.08
CA PRO D 205 -18.83 8.16 21.88
C PRO D 205 -19.90 9.22 22.09
N LEU D 206 -20.06 10.10 21.10
CA LEU D 206 -21.04 11.20 21.10
C LEU D 206 -22.43 10.72 21.47
N GLU D 207 -22.88 9.66 20.82
CA GLU D 207 -24.23 9.15 21.02
C GLU D 207 -24.56 8.90 22.48
N ILE D 208 -23.65 8.24 23.20
CA ILE D 208 -23.82 7.99 24.62
C ILE D 208 -23.93 9.29 25.42
N GLN D 209 -23.05 10.25 25.11
CA GLN D 209 -23.04 11.53 25.81
C GLN D 209 -24.33 12.32 25.57
N VAL D 210 -24.85 12.25 24.35
CA VAL D 210 -26.05 12.96 24.00
C VAL D 210 -27.26 12.35 24.70
N LEU D 211 -27.43 11.03 24.55
CA LEU D 211 -28.49 10.30 25.25
C LEU D 211 -28.36 10.42 26.78
N PHE D 212 -27.13 10.59 27.25
CA PHE D 212 -26.84 10.81 28.66
C PHE D 212 -27.36 12.17 29.08
N TYR D 213 -27.04 13.18 28.28
CA TYR D 213 -27.49 14.56 28.51
C TYR D 213 -29.00 14.62 28.53
N ALA D 214 -29.62 14.05 27.50
CA ALA D 214 -31.08 14.05 27.38
C ALA D 214 -31.74 13.29 28.52
N ALA D 215 -31.10 12.21 28.98
CA ALA D 215 -31.64 11.41 30.08
C ALA D 215 -31.57 12.15 31.40
N LEU D 216 -30.52 12.94 31.58
CA LEU D 216 -30.42 13.82 32.73
C LEU D 216 -31.51 14.91 32.69
N ARG D 217 -31.73 15.48 31.52
CA ARG D 217 -32.79 16.49 31.33
C ARG D 217 -34.17 15.90 31.64
N ALA D 218 -34.38 14.65 31.20
CA ALA D 218 -35.63 13.95 31.43
C ALA D 218 -35.83 13.65 32.92
N ALA D 219 -34.82 13.05 33.55
CA ALA D 219 -34.85 12.74 34.98
C ALA D 219 -35.14 14.01 35.79
N ARG D 220 -34.53 15.10 35.37
CA ARG D 220 -34.72 16.41 35.98
C ARG D 220 -36.20 16.76 36.15
N GLU D 221 -37.01 16.38 35.16
CA GLU D 221 -38.45 16.57 35.21
C GLU D 221 -39.13 15.45 36.00
N LEU D 222 -38.71 14.21 35.75
CA LEU D 222 -39.39 13.03 36.28
C LEU D 222 -39.18 12.79 37.78
N LEU D 223 -38.09 13.31 38.34
CA LEU D 223 -37.75 13.05 39.74
C LEU D 223 -38.58 13.88 40.72
N LEU D 224 -38.95 13.26 41.85
CA LEU D 224 -39.73 13.95 42.87
C LEU D 224 -38.71 14.44 43.88
N PRO D 225 -38.79 15.70 44.27
CA PRO D 225 -37.81 16.25 45.21
C PRO D 225 -37.79 15.55 46.56
N ASP D 226 -38.96 15.14 47.03
CA ASP D 226 -39.09 14.51 48.34
C ASP D 226 -38.14 13.34 48.54
N GLY D 227 -37.71 13.15 49.79
CA GLY D 227 -36.74 12.12 50.12
C GLY D 227 -35.34 12.52 49.73
N ASP D 228 -34.57 11.52 49.29
CA ASP D 228 -33.21 11.73 48.80
C ASP D 228 -33.19 12.43 47.44
N GLY D 229 -34.35 12.48 46.79
CA GLY D 229 -34.48 13.06 45.46
C GLY D 229 -33.86 14.44 45.29
N GLU D 230 -33.82 15.19 46.39
CA GLU D 230 -33.19 16.50 46.39
C GLU D 230 -31.72 16.41 46.01
N GLN D 231 -31.04 15.41 46.58
CA GLN D 231 -29.63 15.20 46.29
C GLN D 231 -29.43 14.80 44.83
N TYR D 232 -30.31 13.94 44.34
CA TYR D 232 -30.24 13.50 42.95
C TYR D 232 -30.38 14.68 41.99
N LEU D 233 -31.36 15.55 42.24
CA LEU D 233 -31.60 16.72 41.38
C LEU D 233 -30.37 17.62 41.29
N ASN D 234 -29.67 17.79 42.41
CA ASN D 234 -28.51 18.67 42.44
C ASN D 234 -27.23 18.05 41.90
N LYS D 235 -27.13 16.71 41.97
CA LYS D 235 -26.08 16.00 41.26
C LYS D 235 -26.31 16.18 39.76
N VAL D 236 -27.54 15.87 39.34
CA VAL D 236 -27.97 15.98 37.96
C VAL D 236 -27.74 17.39 37.40
N HIS D 237 -28.15 18.40 38.16
CA HIS D 237 -27.92 19.77 37.78
C HIS D 237 -26.42 20.05 37.58
N GLY D 238 -25.59 19.51 38.47
CA GLY D 238 -24.15 19.68 38.38
C GLY D 238 -23.54 19.05 37.14
N ARG D 239 -23.93 17.81 36.87
CA ARG D 239 -23.37 17.07 35.74
C ARG D 239 -23.80 17.68 34.41
N LEU D 240 -25.09 18.00 34.29
CA LEU D 240 -25.61 18.65 33.08
C LEU D 240 -24.81 19.89 32.69
N GLY D 241 -24.48 20.71 33.69
CA GLY D 241 -23.75 21.94 33.45
C GLY D 241 -22.33 21.69 32.98
N ALA D 242 -21.70 20.66 33.54
CA ALA D 242 -20.36 20.26 33.13
C ALA D 242 -20.38 19.58 31.76
N LEU D 243 -21.28 18.61 31.65
CA LEU D 243 -21.42 17.82 30.44
C LEU D 243 -21.65 18.70 29.21
N GLN D 244 -22.63 19.59 29.30
CA GLN D 244 -22.96 20.48 28.18
C GLN D 244 -21.77 21.37 27.79
N TYR D 245 -21.01 21.82 28.78
CA TYR D 245 -19.85 22.66 28.50
C TYR D 245 -18.78 21.86 27.76
N HIS D 246 -18.54 20.65 28.24
CA HIS D 246 -17.56 19.75 27.66
C HIS D 246 -17.90 19.36 26.20
N ILE D 247 -19.15 18.96 25.97
CA ILE D 247 -19.60 18.57 24.64
C ILE D 247 -19.49 19.75 23.67
N ARG D 248 -20.06 20.88 24.05
CA ARG D 248 -20.07 22.04 23.17
C ARG D 248 -18.67 22.65 22.95
N ASN D 249 -17.81 22.62 23.96
CA ASN D 249 -16.49 23.21 23.84
C ASN D 249 -15.44 22.35 23.13
N TYR D 250 -15.52 21.03 23.29
CA TYR D 250 -14.46 20.16 22.77
C TYR D 250 -14.89 19.26 21.62
N TYR D 251 -16.18 18.95 21.51
CA TYR D 251 -16.66 18.12 20.40
C TYR D 251 -17.06 18.92 19.16
N TRP D 252 -17.38 20.20 19.33
CA TRP D 252 -17.90 20.99 18.21
C TRP D 252 -16.86 21.23 17.13
N VAL D 253 -17.22 20.87 15.89
CA VAL D 253 -16.32 21.03 14.76
C VAL D 253 -16.90 22.00 13.73
N ASP D 254 -16.12 23.03 13.41
CA ASP D 254 -16.36 23.88 12.25
C ASP D 254 -15.01 24.39 11.77
N LEU D 255 -15.00 25.09 10.65
CA LEU D 255 -13.76 25.59 10.06
C LEU D 255 -12.96 26.42 11.03
N LYS D 256 -13.63 27.29 11.78
CA LYS D 256 -12.95 28.16 12.74
C LYS D 256 -12.18 27.33 13.77
N ARG D 257 -12.89 26.41 14.40
CA ARG D 257 -12.31 25.52 15.39
C ARG D 257 -11.20 24.67 14.76
N LEU D 258 -11.48 24.20 13.55
CA LEU D 258 -10.58 23.34 12.82
C LEU D 258 -9.25 24.03 12.50
N ARG D 259 -9.32 25.33 12.22
CA ARG D 259 -8.11 26.13 12.01
C ARG D 259 -7.28 26.27 13.28
N GLU D 260 -7.95 26.28 14.45
CA GLU D 260 -7.26 26.37 15.73
C GLU D 260 -6.54 25.07 16.07
N ILE D 261 -7.29 23.97 16.00
CA ILE D 261 -6.77 22.64 16.29
C ILE D 261 -5.57 22.31 15.38
N TYR D 262 -5.71 22.65 14.10
CA TYR D 262 -4.66 22.46 13.11
C TYR D 262 -3.40 23.28 13.43
N ARG D 263 -3.57 24.35 14.21
CA ARG D 263 -2.41 25.13 14.67
C ARG D 263 -2.01 24.85 16.12
N TYR D 264 -2.50 23.77 16.70
CA TYR D 264 -2.12 23.43 18.07
C TYR D 264 -0.65 23.01 18.22
N LYS D 265 -0.04 23.41 19.33
CA LYS D 265 1.25 22.87 19.72
C LYS D 265 1.02 21.49 20.32
N GLY D 266 1.99 20.60 20.16
CA GLY D 266 1.89 19.28 20.75
C GLY D 266 2.50 19.20 22.14
N ASN D 267 2.08 18.21 22.92
CA ASN D 267 2.65 17.93 24.23
C ASN D 267 2.59 19.10 25.19
N GLU D 268 1.53 19.89 25.10
CA GLU D 268 1.33 21.00 26.01
C GLU D 268 1.02 20.45 27.39
N PHE D 269 1.61 21.08 28.40
CA PHE D 269 1.48 20.63 29.78
C PHE D 269 0.92 21.76 30.64
N GLY D 270 0.05 21.41 31.58
CA GLY D 270 -0.52 22.39 32.49
C GLY D 270 -2.01 22.60 32.35
N LYS D 271 -2.52 23.50 33.18
CA LYS D 271 -3.96 23.82 33.21
C LYS D 271 -4.35 24.80 32.10
N GLU D 272 -3.51 25.83 31.92
CA GLU D 272 -3.82 26.92 31.00
C GLU D 272 -3.29 26.66 29.60
N ILE D 273 -3.76 25.60 28.96
CA ILE D 273 -3.28 25.23 27.63
C ILE D 273 -4.45 25.00 26.68
N ALA D 274 -4.17 25.19 25.38
CA ALA D 274 -5.19 25.07 24.33
C ALA D 274 -5.40 23.62 23.95
N ASN D 275 -4.32 22.92 23.68
CA ASN D 275 -4.38 21.53 23.25
C ASN D 275 -4.39 20.58 24.45
N LYS D 276 -5.53 20.55 25.12
CA LYS D 276 -5.72 19.80 26.36
C LYS D 276 -5.57 18.30 26.16
N PHE D 277 -6.17 17.79 25.09
CA PHE D 277 -6.22 16.37 24.85
C PHE D 277 -5.10 15.90 23.92
N ASN D 278 -4.17 16.82 23.62
CA ASN D 278 -2.96 16.52 22.86
C ASN D 278 -3.24 15.96 21.47
N ILE D 279 -4.08 16.64 20.70
CA ILE D 279 -4.38 16.24 19.33
C ILE D 279 -3.30 16.75 18.40
N PHE D 280 -2.73 15.85 17.60
CA PHE D 280 -1.69 16.23 16.63
C PHE D 280 -2.31 16.56 15.28
N SER D 281 -2.06 17.78 14.82
CA SER D 281 -2.72 18.32 13.63
C SER D 281 -2.60 17.41 12.41
N GLN D 282 -1.41 16.84 12.20
CA GLN D 282 -1.16 15.93 11.10
C GLN D 282 -2.10 14.72 11.13
N SER D 283 -2.71 14.45 12.29
CA SER D 283 -3.67 13.35 12.37
C SER D 283 -5.06 13.70 11.83
N ILE D 284 -5.41 14.99 11.77
CA ILE D 284 -6.70 15.40 11.21
C ILE D 284 -6.82 14.83 9.79
N PRO D 285 -7.89 14.06 9.52
CA PRO D 285 -8.04 13.46 8.19
C PRO D 285 -8.27 14.51 7.11
N ASP D 286 -7.95 14.15 5.87
CA ASP D 286 -8.00 15.07 4.74
C ASP D 286 -9.42 15.43 4.28
N TRP D 287 -10.32 14.45 4.32
CA TRP D 287 -11.69 14.65 3.83
C TRP D 287 -12.45 15.78 4.54
N VAL D 288 -12.20 15.98 5.83
CA VAL D 288 -13.03 16.88 6.66
C VAL D 288 -13.02 18.37 6.24
N ILE D 289 -11.86 18.88 5.85
CA ILE D 289 -11.70 20.29 5.50
C ILE D 289 -12.50 20.66 4.26
N GLU D 290 -12.52 19.77 3.27
CA GLU D 290 -13.33 19.98 2.07
C GLU D 290 -14.82 19.78 2.34
N TRP D 291 -15.14 18.88 3.26
CA TRP D 291 -16.51 18.44 3.46
C TRP D 291 -17.38 19.54 4.07
N LEU D 292 -16.81 20.29 5.01
CA LEU D 292 -17.58 21.33 5.68
C LEU D 292 -17.86 22.52 4.79
N PRO D 293 -19.11 23.00 4.79
CA PRO D 293 -19.38 24.29 4.17
C PRO D 293 -19.04 25.41 5.16
N GLU D 294 -18.90 26.64 4.66
CA GLU D 294 -18.52 27.78 5.47
C GLU D 294 -19.47 27.94 6.65
N LYS D 295 -20.75 27.73 6.40
CA LYS D 295 -21.79 27.88 7.40
C LYS D 295 -22.16 26.54 8.05
N GLY D 296 -21.28 25.56 7.91
CA GLY D 296 -21.56 24.23 8.41
C GLY D 296 -20.91 23.95 9.75
N GLY D 297 -21.36 22.89 10.40
CA GLY D 297 -20.85 22.54 11.71
C GLY D 297 -21.50 21.27 12.17
N TYR D 298 -20.81 20.54 13.06
CA TYR D 298 -21.33 19.31 13.64
C TYR D 298 -20.53 18.96 14.88
N LEU D 299 -21.05 18.02 15.66
CA LEU D 299 -20.36 17.54 16.83
C LEU D 299 -19.55 16.28 16.49
N ALA D 300 -18.28 16.26 16.91
CA ALA D 300 -17.37 15.13 16.66
C ALA D 300 -17.89 13.83 17.30
N GLY D 301 -17.50 12.71 16.70
CA GLY D 301 -17.94 11.39 17.16
C GLY D 301 -17.33 10.90 18.46
N ASN D 302 -16.16 11.42 18.82
CA ASN D 302 -15.49 10.95 20.02
C ASN D 302 -14.35 11.83 20.47
N LEU D 303 -14.02 11.71 21.75
CA LEU D 303 -12.92 12.45 22.34
C LEU D 303 -12.31 11.64 23.46
N GLY D 304 -10.98 11.62 23.52
CA GLY D 304 -10.25 10.94 24.57
C GLY D 304 -8.80 11.35 24.50
N PRO D 305 -7.97 10.78 25.38
CA PRO D 305 -6.54 11.13 25.35
C PRO D 305 -5.94 10.92 23.96
N GLY D 306 -5.38 12.01 23.41
CA GLY D 306 -4.74 11.98 22.11
C GLY D 306 -5.65 11.62 20.95
N ARG D 307 -6.96 11.74 21.15
CA ARG D 307 -7.90 11.23 20.16
C ARG D 307 -9.13 12.13 19.95
N MET D 308 -9.37 12.44 18.69
CA MET D 308 -10.57 13.13 18.26
C MET D 308 -11.11 12.47 16.99
N ASP D 309 -12.21 11.75 17.12
CA ASP D 309 -12.84 11.08 15.99
C ASP D 309 -13.73 12.07 15.22
N PHE D 310 -13.30 12.41 14.00
CA PHE D 310 -13.96 13.42 13.17
C PHE D 310 -15.09 12.84 12.35
N ARG D 311 -15.35 11.55 12.47
CA ARG D 311 -16.50 10.97 11.77
C ARG D 311 -17.80 11.66 12.20
N PHE D 312 -18.67 11.93 11.24
CA PHE D 312 -19.99 12.47 11.53
C PHE D 312 -20.91 11.33 11.92
N PHE D 313 -21.48 11.40 13.13
CA PHE D 313 -22.49 10.43 13.57
C PHE D 313 -23.89 11.09 13.57
N ALA D 314 -24.84 10.43 12.92
CA ALA D 314 -26.15 11.05 12.65
C ALA D 314 -26.98 11.21 13.91
N LEU D 315 -27.24 10.09 14.59
CA LEU D 315 -28.10 10.07 15.77
C LEU D 315 -27.65 11.08 16.81
N GLY D 316 -26.37 11.03 17.17
CA GLY D 316 -25.82 11.94 18.14
C GLY D 316 -26.07 13.39 17.81
N ASN D 317 -25.81 13.77 16.56
CA ASN D 317 -26.01 15.15 16.14
C ASN D 317 -27.49 15.57 16.07
N LEU D 318 -28.33 14.69 15.56
CA LEU D 318 -29.76 15.00 15.48
C LEU D 318 -30.39 15.11 16.86
N MET D 319 -30.04 14.17 17.73
CA MET D 319 -30.55 14.18 19.10
C MET D 319 -30.00 15.36 19.91
N ALA D 320 -28.82 15.84 19.53
CA ALA D 320 -28.22 17.01 20.18
C ALA D 320 -29.07 18.27 19.93
N ILE D 321 -29.72 18.30 18.77
CA ILE D 321 -30.66 19.37 18.46
C ILE D 321 -31.91 19.26 19.35
N LEU D 322 -32.54 18.08 19.32
CA LEU D 322 -33.78 17.82 20.03
C LEU D 322 -33.63 17.95 21.55
N ALA D 323 -32.58 17.35 22.10
CA ALA D 323 -32.31 17.39 23.53
C ALA D 323 -32.01 18.80 24.00
N GLY D 324 -31.72 19.70 23.07
CA GLY D 324 -31.41 21.06 23.44
C GLY D 324 -29.96 21.23 23.85
N LEU D 325 -29.12 20.26 23.50
CA LEU D 325 -27.70 20.32 23.80
C LEU D 325 -27.00 21.26 22.84
N ALA D 326 -27.35 21.13 21.56
CA ALA D 326 -26.85 22.04 20.53
C ALA D 326 -27.62 23.36 20.59
N SER D 327 -26.89 24.47 20.49
CA SER D 327 -27.52 25.78 20.48
C SER D 327 -28.33 25.96 19.21
N GLU D 328 -29.11 27.04 19.18
CA GLU D 328 -29.90 27.42 18.02
C GLU D 328 -28.97 27.58 16.81
N GLU D 329 -27.90 28.32 17.01
CA GLU D 329 -26.87 28.55 15.99
C GLU D 329 -26.27 27.22 15.51
N GLU D 330 -25.87 26.39 16.47
CA GLU D 330 -25.23 25.10 16.20
C GLU D 330 -26.20 24.16 15.48
N SER D 331 -27.46 24.15 15.90
CA SER D 331 -28.50 23.38 15.24
C SER D 331 -28.72 23.78 13.77
N GLN D 332 -28.69 25.08 13.49
CA GLN D 332 -28.81 25.55 12.12
C GLN D 332 -27.62 25.08 11.28
N ARG D 333 -26.44 25.16 11.89
CA ARG D 333 -25.22 24.76 11.22
C ARG D 333 -25.14 23.25 10.97
N ILE D 334 -25.72 22.43 11.86
CA ILE D 334 -25.79 20.99 11.61
C ILE D 334 -26.70 20.70 10.43
N MET D 335 -27.85 21.37 10.38
CA MET D 335 -28.81 21.15 9.29
C MET D 335 -28.29 21.69 7.96
N ASN D 336 -27.56 22.81 8.00
CA ASN D 336 -26.84 23.29 6.83
C ASN D 336 -25.98 22.22 6.20
N LEU D 337 -25.26 21.49 7.05
CA LEU D 337 -24.38 20.41 6.61
C LEU D 337 -25.17 19.34 5.88
N PHE D 338 -26.33 18.98 6.42
CA PHE D 338 -27.24 18.05 5.73
C PHE D 338 -27.66 18.61 4.38
N ALA D 339 -27.87 19.91 4.29
CA ALA D 339 -28.22 20.51 3.00
C ALA D 339 -27.04 20.48 2.05
N HIS D 340 -25.86 20.85 2.54
CA HIS D 340 -24.66 20.89 1.70
C HIS D 340 -24.16 19.49 1.30
N ARG D 341 -24.22 18.51 2.20
CA ARG D 341 -23.77 17.15 1.88
C ARG D 341 -24.96 16.19 1.88
N TRP D 342 -26.03 16.60 1.21
CA TRP D 342 -27.25 15.82 1.11
C TRP D 342 -27.00 14.43 0.53
N GLU D 343 -26.21 14.32 -0.52
CA GLU D 343 -25.99 13.01 -1.14
C GLU D 343 -25.16 12.10 -0.26
N ASP D 344 -24.24 12.67 0.50
CA ASP D 344 -23.49 11.88 1.48
C ASP D 344 -24.40 11.45 2.62
N LEU D 345 -25.14 12.39 3.19
CA LEU D 345 -25.91 12.12 4.41
C LEU D 345 -27.29 11.51 4.18
N ILE D 346 -27.91 11.79 3.02
CA ILE D 346 -29.22 11.24 2.69
C ILE D 346 -29.13 10.28 1.50
N GLY D 347 -28.61 10.78 0.38
CA GLY D 347 -28.49 9.98 -0.83
C GLY D 347 -29.80 9.34 -1.25
N TYR D 348 -29.76 8.05 -1.52
CA TYR D 348 -30.93 7.30 -1.99
C TYR D 348 -31.77 6.74 -0.86
N MET D 349 -31.32 6.91 0.38
CA MET D 349 -32.10 6.51 1.55
C MET D 349 -31.58 7.20 2.80
N PRO D 350 -32.43 7.94 3.52
CA PRO D 350 -31.95 8.52 4.77
C PRO D 350 -32.06 7.51 5.91
N VAL D 351 -31.25 7.63 6.96
CA VAL D 351 -30.13 8.56 7.02
C VAL D 351 -28.83 7.76 7.16
N LYS D 352 -27.74 8.28 6.64
CA LYS D 352 -26.44 7.60 6.80
C LYS D 352 -26.03 7.61 8.28
N ILE D 353 -25.86 6.41 8.86
CA ILE D 353 -25.57 6.30 10.30
C ILE D 353 -24.29 7.02 10.70
N CYS D 354 -23.23 6.92 9.90
CA CYS D 354 -22.06 7.76 10.11
C CYS D 354 -21.26 7.92 8.82
N TYR D 355 -20.35 8.88 8.82
CA TYR D 355 -19.57 9.23 7.63
C TYR D 355 -18.22 9.81 8.03
N PRO D 356 -17.15 9.43 7.32
CA PRO D 356 -17.15 8.44 6.25
C PRO D 356 -16.98 7.00 6.76
N ALA D 357 -17.01 6.05 5.83
CA ALA D 357 -16.79 4.66 6.17
C ALA D 357 -15.30 4.40 6.38
N LEU D 358 -14.98 3.50 7.32
CA LEU D 358 -13.62 3.04 7.49
C LEU D 358 -13.27 2.11 6.32
N GLN D 359 -12.10 2.32 5.73
CA GLN D 359 -11.75 1.55 4.54
C GLN D 359 -10.37 0.92 4.66
N GLY D 360 -10.13 -0.10 3.85
CA GLY D 360 -8.83 -0.72 3.75
C GLY D 360 -8.31 -1.27 5.05
N LEU D 361 -7.08 -0.91 5.39
CA LEU D 361 -6.45 -1.43 6.59
C LEU D 361 -7.09 -0.83 7.85
N GLU D 362 -7.69 0.35 7.71
CA GLU D 362 -8.39 0.98 8.82
C GLU D 362 -9.59 0.17 9.24
N TRP D 363 -10.28 -0.39 8.24
CA TRP D 363 -11.37 -1.32 8.50
C TRP D 363 -10.88 -2.54 9.29
N GLN D 364 -9.72 -3.08 8.91
CA GLN D 364 -9.19 -4.27 9.60
C GLN D 364 -8.87 -3.98 11.04
N ILE D 365 -8.10 -2.92 11.24
CA ILE D 365 -7.62 -2.56 12.57
C ILE D 365 -8.77 -2.17 13.51
N VAL D 366 -9.63 -1.26 13.07
CA VAL D 366 -10.65 -0.69 13.94
C VAL D 366 -11.77 -1.68 14.28
N THR D 367 -12.26 -2.43 13.30
CA THR D 367 -13.37 -3.37 13.52
C THR D 367 -12.93 -4.81 13.81
N GLY D 368 -11.64 -5.11 13.64
CA GLY D 368 -11.15 -6.46 13.81
C GLY D 368 -11.58 -7.38 12.68
N CYS D 369 -11.48 -6.87 11.44
CA CYS D 369 -11.93 -7.57 10.22
C CYS D 369 -13.38 -8.08 10.33
N ASP D 370 -14.28 -7.18 10.75
CA ASP D 370 -15.68 -7.52 10.96
C ASP D 370 -16.39 -7.59 9.61
N PRO D 371 -16.76 -8.79 9.16
CA PRO D 371 -17.34 -8.92 7.82
C PRO D 371 -18.75 -8.30 7.70
N LYS D 372 -19.45 -8.10 8.80
CA LYS D 372 -20.74 -7.40 8.75
C LYS D 372 -20.58 -5.88 8.57
N ASN D 373 -19.43 -5.33 8.96
CA ASN D 373 -19.19 -3.91 8.86
C ASN D 373 -18.16 -3.52 7.81
N ILE D 374 -18.17 -4.20 6.67
CA ILE D 374 -17.36 -3.82 5.50
C ILE D 374 -17.70 -2.39 5.08
N PRO D 375 -16.81 -1.72 4.33
CA PRO D 375 -17.04 -0.30 4.00
C PRO D 375 -18.42 0.00 3.40
N TRP D 376 -19.05 1.05 3.90
CA TRP D 376 -20.36 1.50 3.45
C TRP D 376 -21.46 0.46 3.69
N SER D 377 -21.28 -0.33 4.76
CA SER D 377 -22.27 -1.35 5.11
C SER D 377 -22.61 -1.32 6.59
N TYR D 378 -23.91 -1.40 6.89
CA TYR D 378 -24.38 -1.56 8.26
C TYR D 378 -23.94 -0.38 9.13
N HIS D 379 -23.17 -0.64 10.18
CA HIS D 379 -22.70 0.46 11.03
C HIS D 379 -21.63 1.30 10.34
N ASN D 380 -20.89 0.67 9.44
CA ASN D 380 -19.77 1.32 8.79
C ASN D 380 -20.20 2.11 7.57
N GLY D 381 -20.91 3.21 7.82
CA GLY D 381 -21.37 4.07 6.75
C GLY D 381 -22.58 3.53 6.01
N GLY D 382 -23.42 2.78 6.71
CA GLY D 382 -24.68 2.29 6.16
C GLY D 382 -25.77 3.34 6.25
N ASN D 383 -26.85 3.14 5.49
CA ASN D 383 -27.99 4.05 5.54
C ASN D 383 -29.17 3.38 6.28
N TRP D 384 -29.69 4.05 7.30
CA TRP D 384 -30.72 3.47 8.16
C TRP D 384 -32.03 4.22 8.08
N PRO D 385 -33.08 3.52 7.62
CA PRO D 385 -34.42 4.07 7.52
C PRO D 385 -34.93 4.64 8.84
N VAL D 386 -34.75 3.89 9.94
CA VAL D 386 -35.19 4.33 11.26
C VAL D 386 -34.78 5.78 11.60
N LEU D 387 -33.60 6.20 11.17
CA LEU D 387 -33.11 7.54 11.54
C LEU D 387 -33.93 8.68 10.96
N LEU D 388 -34.81 8.36 10.02
CA LEU D 388 -35.69 9.35 9.42
C LEU D 388 -36.54 10.12 10.45
N TRP D 389 -37.05 9.43 11.47
CA TRP D 389 -37.88 10.10 12.47
C TRP D 389 -37.09 11.14 13.25
N LEU D 390 -35.86 10.80 13.61
CA LEU D 390 -34.95 11.75 14.27
C LEU D 390 -34.63 12.94 13.36
N PHE D 391 -34.42 12.65 12.07
CA PHE D 391 -34.10 13.70 11.11
C PHE D 391 -35.28 14.66 10.89
N THR D 392 -36.47 14.09 10.70
CA THR D 392 -37.69 14.85 10.53
C THR D 392 -37.94 15.77 11.73
N ALA D 393 -37.89 15.18 12.92
CA ALA D 393 -38.10 15.92 14.17
C ALA D 393 -37.11 17.05 14.27
N ALA D 394 -35.87 16.76 13.93
CA ALA D 394 -34.84 17.78 13.97
C ALA D 394 -35.11 18.86 12.91
N ALA D 395 -35.49 18.43 11.71
CA ALA D 395 -35.82 19.35 10.63
C ALA D 395 -36.96 20.30 11.03
N LEU D 396 -38.06 19.73 11.54
CA LEU D 396 -39.19 20.51 12.01
C LEU D 396 -38.79 21.49 13.10
N LYS D 397 -38.10 20.98 14.11
CA LYS D 397 -37.64 21.81 15.22
C LYS D 397 -36.79 22.99 14.73
N THR D 398 -35.95 22.74 13.72
CA THR D 398 -35.06 23.78 13.21
C THR D 398 -35.73 24.65 12.13
N GLY D 399 -36.87 24.20 11.61
CA GLY D 399 -37.63 24.97 10.64
C GLY D 399 -37.52 24.45 9.22
N LYS D 400 -36.70 23.41 9.02
CA LYS D 400 -36.39 22.92 7.69
C LYS D 400 -37.40 21.89 7.23
N VAL D 401 -38.64 22.31 7.07
CA VAL D 401 -39.72 21.41 6.67
C VAL D 401 -39.48 20.83 5.29
N GLU D 402 -38.92 21.64 4.40
CA GLU D 402 -38.55 21.20 3.05
C GLU D 402 -37.67 19.96 3.04
N LEU D 403 -36.71 19.93 3.97
CA LEU D 403 -35.76 18.83 4.04
C LEU D 403 -36.44 17.56 4.53
N ALA D 404 -37.30 17.71 5.54
CA ALA D 404 -38.12 16.60 6.02
C ALA D 404 -38.90 15.97 4.88
N HIS D 405 -39.62 16.81 4.12
CA HIS D 405 -40.43 16.36 2.98
C HIS D 405 -39.64 15.54 1.97
N GLU D 406 -38.50 16.08 1.54
CA GLU D 406 -37.70 15.40 0.53
C GLU D 406 -37.14 14.08 1.04
N ALA D 407 -36.71 14.08 2.31
CA ALA D 407 -36.22 12.85 2.94
C ALA D 407 -37.30 11.77 2.98
N ILE D 408 -38.50 12.14 3.37
CA ILE D 408 -39.63 11.20 3.41
C ILE D 408 -39.97 10.69 2.01
N ALA D 409 -39.96 11.61 1.05
CA ALA D 409 -40.22 11.26 -0.34
C ALA D 409 -39.25 10.17 -0.82
N ILE D 410 -37.95 10.42 -0.64
CA ILE D 410 -36.93 9.42 -0.97
C ILE D 410 -37.21 8.08 -0.29
N ALA D 411 -37.54 8.15 0.98
CA ALA D 411 -37.79 6.95 1.78
C ALA D 411 -39.01 6.16 1.29
N GLU D 412 -40.15 6.83 1.19
CA GLU D 412 -41.38 6.23 0.68
C GLU D 412 -41.23 5.64 -0.71
N GLY D 413 -40.39 6.27 -1.52
CA GLY D 413 -40.13 5.82 -2.87
C GLY D 413 -39.57 4.40 -2.95
N ARG D 414 -38.93 3.94 -1.88
CA ARG D 414 -38.29 2.63 -1.92
C ARG D 414 -38.79 1.62 -0.88
N LEU D 415 -39.04 2.07 0.35
CA LEU D 415 -39.19 1.16 1.47
C LEU D 415 -40.27 0.10 1.31
N SER D 416 -41.42 0.48 0.78
CA SER D 416 -42.50 -0.47 0.57
C SER D 416 -42.11 -1.55 -0.46
N ASN D 417 -41.56 -1.14 -1.60
CA ASN D 417 -41.16 -2.07 -2.64
C ASN D 417 -40.07 -3.02 -2.18
N ASP D 418 -39.11 -2.44 -1.48
CA ASP D 418 -37.96 -3.15 -0.92
C ASP D 418 -38.35 -3.97 0.31
N LYS D 419 -39.54 -3.74 0.83
CA LYS D 419 -40.00 -4.46 2.01
C LYS D 419 -39.42 -3.97 3.34
N PHE D 420 -39.06 -2.70 3.41
CA PHE D 420 -38.54 -2.09 4.63
C PHE D 420 -37.29 -2.73 5.23
N PRO D 421 -36.28 -2.98 4.41
CA PRO D 421 -35.05 -3.60 4.91
C PRO D 421 -34.52 -2.90 6.16
N GLU D 422 -33.73 -3.64 6.92
CA GLU D 422 -33.13 -3.12 8.14
C GLU D 422 -32.21 -1.95 7.86
N TYR D 423 -31.43 -2.05 6.79
CA TYR D 423 -30.49 -1.00 6.43
C TYR D 423 -30.14 -1.03 4.94
N TYR D 424 -29.51 0.04 4.46
CA TYR D 424 -29.07 0.13 3.07
C TYR D 424 -27.55 0.34 2.99
N ASP D 425 -26.93 -0.19 1.94
CA ASP D 425 -25.48 -0.10 1.79
C ASP D 425 -25.05 0.76 0.60
N GLY D 426 -23.79 1.16 0.60
CA GLY D 426 -23.23 1.96 -0.46
C GLY D 426 -22.90 3.35 0.00
N ASN D 427 -22.10 4.04 -0.81
CA ASN D 427 -21.75 5.42 -0.56
C ASN D 427 -22.98 6.30 -0.40
N ASN D 428 -24.04 5.98 -1.15
CA ASN D 428 -25.26 6.75 -1.09
C ASN D 428 -26.46 5.89 -0.75
N GLY D 429 -26.20 4.74 -0.13
CA GLY D 429 -27.24 3.80 0.26
C GLY D 429 -28.02 3.25 -0.92
N ARG D 430 -27.38 3.16 -2.08
CA ARG D 430 -28.06 2.73 -3.29
C ARG D 430 -28.38 1.24 -3.25
N LEU D 431 -27.65 0.50 -2.44
CA LEU D 431 -27.90 -0.94 -2.30
C LEU D 431 -28.76 -1.25 -1.09
N ILE D 432 -29.46 -2.36 -1.15
CA ILE D 432 -30.14 -2.89 0.02
C ILE D 432 -29.09 -3.54 0.90
N GLY D 433 -29.21 -3.39 2.21
CA GLY D 433 -28.29 -3.95 3.17
C GLY D 433 -27.90 -5.38 2.84
N LYS D 434 -26.60 -5.65 2.89
CA LYS D 434 -26.03 -6.92 2.51
C LYS D 434 -26.64 -8.11 3.28
N GLU D 435 -26.83 -7.93 4.59
CA GLU D 435 -27.44 -8.94 5.44
C GLU D 435 -28.66 -8.39 6.16
N ALA D 436 -29.29 -7.39 5.55
CA ALA D 436 -30.44 -6.72 6.16
C ALA D 436 -31.67 -7.63 6.21
N ARG D 437 -32.29 -7.64 7.39
CA ARG D 437 -33.60 -8.28 7.56
C ARG D 437 -34.65 -7.43 6.86
N ILE D 438 -35.58 -8.08 6.17
CA ILE D 438 -36.74 -7.37 5.65
C ILE D 438 -37.84 -7.34 6.72
N TYR D 439 -38.81 -6.45 6.56
CA TYR D 439 -39.80 -6.17 7.59
C TYR D 439 -39.15 -5.88 8.92
N GLN D 440 -38.12 -5.02 8.89
CA GLN D 440 -37.51 -4.52 10.11
C GLN D 440 -38.48 -3.53 10.73
N THR D 441 -38.85 -3.76 11.99
CA THR D 441 -39.94 -3.01 12.61
C THR D 441 -39.66 -1.51 12.74
N TRP D 442 -38.44 -1.13 13.16
CA TRP D 442 -38.17 0.30 13.31
C TRP D 442 -37.91 1.00 11.96
N SER D 443 -37.76 0.24 10.89
CA SER D 443 -37.77 0.83 9.56
C SER D 443 -39.21 1.22 9.18
N ILE D 444 -40.13 0.31 9.44
CA ILE D 444 -41.54 0.54 9.22
C ILE D 444 -42.04 1.66 10.12
N ALA D 445 -41.76 1.52 11.42
CA ALA D 445 -42.17 2.51 12.41
C ALA D 445 -41.48 3.86 12.18
N GLY D 446 -40.22 3.82 11.79
CA GLY D 446 -39.44 5.02 11.53
C GLY D 446 -40.10 5.95 10.52
N LEU D 447 -40.62 5.37 9.44
CA LEU D 447 -41.28 6.16 8.42
C LEU D 447 -42.58 6.78 8.96
N LEU D 448 -43.42 5.92 9.54
CA LEU D 448 -44.67 6.35 10.15
C LEU D 448 -44.49 7.52 11.12
N VAL D 449 -43.52 7.39 12.03
CA VAL D 449 -43.27 8.45 13.02
C VAL D 449 -42.92 9.77 12.34
N ALA D 450 -42.19 9.71 11.22
CA ALA D 450 -41.82 10.91 10.48
C ALA D 450 -43.04 11.56 9.82
N LYS D 451 -43.88 10.74 9.19
CA LYS D 451 -45.10 11.20 8.54
C LYS D 451 -46.06 11.87 9.53
N GLN D 452 -46.11 11.32 10.74
CA GLN D 452 -47.00 11.81 11.78
C GLN D 452 -46.45 13.09 12.43
N PHE D 453 -45.13 13.16 12.59
CA PHE D 453 -44.52 14.42 12.99
C PHE D 453 -44.84 15.48 11.97
N LEU D 454 -44.85 15.08 10.71
CA LEU D 454 -45.12 16.01 9.63
C LEU D 454 -46.57 16.50 9.67
N ALA D 455 -47.50 15.57 9.85
CA ALA D 455 -48.92 15.89 9.98
C ALA D 455 -49.20 16.68 11.25
N ASN D 456 -48.49 16.38 12.34
CA ASN D 456 -48.70 17.09 13.61
C ASN D 456 -47.37 17.42 14.32
N PRO D 457 -46.66 18.45 13.81
CA PRO D 457 -45.36 18.90 14.34
C PRO D 457 -45.31 19.15 15.85
N ASP D 458 -46.48 19.30 16.48
CA ASP D 458 -46.52 19.48 17.92
C ASP D 458 -46.00 18.24 18.68
N HIS D 459 -46.09 17.08 18.05
CA HIS D 459 -45.64 15.82 18.66
C HIS D 459 -44.12 15.72 18.89
N VAL D 460 -43.34 16.51 18.17
CA VAL D 460 -41.90 16.57 18.37
C VAL D 460 -41.56 16.92 19.82
N GLU D 461 -42.47 17.67 20.46
CA GLU D 461 -42.32 18.12 21.85
C GLU D 461 -42.22 16.97 22.86
N PHE D 462 -42.63 15.77 22.45
CA PHE D 462 -42.50 14.59 23.31
C PHE D 462 -41.04 14.20 23.53
N ILE D 463 -40.27 14.10 22.44
CA ILE D 463 -38.87 13.71 22.51
C ILE D 463 -37.90 14.87 22.53
N SER D 464 -38.41 16.10 22.62
CA SER D 464 -37.51 17.25 22.59
C SER D 464 -37.63 18.09 23.86
N PHE D 465 -36.69 18.99 24.04
CA PHE D 465 -36.69 19.92 25.15
C PHE D 465 -36.70 21.33 24.57
N PRO D 466 -37.88 21.97 24.53
CA PRO D 466 -38.01 23.27 23.86
C PRO D 466 -37.02 24.26 24.43
N ASP D 467 -36.90 24.28 25.74
CA ASP D 467 -35.87 25.10 26.37
C ASP D 467 -34.49 24.54 26.11
N THR D 468 -33.50 25.41 26.09
CA THR D 468 -32.12 24.98 25.96
C THR D 468 -31.47 25.12 27.33
N PHE D 469 -30.77 24.07 27.76
CA PHE D 469 -30.11 24.06 29.06
C PHE D 469 -28.60 24.03 28.82
N ILE D 470 -28.12 25.13 28.24
CA ILE D 470 -26.72 25.31 27.90
C ILE D 470 -26.19 26.60 28.53
N GLY D 471 -24.87 26.71 28.61
CA GLY D 471 -24.27 27.89 29.24
C GLY D 471 -22.85 28.11 28.76
N PRO D 472 -22.35 29.34 28.93
CA PRO D 472 -20.97 29.71 28.58
C PRO D 472 -19.97 29.23 29.62
N GLY D 473 -20.50 28.72 30.73
CA GLY D 473 -19.69 28.19 31.82
C GLY D 473 -20.10 26.76 32.15
N CYS D 474 -19.34 26.14 33.06
CA CYS D 474 -19.61 24.77 33.46
C CYS D 474 -20.96 24.64 34.16
N ARG E 20 -14.64 6.44 -54.38
CA ARG E 20 -14.70 7.84 -53.96
C ARG E 20 -13.33 8.49 -54.06
N GLU E 21 -13.29 9.80 -53.79
CA GLU E 21 -12.06 10.59 -53.86
C GLU E 21 -11.49 11.10 -52.52
N THR E 22 -11.99 10.59 -51.40
CA THR E 22 -11.53 10.99 -50.07
C THR E 22 -10.15 10.43 -49.68
N GLU E 23 -9.45 11.14 -48.79
CA GLU E 23 -8.14 10.70 -48.29
C GLU E 23 -8.19 9.27 -47.73
N SER E 24 -9.25 8.97 -47.01
CA SER E 24 -9.43 7.67 -46.40
C SER E 24 -9.52 6.58 -47.47
N TRP E 25 -10.26 6.83 -48.54
CA TRP E 25 -10.38 5.85 -49.62
CA TRP E 25 -10.38 5.85 -49.62
C TRP E 25 -9.01 5.48 -50.23
N LYS E 26 -8.15 6.47 -50.49
CA LYS E 26 -6.80 6.18 -50.96
C LYS E 26 -5.89 5.41 -49.96
N LEU E 27 -5.93 5.76 -48.67
CA LEU E 27 -5.14 5.05 -47.67
C LEU E 27 -5.57 3.59 -47.67
N LEU E 28 -6.88 3.37 -47.79
CA LEU E 28 -7.38 2.01 -47.85
C LEU E 28 -6.89 1.28 -49.12
N GLU E 29 -6.86 1.97 -50.25
CA GLU E 29 -6.37 1.37 -51.50
C GLU E 29 -4.92 0.91 -51.44
N SER E 30 -4.06 1.75 -50.87
CA SER E 30 -2.65 1.43 -50.66
C SER E 30 -2.48 0.18 -49.79
N SER E 31 -3.42 -0.02 -48.89
CA SER E 31 -3.35 -1.13 -47.95
C SER E 31 -3.59 -2.49 -48.57
N ILE E 32 -4.22 -2.52 -49.75
CA ILE E 32 -4.62 -3.77 -50.39
C ILE E 32 -3.42 -4.66 -50.74
N ILE E 33 -3.60 -5.96 -50.48
CA ILE E 33 -2.58 -6.96 -50.77
C ILE E 33 -3.03 -7.75 -51.97
N TYR E 34 -2.13 -7.89 -52.95
CA TYR E 34 -2.43 -8.57 -54.19
C TYR E 34 -1.71 -9.91 -54.29
N TYR E 35 -2.49 -10.96 -54.54
CA TYR E 35 -1.95 -12.31 -54.71
C TYR E 35 -2.20 -12.81 -56.12
N GLU E 36 -1.12 -13.06 -56.86
CA GLU E 36 -1.20 -13.54 -58.23
C GLU E 36 -2.06 -12.62 -59.11
N GLY E 37 -1.95 -11.32 -58.87
CA GLY E 37 -2.70 -10.30 -59.58
C GLY E 37 -4.14 -10.12 -59.14
N ASN E 38 -4.43 -10.44 -57.89
CA ASN E 38 -5.79 -10.27 -57.37
C ASN E 38 -5.76 -9.73 -55.94
N PRO E 39 -6.70 -8.82 -55.62
CA PRO E 39 -6.79 -8.30 -54.25
C PRO E 39 -7.37 -9.34 -53.31
N ILE E 40 -6.60 -9.73 -52.30
CA ILE E 40 -7.03 -10.78 -51.39
C ILE E 40 -7.26 -10.29 -49.96
N GLY E 41 -6.61 -9.19 -49.59
CA GLY E 41 -6.85 -8.58 -48.29
C GLY E 41 -6.19 -7.23 -48.10
N THR E 42 -6.11 -6.78 -46.85
CA THR E 42 -5.44 -5.52 -46.53
C THR E 42 -4.47 -5.71 -45.37
N VAL E 43 -3.35 -5.02 -45.42
CA VAL E 43 -2.39 -4.99 -44.32
C VAL E 43 -3.04 -4.30 -43.12
N ALA E 44 -2.53 -4.62 -41.93
CA ALA E 44 -3.07 -4.07 -40.68
C ALA E 44 -2.77 -2.57 -40.54
N ALA E 45 -1.59 -2.14 -40.97
CA ALA E 45 -1.24 -0.72 -40.88
C ALA E 45 -0.15 -0.32 -41.87
N GLN E 46 -0.04 0.98 -42.10
CA GLN E 46 0.97 1.52 -43.01
C GLN E 46 1.76 2.61 -42.30
N ASP E 47 2.56 2.20 -41.33
CA ASP E 47 3.36 3.13 -40.55
C ASP E 47 4.70 3.28 -41.24
N PRO E 48 5.09 4.51 -41.58
CA PRO E 48 6.37 4.71 -42.26
C PRO E 48 7.57 4.43 -41.37
N GLU E 49 7.52 4.90 -40.14
CA GLU E 49 8.68 4.86 -39.24
C GLU E 49 8.93 3.46 -38.67
N LEU E 50 7.87 2.83 -38.17
CA LEU E 50 8.01 1.53 -37.52
C LEU E 50 8.24 0.39 -38.49
N ALA E 51 9.06 -0.58 -38.08
CA ALA E 51 9.19 -1.82 -38.83
C ALA E 51 7.81 -2.48 -38.83
N ALA E 52 7.39 -2.96 -40.00
CA ALA E 52 6.06 -3.51 -40.16
C ALA E 52 5.74 -4.62 -39.15
N LEU E 53 6.72 -5.53 -38.98
CA LEU E 53 6.57 -6.68 -38.09
C LEU E 53 5.39 -7.55 -38.50
N ASN E 54 4.53 -7.89 -37.55
CA ASN E 54 3.33 -8.66 -37.86
C ASN E 54 2.24 -7.84 -38.58
N TYR E 55 2.40 -6.52 -38.61
CA TYR E 55 1.37 -5.63 -39.18
C TYR E 55 1.32 -5.58 -40.71
N ASP E 56 2.39 -6.01 -41.37
CA ASP E 56 2.39 -6.16 -42.82
C ASP E 56 1.47 -7.30 -43.29
N GLN E 57 1.03 -8.12 -42.35
CA GLN E 57 0.13 -9.23 -42.66
C GLN E 57 -1.32 -8.76 -42.69
N CYS E 58 -2.20 -9.62 -43.18
CA CYS E 58 -3.62 -9.34 -43.18
C CYS E 58 -4.30 -10.16 -42.07
N PHE E 59 -4.73 -9.49 -41.02
CA PHE E 59 -5.47 -10.14 -39.95
C PHE E 59 -6.93 -10.31 -40.34
N LEU E 60 -7.47 -11.49 -40.07
CA LEU E 60 -8.87 -11.73 -40.39
C LEU E 60 -9.83 -10.74 -39.72
N ARG E 61 -9.66 -10.50 -38.43
CA ARG E 61 -10.52 -9.56 -37.72
C ARG E 61 -10.42 -8.13 -38.25
N ASP E 62 -9.20 -7.69 -38.55
CA ASP E 62 -8.98 -6.34 -39.06
C ASP E 62 -9.64 -6.11 -40.42
N PHE E 63 -9.72 -7.18 -41.22
CA PHE E 63 -10.25 -7.08 -42.57
C PHE E 63 -11.77 -6.86 -42.60
N VAL E 64 -12.46 -7.31 -41.56
CA VAL E 64 -13.92 -7.25 -41.56
C VAL E 64 -14.46 -5.83 -41.92
N PRO E 65 -14.02 -4.77 -41.20
CA PRO E 65 -14.46 -3.43 -41.62
C PRO E 65 -14.00 -3.04 -43.04
N SER E 66 -12.75 -3.36 -43.40
CA SER E 66 -12.28 -3.13 -44.77
C SER E 66 -13.23 -3.77 -45.77
N ALA E 67 -13.51 -5.06 -45.57
CA ALA E 67 -14.46 -5.78 -46.41
C ALA E 67 -15.77 -5.02 -46.51
N PHE E 68 -16.28 -4.51 -45.39
CA PHE E 68 -17.55 -3.79 -45.40
C PHE E 68 -17.55 -2.57 -46.34
N VAL E 69 -16.47 -1.82 -46.35
CA VAL E 69 -16.35 -0.65 -47.22
C VAL E 69 -16.43 -1.06 -48.69
N PHE E 70 -15.78 -2.17 -49.03
CA PHE E 70 -15.78 -2.68 -50.40
C PHE E 70 -17.14 -3.26 -50.81
N LEU E 71 -17.85 -3.87 -49.86
CA LEU E 71 -19.19 -4.36 -50.15
C LEU E 71 -20.13 -3.20 -50.46
N MET E 72 -19.97 -2.10 -49.72
CA MET E 72 -20.84 -0.95 -49.89
C MET E 72 -20.44 -0.10 -51.09
N ASP E 73 -19.17 -0.19 -51.48
CA ASP E 73 -18.70 0.51 -52.68
C ASP E 73 -19.19 -0.15 -53.95
N GLY E 74 -19.14 -1.48 -53.98
CA GLY E 74 -19.56 -2.25 -55.14
C GLY E 74 -18.49 -3.19 -55.65
N GLN E 75 -17.23 -2.87 -55.38
CA GLN E 75 -16.12 -3.76 -55.75
C GLN E 75 -16.03 -4.90 -54.72
N THR E 76 -16.57 -6.06 -55.08
CA THR E 76 -16.77 -7.13 -54.11
C THR E 76 -15.82 -8.31 -54.32
N ASP E 77 -14.93 -8.19 -55.29
CA ASP E 77 -14.08 -9.32 -55.63
C ASP E 77 -12.99 -9.57 -54.60
N ILE E 78 -12.47 -8.50 -54.01
CA ILE E 78 -11.51 -8.63 -52.91
C ILE E 78 -12.08 -9.46 -51.76
N VAL E 79 -13.37 -9.26 -51.48
CA VAL E 79 -14.03 -9.96 -50.38
C VAL E 79 -14.30 -11.42 -50.74
N ARG E 80 -14.74 -11.66 -51.96
CA ARG E 80 -14.95 -13.01 -52.48
C ARG E 80 -13.63 -13.77 -52.45
N ASN E 81 -12.58 -13.14 -52.95
CA ASN E 81 -11.24 -13.73 -52.97
C ASN E 81 -10.74 -14.06 -51.57
N PHE E 82 -10.94 -13.11 -50.65
CA PHE E 82 -10.56 -13.25 -49.26
C PHE E 82 -11.22 -14.46 -48.62
N LEU E 83 -12.51 -14.63 -48.86
CA LEU E 83 -13.25 -15.76 -48.33
C LEU E 83 -12.74 -17.09 -48.90
N ILE E 84 -12.30 -17.06 -50.15
CA ILE E 84 -11.75 -18.24 -50.82
C ILE E 84 -10.35 -18.61 -50.34
N GLU E 85 -9.46 -17.64 -50.24
CA GLU E 85 -8.08 -17.90 -49.84
C GLU E 85 -7.98 -18.29 -48.37
N THR E 86 -8.83 -17.69 -47.52
CA THR E 86 -8.90 -18.08 -46.11
C THR E 86 -9.47 -19.48 -45.92
N LEU E 87 -10.37 -19.89 -46.81
CA LEU E 87 -10.90 -21.25 -46.77
C LEU E 87 -9.83 -22.26 -47.20
N THR E 88 -8.96 -21.86 -48.12
CA THR E 88 -7.82 -22.69 -48.48
C THR E 88 -6.85 -22.84 -47.31
N LEU E 89 -6.68 -21.75 -46.57
CA LEU E 89 -5.78 -21.76 -45.42
C LEU E 89 -6.26 -22.76 -44.39
N GLN E 90 -7.58 -22.81 -44.19
CA GLN E 90 -8.15 -23.74 -43.24
C GLN E 90 -7.66 -25.18 -43.48
N SER E 91 -7.40 -25.51 -44.75
CA SER E 91 -6.91 -26.83 -45.15
C SER E 91 -5.41 -26.98 -44.93
N HIS E 92 -4.72 -25.87 -44.68
CA HIS E 92 -3.29 -25.92 -44.39
C HIS E 92 -2.98 -26.79 -43.16
N GLU E 93 -1.83 -27.43 -43.19
CA GLU E 93 -1.35 -28.21 -42.07
C GLU E 93 -0.67 -27.27 -41.10
N LYS E 94 -1.15 -27.29 -39.87
CA LYS E 94 -0.75 -26.36 -38.82
C LYS E 94 -0.39 -27.12 -37.56
N GLU E 95 0.84 -26.94 -37.11
CA GLU E 95 1.31 -27.66 -35.94
C GLU E 95 2.44 -27.01 -35.17
N MET E 96 2.41 -27.24 -33.85
CA MET E 96 3.44 -26.78 -32.93
C MET E 96 3.84 -27.96 -32.05
N ASP E 97 5.14 -28.26 -32.01
CA ASP E 97 5.66 -29.38 -31.22
C ASP E 97 4.84 -30.69 -31.44
N CYS E 98 4.72 -31.12 -32.71
CA CYS E 98 3.98 -32.33 -33.10
C CYS E 98 2.55 -32.40 -32.60
N PHE E 99 1.97 -31.25 -32.28
CA PHE E 99 0.57 -31.20 -31.86
C PHE E 99 -0.29 -30.47 -32.86
N GLN E 100 -1.50 -30.96 -33.06
CA GLN E 100 -2.40 -30.40 -34.06
C GLN E 100 -3.74 -30.00 -33.48
N PRO E 101 -4.14 -28.74 -33.71
CA PRO E 101 -5.49 -28.27 -33.38
C PRO E 101 -6.55 -28.85 -34.32
N GLY E 102 -7.81 -28.49 -34.11
CA GLY E 102 -8.87 -28.88 -35.02
C GLY E 102 -8.64 -28.37 -36.44
N ALA E 103 -9.29 -29.00 -37.42
CA ALA E 103 -9.09 -28.63 -38.82
C ALA E 103 -9.78 -27.30 -39.12
N GLY E 104 -10.87 -27.04 -38.42
CA GLY E 104 -11.66 -25.84 -38.63
C GLY E 104 -11.02 -24.54 -38.17
N LEU E 105 -9.90 -24.63 -37.46
CA LEU E 105 -9.22 -23.43 -36.96
C LEU E 105 -8.85 -22.50 -38.11
N MET E 106 -9.32 -21.25 -38.03
CA MET E 106 -8.90 -20.22 -38.98
C MET E 106 -7.71 -19.45 -38.42
N PRO E 107 -6.87 -18.87 -39.30
CA PRO E 107 -5.67 -18.22 -38.79
C PRO E 107 -5.92 -16.83 -38.23
N ALA E 108 -4.94 -16.31 -37.50
CA ALA E 108 -5.00 -14.93 -37.02
C ALA E 108 -4.81 -14.00 -38.20
N SER E 109 -3.77 -14.28 -38.98
CA SER E 109 -3.40 -13.45 -40.10
C SER E 109 -2.70 -14.25 -41.19
N PHE E 110 -2.50 -13.62 -42.34
CA PHE E 110 -1.72 -14.22 -43.41
C PHE E 110 -1.01 -13.13 -44.20
N LYS E 111 0.10 -13.50 -44.84
CA LYS E 111 0.78 -12.58 -45.72
C LYS E 111 1.17 -13.28 -47.00
N VAL E 112 1.38 -12.51 -48.06
CA VAL E 112 1.89 -13.04 -49.32
C VAL E 112 3.39 -13.10 -49.24
N GLU E 113 3.95 -14.23 -49.63
CA GLU E 113 5.40 -14.36 -49.70
C GLU E 113 5.81 -14.97 -51.04
N SER E 114 7.02 -14.63 -51.47
CA SER E 114 7.52 -15.11 -52.72
C SER E 114 8.92 -15.70 -52.64
N ASP E 115 9.12 -16.78 -53.39
CA ASP E 115 10.45 -17.20 -53.78
C ASP E 115 10.97 -16.15 -54.76
N GLY E 116 12.11 -16.43 -55.38
CA GLY E 116 12.58 -15.58 -56.45
C GLY E 116 11.50 -15.30 -57.48
N SER E 117 10.74 -16.34 -57.83
CA SER E 117 9.76 -16.26 -58.92
C SER E 117 8.32 -16.67 -58.59
N LYS E 118 8.09 -17.31 -57.44
CA LYS E 118 6.74 -17.81 -57.13
C LYS E 118 6.11 -17.14 -55.92
N GLU E 119 4.82 -16.84 -56.02
CA GLU E 119 4.05 -16.31 -54.91
C GLU E 119 3.37 -17.43 -54.11
N TYR E 120 3.28 -17.27 -52.79
CA TYR E 120 2.53 -18.20 -51.94
C TYR E 120 2.13 -17.53 -50.62
N LEU E 121 1.11 -18.10 -49.98
CA LEU E 121 0.56 -17.53 -48.75
C LEU E 121 1.08 -18.21 -47.50
N VAL E 122 1.63 -17.40 -46.60
CA VAL E 122 2.07 -17.89 -45.29
C VAL E 122 1.16 -17.31 -44.21
N ALA E 123 0.49 -18.19 -43.46
CA ALA E 123 -0.41 -17.80 -42.39
C ALA E 123 0.16 -18.05 -41.00
N ASP E 124 -0.50 -17.48 -40.00
CA ASP E 124 -0.23 -17.74 -38.59
C ASP E 124 -1.53 -18.18 -37.92
N PHE E 125 -1.54 -19.41 -37.43
CA PHE E 125 -2.71 -19.94 -36.72
C PHE E 125 -2.52 -19.87 -35.21
N GLY E 126 -1.46 -19.18 -34.77
CA GLY E 126 -1.11 -19.12 -33.37
C GLY E 126 0.27 -19.67 -33.08
N GLU E 127 0.74 -20.57 -33.94
CA GLU E 127 2.05 -21.19 -33.75
C GLU E 127 3.18 -20.20 -33.93
N LYS E 128 2.91 -19.06 -34.58
CA LYS E 128 3.94 -18.02 -34.64
C LYS E 128 3.60 -16.84 -33.75
N ALA E 129 2.35 -16.79 -33.28
CA ALA E 129 1.81 -15.62 -32.58
C ALA E 129 2.53 -15.30 -31.27
N ILE E 130 2.56 -14.00 -30.94
CA ILE E 130 3.10 -13.55 -29.67
C ILE E 130 2.28 -14.16 -28.54
N ALA E 131 2.99 -14.83 -27.63
CA ALA E 131 2.41 -15.60 -26.53
C ALA E 131 1.62 -16.83 -27.01
N ARG E 132 1.79 -17.19 -28.28
CA ARG E 132 1.04 -18.30 -28.91
C ARG E 132 -0.46 -18.25 -28.65
N VAL E 133 -1.03 -17.04 -28.64
CA VAL E 133 -2.46 -16.86 -28.42
C VAL E 133 -3.26 -17.41 -29.60
N PRO E 134 -4.43 -18.00 -29.31
CA PRO E 134 -5.29 -18.57 -30.36
C PRO E 134 -6.35 -17.61 -30.94
N PRO E 135 -6.38 -17.47 -32.27
CA PRO E 135 -7.38 -16.58 -32.86
C PRO E 135 -8.73 -17.25 -32.93
N VAL E 136 -9.36 -17.39 -31.78
CA VAL E 136 -10.65 -18.05 -31.70
C VAL E 136 -11.74 -17.21 -32.39
N ASP E 137 -11.60 -15.89 -32.34
CA ASP E 137 -12.60 -14.99 -32.95
C ASP E 137 -12.52 -14.97 -34.48
N SER E 138 -11.35 -15.27 -35.03
CA SER E 138 -11.15 -15.22 -36.47
C SER E 138 -12.08 -16.14 -37.26
N CYS E 139 -12.20 -17.39 -36.79
CA CYS E 139 -13.07 -18.36 -37.45
C CYS E 139 -14.52 -17.95 -37.34
N MET E 140 -14.87 -17.20 -36.29
CA MET E 140 -16.24 -16.73 -36.13
C MET E 140 -16.56 -15.54 -37.01
N TRP E 141 -15.60 -14.63 -37.17
CA TRP E 141 -15.73 -13.50 -38.08
C TRP E 141 -15.88 -13.97 -39.52
N TRP E 142 -15.08 -14.96 -39.90
CA TRP E 142 -15.13 -15.53 -41.23
C TRP E 142 -16.57 -15.89 -41.64
N ILE E 143 -17.29 -16.54 -40.74
CA ILE E 143 -18.69 -16.91 -41.01
C ILE E 143 -19.58 -15.68 -41.19
N LEU E 144 -19.49 -14.75 -40.24
CA LEU E 144 -20.27 -13.52 -40.27
C LEU E 144 -20.01 -12.70 -41.53
N LEU E 145 -18.76 -12.69 -41.97
CA LEU E 145 -18.37 -11.96 -43.17
C LEU E 145 -18.97 -12.60 -44.41
N LEU E 146 -18.88 -13.93 -44.47
CA LEU E 146 -19.46 -14.71 -45.56
C LEU E 146 -20.96 -14.45 -45.69
N ARG E 147 -21.67 -14.44 -44.57
CA ARG E 147 -23.07 -14.07 -44.57
C ARG E 147 -23.25 -12.64 -45.06
N ALA E 148 -22.41 -11.74 -44.56
CA ALA E 148 -22.48 -10.34 -44.91
C ALA E 148 -22.23 -10.14 -46.41
N TYR E 149 -21.22 -10.82 -46.92
CA TYR E 149 -20.91 -10.81 -48.36
C TYR E 149 -22.13 -11.22 -49.16
N GLU E 150 -22.70 -12.35 -48.75
CA GLU E 150 -23.86 -12.93 -49.41
C GLU E 150 -25.04 -11.97 -49.43
N LYS E 151 -25.34 -11.37 -48.29
CA LYS E 151 -26.45 -10.43 -48.17
C LYS E 151 -26.18 -9.13 -48.97
N ALA E 152 -24.91 -8.75 -49.06
CA ALA E 152 -24.53 -7.53 -49.76
C ALA E 152 -24.63 -7.67 -51.28
N THR E 153 -24.17 -8.80 -51.80
CA THR E 153 -24.11 -9.03 -53.24
C THR E 153 -25.34 -9.76 -53.78
N GLY E 154 -25.77 -10.82 -53.09
CA GLY E 154 -26.80 -11.71 -53.60
C GLY E 154 -26.23 -13.03 -54.08
N ASP E 155 -24.91 -13.14 -54.07
CA ASP E 155 -24.26 -14.37 -54.50
C ASP E 155 -24.50 -15.50 -53.49
N LEU E 156 -25.39 -16.43 -53.83
CA LEU E 156 -25.70 -17.55 -52.95
C LEU E 156 -25.00 -18.83 -53.38
N THR E 157 -24.26 -18.76 -54.48
CA THR E 157 -23.49 -19.92 -54.92
C THR E 157 -22.31 -20.13 -54.00
N LEU E 158 -21.63 -19.05 -53.63
CA LEU E 158 -20.36 -19.13 -52.92
C LEU E 158 -20.43 -19.95 -51.63
N ALA E 159 -21.32 -19.53 -50.73
CA ALA E 159 -21.50 -20.24 -49.46
C ALA E 159 -21.97 -21.67 -49.66
N ARG E 160 -22.81 -21.88 -50.68
CA ARG E 160 -23.39 -23.20 -50.94
C ARG E 160 -22.48 -24.14 -51.72
N GLU E 161 -21.32 -23.65 -52.14
CA GLU E 161 -20.35 -24.52 -52.78
C GLU E 161 -19.92 -25.61 -51.79
N PRO E 162 -19.71 -26.84 -52.30
CA PRO E 162 -19.33 -27.97 -51.43
C PRO E 162 -18.09 -27.73 -50.53
N LYS E 163 -17.14 -26.91 -50.96
CA LYS E 163 -16.00 -26.58 -50.10
C LYS E 163 -16.41 -25.63 -48.96
N PHE E 164 -17.28 -24.66 -49.26
CA PHE E 164 -17.71 -23.70 -48.25
C PHE E 164 -18.68 -24.30 -47.23
N GLN E 165 -19.45 -25.30 -47.64
CA GLN E 165 -20.32 -26.02 -46.69
C GLN E 165 -19.47 -26.89 -45.77
N ALA E 166 -18.38 -27.42 -46.29
CA ALA E 166 -17.48 -28.25 -45.48
C ALA E 166 -16.74 -27.43 -44.43
N GLY E 167 -16.20 -26.29 -44.85
CA GLY E 167 -15.45 -25.41 -43.96
C GLY E 167 -16.25 -24.88 -42.79
N ILE E 168 -17.50 -24.48 -43.06
CA ILE E 168 -18.42 -24.06 -42.01
C ILE E 168 -18.61 -25.19 -41.01
N LYS E 169 -18.82 -26.39 -41.52
CA LYS E 169 -19.02 -27.58 -40.69
C LYS E 169 -17.80 -27.88 -39.81
N LEU E 170 -16.60 -27.64 -40.34
CA LEU E 170 -15.37 -27.85 -39.57
C LEU E 170 -15.26 -26.86 -38.41
N ILE E 171 -15.71 -25.62 -38.63
CA ILE E 171 -15.71 -24.59 -37.60
C ILE E 171 -16.71 -24.94 -36.51
N LEU E 172 -17.92 -25.28 -36.94
CA LEU E 172 -18.96 -25.73 -36.04
C LEU E 172 -18.51 -26.95 -35.23
N ASP E 173 -17.74 -27.84 -35.87
CA ASP E 173 -17.18 -29.01 -35.18
C ASP E 173 -16.36 -28.61 -33.97
N LEU E 174 -15.44 -27.67 -34.17
CA LEU E 174 -14.65 -27.11 -33.08
C LEU E 174 -15.52 -26.42 -32.04
N CYS E 175 -16.31 -25.46 -32.51
CA CYS E 175 -17.10 -24.63 -31.63
C CYS E 175 -18.08 -25.43 -30.79
N LEU E 176 -18.73 -26.42 -31.39
CA LEU E 176 -19.70 -27.25 -30.68
C LEU E 176 -19.10 -28.51 -30.05
N ALA E 177 -17.78 -28.53 -29.90
CA ALA E 177 -17.09 -29.67 -29.28
C ALA E 177 -17.56 -29.90 -27.85
N HIS E 178 -17.40 -31.12 -27.37
CA HIS E 178 -17.90 -31.53 -26.06
C HIS E 178 -17.06 -31.01 -24.90
N ARG E 179 -17.73 -30.74 -23.78
CA ARG E 179 -17.07 -30.12 -22.64
C ARG E 179 -17.24 -30.95 -21.36
N PHE E 180 -16.38 -30.65 -20.38
CA PHE E 180 -16.55 -31.14 -19.02
C PHE E 180 -17.56 -30.26 -18.34
N SER E 181 -17.47 -28.98 -18.67
CA SER E 181 -18.28 -27.95 -18.07
C SER E 181 -19.77 -28.09 -18.33
N MET E 182 -20.55 -27.51 -17.41
CA MET E 182 -22.01 -27.44 -17.53
C MET E 182 -22.42 -26.10 -18.12
N TYR E 183 -21.42 -25.32 -18.55
CA TYR E 183 -21.66 -24.03 -19.18
C TYR E 183 -21.78 -24.25 -20.70
N PRO E 184 -22.82 -23.69 -21.33
CA PRO E 184 -22.89 -23.79 -22.80
C PRO E 184 -21.94 -22.82 -23.51
N THR E 185 -21.29 -21.93 -22.75
CA THR E 185 -20.32 -20.99 -23.32
C THR E 185 -19.08 -21.71 -23.88
N MET E 186 -18.23 -20.95 -24.57
CA MET E 186 -16.97 -21.47 -25.08
C MET E 186 -15.82 -21.11 -24.16
N LEU E 187 -15.07 -22.12 -23.75
CA LEU E 187 -13.93 -21.94 -22.87
C LEU E 187 -12.69 -21.67 -23.70
N VAL E 188 -11.96 -20.62 -23.33
CA VAL E 188 -10.75 -20.21 -24.05
C VAL E 188 -9.67 -19.78 -23.08
N PRO E 189 -8.41 -19.77 -23.53
CA PRO E 189 -7.36 -19.15 -22.73
C PRO E 189 -7.38 -17.64 -22.90
N ASP E 190 -6.43 -16.96 -22.25
CA ASP E 190 -6.37 -15.49 -22.27
C ASP E 190 -5.85 -15.05 -23.64
N GLY E 191 -6.34 -13.89 -24.10
CA GLY E 191 -5.93 -13.31 -25.36
C GLY E 191 -6.48 -13.99 -26.60
N ALA E 192 -7.70 -14.51 -26.52
CA ALA E 192 -8.26 -15.33 -27.61
C ALA E 192 -9.04 -14.53 -28.70
N PHE E 193 -9.30 -13.24 -28.47
CA PHE E 193 -10.03 -12.44 -29.45
C PHE E 193 -9.30 -11.14 -29.83
N MET E 194 -10.06 -10.08 -30.07
CA MET E 194 -9.48 -8.78 -30.42
C MET E 194 -8.47 -8.35 -29.38
N ILE E 195 -8.80 -8.60 -28.12
CA ILE E 195 -7.81 -8.52 -27.06
C ILE E 195 -6.96 -9.79 -27.16
N ASP E 196 -5.74 -9.65 -27.67
CA ASP E 196 -4.88 -10.78 -27.98
C ASP E 196 -3.63 -10.85 -27.10
N ARG E 197 -3.77 -10.39 -25.85
CA ARG E 197 -2.71 -10.44 -24.85
C ARG E 197 -3.31 -10.76 -23.51
N ARG E 198 -2.48 -11.05 -22.53
CA ARG E 198 -3.00 -11.41 -21.22
C ARG E 198 -3.70 -10.21 -20.57
N MET E 199 -5.02 -10.29 -20.41
CA MET E 199 -5.85 -9.18 -19.89
C MET E 199 -6.98 -9.63 -18.96
N GLY E 200 -6.85 -10.84 -18.41
CA GLY E 200 -7.89 -11.42 -17.57
C GLY E 200 -9.16 -11.67 -18.35
N VAL E 201 -9.01 -12.02 -19.63
CA VAL E 201 -10.15 -12.38 -20.46
C VAL E 201 -10.13 -13.88 -20.81
N TYR E 202 -9.43 -14.68 -19.98
CA TYR E 202 -9.48 -16.15 -20.01
C TYR E 202 -10.88 -16.59 -19.61
N GLU E 203 -11.19 -17.87 -19.79
CA GLU E 203 -12.44 -18.52 -19.35
C GLU E 203 -13.59 -18.26 -20.34
N HIS E 204 -14.62 -17.51 -19.95
CA HIS E 204 -15.77 -17.27 -20.84
C HIS E 204 -16.02 -15.78 -21.10
N PRO E 205 -15.10 -15.14 -21.85
CA PRO E 205 -15.24 -13.71 -22.16
C PRO E 205 -16.44 -13.43 -23.04
N LEU E 206 -17.19 -12.39 -22.67
CA LEU E 206 -18.38 -11.97 -23.39
C LEU E 206 -18.21 -12.03 -24.91
N GLU E 207 -17.17 -11.38 -25.40
CA GLU E 207 -16.95 -11.26 -26.84
C GLU E 207 -16.96 -12.59 -27.56
N ILE E 208 -16.29 -13.58 -27.00
CA ILE E 208 -16.26 -14.91 -27.59
C ILE E 208 -17.65 -15.54 -27.63
N GLN E 209 -18.45 -15.33 -26.60
CA GLN E 209 -19.79 -15.92 -26.52
C GLN E 209 -20.77 -15.23 -27.47
N VAL E 210 -20.62 -13.91 -27.61
CA VAL E 210 -21.47 -13.09 -28.47
C VAL E 210 -21.15 -13.35 -29.95
N LEU E 211 -19.87 -13.41 -30.26
CA LEU E 211 -19.44 -13.80 -31.58
C LEU E 211 -19.85 -15.23 -31.87
N PHE E 212 -19.85 -16.05 -30.84
CA PHE E 212 -20.24 -17.45 -30.96
C PHE E 212 -21.74 -17.55 -31.30
N TYR E 213 -22.56 -16.82 -30.55
CA TYR E 213 -23.98 -16.73 -30.80
C TYR E 213 -24.28 -16.24 -32.22
N ALA E 214 -23.63 -15.14 -32.57
CA ALA E 214 -23.73 -14.52 -33.89
C ALA E 214 -23.33 -15.48 -35.00
N ALA E 215 -22.25 -16.23 -34.79
CA ALA E 215 -21.73 -17.15 -35.80
C ALA E 215 -22.64 -18.36 -36.00
N LEU E 216 -23.35 -18.76 -34.94
CA LEU E 216 -24.31 -19.84 -35.05
C LEU E 216 -25.50 -19.42 -35.90
N ARG E 217 -26.04 -18.24 -35.61
CA ARG E 217 -27.15 -17.70 -36.38
C ARG E 217 -26.83 -17.59 -37.87
N ALA E 218 -25.60 -17.21 -38.18
CA ALA E 218 -25.16 -17.11 -39.56
C ALA E 218 -25.16 -18.48 -40.24
N ALA E 219 -24.67 -19.49 -39.52
CA ALA E 219 -24.64 -20.87 -40.02
C ALA E 219 -26.06 -21.40 -40.27
N ARG E 220 -26.98 -21.01 -39.40
CA ARG E 220 -28.38 -21.40 -39.53
C ARG E 220 -28.99 -20.87 -40.83
N GLU E 221 -28.51 -19.71 -41.28
CA GLU E 221 -28.90 -19.17 -42.57
C GLU E 221 -28.09 -19.78 -43.70
N LEU E 222 -26.80 -20.00 -43.46
CA LEU E 222 -25.89 -20.40 -44.52
C LEU E 222 -25.94 -21.88 -44.90
N LEU E 223 -26.23 -22.76 -43.94
CA LEU E 223 -26.11 -24.20 -44.14
C LEU E 223 -27.18 -24.81 -45.05
N LEU E 224 -26.75 -25.79 -45.84
CA LEU E 224 -27.66 -26.57 -46.69
C LEU E 224 -28.19 -27.77 -45.91
N PRO E 225 -29.51 -27.96 -45.90
CA PRO E 225 -30.12 -29.08 -45.17
C PRO E 225 -29.71 -30.47 -45.66
N ASP E 226 -29.39 -30.61 -46.95
CA ASP E 226 -29.08 -31.94 -47.48
C ASP E 226 -27.79 -32.50 -46.89
N GLY E 227 -27.79 -33.83 -46.75
CA GLY E 227 -26.70 -34.57 -46.13
C GLY E 227 -26.73 -34.38 -44.62
N ASP E 228 -25.55 -34.20 -44.03
CA ASP E 228 -25.43 -33.95 -42.59
C ASP E 228 -25.92 -32.56 -42.13
N GLY E 229 -26.13 -31.65 -43.07
CA GLY E 229 -26.58 -30.29 -42.74
C GLY E 229 -27.69 -30.19 -41.73
N GLU E 230 -28.64 -31.11 -41.79
CA GLU E 230 -29.79 -31.13 -40.88
C GLU E 230 -29.33 -31.41 -39.44
N GLN E 231 -28.32 -32.26 -39.32
CA GLN E 231 -27.79 -32.62 -38.00
C GLN E 231 -27.18 -31.38 -37.35
N TYR E 232 -26.40 -30.62 -38.13
CA TYR E 232 -25.78 -29.40 -37.63
C TYR E 232 -26.83 -28.38 -37.18
N LEU E 233 -27.81 -28.14 -38.04
CA LEU E 233 -28.91 -27.23 -37.75
C LEU E 233 -29.61 -27.55 -36.43
N ASN E 234 -29.71 -28.83 -36.09
CA ASN E 234 -30.31 -29.23 -34.82
C ASN E 234 -29.40 -28.98 -33.63
N LYS E 235 -28.12 -29.32 -33.78
CA LYS E 235 -27.14 -29.00 -32.74
C LYS E 235 -27.06 -27.49 -32.53
N VAL E 236 -26.95 -26.78 -33.64
CA VAL E 236 -26.92 -25.31 -33.64
C VAL E 236 -28.13 -24.73 -32.93
N HIS E 237 -29.32 -25.16 -33.35
CA HIS E 237 -30.58 -24.70 -32.79
C HIS E 237 -30.64 -24.87 -31.27
N GLY E 238 -30.30 -26.08 -30.82
CA GLY E 238 -30.29 -26.39 -29.40
C GLY E 238 -29.27 -25.59 -28.63
N ARG E 239 -28.07 -25.43 -29.22
CA ARG E 239 -27.02 -24.64 -28.56
C ARG E 239 -27.44 -23.20 -28.42
N LEU E 240 -27.86 -22.60 -29.54
CA LEU E 240 -28.34 -21.22 -29.57
C LEU E 240 -29.34 -20.92 -28.47
N GLY E 241 -30.26 -21.86 -28.24
CA GLY E 241 -31.24 -21.70 -27.20
C GLY E 241 -30.62 -21.68 -25.82
N ALA E 242 -29.71 -22.62 -25.59
CA ALA E 242 -29.01 -22.71 -24.31
C ALA E 242 -28.14 -21.50 -24.06
N LEU E 243 -27.35 -21.15 -25.07
CA LEU E 243 -26.40 -20.05 -24.97
C LEU E 243 -27.09 -18.71 -24.66
N GLN E 244 -28.14 -18.38 -25.43
CA GLN E 244 -28.86 -17.14 -25.22
C GLN E 244 -29.41 -17.06 -23.80
N TYR E 245 -29.98 -18.15 -23.30
CA TYR E 245 -30.51 -18.19 -21.95
C TYR E 245 -29.41 -17.96 -20.93
N HIS E 246 -28.31 -18.68 -21.12
CA HIS E 246 -27.18 -18.59 -20.21
C HIS E 246 -26.64 -17.16 -20.10
N ILE E 247 -26.30 -16.59 -21.25
CA ILE E 247 -25.75 -15.23 -21.28
C ILE E 247 -26.69 -14.23 -20.64
N ARG E 248 -27.95 -14.23 -21.09
CA ARG E 248 -28.88 -13.18 -20.70
C ARG E 248 -29.25 -13.24 -19.22
N ASN E 249 -29.29 -14.44 -18.64
CA ASN E 249 -29.68 -14.56 -17.23
C ASN E 249 -28.52 -14.32 -16.25
N TYR E 250 -27.31 -14.73 -16.63
CA TYR E 250 -26.17 -14.70 -15.72
C TYR E 250 -25.15 -13.59 -15.97
N TYR E 251 -25.06 -13.11 -17.21
CA TYR E 251 -24.13 -12.01 -17.55
C TYR E 251 -24.77 -10.64 -17.39
N TRP E 252 -26.09 -10.56 -17.47
CA TRP E 252 -26.75 -9.27 -17.50
C TRP E 252 -26.62 -8.48 -16.21
N VAL E 253 -26.05 -7.30 -16.30
CA VAL E 253 -25.89 -6.44 -15.14
C VAL E 253 -26.78 -5.19 -15.20
N ASP E 254 -27.57 -4.99 -14.16
CA ASP E 254 -28.27 -3.74 -13.93
C ASP E 254 -28.43 -3.56 -12.43
N LEU E 255 -28.96 -2.41 -12.00
CA LEU E 255 -29.12 -2.12 -10.57
C LEU E 255 -29.94 -3.17 -9.84
N LYS E 256 -30.99 -3.66 -10.48
CA LYS E 256 -31.82 -4.69 -9.86
C LYS E 256 -31.01 -5.96 -9.58
N ARG E 257 -30.29 -6.41 -10.62
CA ARG E 257 -29.48 -7.63 -10.55
C ARG E 257 -28.35 -7.51 -9.54
N LEU E 258 -27.75 -6.32 -9.49
CA LEU E 258 -26.64 -6.03 -8.61
C LEU E 258 -27.09 -6.14 -7.14
N ARG E 259 -28.28 -5.59 -6.86
CA ARG E 259 -28.84 -5.68 -5.52
C ARG E 259 -29.08 -7.11 -5.10
N GLU E 260 -29.46 -7.95 -6.06
CA GLU E 260 -29.66 -9.35 -5.76
C GLU E 260 -28.33 -10.03 -5.42
N ILE E 261 -27.34 -9.89 -6.30
CA ILE E 261 -26.02 -10.50 -6.13
C ILE E 261 -25.31 -10.02 -4.87
N TYR E 262 -25.42 -8.74 -4.58
CA TYR E 262 -24.83 -8.16 -3.38
C TYR E 262 -25.38 -8.85 -2.11
N ARG E 263 -26.59 -9.36 -2.18
CA ARG E 263 -27.20 -10.06 -1.05
C ARG E 263 -27.15 -11.58 -1.18
N TYR E 264 -26.45 -12.09 -2.19
CA TYR E 264 -26.27 -13.54 -2.33
C TYR E 264 -25.59 -14.16 -1.11
N LYS E 265 -25.93 -15.41 -0.84
CA LYS E 265 -25.26 -16.18 0.19
C LYS E 265 -24.09 -16.90 -0.43
N GLY E 266 -23.04 -17.09 0.37
CA GLY E 266 -21.86 -17.80 -0.11
C GLY E 266 -22.02 -19.29 0.02
N ASN E 267 -21.28 -20.03 -0.81
CA ASN E 267 -21.14 -21.47 -0.71
C ASN E 267 -22.45 -22.24 -0.81
N GLU E 268 -23.40 -21.70 -1.57
CA GLU E 268 -24.66 -22.37 -1.78
C GLU E 268 -24.46 -23.61 -2.63
N PHE E 269 -25.15 -24.67 -2.27
CA PHE E 269 -24.93 -25.98 -2.86
C PHE E 269 -26.22 -26.54 -3.45
N GLY E 270 -26.12 -27.18 -4.60
CA GLY E 270 -27.28 -27.82 -5.20
C GLY E 270 -27.77 -27.18 -6.49
N LYS E 271 -28.92 -27.66 -6.96
CA LYS E 271 -29.48 -27.27 -8.25
C LYS E 271 -30.31 -25.99 -8.15
N GLU E 272 -31.25 -25.98 -7.21
CA GLU E 272 -32.14 -24.86 -7.03
C GLU E 272 -31.54 -23.82 -6.09
N ILE E 273 -30.59 -23.02 -6.59
CA ILE E 273 -29.95 -21.99 -5.79
C ILE E 273 -29.77 -20.65 -6.55
N ALA E 274 -29.65 -19.56 -5.80
CA ALA E 274 -29.49 -18.25 -6.43
C ALA E 274 -28.04 -18.04 -6.89
N ASN E 275 -27.09 -18.18 -5.96
CA ASN E 275 -25.68 -17.99 -6.28
C ASN E 275 -25.05 -19.26 -6.81
N LYS E 276 -25.38 -19.59 -8.06
CA LYS E 276 -24.91 -20.83 -8.69
C LYS E 276 -23.39 -20.84 -8.83
N PHE E 277 -22.81 -19.68 -9.08
CA PHE E 277 -21.39 -19.59 -9.38
C PHE E 277 -20.52 -19.16 -8.21
N ASN E 278 -21.16 -18.94 -7.06
CA ASN E 278 -20.47 -18.61 -5.80
C ASN E 278 -19.74 -17.27 -5.82
N ILE E 279 -20.43 -16.23 -6.29
CA ILE E 279 -19.91 -14.86 -6.26
C ILE E 279 -20.05 -14.26 -4.87
N PHE E 280 -18.91 -13.94 -4.24
CA PHE E 280 -18.94 -13.27 -2.94
C PHE E 280 -19.14 -11.77 -3.12
N SER E 281 -20.20 -11.25 -2.49
CA SER E 281 -20.61 -9.87 -2.68
C SER E 281 -19.50 -8.86 -2.44
N GLN E 282 -18.69 -9.10 -1.42
CA GLN E 282 -17.56 -8.24 -1.10
C GLN E 282 -16.58 -8.08 -2.28
N SER E 283 -16.61 -9.03 -3.21
CA SER E 283 -15.76 -8.97 -4.40
C SER E 283 -16.34 -8.10 -5.53
N ILE E 284 -17.53 -7.55 -5.32
CA ILE E 284 -18.11 -6.60 -6.29
C ILE E 284 -17.36 -5.27 -6.16
N PRO E 285 -16.82 -4.76 -7.27
CA PRO E 285 -16.07 -3.49 -7.27
C PRO E 285 -16.91 -2.28 -6.85
N ASP E 286 -16.28 -1.26 -6.29
CA ASP E 286 -16.96 -0.07 -5.82
C ASP E 286 -17.55 0.78 -6.95
N TRP E 287 -16.84 0.82 -8.08
CA TRP E 287 -17.18 1.70 -9.19
C TRP E 287 -18.54 1.39 -9.85
N VAL E 288 -18.90 0.11 -9.96
CA VAL E 288 -20.08 -0.29 -10.73
C VAL E 288 -21.44 0.21 -10.18
N ILE E 289 -21.58 0.27 -8.85
CA ILE E 289 -22.82 0.72 -8.24
C ILE E 289 -23.19 2.16 -8.65
N GLU E 290 -22.21 3.06 -8.59
CA GLU E 290 -22.43 4.46 -8.94
C GLU E 290 -22.58 4.66 -10.44
N TRP E 291 -21.84 3.86 -11.19
CA TRP E 291 -21.65 4.05 -12.62
C TRP E 291 -22.96 3.85 -13.39
N LEU E 292 -23.75 2.87 -12.99
CA LEU E 292 -24.97 2.54 -13.70
C LEU E 292 -26.03 3.59 -13.49
N PRO E 293 -26.58 4.11 -14.59
CA PRO E 293 -27.78 4.94 -14.46
C PRO E 293 -28.97 4.06 -14.14
N GLU E 294 -30.06 4.63 -13.65
CA GLU E 294 -31.23 3.87 -13.22
C GLU E 294 -31.75 2.94 -14.33
N LYS E 295 -31.79 3.46 -15.56
CA LYS E 295 -32.33 2.75 -16.71
C LYS E 295 -31.25 2.12 -17.60
N GLY E 296 -30.00 2.18 -17.15
CA GLY E 296 -28.90 1.60 -17.87
C GLY E 296 -28.74 0.13 -17.56
N GLY E 297 -27.90 -0.55 -18.34
CA GLY E 297 -27.61 -1.96 -18.12
C GLY E 297 -26.59 -2.46 -19.12
N TYR E 298 -25.89 -3.55 -18.80
CA TYR E 298 -24.93 -4.13 -19.73
C TYR E 298 -24.66 -5.60 -19.44
N LEU E 299 -24.00 -6.26 -20.39
CA LEU E 299 -23.57 -7.64 -20.21
C LEU E 299 -22.18 -7.69 -19.59
N ALA E 300 -22.01 -8.54 -18.59
CA ALA E 300 -20.74 -8.67 -17.89
C ALA E 300 -19.67 -9.20 -18.83
N GLY E 301 -18.42 -8.84 -18.53
CA GLY E 301 -17.29 -9.23 -19.34
C GLY E 301 -16.96 -10.70 -19.27
N ASN E 302 -17.35 -11.35 -18.18
CA ASN E 302 -16.95 -12.75 -17.97
C ASN E 302 -17.70 -13.42 -16.84
N LEU E 303 -17.85 -14.74 -16.98
CA LEU E 303 -18.50 -15.53 -15.95
C LEU E 303 -17.74 -16.83 -15.79
N GLY E 304 -17.52 -17.22 -14.55
CA GLY E 304 -16.83 -18.45 -14.26
C GLY E 304 -16.96 -18.82 -12.80
N PRO E 305 -16.38 -19.97 -12.43
CA PRO E 305 -16.52 -20.44 -11.04
C PRO E 305 -15.99 -19.41 -10.05
N GLY E 306 -16.85 -18.95 -9.15
CA GLY E 306 -16.47 -17.96 -8.17
C GLY E 306 -15.99 -16.66 -8.79
N ARG E 307 -16.45 -16.35 -10.00
CA ARG E 307 -15.94 -15.18 -10.71
C ARG E 307 -16.96 -14.50 -11.61
N MET E 308 -17.06 -13.19 -11.44
CA MET E 308 -17.84 -12.35 -12.31
C MET E 308 -17.04 -11.11 -12.63
N ASP E 309 -16.61 -10.97 -13.88
CA ASP E 309 -15.91 -9.77 -14.34
C ASP E 309 -16.91 -8.68 -14.70
N PHE E 310 -16.92 -7.61 -13.91
CA PHE E 310 -17.87 -6.52 -14.08
C PHE E 310 -17.41 -5.43 -15.04
N ARG E 311 -16.17 -5.53 -15.50
CA ARG E 311 -15.69 -4.61 -16.52
C ARG E 311 -16.67 -4.56 -17.69
N PHE E 312 -16.96 -3.35 -18.16
CA PHE E 312 -17.77 -3.17 -19.36
C PHE E 312 -16.90 -3.42 -20.58
N PHE E 313 -17.32 -4.33 -21.44
CA PHE E 313 -16.62 -4.58 -22.70
C PHE E 313 -17.46 -4.10 -23.88
N ALA E 314 -16.88 -3.21 -24.69
CA ALA E 314 -17.60 -2.49 -25.72
C ALA E 314 -18.06 -3.40 -26.87
N LEU E 315 -17.12 -4.05 -27.54
CA LEU E 315 -17.45 -4.86 -28.71
C LEU E 315 -18.52 -5.90 -28.41
N GLY E 316 -18.30 -6.72 -27.39
CA GLY E 316 -19.25 -7.76 -26.98
C GLY E 316 -20.65 -7.24 -26.74
N ASN E 317 -20.76 -6.07 -26.11
CA ASN E 317 -22.06 -5.48 -25.82
C ASN E 317 -22.73 -4.88 -27.06
N LEU E 318 -21.96 -4.15 -27.86
CA LEU E 318 -22.47 -3.56 -29.10
C LEU E 318 -22.88 -4.63 -30.11
N MET E 319 -22.05 -5.66 -30.22
CA MET E 319 -22.32 -6.76 -31.14
C MET E 319 -23.52 -7.59 -30.72
N ALA E 320 -23.76 -7.69 -29.41
CA ALA E 320 -24.91 -8.40 -28.88
C ALA E 320 -26.21 -7.76 -29.34
N ILE E 321 -26.18 -6.44 -29.52
CA ILE E 321 -27.33 -5.73 -30.06
C ILE E 321 -27.53 -6.10 -31.52
N LEU E 322 -26.45 -6.11 -32.29
CA LEU E 322 -26.52 -6.41 -33.71
C LEU E 322 -26.91 -7.85 -33.98
N ALA E 323 -26.35 -8.77 -33.20
CA ALA E 323 -26.57 -10.20 -33.39
C ALA E 323 -27.97 -10.64 -33.01
N GLY E 324 -28.70 -9.77 -32.31
CA GLY E 324 -30.05 -10.10 -31.88
C GLY E 324 -30.06 -10.90 -30.60
N LEU E 325 -28.90 -10.96 -29.93
CA LEU E 325 -28.80 -11.63 -28.64
C LEU E 325 -29.48 -10.81 -27.56
N ALA E 326 -29.24 -9.50 -27.61
CA ALA E 326 -29.85 -8.61 -26.63
C ALA E 326 -31.30 -8.29 -26.97
N SER E 327 -32.14 -8.27 -25.95
CA SER E 327 -33.56 -7.94 -26.10
C SER E 327 -33.70 -6.48 -26.46
N GLU E 328 -34.86 -6.10 -26.99
CA GLU E 328 -35.15 -4.71 -27.32
C GLU E 328 -34.91 -3.85 -26.09
N GLU E 329 -35.40 -4.29 -24.92
CA GLU E 329 -35.16 -3.51 -23.71
C GLU E 329 -33.71 -3.54 -23.26
N GLU E 330 -33.07 -4.68 -23.36
CA GLU E 330 -31.67 -4.79 -22.97
C GLU E 330 -30.81 -3.85 -23.83
N SER E 331 -31.11 -3.81 -25.13
CA SER E 331 -30.41 -2.93 -26.07
C SER E 331 -30.57 -1.46 -25.74
N GLN E 332 -31.80 -1.06 -25.44
CA GLN E 332 -32.06 0.31 -25.02
C GLN E 332 -31.27 0.67 -23.76
N ARG E 333 -31.27 -0.24 -22.78
CA ARG E 333 -30.53 -0.02 -21.54
C ARG E 333 -29.01 0.06 -21.78
N ILE E 334 -28.51 -0.74 -22.71
CA ILE E 334 -27.10 -0.64 -23.09
C ILE E 334 -26.80 0.74 -23.68
N MET E 335 -27.67 1.20 -24.58
CA MET E 335 -27.47 2.51 -25.20
C MET E 335 -27.73 3.62 -24.18
N ASN E 336 -28.69 3.40 -23.29
CA ASN E 336 -28.87 4.32 -22.16
C ASN E 336 -27.60 4.49 -21.34
N LEU E 337 -26.86 3.39 -21.16
CA LEU E 337 -25.60 3.45 -20.41
C LEU E 337 -24.55 4.28 -21.15
N PHE E 338 -24.38 4.00 -22.43
CA PHE E 338 -23.51 4.81 -23.29
C PHE E 338 -23.83 6.31 -23.17
N ALA E 339 -25.12 6.64 -23.18
CA ALA E 339 -25.56 8.03 -23.09
C ALA E 339 -25.15 8.65 -21.76
N HIS E 340 -25.44 7.96 -20.67
CA HIS E 340 -25.12 8.41 -19.32
C HIS E 340 -23.60 8.44 -19.01
N ARG E 341 -22.85 7.48 -19.56
CA ARG E 341 -21.41 7.41 -19.33
C ARG E 341 -20.63 7.74 -20.60
N TRP E 342 -21.09 8.77 -21.30
CA TRP E 342 -20.51 9.19 -22.57
C TRP E 342 -19.03 9.59 -22.43
N GLU E 343 -18.69 10.27 -21.34
CA GLU E 343 -17.32 10.69 -21.11
C GLU E 343 -16.38 9.49 -20.98
N ASP E 344 -16.83 8.45 -20.29
CA ASP E 344 -15.99 7.27 -20.12
C ASP E 344 -15.94 6.41 -21.36
N LEU E 345 -17.10 6.07 -21.90
CA LEU E 345 -17.16 5.12 -23.02
C LEU E 345 -16.78 5.76 -24.37
N ILE E 346 -17.03 7.05 -24.53
CA ILE E 346 -16.69 7.74 -25.78
C ILE E 346 -15.56 8.74 -25.56
N GLY E 347 -15.77 9.68 -24.64
CA GLY E 347 -14.76 10.69 -24.38
C GLY E 347 -14.28 11.42 -25.62
N TYR E 348 -12.97 11.51 -25.79
CA TYR E 348 -12.35 12.22 -26.90
C TYR E 348 -12.15 11.36 -28.14
N MET E 349 -12.39 10.05 -28.01
CA MET E 349 -12.33 9.17 -29.17
C MET E 349 -13.14 7.90 -28.94
N PRO E 350 -14.21 7.69 -29.72
CA PRO E 350 -14.91 6.40 -29.56
C PRO E 350 -14.07 5.30 -30.15
N VAL E 351 -14.15 4.08 -29.62
CA VAL E 351 -14.90 3.75 -28.42
C VAL E 351 -13.94 3.16 -27.39
N LYS E 352 -14.15 3.42 -26.09
CA LYS E 352 -13.31 2.77 -25.08
C LYS E 352 -13.55 1.27 -25.13
N ILE E 353 -12.47 0.52 -25.30
CA ILE E 353 -12.52 -0.92 -25.55
C ILE E 353 -13.07 -1.68 -24.33
N CYS E 354 -12.71 -1.25 -23.13
CA CYS E 354 -13.34 -1.76 -21.92
C CYS E 354 -13.14 -0.79 -20.75
N TYR E 355 -14.04 -0.84 -19.78
CA TYR E 355 -13.99 0.07 -18.65
C TYR E 355 -14.30 -0.67 -17.34
N PRO E 356 -13.54 -0.40 -16.27
CA PRO E 356 -12.41 0.52 -16.22
C PRO E 356 -11.09 -0.18 -16.46
N ALA E 357 -10.01 0.58 -16.39
CA ALA E 357 -8.68 0.02 -16.52
C ALA E 357 -8.27 -0.68 -15.24
N LEU E 358 -7.47 -1.72 -15.38
CA LEU E 358 -6.85 -2.36 -14.23
C LEU E 358 -5.65 -1.51 -13.79
N GLN E 359 -5.57 -1.19 -12.51
CA GLN E 359 -4.52 -0.29 -12.04
C GLN E 359 -3.65 -0.91 -10.95
N GLY E 360 -2.46 -0.35 -10.77
CA GLY E 360 -1.56 -0.71 -9.69
C GLY E 360 -1.21 -2.17 -9.61
N LEU E 361 -1.40 -2.77 -8.45
CA LEU E 361 -1.07 -4.18 -8.25
C LEU E 361 -1.96 -5.09 -9.08
N GLU E 362 -3.19 -4.66 -9.36
CA GLU E 362 -4.11 -5.43 -10.20
C GLU E 362 -3.62 -5.51 -11.66
N TRP E 363 -3.00 -4.45 -12.15
CA TRP E 363 -2.37 -4.47 -13.46
C TRP E 363 -1.26 -5.51 -13.48
N GLN E 364 -0.43 -5.50 -12.45
CA GLN E 364 0.71 -6.40 -12.35
C GLN E 364 0.29 -7.87 -12.38
N ILE E 365 -0.57 -8.25 -11.44
CA ILE E 365 -1.05 -9.61 -11.32
C ILE E 365 -1.72 -10.11 -12.59
N VAL E 366 -2.70 -9.36 -13.07
CA VAL E 366 -3.62 -9.83 -14.12
C VAL E 366 -3.00 -9.85 -15.50
N THR E 367 -2.14 -8.87 -15.81
CA THR E 367 -1.51 -8.82 -17.13
C THR E 367 -0.14 -9.48 -17.13
N GLY E 368 0.41 -9.72 -15.94
CA GLY E 368 1.78 -10.19 -15.80
C GLY E 368 2.78 -9.08 -16.07
N CYS E 369 2.51 -7.88 -15.56
CA CYS E 369 3.34 -6.69 -15.77
C CYS E 369 3.58 -6.36 -17.25
N ASP E 370 2.56 -6.57 -18.07
CA ASP E 370 2.66 -6.32 -19.51
C ASP E 370 2.74 -4.81 -19.77
N PRO E 371 3.90 -4.34 -20.26
CA PRO E 371 4.11 -2.90 -20.40
C PRO E 371 3.33 -2.26 -21.55
N LYS E 372 2.73 -3.05 -22.42
CA LYS E 372 1.88 -2.49 -23.44
C LYS E 372 0.46 -2.18 -22.94
N ASN E 373 0.02 -2.90 -21.91
CA ASN E 373 -1.32 -2.68 -21.38
C ASN E 373 -1.33 -2.00 -20.02
N ILE E 374 -0.45 -1.00 -19.84
CA ILE E 374 -0.48 -0.18 -18.62
C ILE E 374 -1.87 0.49 -18.52
N PRO E 375 -2.26 0.95 -17.31
CA PRO E 375 -3.61 1.48 -17.11
C PRO E 375 -4.02 2.54 -18.15
N TRP E 376 -5.22 2.36 -18.73
CA TRP E 376 -5.81 3.27 -19.73
C TRP E 376 -5.03 3.28 -21.04
N SER E 377 -4.33 2.17 -21.31
CA SER E 377 -3.61 2.03 -22.57
C SER E 377 -3.95 0.72 -23.25
N TYR E 378 -4.09 0.80 -24.58
CA TYR E 378 -4.26 -0.39 -25.43
C TYR E 378 -5.50 -1.20 -25.03
N HIS E 379 -5.34 -2.47 -24.69
CA HIS E 379 -6.49 -3.30 -24.27
C HIS E 379 -6.99 -2.91 -22.89
N ASN E 380 -6.11 -2.38 -22.06
CA ASN E 380 -6.46 -2.03 -20.69
C ASN E 380 -7.13 -0.65 -20.63
N GLY E 381 -8.27 -0.54 -21.30
CA GLY E 381 -9.05 0.70 -21.24
C GLY E 381 -8.59 1.80 -22.18
N GLY E 382 -8.04 1.41 -23.33
CA GLY E 382 -7.71 2.34 -24.39
C GLY E 382 -8.94 2.68 -25.21
N ASN E 383 -8.82 3.68 -26.07
CA ASN E 383 -9.93 4.01 -26.96
C ASN E 383 -9.63 3.59 -28.41
N TRP E 384 -10.58 2.87 -29.01
CA TRP E 384 -10.33 2.25 -30.30
C TRP E 384 -11.28 2.76 -31.40
N PRO E 385 -10.73 3.54 -32.34
CA PRO E 385 -11.46 4.10 -33.49
C PRO E 385 -12.25 3.07 -34.29
N VAL E 386 -11.70 1.87 -34.46
CA VAL E 386 -12.36 0.81 -35.23
C VAL E 386 -13.74 0.43 -34.67
N LEU E 387 -13.92 0.58 -33.36
CA LEU E 387 -15.20 0.23 -32.73
C LEU E 387 -16.32 1.18 -33.11
N LEU E 388 -15.98 2.28 -33.78
CA LEU E 388 -16.98 3.24 -34.25
C LEU E 388 -18.03 2.61 -35.17
N TRP E 389 -17.60 1.69 -36.04
CA TRP E 389 -18.53 1.02 -36.94
C TRP E 389 -19.52 0.16 -36.17
N LEU E 390 -19.07 -0.50 -35.10
CA LEU E 390 -19.99 -1.24 -34.22
C LEU E 390 -21.00 -0.31 -33.56
N PHE E 391 -20.50 0.78 -32.99
CA PHE E 391 -21.33 1.71 -32.24
C PHE E 391 -22.37 2.40 -33.11
N THR E 392 -21.93 2.84 -34.29
CA THR E 392 -22.79 3.50 -35.25
C THR E 392 -23.90 2.54 -35.70
N ALA E 393 -23.50 1.35 -36.13
CA ALA E 393 -24.45 0.32 -36.52
C ALA E 393 -25.48 0.01 -35.44
N ALA E 394 -25.04 -0.02 -34.19
CA ALA E 394 -25.94 -0.30 -33.07
C ALA E 394 -26.87 0.87 -32.78
N ALA E 395 -26.32 2.08 -32.81
CA ALA E 395 -27.10 3.29 -32.55
C ALA E 395 -28.17 3.49 -33.61
N LEU E 396 -27.86 3.07 -34.84
CA LEU E 396 -28.85 3.11 -35.92
C LEU E 396 -29.97 2.13 -35.64
N LYS E 397 -29.59 0.89 -35.36
CA LYS E 397 -30.52 -0.18 -35.05
C LYS E 397 -31.41 0.12 -33.86
N THR E 398 -30.88 0.84 -32.86
CA THR E 398 -31.64 1.16 -31.66
C THR E 398 -32.42 2.46 -31.77
N GLY E 399 -32.26 3.15 -32.89
CA GLY E 399 -32.93 4.41 -33.12
C GLY E 399 -32.34 5.55 -32.32
N LYS E 400 -31.00 5.59 -32.27
CA LYS E 400 -30.31 6.66 -31.57
C LYS E 400 -29.24 7.26 -32.46
N VAL E 401 -29.71 7.87 -33.55
CA VAL E 401 -28.86 8.40 -34.60
C VAL E 401 -28.01 9.57 -34.10
N GLU E 402 -28.61 10.39 -33.23
CA GLU E 402 -27.90 11.51 -32.61
C GLU E 402 -26.59 11.06 -31.96
N LEU E 403 -26.61 9.90 -31.32
CA LEU E 403 -25.39 9.33 -30.72
C LEU E 403 -24.38 8.95 -31.81
N ALA E 404 -24.88 8.39 -32.92
CA ALA E 404 -24.02 8.07 -34.05
C ALA E 404 -23.33 9.31 -34.63
N HIS E 405 -24.11 10.37 -34.85
CA HIS E 405 -23.60 11.65 -35.36
C HIS E 405 -22.47 12.18 -34.49
N GLU E 406 -22.71 12.16 -33.18
CA GLU E 406 -21.77 12.73 -32.22
C GLU E 406 -20.47 11.94 -32.14
N ALA E 407 -20.58 10.61 -32.16
CA ALA E 407 -19.41 9.74 -32.13
C ALA E 407 -18.53 9.95 -33.37
N ILE E 408 -19.15 10.08 -34.54
CA ILE E 408 -18.43 10.31 -35.79
C ILE E 408 -17.80 11.71 -35.82
N ALA E 409 -18.58 12.70 -35.37
CA ALA E 409 -18.11 14.07 -35.30
C ALA E 409 -16.80 14.16 -34.52
N ILE E 410 -16.81 13.56 -33.33
CA ILE E 410 -15.63 13.51 -32.46
C ILE E 410 -14.46 12.79 -33.16
N ALA E 411 -14.77 11.66 -33.79
CA ALA E 411 -13.76 10.88 -34.48
C ALA E 411 -13.19 11.62 -35.69
N GLU E 412 -14.07 12.19 -36.51
CA GLU E 412 -13.68 13.01 -37.67
C GLU E 412 -12.73 14.16 -37.27
N GLY E 413 -12.99 14.75 -36.10
CA GLY E 413 -12.21 15.86 -35.60
C GLY E 413 -10.72 15.61 -35.42
N ARG E 414 -10.32 14.37 -35.13
CA ARG E 414 -8.91 14.12 -34.84
C ARG E 414 -8.20 13.07 -35.71
N LEU E 415 -8.94 12.10 -36.24
CA LEU E 415 -8.29 10.95 -36.89
C LEU E 415 -7.37 11.34 -38.03
N SER E 416 -7.89 12.14 -38.96
CA SER E 416 -7.08 12.58 -40.09
C SER E 416 -5.84 13.36 -39.64
N ASN E 417 -6.03 14.29 -38.69
CA ASN E 417 -4.93 15.10 -38.13
C ASN E 417 -3.88 14.27 -37.42
N ASP E 418 -4.32 13.22 -36.73
CA ASP E 418 -3.43 12.33 -36.00
C ASP E 418 -2.91 11.21 -36.89
N LYS E 419 -3.34 11.21 -38.15
CA LYS E 419 -2.92 10.21 -39.13
C LYS E 419 -3.49 8.83 -38.84
N PHE E 420 -4.74 8.80 -38.38
CA PHE E 420 -5.46 7.55 -38.10
C PHE E 420 -4.67 6.57 -37.21
N PRO E 421 -4.49 6.93 -35.93
CA PRO E 421 -3.79 6.02 -35.03
C PRO E 421 -4.58 4.76 -34.75
N GLU E 422 -3.86 3.72 -34.32
CA GLU E 422 -4.45 2.44 -33.99
C GLU E 422 -5.37 2.55 -32.79
N TYR E 423 -4.94 3.30 -31.79
CA TYR E 423 -5.72 3.44 -30.57
C TYR E 423 -5.33 4.71 -29.83
N TYR E 424 -6.18 5.10 -28.88
CA TYR E 424 -5.93 6.26 -28.03
C TYR E 424 -5.90 5.85 -26.56
N ASP E 425 -5.18 6.60 -25.74
CA ASP E 425 -4.99 6.27 -24.32
C ASP E 425 -5.51 7.34 -23.37
N GLY E 426 -5.60 6.99 -22.08
CA GLY E 426 -6.08 7.92 -21.08
C GLY E 426 -7.50 7.60 -20.62
N ASN E 427 -7.93 8.27 -19.56
CA ASN E 427 -9.28 8.07 -19.05
C ASN E 427 -10.33 8.36 -20.09
N ASN E 428 -10.03 9.31 -20.97
CA ASN E 428 -10.98 9.73 -22.00
C ASN E 428 -10.41 9.71 -23.40
N GLY E 429 -9.32 8.97 -23.61
CA GLY E 429 -8.70 8.87 -24.91
C GLY E 429 -8.04 10.16 -25.38
N ARG E 430 -7.62 10.99 -24.44
CA ARG E 430 -7.01 12.25 -24.78
C ARG E 430 -5.62 12.05 -25.39
N LEU E 431 -4.92 11.01 -24.96
CA LEU E 431 -3.60 10.72 -25.48
C LEU E 431 -3.62 9.81 -26.70
N ILE E 432 -2.72 10.04 -27.65
CA ILE E 432 -2.55 9.08 -28.72
C ILE E 432 -1.83 7.84 -28.16
N GLY E 433 -2.33 6.66 -28.55
CA GLY E 433 -1.84 5.39 -28.04
C GLY E 433 -0.34 5.33 -27.93
N LYS E 434 0.13 4.85 -26.78
CA LYS E 434 1.55 4.88 -26.45
C LYS E 434 2.40 4.24 -27.54
N GLU E 435 1.96 3.09 -28.01
CA GLU E 435 2.66 2.39 -29.07
C GLU E 435 1.73 2.16 -30.27
N ALA E 436 0.86 3.14 -30.52
CA ALA E 436 -0.09 3.05 -31.62
C ALA E 436 0.58 3.29 -32.96
N ARG E 437 0.30 2.41 -33.91
CA ARG E 437 0.70 2.62 -35.30
C ARG E 437 -0.16 3.70 -35.93
N ILE E 438 0.43 4.48 -36.82
CA ILE E 438 -0.35 5.43 -37.62
C ILE E 438 -0.73 4.78 -38.94
N TYR E 439 -1.78 5.30 -39.57
CA TYR E 439 -2.38 4.71 -40.77
C TYR E 439 -2.78 3.26 -40.51
N GLN E 440 -3.45 3.04 -39.38
CA GLN E 440 -3.97 1.72 -39.02
C GLN E 440 -5.24 1.45 -39.82
N THR E 441 -5.19 0.40 -40.65
CA THR E 441 -6.22 0.18 -41.66
C THR E 441 -7.65 0.14 -41.13
N TRP E 442 -7.89 -0.52 -40.00
CA TRP E 442 -9.27 -0.61 -39.50
C TRP E 442 -9.70 0.61 -38.68
N SER E 443 -8.78 1.54 -38.38
CA SER E 443 -9.17 2.85 -37.86
C SER E 443 -9.78 3.65 -39.01
N ILE E 444 -9.07 3.64 -40.15
CA ILE E 444 -9.52 4.29 -41.37
C ILE E 444 -10.83 3.69 -41.85
N ALA E 445 -10.84 2.38 -42.01
CA ALA E 445 -12.03 1.66 -42.44
C ALA E 445 -13.15 1.88 -41.43
N GLY E 446 -12.82 1.88 -40.14
CA GLY E 446 -13.80 2.12 -39.10
C GLY E 446 -14.62 3.37 -39.33
N LEU E 447 -13.94 4.48 -39.60
CA LEU E 447 -14.63 5.74 -39.84
C LEU E 447 -15.47 5.66 -41.11
N LEU E 448 -14.87 5.13 -42.18
CA LEU E 448 -15.58 4.93 -43.45
C LEU E 448 -16.87 4.10 -43.29
N VAL E 449 -16.76 2.95 -42.64
CA VAL E 449 -17.92 2.07 -42.46
C VAL E 449 -19.05 2.81 -41.72
N ALA E 450 -18.69 3.49 -40.65
CA ALA E 450 -19.66 4.25 -39.85
C ALA E 450 -20.40 5.27 -40.71
N LYS E 451 -19.64 6.07 -41.47
CA LYS E 451 -20.21 7.09 -42.36
C LYS E 451 -21.19 6.51 -43.38
N GLN E 452 -20.80 5.40 -44.01
CA GLN E 452 -21.64 4.75 -44.99
C GLN E 452 -22.94 4.24 -44.36
N PHE E 453 -22.84 3.68 -43.16
CA PHE E 453 -24.02 3.27 -42.42
C PHE E 453 -24.95 4.45 -42.17
N LEU E 454 -24.38 5.59 -41.82
CA LEU E 454 -25.14 6.80 -41.57
C LEU E 454 -25.84 7.27 -42.85
N ALA E 455 -25.08 7.31 -43.94
CA ALA E 455 -25.61 7.70 -45.24
C ALA E 455 -26.71 6.75 -45.71
N ASN E 456 -26.56 5.47 -45.42
CA ASN E 456 -27.53 4.46 -45.84
C ASN E 456 -27.68 3.34 -44.78
N PRO E 457 -28.55 3.57 -43.79
CA PRO E 457 -28.77 2.66 -42.65
C PRO E 457 -29.20 1.24 -42.99
N ASP E 458 -29.82 1.03 -44.15
CA ASP E 458 -30.24 -0.32 -44.54
C ASP E 458 -29.08 -1.30 -44.66
N HIS E 459 -27.87 -0.78 -44.87
CA HIS E 459 -26.69 -1.64 -44.95
C HIS E 459 -26.39 -2.41 -43.67
N VAL E 460 -26.77 -1.84 -42.52
CA VAL E 460 -26.58 -2.51 -41.24
C VAL E 460 -27.11 -3.94 -41.27
N GLU E 461 -28.16 -4.16 -42.07
CA GLU E 461 -28.81 -5.47 -42.17
C GLU E 461 -27.90 -6.65 -42.50
N PHE E 462 -26.76 -6.41 -43.16
CA PHE E 462 -25.87 -7.51 -43.53
C PHE E 462 -24.91 -7.96 -42.41
N ILE E 463 -24.67 -7.10 -41.42
CA ILE E 463 -23.87 -7.50 -40.25
C ILE E 463 -24.75 -7.64 -39.00
N SER E 464 -26.05 -7.43 -39.17
CA SER E 464 -26.98 -7.55 -38.06
C SER E 464 -28.03 -8.61 -38.38
N PHE E 465 -28.90 -8.87 -37.42
CA PHE E 465 -30.03 -9.76 -37.61
C PHE E 465 -31.33 -9.02 -37.34
N PRO E 466 -32.26 -9.06 -38.30
CA PRO E 466 -33.49 -8.28 -38.14
C PRO E 466 -34.34 -8.85 -37.01
N ASP E 467 -34.41 -10.18 -36.96
CA ASP E 467 -35.16 -10.88 -35.94
C ASP E 467 -34.31 -11.09 -34.68
N THR E 468 -34.99 -11.27 -33.55
CA THR E 468 -34.34 -11.62 -32.30
C THR E 468 -34.60 -13.11 -32.07
N PHE E 469 -33.55 -13.86 -31.77
CA PHE E 469 -33.68 -15.29 -31.53
C PHE E 469 -33.32 -15.62 -30.10
N ILE E 470 -34.18 -15.16 -29.19
CA ILE E 470 -33.99 -15.33 -27.76
C ILE E 470 -35.30 -15.79 -27.11
N GLY E 471 -35.16 -16.65 -26.10
CA GLY E 471 -36.31 -17.19 -25.39
C GLY E 471 -36.13 -17.01 -23.89
N PRO E 472 -37.25 -16.91 -23.17
CA PRO E 472 -37.22 -16.81 -21.70
C PRO E 472 -36.89 -18.16 -21.08
N GLY E 473 -36.87 -19.20 -21.91
CA GLY E 473 -36.50 -20.52 -21.46
C GLY E 473 -35.23 -20.96 -22.15
N CYS E 474 -34.60 -22.00 -21.61
CA CYS E 474 -33.37 -22.55 -22.14
C CYS E 474 -33.53 -22.98 -23.59
N SER E 475 -34.68 -23.54 -23.93
CA SER E 475 -34.91 -23.99 -25.31
C SER E 475 -35.68 -22.94 -26.12
N LEU E 476 -35.14 -22.60 -27.29
CA LEU E 476 -35.76 -21.70 -28.26
C LEU E 476 -35.81 -20.26 -27.75
N ARG F 20 -8.83 -55.06 11.19
CA ARG F 20 -7.69 -54.92 12.07
C ARG F 20 -8.12 -54.06 13.25
N GLU F 21 -7.31 -54.03 14.30
CA GLU F 21 -7.71 -53.41 15.55
C GLU F 21 -7.29 -51.94 15.71
N THR F 22 -6.56 -51.41 14.73
CA THR F 22 -6.10 -50.03 14.76
C THR F 22 -7.28 -49.05 14.70
N GLU F 23 -7.16 -47.94 15.42
CA GLU F 23 -8.21 -46.93 15.46
C GLU F 23 -8.58 -46.47 14.05
N SER F 24 -7.56 -46.29 13.20
CA SER F 24 -7.76 -45.83 11.82
C SER F 24 -8.59 -46.80 10.99
N TRP F 25 -8.30 -48.09 11.09
CA TRP F 25 -9.07 -49.11 10.39
C TRP F 25 -10.55 -49.04 10.74
N LYS F 26 -10.85 -48.92 12.04
CA LYS F 26 -12.22 -48.86 12.50
C LYS F 26 -12.96 -47.65 11.94
N LEU F 27 -12.29 -46.49 11.92
CA LEU F 27 -12.89 -45.28 11.38
C LEU F 27 -13.10 -45.39 9.88
N LEU F 28 -12.11 -45.94 9.20
CA LEU F 28 -12.24 -46.21 7.78
C LEU F 28 -13.40 -47.16 7.49
N GLU F 29 -13.54 -48.17 8.34
CA GLU F 29 -14.56 -49.18 8.13
C GLU F 29 -15.96 -48.62 8.41
N SER F 30 -16.07 -47.76 9.41
CA SER F 30 -17.33 -47.07 9.70
C SER F 30 -17.67 -46.06 8.60
N SER F 31 -16.65 -45.62 7.85
CA SER F 31 -16.85 -44.67 6.74
C SER F 31 -17.51 -45.29 5.51
N ILE F 32 -17.48 -46.61 5.41
CA ILE F 32 -17.91 -47.31 4.20
C ILE F 32 -19.40 -47.08 3.89
N ILE F 33 -19.71 -46.92 2.61
CA ILE F 33 -21.08 -46.73 2.13
C ILE F 33 -21.59 -48.03 1.48
N TYR F 34 -22.80 -48.42 1.88
CA TYR F 34 -23.40 -49.66 1.37
C TYR F 34 -24.64 -49.38 0.50
N TYR F 35 -24.73 -50.13 -0.60
CA TYR F 35 -25.79 -49.96 -1.58
C TYR F 35 -26.31 -51.30 -2.08
N GLU F 36 -27.61 -51.55 -1.86
CA GLU F 36 -28.22 -52.85 -2.13
C GLU F 36 -27.43 -53.93 -1.40
N GLY F 37 -27.12 -53.66 -0.13
CA GLY F 37 -26.29 -54.53 0.69
C GLY F 37 -24.93 -54.84 0.08
N ASN F 38 -24.26 -53.83 -0.43
CA ASN F 38 -22.93 -53.97 -1.02
C ASN F 38 -22.05 -52.75 -0.76
N PRO F 39 -20.76 -52.98 -0.49
CA PRO F 39 -19.86 -51.85 -0.20
C PRO F 39 -19.47 -51.12 -1.49
N ILE F 40 -19.87 -49.85 -1.63
CA ILE F 40 -19.63 -49.14 -2.88
C ILE F 40 -18.69 -47.94 -2.76
N GLY F 41 -18.48 -47.45 -1.54
CA GLY F 41 -17.60 -46.31 -1.35
C GLY F 41 -17.43 -45.88 0.08
N THR F 42 -16.63 -44.84 0.29
CA THR F 42 -16.43 -44.25 1.60
C THR F 42 -16.79 -42.78 1.58
N VAL F 43 -17.43 -42.32 2.66
CA VAL F 43 -17.80 -40.91 2.82
C VAL F 43 -16.57 -40.01 2.94
N ALA F 44 -16.73 -38.75 2.59
CA ALA F 44 -15.63 -37.79 2.66
C ALA F 44 -15.17 -37.51 4.09
N ALA F 45 -16.13 -37.46 5.02
CA ALA F 45 -15.80 -37.16 6.42
C ALA F 45 -16.90 -37.63 7.35
N GLN F 46 -16.56 -37.80 8.63
CA GLN F 46 -17.53 -38.22 9.64
C GLN F 46 -17.49 -37.25 10.82
N ASP F 47 -17.79 -36.00 10.54
CA ASP F 47 -17.78 -34.95 11.57
C ASP F 47 -19.13 -34.94 12.28
N PRO F 48 -19.12 -35.23 13.59
CA PRO F 48 -20.38 -35.26 14.33
C PRO F 48 -20.99 -33.88 14.53
N GLU F 49 -20.16 -32.89 14.87
CA GLU F 49 -20.66 -31.55 15.20
C GLU F 49 -21.10 -30.76 13.96
N LEU F 50 -20.31 -30.83 12.90
CA LEU F 50 -20.62 -30.08 11.69
C LEU F 50 -21.78 -30.71 10.92
N ALA F 51 -22.53 -29.85 10.23
CA ALA F 51 -23.57 -30.28 9.31
C ALA F 51 -22.94 -31.06 8.17
N ALA F 52 -23.59 -32.15 7.77
CA ALA F 52 -23.06 -33.04 6.75
C ALA F 52 -22.75 -32.33 5.43
N LEU F 53 -23.60 -31.36 5.07
CA LEU F 53 -23.49 -30.67 3.79
C LEU F 53 -23.36 -31.70 2.67
N ASN F 54 -22.30 -31.56 1.85
CA ASN F 54 -22.02 -32.53 0.81
C ASN F 54 -20.95 -33.53 1.21
N TYR F 55 -20.46 -33.43 2.44
CA TYR F 55 -19.40 -34.32 2.93
C TYR F 55 -19.91 -35.71 3.32
N ASP F 56 -21.23 -35.85 3.37
CA ASP F 56 -21.86 -37.17 3.49
C ASP F 56 -21.74 -37.98 2.18
N GLN F 57 -21.55 -37.29 1.06
CA GLN F 57 -21.35 -37.94 -0.24
C GLN F 57 -20.00 -38.64 -0.35
N CYS F 58 -19.85 -39.48 -1.37
CA CYS F 58 -18.58 -40.12 -1.68
C CYS F 58 -17.93 -39.50 -2.92
N PHE F 59 -16.82 -38.81 -2.70
CA PHE F 59 -16.08 -38.17 -3.78
C PHE F 59 -15.14 -39.17 -4.44
N LEU F 60 -15.08 -39.12 -5.77
CA LEU F 60 -14.23 -40.03 -6.52
C LEU F 60 -12.77 -39.92 -6.16
N ARG F 61 -12.30 -38.69 -5.94
CA ARG F 61 -10.89 -38.48 -5.64
C ARG F 61 -10.55 -38.87 -4.21
N ASP F 62 -11.47 -38.59 -3.28
CA ASP F 62 -11.32 -38.97 -1.89
C ASP F 62 -11.28 -40.47 -1.74
N PHE F 63 -11.94 -41.19 -2.65
CA PHE F 63 -11.96 -42.65 -2.56
C PHE F 63 -10.64 -43.31 -2.95
N VAL F 64 -9.91 -42.70 -3.87
CA VAL F 64 -8.63 -43.23 -4.37
C VAL F 64 -7.72 -43.75 -3.24
N PRO F 65 -7.44 -42.92 -2.22
CA PRO F 65 -6.58 -43.45 -1.15
C PRO F 65 -7.26 -44.54 -0.32
N SER F 66 -8.56 -44.42 -0.07
CA SER F 66 -9.33 -45.45 0.62
C SER F 66 -9.19 -46.79 -0.09
N ALA F 67 -9.37 -46.75 -1.40
CA ALA F 67 -9.24 -47.91 -2.26
C ALA F 67 -7.91 -48.64 -2.04
N PHE F 68 -6.81 -47.89 -2.02
CA PHE F 68 -5.48 -48.47 -1.87
C PHE F 68 -5.32 -49.26 -0.57
N VAL F 69 -5.87 -48.71 0.51
CA VAL F 69 -5.91 -49.40 1.79
C VAL F 69 -6.51 -50.79 1.61
N PHE F 70 -7.70 -50.84 1.03
CA PHE F 70 -8.43 -52.08 0.84
C PHE F 70 -7.69 -53.03 -0.09
N LEU F 71 -7.18 -52.50 -1.21
CA LEU F 71 -6.44 -53.31 -2.17
C LEU F 71 -5.26 -54.03 -1.54
N MET F 72 -4.49 -53.30 -0.74
CA MET F 72 -3.33 -53.85 -0.06
C MET F 72 -3.72 -54.82 1.05
N ASP F 73 -4.98 -54.76 1.49
CA ASP F 73 -5.49 -55.66 2.51
C ASP F 73 -6.21 -56.88 1.94
N GLY F 74 -6.57 -56.84 0.67
CA GLY F 74 -7.22 -57.95 0.00
C GLY F 74 -8.73 -57.83 -0.14
N GLN F 75 -9.32 -56.79 0.45
CA GLN F 75 -10.76 -56.55 0.30
C GLN F 75 -11.03 -55.78 -0.97
N THR F 76 -11.29 -56.50 -2.06
CA THR F 76 -11.35 -55.89 -3.38
C THR F 76 -12.78 -55.64 -3.86
N ASP F 77 -13.76 -56.12 -3.09
CA ASP F 77 -15.16 -55.98 -3.48
C ASP F 77 -15.57 -54.52 -3.59
N ILE F 78 -15.32 -53.75 -2.52
CA ILE F 78 -15.67 -52.33 -2.49
C ILE F 78 -15.09 -51.54 -3.68
N VAL F 79 -13.86 -51.84 -4.08
CA VAL F 79 -13.25 -51.15 -5.20
C VAL F 79 -13.97 -51.50 -6.49
N ARG F 80 -14.14 -52.80 -6.70
CA ARG F 80 -14.87 -53.32 -7.86
C ARG F 80 -16.26 -52.69 -7.96
N ASN F 81 -17.00 -52.66 -6.86
CA ASN F 81 -18.35 -52.11 -6.81
C ASN F 81 -18.36 -50.63 -7.13
N PHE F 82 -17.41 -49.92 -6.52
CA PHE F 82 -17.19 -48.51 -6.79
C PHE F 82 -16.98 -48.30 -8.29
N LEU F 83 -16.04 -49.04 -8.86
CA LEU F 83 -15.73 -48.97 -10.30
C LEU F 83 -16.92 -49.31 -11.19
N ILE F 84 -17.74 -50.26 -10.74
CA ILE F 84 -18.92 -50.64 -11.48
C ILE F 84 -19.98 -49.54 -11.41
N GLU F 85 -20.35 -49.14 -10.20
CA GLU F 85 -21.37 -48.13 -10.01
C GLU F 85 -21.02 -46.78 -10.66
N THR F 86 -19.74 -46.40 -10.61
CA THR F 86 -19.29 -45.15 -11.21
C THR F 86 -19.35 -45.20 -12.75
N LEU F 87 -19.10 -46.38 -13.32
CA LEU F 87 -19.23 -46.58 -14.76
C LEU F 87 -20.68 -46.45 -15.21
N THR F 88 -21.59 -46.96 -14.40
CA THR F 88 -23.02 -46.81 -14.62
C THR F 88 -23.41 -45.34 -14.46
N LEU F 89 -22.85 -44.70 -13.44
CA LEU F 89 -23.12 -43.28 -13.18
C LEU F 89 -22.75 -42.39 -14.35
N GLN F 90 -21.68 -42.75 -15.06
CA GLN F 90 -21.27 -42.01 -16.25
C GLN F 90 -22.37 -41.92 -17.30
N SER F 91 -23.03 -43.05 -17.53
CA SER F 91 -24.09 -43.16 -18.53
C SER F 91 -25.38 -42.44 -18.15
N HIS F 92 -25.41 -41.88 -16.95
CA HIS F 92 -26.55 -41.06 -16.51
C HIS F 92 -26.73 -39.81 -17.35
N GLU F 93 -27.97 -39.33 -17.41
CA GLU F 93 -28.26 -38.10 -18.10
C GLU F 93 -28.07 -36.90 -17.17
N LYS F 94 -27.04 -36.12 -17.47
CA LYS F 94 -26.64 -34.95 -16.69
C LYS F 94 -26.85 -33.68 -17.52
N GLU F 95 -27.60 -32.74 -16.95
CA GLU F 95 -27.99 -31.55 -17.67
C GLU F 95 -28.10 -30.32 -16.77
N MET F 96 -27.69 -29.18 -17.30
CA MET F 96 -27.85 -27.91 -16.62
C MET F 96 -28.39 -26.91 -17.64
N ASP F 97 -29.58 -26.36 -17.39
CA ASP F 97 -30.20 -25.37 -18.27
C ASP F 97 -30.21 -25.81 -19.74
N CYS F 98 -30.70 -27.02 -20.01
CA CYS F 98 -30.75 -27.60 -21.35
C CYS F 98 -29.39 -27.78 -22.04
N PHE F 99 -28.32 -27.76 -21.26
CA PHE F 99 -27.00 -28.04 -21.83
C PHE F 99 -26.45 -29.33 -21.22
N GLN F 100 -25.83 -30.16 -22.06
CA GLN F 100 -25.25 -31.41 -21.60
C GLN F 100 -23.79 -31.49 -21.98
N PRO F 101 -22.93 -31.84 -21.02
CA PRO F 101 -21.50 -31.98 -21.32
C PRO F 101 -21.17 -33.28 -22.03
N GLY F 102 -19.92 -33.47 -22.43
CA GLY F 102 -19.46 -34.72 -23.00
C GLY F 102 -19.91 -35.91 -22.19
N ALA F 103 -20.40 -36.95 -22.84
CA ALA F 103 -20.96 -38.10 -22.14
C ALA F 103 -19.94 -38.89 -21.32
N GLY F 104 -18.65 -38.62 -21.54
CA GLY F 104 -17.60 -39.27 -20.78
C GLY F 104 -17.28 -38.66 -19.42
N LEU F 105 -18.10 -37.69 -18.99
CA LEU F 105 -17.85 -37.01 -17.73
C LEU F 105 -18.19 -37.87 -16.51
N MET F 106 -17.20 -38.07 -15.65
CA MET F 106 -17.41 -38.74 -14.38
C MET F 106 -17.82 -37.73 -13.33
N PRO F 107 -18.63 -38.15 -12.36
CA PRO F 107 -19.08 -37.18 -11.36
C PRO F 107 -18.01 -36.83 -10.33
N ALA F 108 -18.24 -35.76 -9.57
CA ALA F 108 -17.37 -35.42 -8.46
C ALA F 108 -17.64 -36.39 -7.32
N SER F 109 -18.93 -36.51 -7.01
CA SER F 109 -19.39 -37.22 -5.84
C SER F 109 -20.72 -37.97 -6.10
N PHE F 110 -20.98 -38.99 -5.29
CA PHE F 110 -22.29 -39.64 -5.32
C PHE F 110 -22.71 -40.06 -3.92
N LYS F 111 -24.01 -40.04 -3.68
CA LYS F 111 -24.57 -40.57 -2.44
C LYS F 111 -25.77 -41.45 -2.76
N VAL F 112 -26.19 -42.23 -1.77
CA VAL F 112 -27.32 -43.13 -1.93
C VAL F 112 -28.55 -42.47 -1.34
N GLU F 113 -29.54 -42.25 -2.20
CA GLU F 113 -30.82 -41.70 -1.77
C GLU F 113 -31.88 -42.78 -1.89
N SER F 114 -32.85 -42.76 -1.00
CA SER F 114 -33.94 -43.71 -1.08
C SER F 114 -35.27 -43.04 -0.85
N ASP F 115 -36.22 -43.28 -1.75
CA ASP F 115 -37.61 -43.01 -1.45
C ASP F 115 -38.02 -44.13 -0.51
N GLY F 116 -39.15 -43.99 0.18
CA GLY F 116 -39.62 -45.00 1.11
C GLY F 116 -39.47 -46.43 0.60
N SER F 117 -39.74 -46.63 -0.69
CA SER F 117 -39.72 -47.96 -1.31
C SER F 117 -38.33 -48.51 -1.62
N LYS F 118 -37.52 -47.77 -2.37
CA LYS F 118 -36.25 -48.31 -2.88
C LYS F 118 -35.04 -47.35 -2.87
N GLU F 119 -33.83 -47.93 -2.85
CA GLU F 119 -32.57 -47.20 -2.96
C GLU F 119 -32.18 -46.91 -4.41
N TYR F 120 -31.63 -45.71 -4.64
CA TYR F 120 -31.06 -45.34 -5.94
C TYR F 120 -29.84 -44.43 -5.75
N LEU F 121 -29.03 -44.30 -6.80
CA LEU F 121 -27.80 -43.52 -6.72
C LEU F 121 -27.90 -42.14 -7.37
N VAL F 122 -27.76 -41.11 -6.54
CA VAL F 122 -27.71 -39.72 -7.00
C VAL F 122 -26.26 -39.24 -7.09
N ALA F 123 -25.94 -38.52 -8.15
CA ALA F 123 -24.58 -38.03 -8.38
C ALA F 123 -24.52 -36.53 -8.65
N ASP F 124 -23.33 -35.95 -8.49
CA ASP F 124 -23.06 -34.55 -8.81
C ASP F 124 -21.94 -34.50 -9.85
N PHE F 125 -22.28 -34.04 -11.06
CA PHE F 125 -21.32 -33.88 -12.15
C PHE F 125 -20.82 -32.45 -12.27
N GLY F 126 -21.18 -31.61 -11.30
CA GLY F 126 -20.87 -30.20 -11.37
C GLY F 126 -22.11 -29.34 -11.55
N GLU F 127 -23.25 -29.97 -11.83
CA GLU F 127 -24.50 -29.24 -11.94
C GLU F 127 -25.07 -28.91 -10.56
N LYS F 128 -24.64 -29.65 -9.53
CA LYS F 128 -25.03 -29.36 -8.15
C LYS F 128 -23.92 -28.70 -7.34
N ALA F 129 -22.69 -28.77 -7.86
CA ALA F 129 -21.49 -28.34 -7.13
C ALA F 129 -21.45 -26.83 -6.86
N ILE F 130 -20.72 -26.45 -5.81
CA ILE F 130 -20.51 -25.05 -5.51
C ILE F 130 -19.66 -24.43 -6.62
N ALA F 131 -20.14 -23.27 -7.12
CA ALA F 131 -19.51 -22.54 -8.21
C ALA F 131 -19.59 -23.28 -9.55
N ARG F 132 -20.41 -24.33 -9.58
CA ARG F 132 -20.53 -25.21 -10.75
C ARG F 132 -19.17 -25.64 -11.30
N VAL F 133 -18.25 -25.98 -10.39
CA VAL F 133 -16.93 -26.43 -10.77
C VAL F 133 -16.97 -27.83 -11.41
N PRO F 134 -16.23 -28.02 -12.51
CA PRO F 134 -16.25 -29.31 -13.19
C PRO F 134 -15.19 -30.27 -12.61
N PRO F 135 -15.60 -31.52 -12.34
CA PRO F 135 -14.66 -32.50 -11.77
C PRO F 135 -13.82 -33.16 -12.85
N VAL F 136 -12.89 -32.41 -13.40
CA VAL F 136 -12.08 -32.88 -14.52
C VAL F 136 -11.12 -34.00 -14.12
N ASP F 137 -10.54 -33.86 -12.94
CA ASP F 137 -9.59 -34.83 -12.41
C ASP F 137 -10.25 -36.16 -12.08
N SER F 138 -11.55 -36.12 -11.79
CA SER F 138 -12.30 -37.31 -11.36
C SER F 138 -12.29 -38.44 -12.38
N CYS F 139 -12.57 -38.13 -13.64
CA CYS F 139 -12.58 -39.15 -14.69
C CYS F 139 -11.18 -39.73 -14.89
N MET F 140 -10.16 -38.92 -14.62
CA MET F 140 -8.79 -39.38 -14.74
C MET F 140 -8.39 -40.30 -13.57
N TRP F 141 -8.87 -40.00 -12.37
CA TRP F 141 -8.62 -40.84 -11.19
C TRP F 141 -9.24 -42.22 -11.35
N TRP F 142 -10.48 -42.24 -11.83
CA TRP F 142 -11.19 -43.48 -12.09
C TRP F 142 -10.36 -44.45 -12.92
N ILE F 143 -9.75 -43.94 -13.98
CA ILE F 143 -8.86 -44.72 -14.83
C ILE F 143 -7.66 -45.24 -14.05
N LEU F 144 -6.99 -44.35 -13.32
CA LEU F 144 -5.82 -44.74 -12.53
C LEU F 144 -6.21 -45.72 -11.45
N LEU F 145 -7.40 -45.52 -10.89
CA LEU F 145 -7.94 -46.44 -9.89
C LEU F 145 -8.25 -47.78 -10.53
N LEU F 146 -8.80 -47.74 -11.74
CA LEU F 146 -9.12 -48.95 -12.49
C LEU F 146 -7.87 -49.79 -12.75
N ARG F 147 -6.79 -49.12 -13.13
CA ARG F 147 -5.51 -49.79 -13.35
C ARG F 147 -4.94 -50.33 -12.04
N ALA F 148 -5.14 -49.56 -10.97
CA ALA F 148 -4.69 -49.95 -9.65
C ALA F 148 -5.39 -51.22 -9.18
N TYR F 149 -6.66 -51.38 -9.56
CA TYR F 149 -7.40 -52.59 -9.24
C TYR F 149 -6.74 -53.81 -9.87
N GLU F 150 -6.43 -53.73 -11.16
CA GLU F 150 -5.75 -54.82 -11.85
C GLU F 150 -4.44 -55.23 -11.20
N LYS F 151 -3.51 -54.30 -11.10
CA LYS F 151 -2.15 -54.61 -10.66
C LYS F 151 -2.10 -55.18 -9.25
N ALA F 152 -2.98 -54.71 -8.40
CA ALA F 152 -3.06 -55.21 -7.02
C ALA F 152 -3.63 -56.62 -6.98
N THR F 153 -4.72 -56.82 -7.72
CA THR F 153 -5.45 -58.08 -7.69
C THR F 153 -4.94 -59.11 -8.70
N GLY F 154 -4.76 -58.66 -9.94
CA GLY F 154 -4.42 -59.55 -11.04
C GLY F 154 -5.64 -59.83 -11.89
N ASP F 155 -6.81 -59.39 -11.43
CA ASP F 155 -8.06 -59.59 -12.14
C ASP F 155 -8.11 -58.70 -13.38
N LEU F 156 -8.00 -59.33 -14.54
CA LEU F 156 -8.01 -58.63 -15.81
C LEU F 156 -9.35 -58.68 -16.55
N THR F 157 -10.37 -59.23 -15.90
CA THR F 157 -11.68 -59.38 -16.53
C THR F 157 -12.49 -58.09 -16.49
N LEU F 158 -12.34 -57.33 -15.42
CA LEU F 158 -13.15 -56.13 -15.21
C LEU F 158 -12.80 -55.00 -16.17
N ALA F 159 -11.51 -54.85 -16.47
CA ALA F 159 -11.06 -53.85 -17.43
C ALA F 159 -11.54 -54.15 -18.85
N ARG F 160 -11.45 -55.41 -19.24
CA ARG F 160 -11.82 -55.85 -20.58
C ARG F 160 -13.31 -55.77 -20.94
N GLU F 161 -14.17 -55.81 -19.93
CA GLU F 161 -15.60 -55.84 -20.18
C GLU F 161 -16.04 -54.76 -21.16
N PRO F 162 -17.10 -55.03 -21.93
CA PRO F 162 -17.59 -54.13 -22.99
C PRO F 162 -17.96 -52.74 -22.49
N LYS F 163 -18.59 -52.71 -21.32
CA LYS F 163 -19.00 -51.45 -20.70
C LYS F 163 -17.78 -50.64 -20.27
N PHE F 164 -16.83 -51.29 -19.59
CA PHE F 164 -15.61 -50.64 -19.13
C PHE F 164 -14.74 -50.08 -20.24
N GLN F 165 -14.58 -50.84 -21.33
CA GLN F 165 -13.84 -50.37 -22.50
C GLN F 165 -14.54 -49.19 -23.17
N ALA F 166 -15.86 -49.20 -23.15
CA ALA F 166 -16.66 -48.10 -23.68
C ALA F 166 -16.50 -46.85 -22.82
N GLY F 167 -16.52 -47.02 -21.50
CA GLY F 167 -16.35 -45.91 -20.58
C GLY F 167 -15.00 -45.24 -20.67
N ILE F 168 -13.95 -46.04 -20.85
CA ILE F 168 -12.61 -45.53 -21.07
C ILE F 168 -12.58 -44.71 -22.35
N LYS F 169 -13.16 -45.26 -23.41
CA LYS F 169 -13.24 -44.58 -24.68
C LYS F 169 -13.96 -43.23 -24.52
N LEU F 170 -15.11 -43.24 -23.86
CA LEU F 170 -15.87 -42.01 -23.61
C LEU F 170 -15.04 -40.92 -22.92
N ILE F 171 -14.18 -41.34 -21.98
CA ILE F 171 -13.26 -40.43 -21.31
C ILE F 171 -12.21 -39.87 -22.27
N LEU F 172 -11.61 -40.75 -23.08
CA LEU F 172 -10.61 -40.33 -24.05
C LEU F 172 -11.19 -39.43 -25.16
N ASP F 173 -12.48 -39.59 -25.45
CA ASP F 173 -13.18 -38.70 -26.39
C ASP F 173 -13.14 -37.27 -25.90
N LEU F 174 -13.40 -37.09 -24.61
CA LEU F 174 -13.34 -35.78 -23.98
C LEU F 174 -11.93 -35.18 -23.96
N CYS F 175 -10.99 -35.92 -23.38
CA CYS F 175 -9.63 -35.43 -23.18
C CYS F 175 -8.89 -35.14 -24.48
N LEU F 176 -9.14 -35.96 -25.49
CA LEU F 176 -8.48 -35.79 -26.79
C LEU F 176 -9.31 -34.96 -27.77
N ALA F 177 -10.28 -34.21 -27.25
CA ALA F 177 -11.08 -33.32 -28.08
C ALA F 177 -10.20 -32.26 -28.72
N HIS F 178 -10.62 -31.80 -29.89
CA HIS F 178 -9.84 -30.83 -30.65
C HIS F 178 -9.89 -29.45 -30.00
N ARG F 179 -8.85 -28.66 -30.26
CA ARG F 179 -8.72 -27.35 -29.62
C ARG F 179 -8.41 -26.25 -30.63
N PHE F 180 -8.69 -25.02 -30.24
CA PHE F 180 -8.27 -23.85 -31.01
C PHE F 180 -6.81 -23.61 -30.77
N SER F 181 -6.38 -23.99 -29.57
CA SER F 181 -5.01 -23.81 -29.09
C SER F 181 -3.96 -24.77 -29.65
N MET F 182 -2.72 -24.29 -29.63
CA MET F 182 -1.56 -25.06 -30.08
C MET F 182 -0.89 -25.79 -28.92
N TYR F 183 -1.51 -25.73 -27.74
CA TYR F 183 -0.97 -26.39 -26.56
C TYR F 183 -1.47 -27.84 -26.54
N PRO F 184 -0.58 -28.80 -26.31
CA PRO F 184 -1.03 -30.20 -26.18
C PRO F 184 -1.74 -30.47 -24.86
N THR F 185 -1.64 -29.53 -23.93
CA THR F 185 -2.21 -29.67 -22.60
C THR F 185 -3.75 -29.61 -22.61
N MET F 186 -4.36 -29.85 -21.46
CA MET F 186 -5.81 -29.71 -21.33
C MET F 186 -6.20 -28.35 -20.76
N LEU F 187 -7.14 -27.69 -21.43
CA LEU F 187 -7.65 -26.41 -20.96
C LEU F 187 -8.80 -26.64 -20.01
N VAL F 188 -8.81 -25.88 -18.91
CA VAL F 188 -9.88 -26.01 -17.93
C VAL F 188 -10.27 -24.65 -17.33
N PRO F 189 -11.48 -24.55 -16.79
CA PRO F 189 -11.78 -23.37 -15.97
C PRO F 189 -11.13 -23.48 -14.60
N ASP F 190 -11.33 -22.48 -13.75
CA ASP F 190 -10.72 -22.47 -12.42
C ASP F 190 -11.40 -23.49 -11.52
N GLY F 191 -10.62 -24.11 -10.64
CA GLY F 191 -11.16 -25.02 -9.65
C GLY F 191 -11.61 -26.35 -10.21
N ALA F 192 -10.81 -26.94 -11.10
CA ALA F 192 -11.23 -28.13 -11.85
C ALA F 192 -10.60 -29.44 -11.39
N PHE F 193 -9.96 -29.44 -10.22
CA PHE F 193 -9.37 -30.66 -9.66
C PHE F 193 -9.49 -30.71 -8.14
N MET F 194 -8.51 -31.31 -7.45
CA MET F 194 -8.50 -31.33 -5.98
C MET F 194 -8.75 -29.94 -5.41
N ILE F 195 -8.12 -28.95 -6.01
CA ILE F 195 -8.53 -27.59 -5.73
C ILE F 195 -9.82 -27.33 -6.51
N ASP F 196 -10.95 -27.36 -5.82
CA ASP F 196 -12.26 -27.19 -6.46
C ASP F 196 -12.84 -25.80 -6.16
N ARG F 197 -11.94 -24.82 -6.06
CA ARG F 197 -12.34 -23.44 -5.84
C ARG F 197 -11.45 -22.50 -6.62
N ARG F 198 -11.82 -21.23 -6.66
CA ARG F 198 -11.10 -20.26 -7.46
C ARG F 198 -9.76 -19.92 -6.81
N MET F 199 -8.68 -20.46 -7.38
CA MET F 199 -7.34 -20.30 -6.81
C MET F 199 -6.32 -19.88 -7.85
N GLY F 200 -6.80 -19.31 -8.95
CA GLY F 200 -5.94 -19.00 -10.07
C GLY F 200 -5.33 -20.24 -10.69
N VAL F 201 -6.04 -21.38 -10.62
CA VAL F 201 -5.54 -22.60 -11.25
C VAL F 201 -6.30 -22.90 -12.53
N TYR F 202 -6.99 -21.89 -13.04
CA TYR F 202 -7.62 -21.95 -14.36
C TYR F 202 -6.59 -22.17 -15.45
N GLU F 203 -7.05 -22.53 -16.65
CA GLU F 203 -6.23 -22.65 -17.86
C GLU F 203 -5.52 -24.03 -17.93
N HIS F 204 -4.18 -24.07 -17.84
CA HIS F 204 -3.45 -25.34 -17.95
C HIS F 204 -2.67 -25.74 -16.68
N PRO F 205 -3.38 -26.04 -15.58
CA PRO F 205 -2.72 -26.36 -14.31
C PRO F 205 -1.99 -27.71 -14.32
N LEU F 206 -0.85 -27.73 -13.65
CA LEU F 206 0.00 -28.91 -13.54
C LEU F 206 -0.77 -30.18 -13.19
N GLU F 207 -1.62 -30.09 -12.17
CA GLU F 207 -2.38 -31.25 -11.69
C GLU F 207 -3.17 -31.92 -12.80
N ILE F 208 -3.93 -31.13 -13.54
CA ILE F 208 -4.70 -31.65 -14.68
C ILE F 208 -3.80 -32.30 -15.73
N GLN F 209 -2.69 -31.64 -16.06
CA GLN F 209 -1.78 -32.12 -17.11
C GLN F 209 -1.06 -33.42 -16.71
N VAL F 210 -0.69 -33.51 -15.44
CA VAL F 210 0.00 -34.67 -14.92
C VAL F 210 -0.95 -35.86 -14.82
N LEU F 211 -2.15 -35.64 -14.29
CA LEU F 211 -3.17 -36.69 -14.23
C LEU F 211 -3.62 -37.08 -15.63
N PHE F 212 -3.65 -36.12 -16.53
CA PHE F 212 -3.97 -36.37 -17.93
C PHE F 212 -2.94 -37.33 -18.52
N TYR F 213 -1.67 -36.94 -18.43
CA TYR F 213 -0.57 -37.78 -18.88
C TYR F 213 -0.62 -39.18 -18.28
N ALA F 214 -0.90 -39.26 -16.98
CA ALA F 214 -0.92 -40.52 -16.26
C ALA F 214 -2.09 -41.41 -16.68
N ALA F 215 -3.26 -40.80 -16.88
CA ALA F 215 -4.43 -41.55 -17.33
C ALA F 215 -4.23 -42.13 -18.72
N LEU F 216 -3.47 -41.42 -19.56
CA LEU F 216 -3.15 -41.91 -20.90
C LEU F 216 -2.26 -43.15 -20.85
N ARG F 217 -1.20 -43.10 -20.05
CA ARG F 217 -0.32 -44.26 -19.87
C ARG F 217 -1.07 -45.48 -19.35
N ALA F 218 -2.02 -45.25 -18.45
CA ALA F 218 -2.85 -46.32 -17.91
C ALA F 218 -3.74 -46.90 -19.00
N ALA F 219 -4.48 -46.01 -19.67
CA ALA F 219 -5.35 -46.39 -20.79
C ALA F 219 -4.58 -47.14 -21.87
N ARG F 220 -3.34 -46.73 -22.09
CA ARG F 220 -2.41 -47.41 -22.99
C ARG F 220 -2.28 -48.90 -22.67
N GLU F 221 -2.33 -49.24 -21.39
CA GLU F 221 -2.23 -50.62 -20.94
C GLU F 221 -3.59 -51.33 -20.88
N LEU F 222 -4.64 -50.58 -20.56
CA LEU F 222 -5.95 -51.17 -20.32
C LEU F 222 -6.77 -51.36 -21.59
N LEU F 223 -6.34 -50.74 -22.69
CA LEU F 223 -7.11 -50.79 -23.93
C LEU F 223 -6.88 -52.05 -24.75
N LEU F 224 -7.97 -52.56 -25.32
CA LEU F 224 -7.91 -53.68 -26.25
C LEU F 224 -7.75 -53.15 -27.66
N PRO F 225 -6.80 -53.70 -28.43
CA PRO F 225 -6.65 -53.31 -29.84
C PRO F 225 -7.86 -53.72 -30.70
N ASP F 226 -8.71 -54.59 -30.16
CA ASP F 226 -9.89 -55.07 -30.87
C ASP F 226 -10.79 -53.93 -31.30
N GLY F 227 -11.36 -54.04 -32.50
CA GLY F 227 -12.24 -53.01 -33.01
C GLY F 227 -11.50 -51.72 -33.34
N ASP F 228 -11.96 -50.62 -32.75
CA ASP F 228 -11.32 -49.30 -32.92
C ASP F 228 -10.15 -49.06 -31.97
N GLY F 229 -9.95 -49.95 -31.00
CA GLY F 229 -8.89 -49.81 -30.03
C GLY F 229 -7.55 -49.31 -30.55
N GLU F 230 -7.18 -49.78 -31.74
CA GLU F 230 -5.94 -49.36 -32.39
C GLU F 230 -5.94 -47.87 -32.69
N GLN F 231 -7.10 -47.36 -33.10
CA GLN F 231 -7.23 -45.95 -33.42
C GLN F 231 -6.99 -45.10 -32.17
N TYR F 232 -7.58 -45.54 -31.05
CA TYR F 232 -7.35 -44.90 -29.76
C TYR F 232 -5.89 -44.97 -29.29
N LEU F 233 -5.29 -46.15 -29.44
CA LEU F 233 -3.90 -46.38 -29.05
C LEU F 233 -2.90 -45.43 -29.68
N ASN F 234 -3.11 -45.11 -30.96
CA ASN F 234 -2.18 -44.25 -31.70
C ASN F 234 -2.34 -42.78 -31.33
N LYS F 235 -3.59 -42.34 -31.17
CA LYS F 235 -3.86 -40.99 -30.68
C LYS F 235 -3.22 -40.79 -29.30
N VAL F 236 -3.51 -41.71 -28.39
CA VAL F 236 -2.92 -41.69 -27.05
C VAL F 236 -1.39 -41.60 -27.13
N HIS F 237 -0.80 -42.50 -27.90
CA HIS F 237 0.65 -42.54 -28.07
C HIS F 237 1.18 -41.21 -28.60
N GLY F 238 0.45 -40.61 -29.54
CA GLY F 238 0.85 -39.33 -30.10
C GLY F 238 0.78 -38.18 -29.09
N ARG F 239 -0.36 -38.09 -28.41
CA ARG F 239 -0.58 -37.04 -27.42
C ARG F 239 0.43 -37.12 -26.28
N LEU F 240 0.69 -38.33 -25.81
CA LEU F 240 1.67 -38.57 -24.74
C LEU F 240 3.05 -37.99 -25.06
N GLY F 241 3.47 -38.16 -26.30
CA GLY F 241 4.76 -37.68 -26.75
C GLY F 241 4.82 -36.17 -26.81
N ALA F 242 3.72 -35.57 -27.26
CA ALA F 242 3.62 -34.12 -27.36
C ALA F 242 3.52 -33.51 -25.96
N LEU F 243 2.62 -34.07 -25.17
CA LEU F 243 2.40 -33.62 -23.80
C LEU F 243 3.66 -33.68 -22.95
N GLN F 244 4.34 -34.81 -22.94
CA GLN F 244 5.56 -34.98 -22.14
C GLN F 244 6.61 -33.93 -22.52
N TYR F 245 6.74 -33.66 -23.81
CA TYR F 245 7.71 -32.69 -24.29
C TYR F 245 7.35 -31.29 -23.80
N HIS F 246 6.07 -30.96 -23.88
CA HIS F 246 5.57 -29.64 -23.51
C HIS F 246 5.78 -29.36 -22.01
N ILE F 247 5.30 -30.29 -21.17
CA ILE F 247 5.45 -30.16 -19.71
C ILE F 247 6.92 -30.02 -19.35
N ARG F 248 7.73 -30.97 -19.79
CA ARG F 248 9.14 -31.03 -19.39
C ARG F 248 9.96 -29.84 -19.88
N ASN F 249 9.65 -29.30 -21.06
CA ASN F 249 10.45 -28.18 -21.57
C ASN F 249 10.02 -26.79 -21.08
N TYR F 250 8.71 -26.59 -20.88
CA TYR F 250 8.21 -25.24 -20.58
C TYR F 250 7.76 -25.06 -19.12
N TYR F 251 7.33 -26.12 -18.46
CA TYR F 251 6.94 -26.03 -17.04
C TYR F 251 8.13 -26.17 -16.10
N TRP F 252 9.18 -26.89 -16.52
CA TRP F 252 10.28 -27.21 -15.60
C TRP F 252 11.03 -25.97 -15.12
N VAL F 253 11.27 -25.92 -13.81
CA VAL F 253 11.98 -24.81 -13.20
C VAL F 253 13.17 -25.29 -12.39
N ASP F 254 14.33 -24.69 -12.64
CA ASP F 254 15.51 -24.81 -11.80
C ASP F 254 16.29 -23.53 -12.01
N LEU F 255 17.46 -23.41 -11.38
CA LEU F 255 18.22 -22.16 -11.49
C LEU F 255 18.70 -21.86 -12.91
N LYS F 256 19.14 -22.88 -13.63
CA LYS F 256 19.63 -22.71 -15.00
C LYS F 256 18.54 -22.13 -15.89
N ARG F 257 17.37 -22.75 -15.79
CA ARG F 257 16.19 -22.38 -16.55
C ARG F 257 15.69 -20.98 -16.20
N LEU F 258 15.80 -20.66 -14.91
CA LEU F 258 15.35 -19.38 -14.38
C LEU F 258 16.22 -18.24 -14.90
N ARG F 259 17.51 -18.50 -15.01
CA ARG F 259 18.42 -17.53 -15.60
C ARG F 259 18.10 -17.28 -17.08
N GLU F 260 17.60 -18.30 -17.76
CA GLU F 260 17.18 -18.13 -19.14
C GLU F 260 15.98 -17.20 -19.24
N ILE F 261 14.93 -17.53 -18.50
CA ILE F 261 13.67 -16.78 -18.54
C ILE F 261 13.86 -15.33 -18.11
N TYR F 262 14.60 -15.13 -17.03
CA TYR F 262 14.90 -13.79 -16.54
C TYR F 262 15.56 -12.91 -17.61
N ARG F 263 16.34 -13.52 -18.50
CA ARG F 263 17.00 -12.76 -19.57
C ARG F 263 16.21 -12.74 -20.90
N TYR F 264 15.03 -13.37 -20.91
CA TYR F 264 14.19 -13.39 -22.10
C TYR F 264 13.87 -11.98 -22.59
N LYS F 265 13.64 -11.87 -23.89
CA LYS F 265 13.22 -10.60 -24.47
C LYS F 265 11.71 -10.64 -24.69
N GLY F 266 11.07 -9.50 -24.46
CA GLY F 266 9.63 -9.43 -24.62
C GLY F 266 9.16 -9.39 -26.06
N ASN F 267 7.94 -9.85 -26.28
CA ASN F 267 7.23 -9.67 -27.55
C ASN F 267 7.92 -10.32 -28.74
N GLU F 268 8.68 -11.38 -28.49
CA GLU F 268 9.30 -12.13 -29.56
C GLU F 268 8.23 -12.77 -30.44
N PHE F 269 8.50 -12.80 -31.75
CA PHE F 269 7.53 -13.23 -32.75
C PHE F 269 8.09 -14.32 -33.65
N GLY F 270 7.24 -15.24 -34.07
CA GLY F 270 7.63 -16.26 -35.02
C GLY F 270 7.69 -17.65 -34.42
N LYS F 271 8.03 -18.63 -35.28
CA LYS F 271 8.05 -20.03 -34.88
C LYS F 271 9.28 -20.37 -34.03
N GLU F 272 10.44 -19.92 -34.49
CA GLU F 272 11.70 -20.19 -33.80
C GLU F 272 12.11 -19.05 -32.89
N ILE F 273 11.62 -19.07 -31.65
CA ILE F 273 11.93 -18.04 -30.66
C ILE F 273 12.09 -18.63 -29.26
N ALA F 274 12.81 -17.93 -28.41
CA ALA F 274 13.04 -18.38 -27.04
C ALA F 274 11.77 -18.20 -26.18
N ASN F 275 11.29 -16.97 -26.09
CA ASN F 275 10.16 -16.63 -25.22
C ASN F 275 8.83 -16.85 -25.93
N LYS F 276 8.49 -18.11 -26.16
CA LYS F 276 7.31 -18.48 -26.93
C LYS F 276 6.01 -17.99 -26.31
N PHE F 277 5.99 -17.90 -24.98
CA PHE F 277 4.76 -17.56 -24.29
C PHE F 277 4.74 -16.12 -23.78
N ASN F 278 5.79 -15.38 -24.12
CA ASN F 278 5.88 -13.94 -23.83
C ASN F 278 5.81 -13.65 -22.32
N ILE F 279 6.64 -14.34 -21.56
CA ILE F 279 6.77 -14.08 -20.13
C ILE F 279 7.67 -12.87 -19.89
N PHE F 280 7.23 -11.94 -19.04
CA PHE F 280 8.02 -10.75 -18.72
C PHE F 280 8.77 -10.98 -17.42
N SER F 281 10.08 -10.84 -17.49
CA SER F 281 10.95 -11.23 -16.39
C SER F 281 10.68 -10.44 -15.11
N GLN F 282 10.32 -9.16 -15.25
CA GLN F 282 9.97 -8.35 -14.08
C GLN F 282 8.82 -8.96 -13.27
N SER F 283 8.02 -9.80 -13.92
CA SER F 283 6.92 -10.49 -13.27
C SER F 283 7.31 -11.80 -12.59
N ILE F 284 8.60 -12.14 -12.62
CA ILE F 284 9.07 -13.29 -11.86
C ILE F 284 9.13 -12.90 -10.41
N PRO F 285 8.32 -13.56 -9.55
CA PRO F 285 8.28 -13.17 -8.14
C PRO F 285 9.63 -13.33 -7.43
N ASP F 286 9.83 -12.52 -6.40
CA ASP F 286 11.10 -12.41 -5.69
C ASP F 286 11.52 -13.67 -4.91
N TRP F 287 10.54 -14.43 -4.42
CA TRP F 287 10.82 -15.53 -3.51
C TRP F 287 11.54 -16.72 -4.16
N VAL F 288 11.25 -16.97 -5.44
CA VAL F 288 11.70 -18.19 -6.11
C VAL F 288 13.22 -18.32 -6.30
N ILE F 289 13.94 -17.22 -6.45
CA ILE F 289 15.37 -17.28 -6.75
C ILE F 289 16.21 -17.66 -5.52
N GLU F 290 15.85 -17.14 -4.36
CA GLU F 290 16.48 -17.57 -3.12
C GLU F 290 16.01 -18.99 -2.75
N TRP F 291 14.76 -19.29 -3.10
CA TRP F 291 14.09 -20.52 -2.64
C TRP F 291 14.77 -21.77 -3.17
N LEU F 292 15.10 -21.77 -4.45
CA LEU F 292 15.66 -22.96 -5.06
C LEU F 292 17.03 -23.29 -4.49
N PRO F 293 17.24 -24.56 -4.15
CA PRO F 293 18.61 -24.99 -3.84
C PRO F 293 19.40 -25.19 -5.11
N GLU F 294 20.72 -25.30 -4.97
CA GLU F 294 21.59 -25.45 -6.12
C GLU F 294 21.20 -26.63 -7.01
N LYS F 295 20.79 -27.73 -6.39
CA LYS F 295 20.45 -28.95 -7.13
C LYS F 295 18.96 -29.22 -7.14
N GLY F 296 18.16 -28.22 -6.77
CA GLY F 296 16.73 -28.39 -6.73
C GLY F 296 16.03 -28.01 -8.01
N GLY F 297 14.77 -28.40 -8.13
CA GLY F 297 13.97 -28.08 -9.29
C GLY F 297 12.56 -28.59 -9.09
N TYR F 298 11.63 -28.05 -9.87
CA TYR F 298 10.24 -28.47 -9.81
C TYR F 298 9.46 -28.08 -11.06
N LEU F 299 8.26 -28.61 -11.18
CA LEU F 299 7.39 -28.27 -12.30
C LEU F 299 6.46 -27.12 -11.91
N ALA F 300 6.45 -26.05 -12.72
CA ALA F 300 5.61 -24.88 -12.45
C ALA F 300 4.14 -25.27 -12.40
N GLY F 301 3.33 -24.43 -11.75
CA GLY F 301 1.93 -24.72 -11.49
C GLY F 301 1.01 -24.51 -12.67
N ASN F 302 1.47 -23.73 -13.64
CA ASN F 302 0.64 -23.41 -14.80
C ASN F 302 1.41 -22.70 -15.89
N LEU F 303 0.90 -22.81 -17.11
CA LEU F 303 1.46 -22.09 -18.24
C LEU F 303 0.35 -21.71 -19.21
N GLY F 304 0.39 -20.46 -19.66
CA GLY F 304 -0.57 -19.95 -20.63
C GLY F 304 -0.02 -18.74 -21.33
N PRO F 305 -0.83 -18.13 -22.19
CA PRO F 305 -0.39 -16.94 -22.92
C PRO F 305 0.02 -15.81 -21.97
N GLY F 306 1.32 -15.47 -22.00
CA GLY F 306 1.86 -14.44 -21.14
C GLY F 306 1.83 -14.80 -19.67
N ARG F 307 1.81 -16.09 -19.36
CA ARG F 307 1.63 -16.49 -17.96
C ARG F 307 2.49 -17.68 -17.58
N MET F 308 3.21 -17.54 -16.48
CA MET F 308 3.89 -18.67 -15.87
C MET F 308 3.68 -18.58 -14.37
N ASP F 309 2.96 -19.54 -13.83
CA ASP F 309 2.68 -19.60 -12.40
C ASP F 309 3.80 -20.37 -11.69
N PHE F 310 4.63 -19.65 -10.95
CA PHE F 310 5.80 -20.24 -10.31
C PHE F 310 5.51 -20.90 -8.98
N ARG F 311 4.27 -20.83 -8.51
CA ARG F 311 3.92 -21.55 -7.30
C ARG F 311 4.21 -23.04 -7.46
N PHE F 312 4.82 -23.62 -6.43
CA PHE F 312 5.04 -25.05 -6.37
C PHE F 312 3.73 -25.73 -5.95
N PHE F 313 3.29 -26.71 -6.74
CA PHE F 313 2.11 -27.51 -6.41
C PHE F 313 2.53 -28.96 -6.17
N ALA F 314 2.23 -29.48 -4.98
CA ALA F 314 2.79 -30.75 -4.55
C ALA F 314 2.25 -31.96 -5.32
N LEU F 315 0.93 -32.10 -5.39
CA LEU F 315 0.31 -33.29 -5.98
C LEU F 315 0.86 -33.54 -7.38
N GLY F 316 0.76 -32.54 -8.23
CA GLY F 316 1.27 -32.62 -9.59
C GLY F 316 2.75 -32.95 -9.63
N ASN F 317 3.52 -32.36 -8.72
CA ASN F 317 4.95 -32.64 -8.70
C ASN F 317 5.32 -34.04 -8.22
N LEU F 318 4.61 -34.55 -7.21
CA LEU F 318 4.84 -35.90 -6.69
C LEU F 318 4.27 -36.94 -7.66
N MET F 319 3.09 -36.65 -8.21
CA MET F 319 2.47 -37.54 -9.20
C MET F 319 3.26 -37.59 -10.50
N ALA F 320 3.99 -36.51 -10.78
CA ALA F 320 4.89 -36.47 -11.93
C ALA F 320 5.97 -37.54 -11.80
N ILE F 321 6.47 -37.71 -10.58
CA ILE F 321 7.46 -38.73 -10.28
C ILE F 321 6.88 -40.13 -10.44
N LEU F 322 5.68 -40.32 -9.88
CA LEU F 322 5.04 -41.63 -9.88
C LEU F 322 4.61 -42.05 -11.29
N ALA F 323 4.04 -41.11 -12.04
CA ALA F 323 3.55 -41.39 -13.40
C ALA F 323 4.67 -41.63 -14.40
N GLY F 324 5.90 -41.30 -14.04
CA GLY F 324 7.03 -41.45 -14.95
C GLY F 324 7.16 -40.30 -15.92
N LEU F 325 6.50 -39.18 -15.63
CA LEU F 325 6.59 -37.99 -16.45
C LEU F 325 7.92 -37.29 -16.22
N ALA F 326 8.24 -37.08 -14.95
CA ALA F 326 9.54 -36.54 -14.57
C ALA F 326 10.61 -37.58 -14.81
N SER F 327 11.74 -37.17 -15.36
CA SER F 327 12.86 -38.08 -15.54
C SER F 327 13.42 -38.45 -14.18
N GLU F 328 14.33 -39.41 -14.16
CA GLU F 328 14.92 -39.89 -12.91
C GLU F 328 15.72 -38.75 -12.24
N GLU F 329 16.48 -38.01 -13.03
CA GLU F 329 17.22 -36.86 -12.52
C GLU F 329 16.29 -35.76 -12.02
N GLU F 330 15.26 -35.46 -12.81
CA GLU F 330 14.29 -34.42 -12.47
C GLU F 330 13.56 -34.79 -11.19
N SER F 331 13.12 -36.05 -11.08
CA SER F 331 12.55 -36.58 -9.85
C SER F 331 13.46 -36.27 -8.66
N GLN F 332 14.74 -36.57 -8.81
CA GLN F 332 15.74 -36.29 -7.79
C GLN F 332 15.77 -34.82 -7.41
N ARG F 333 15.71 -33.94 -8.40
CA ARG F 333 15.77 -32.49 -8.12
C ARG F 333 14.51 -31.99 -7.40
N ILE F 334 13.38 -32.65 -7.62
CA ILE F 334 12.16 -32.38 -6.85
C ILE F 334 12.33 -32.80 -5.39
N MET F 335 12.82 -34.01 -5.16
CA MET F 335 13.05 -34.49 -3.80
C MET F 335 14.15 -33.67 -3.13
N ASN F 336 15.14 -33.22 -3.90
CA ASN F 336 16.15 -32.31 -3.36
C ASN F 336 15.54 -31.05 -2.78
N LEU F 337 14.52 -30.53 -3.47
CA LEU F 337 13.82 -29.34 -3.03
C LEU F 337 13.12 -29.56 -1.68
N PHE F 338 12.46 -30.71 -1.54
CA PHE F 338 11.79 -31.08 -0.29
C PHE F 338 12.73 -31.11 0.92
N ALA F 339 13.92 -31.68 0.76
CA ALA F 339 14.90 -31.70 1.83
C ALA F 339 15.35 -30.29 2.19
N HIS F 340 15.58 -29.47 1.17
CA HIS F 340 16.06 -28.12 1.36
C HIS F 340 14.98 -27.16 1.91
N ARG F 341 13.72 -27.36 1.52
CA ARG F 341 12.62 -26.53 1.98
C ARG F 341 11.64 -27.34 2.81
N TRP F 342 12.18 -28.17 3.71
CA TRP F 342 11.41 -29.09 4.52
C TRP F 342 10.38 -28.36 5.39
N GLU F 343 10.78 -27.27 6.03
CA GLU F 343 9.87 -26.50 6.88
C GLU F 343 8.76 -25.80 6.07
N ASP F 344 9.08 -25.36 4.85
CA ASP F 344 8.05 -24.80 3.96
C ASP F 344 7.09 -25.87 3.44
N LEU F 345 7.62 -27.02 3.00
CA LEU F 345 6.81 -28.00 2.28
C LEU F 345 6.25 -29.12 3.14
N ILE F 346 6.84 -29.36 4.31
CA ILE F 346 6.35 -30.34 5.26
C ILE F 346 5.99 -29.65 6.58
N GLY F 347 6.98 -29.00 7.18
CA GLY F 347 6.81 -28.32 8.44
C GLY F 347 6.24 -29.22 9.54
N TYR F 348 5.11 -28.80 10.09
CA TYR F 348 4.48 -29.51 11.20
C TYR F 348 3.47 -30.55 10.72
N MET F 349 3.16 -30.53 9.43
CA MET F 349 2.24 -31.53 8.86
C MET F 349 2.41 -31.66 7.34
N PRO F 350 2.87 -32.84 6.89
CA PRO F 350 2.94 -32.99 5.44
C PRO F 350 1.55 -33.16 4.84
N VAL F 351 1.34 -32.73 3.60
CA VAL F 351 2.29 -31.96 2.79
C VAL F 351 1.62 -30.63 2.41
N LYS F 352 2.40 -29.57 2.26
CA LYS F 352 1.80 -28.30 1.82
C LYS F 352 1.26 -28.44 0.40
N ILE F 353 -0.01 -28.08 0.20
CA ILE F 353 -0.67 -28.30 -1.09
C ILE F 353 -0.07 -27.44 -2.20
N CYS F 354 0.31 -26.21 -1.87
CA CYS F 354 1.08 -25.41 -2.79
C CYS F 354 1.78 -24.31 -2.04
N TYR F 355 2.86 -23.82 -2.62
CA TYR F 355 3.70 -22.82 -1.99
C TYR F 355 4.10 -21.79 -3.03
N PRO F 356 4.11 -20.50 -2.66
CA PRO F 356 3.64 -19.93 -1.39
C PRO F 356 2.18 -19.52 -1.47
N ALA F 357 1.65 -18.98 -0.38
CA ALA F 357 0.27 -18.52 -0.36
C ALA F 357 0.10 -17.18 -1.08
N LEU F 358 -1.08 -17.00 -1.66
CA LEU F 358 -1.46 -15.71 -2.21
C LEU F 358 -1.89 -14.87 -1.03
N GLN F 359 -1.34 -13.65 -0.94
CA GLN F 359 -1.51 -12.82 0.23
C GLN F 359 -2.03 -11.42 -0.12
N GLY F 360 -2.58 -10.75 0.89
CA GLY F 360 -3.10 -9.41 0.77
C GLY F 360 -3.95 -9.22 -0.46
N LEU F 361 -3.62 -8.18 -1.22
CA LEU F 361 -4.39 -7.80 -2.39
C LEU F 361 -4.36 -8.88 -3.47
N GLU F 362 -3.31 -9.69 -3.49
CA GLU F 362 -3.22 -10.78 -4.47
C GLU F 362 -4.26 -11.87 -4.16
N TRP F 363 -4.47 -12.13 -2.89
CA TRP F 363 -5.54 -13.03 -2.48
C TRP F 363 -6.92 -12.51 -2.92
N GLN F 364 -7.17 -11.21 -2.77
CA GLN F 364 -8.46 -10.62 -3.14
C GLN F 364 -8.80 -10.81 -4.61
N ILE F 365 -7.87 -10.39 -5.46
CA ILE F 365 -8.03 -10.43 -6.89
C ILE F 365 -8.20 -11.85 -7.40
N VAL F 366 -7.25 -12.72 -7.06
CA VAL F 366 -7.15 -14.07 -7.65
C VAL F 366 -8.23 -15.05 -7.18
N THR F 367 -8.64 -14.97 -5.92
CA THR F 367 -9.67 -15.87 -5.40
C THR F 367 -11.07 -15.22 -5.38
N GLY F 368 -11.13 -13.90 -5.58
CA GLY F 368 -12.38 -13.18 -5.49
C GLY F 368 -12.83 -13.02 -4.05
N CYS F 369 -11.87 -12.71 -3.19
CA CYS F 369 -12.09 -12.56 -1.75
C CYS F 369 -12.74 -13.79 -1.13
N ASP F 370 -12.29 -14.97 -1.54
CA ASP F 370 -12.83 -16.24 -1.01
C ASP F 370 -12.32 -16.46 0.43
N PRO F 371 -13.24 -16.39 1.42
CA PRO F 371 -12.83 -16.48 2.82
C PRO F 371 -12.37 -17.84 3.27
N LYS F 372 -12.70 -18.89 2.53
CA LYS F 372 -12.22 -20.21 2.89
C LYS F 372 -10.75 -20.39 2.50
N ASN F 373 -10.28 -19.61 1.53
CA ASN F 373 -8.89 -19.73 1.07
C ASN F 373 -7.89 -18.67 1.55
N ILE F 374 -8.23 -17.98 2.63
CA ILE F 374 -7.37 -16.90 3.14
C ILE F 374 -5.93 -17.39 3.14
N PRO F 375 -4.95 -16.49 3.24
CA PRO F 375 -3.53 -16.91 3.13
C PRO F 375 -3.11 -18.03 4.08
N TRP F 376 -2.43 -19.05 3.53
CA TRP F 376 -1.92 -20.21 4.28
C TRP F 376 -3.02 -21.08 4.85
N SER F 377 -4.21 -20.99 4.26
CA SER F 377 -5.35 -21.81 4.66
C SER F 377 -5.94 -22.56 3.47
N TYR F 378 -6.38 -23.80 3.72
CA TYR F 378 -7.10 -24.60 2.73
C TYR F 378 -6.27 -24.81 1.43
N HIS F 379 -6.82 -24.38 0.29
CA HIS F 379 -6.08 -24.53 -0.97
C HIS F 379 -4.93 -23.54 -1.08
N ASN F 380 -5.05 -22.43 -0.36
CA ASN F 380 -4.06 -21.36 -0.43
C ASN F 380 -2.91 -21.55 0.55
N GLY F 381 -2.19 -22.65 0.38
CA GLY F 381 -1.01 -22.92 1.19
C GLY F 381 -1.28 -23.69 2.48
N GLY F 382 -2.44 -24.33 2.56
CA GLY F 382 -2.73 -25.22 3.68
C GLY F 382 -1.86 -26.45 3.64
N ASN F 383 -1.81 -27.21 4.73
CA ASN F 383 -1.11 -28.49 4.73
C ASN F 383 -2.11 -29.65 4.74
N TRP F 384 -1.94 -30.59 3.81
CA TRP F 384 -2.92 -31.64 3.60
C TRP F 384 -2.36 -33.01 3.90
N PRO F 385 -2.85 -33.63 4.98
CA PRO F 385 -2.45 -34.96 5.43
C PRO F 385 -2.53 -36.02 4.33
N VAL F 386 -3.56 -35.97 3.49
CA VAL F 386 -3.72 -36.98 2.44
C VAL F 386 -2.50 -37.06 1.53
N LEU F 387 -1.90 -35.92 1.19
CA LEU F 387 -0.76 -35.87 0.26
C LEU F 387 0.47 -36.64 0.74
N LEU F 388 0.44 -37.08 1.99
CA LEU F 388 1.48 -37.93 2.55
C LEU F 388 1.64 -39.22 1.76
N TRP F 389 0.53 -39.78 1.26
CA TRP F 389 0.65 -41.02 0.51
C TRP F 389 1.38 -40.80 -0.83
N LEU F 390 1.07 -39.72 -1.53
CA LEU F 390 1.84 -39.33 -2.70
C LEU F 390 3.31 -39.19 -2.33
N PHE F 391 3.59 -38.45 -1.27
CA PHE F 391 4.96 -38.13 -0.87
C PHE F 391 5.75 -39.40 -0.50
N THR F 392 5.12 -40.27 0.28
CA THR F 392 5.74 -41.54 0.64
C THR F 392 6.09 -42.37 -0.60
N ALA F 393 5.08 -42.58 -1.45
CA ALA F 393 5.24 -43.34 -2.68
C ALA F 393 6.41 -42.82 -3.51
N ALA F 394 6.52 -41.51 -3.64
CA ALA F 394 7.59 -40.90 -4.43
C ALA F 394 8.93 -40.98 -3.70
N ALA F 395 8.92 -40.85 -2.38
CA ALA F 395 10.16 -40.95 -1.60
C ALA F 395 10.75 -42.36 -1.74
N LEU F 396 9.88 -43.37 -1.63
CA LEU F 396 10.30 -44.75 -1.83
C LEU F 396 10.80 -44.98 -3.25
N LYS F 397 10.02 -44.53 -4.22
CA LYS F 397 10.38 -44.65 -5.63
C LYS F 397 11.71 -43.97 -5.97
N THR F 398 12.02 -42.87 -5.29
CA THR F 398 13.26 -42.14 -5.54
C THR F 398 14.43 -42.61 -4.64
N GLY F 399 14.17 -43.62 -3.82
CA GLY F 399 15.20 -44.21 -2.98
C GLY F 399 15.57 -43.37 -1.77
N LYS F 400 14.60 -42.61 -1.27
CA LYS F 400 14.84 -41.71 -0.14
C LYS F 400 13.87 -42.00 0.99
N VAL F 401 14.04 -43.17 1.60
CA VAL F 401 13.15 -43.68 2.63
C VAL F 401 13.19 -42.83 3.90
N GLU F 402 14.37 -42.35 4.27
CA GLU F 402 14.51 -41.52 5.47
C GLU F 402 13.52 -40.33 5.49
N LEU F 403 13.29 -39.72 4.33
CA LEU F 403 12.32 -38.62 4.24
C LEU F 403 10.90 -39.11 4.43
N ALA F 404 10.61 -40.28 3.87
CA ALA F 404 9.34 -40.94 4.11
C ALA F 404 9.11 -41.17 5.60
N HIS F 405 10.15 -41.66 6.29
CA HIS F 405 10.07 -41.93 7.73
C HIS F 405 9.71 -40.69 8.53
N GLU F 406 10.46 -39.61 8.31
CA GLU F 406 10.28 -38.38 9.06
C GLU F 406 8.90 -37.76 8.84
N ALA F 407 8.44 -37.80 7.58
CA ALA F 407 7.13 -37.26 7.23
C ALA F 407 6.01 -38.00 7.96
N ILE F 408 6.10 -39.32 7.99
CA ILE F 408 5.08 -40.13 8.65
C ILE F 408 5.09 -39.91 10.16
N ALA F 409 6.29 -39.79 10.72
CA ALA F 409 6.42 -39.52 12.14
C ALA F 409 5.78 -38.19 12.55
N ILE F 410 6.11 -37.14 11.79
CA ILE F 410 5.51 -35.83 11.98
C ILE F 410 3.98 -35.92 11.95
N ALA F 411 3.45 -36.68 10.99
CA ALA F 411 2.00 -36.84 10.86
C ALA F 411 1.41 -37.67 12.01
N GLU F 412 1.99 -38.86 12.27
CA GLU F 412 1.53 -39.71 13.36
C GLU F 412 1.63 -39.03 14.71
N GLY F 413 2.54 -38.05 14.80
CA GLY F 413 2.66 -37.26 16.01
C GLY F 413 1.42 -36.45 16.36
N ARG F 414 0.62 -36.05 15.37
CA ARG F 414 -0.49 -35.12 15.63
C ARG F 414 -1.87 -35.61 15.19
N LEU F 415 -1.91 -36.36 14.10
CA LEU F 415 -3.20 -36.67 13.46
C LEU F 415 -4.24 -37.25 14.40
N SER F 416 -3.89 -38.36 15.06
CA SER F 416 -4.80 -39.04 15.97
C SER F 416 -5.29 -38.09 17.05
N ASN F 417 -4.35 -37.45 17.74
CA ASN F 417 -4.66 -36.48 18.78
C ASN F 417 -5.52 -35.32 18.29
N ASP F 418 -5.30 -34.89 17.05
CA ASP F 418 -6.08 -33.80 16.46
C ASP F 418 -7.40 -34.30 15.85
N LYS F 419 -7.60 -35.61 15.90
CA LYS F 419 -8.81 -36.26 15.37
C LYS F 419 -8.87 -36.24 13.86
N PHE F 420 -7.70 -36.32 13.23
CA PHE F 420 -7.55 -36.37 11.77
C PHE F 420 -8.28 -35.22 11.07
N PRO F 421 -7.81 -33.98 11.30
CA PRO F 421 -8.44 -32.87 10.58
C PRO F 421 -8.23 -33.01 9.07
N GLU F 422 -9.14 -32.41 8.33
CA GLU F 422 -9.10 -32.40 6.87
C GLU F 422 -7.82 -31.74 6.35
N TYR F 423 -7.48 -30.62 6.95
CA TYR F 423 -6.28 -29.87 6.58
C TYR F 423 -5.73 -29.06 7.73
N TYR F 424 -4.52 -28.54 7.55
CA TYR F 424 -3.85 -27.72 8.55
C TYR F 424 -3.46 -26.36 7.93
N ASP F 425 -3.36 -25.33 8.76
CA ASP F 425 -3.11 -23.99 8.28
C ASP F 425 -1.84 -23.36 8.80
N GLY F 426 -1.42 -22.28 8.13
CA GLY F 426 -0.25 -21.53 8.52
C GLY F 426 0.93 -21.78 7.63
N ASN F 427 1.99 -21.02 7.84
CA ASN F 427 3.22 -21.15 7.06
C ASN F 427 3.81 -22.55 7.15
N ASN F 428 3.72 -23.14 8.33
CA ASN F 428 4.30 -24.46 8.57
C ASN F 428 3.28 -25.50 8.98
N GLY F 429 2.01 -25.18 8.73
CA GLY F 429 0.91 -26.06 9.07
C GLY F 429 0.76 -26.28 10.55
N ARG F 430 1.02 -25.21 11.32
CA ARG F 430 1.02 -25.29 12.77
C ARG F 430 -0.39 -25.27 13.34
N LEU F 431 -1.31 -24.65 12.62
CA LEU F 431 -2.71 -24.61 13.05
C LEU F 431 -3.57 -25.70 12.42
N ILE F 432 -4.61 -26.13 13.12
CA ILE F 432 -5.59 -27.00 12.49
C ILE F 432 -6.44 -26.13 11.60
N GLY F 433 -6.74 -26.65 10.41
CA GLY F 433 -7.49 -25.91 9.40
C GLY F 433 -8.70 -25.21 9.95
N LYS F 434 -8.84 -23.92 9.64
CA LYS F 434 -9.90 -23.05 10.15
C LYS F 434 -11.29 -23.68 10.07
N GLU F 435 -11.63 -24.19 8.88
CA GLU F 435 -12.91 -24.84 8.66
C GLU F 435 -12.74 -26.32 8.35
N ALA F 436 -11.66 -26.91 8.87
CA ALA F 436 -11.34 -28.30 8.60
C ALA F 436 -12.32 -29.26 9.27
N ARG F 437 -12.83 -30.20 8.48
CA ARG F 437 -13.57 -31.33 9.04
C ARG F 437 -12.66 -32.18 9.92
N ILE F 438 -13.21 -32.73 10.99
CA ILE F 438 -12.49 -33.77 11.73
C ILE F 438 -12.98 -35.15 11.25
N TYR F 439 -12.15 -36.18 11.46
CA TYR F 439 -12.39 -37.51 10.89
C TYR F 439 -12.59 -37.43 9.39
N GLN F 440 -11.70 -36.67 8.73
CA GLN F 440 -11.66 -36.61 7.29
C GLN F 440 -11.11 -37.93 6.81
N THR F 441 -11.86 -38.61 5.96
CA THR F 441 -11.52 -39.98 5.60
C THR F 441 -10.17 -40.13 4.90
N TRP F 442 -9.83 -39.24 3.97
CA TRP F 442 -8.55 -39.41 3.26
C TRP F 442 -7.32 -38.91 4.03
N SER F 443 -7.54 -38.21 5.14
CA SER F 443 -6.45 -37.98 6.08
C SER F 443 -6.15 -39.33 6.75
N ILE F 444 -7.21 -40.00 7.19
CA ILE F 444 -7.09 -41.32 7.79
C ILE F 444 -6.45 -42.32 6.82
N ALA F 445 -7.04 -42.45 5.63
CA ALA F 445 -6.55 -43.37 4.62
C ALA F 445 -5.15 -43.00 4.13
N GLY F 446 -4.88 -41.70 4.06
CA GLY F 446 -3.58 -41.22 3.64
C GLY F 446 -2.45 -41.74 4.51
N LEU F 447 -2.65 -41.73 5.82
CA LEU F 447 -1.62 -42.21 6.73
C LEU F 447 -1.45 -43.73 6.60
N LEU F 448 -2.56 -44.45 6.54
CA LEU F 448 -2.52 -45.92 6.39
C LEU F 448 -1.76 -46.35 5.14
N VAL F 449 -2.11 -45.75 4.02
CA VAL F 449 -1.48 -46.07 2.75
C VAL F 449 0.03 -45.85 2.83
N ALA F 450 0.41 -44.74 3.47
CA ALA F 450 1.82 -44.40 3.61
C ALA F 450 2.59 -45.45 4.43
N LYS F 451 1.98 -45.88 5.53
CA LYS F 451 2.59 -46.89 6.40
C LYS F 451 2.67 -48.25 5.69
N GLN F 452 1.59 -48.64 5.02
CA GLN F 452 1.57 -49.86 4.24
C GLN F 452 2.60 -49.82 3.11
N PHE F 453 2.78 -48.67 2.47
CA PHE F 453 3.86 -48.51 1.49
C PHE F 453 5.21 -48.71 2.12
N LEU F 454 5.36 -48.20 3.33
CA LEU F 454 6.62 -48.28 4.05
C LEU F 454 6.97 -49.74 4.41
N ALA F 455 5.96 -50.51 4.79
CA ALA F 455 6.12 -51.92 5.10
C ALA F 455 6.48 -52.74 3.86
N ASN F 456 5.77 -52.50 2.77
CA ASN F 456 5.99 -53.20 1.51
C ASN F 456 6.06 -52.22 0.34
N PRO F 457 7.26 -51.70 0.05
CA PRO F 457 7.49 -50.71 -1.02
C PRO F 457 7.02 -51.14 -2.40
N ASP F 458 6.90 -52.44 -2.63
CA ASP F 458 6.43 -52.95 -3.91
C ASP F 458 4.98 -52.58 -4.21
N HIS F 459 4.19 -52.30 -3.18
CA HIS F 459 2.81 -51.86 -3.38
C HIS F 459 2.69 -50.57 -4.20
N VAL F 460 3.74 -49.74 -4.16
CA VAL F 460 3.77 -48.49 -4.91
C VAL F 460 3.54 -48.72 -6.41
N GLU F 461 3.99 -49.87 -6.93
CA GLU F 461 3.88 -50.18 -8.36
C GLU F 461 2.47 -50.12 -8.97
N PHE F 462 1.42 -50.26 -8.15
CA PHE F 462 0.06 -50.18 -8.69
C PHE F 462 -0.50 -48.76 -8.79
N ILE F 463 0.26 -47.76 -8.32
CA ILE F 463 -0.10 -46.35 -8.55
C ILE F 463 1.01 -45.64 -9.35
N SER F 464 2.05 -46.40 -9.72
CA SER F 464 3.17 -45.81 -10.46
C SER F 464 3.56 -46.63 -11.68
N PHE F 465 4.55 -46.15 -12.41
CA PHE F 465 5.06 -46.84 -13.59
C PHE F 465 6.57 -47.02 -13.43
N PRO F 466 7.06 -48.26 -13.53
CA PRO F 466 8.50 -48.48 -13.35
C PRO F 466 9.33 -47.80 -14.44
N ASP F 467 8.87 -47.91 -15.68
CA ASP F 467 9.52 -47.25 -16.81
C ASP F 467 9.06 -45.79 -16.98
N THR F 468 9.90 -44.98 -17.61
CA THR F 468 9.51 -43.62 -17.93
C THR F 468 9.32 -43.50 -19.45
N PHE F 469 8.11 -43.12 -19.86
CA PHE F 469 7.78 -43.04 -21.28
C PHE F 469 7.97 -41.62 -21.83
N ILE F 470 9.23 -41.20 -21.97
CA ILE F 470 9.55 -39.85 -22.45
C ILE F 470 10.86 -39.79 -23.24
N GLY F 471 11.01 -38.75 -24.05
CA GLY F 471 12.22 -38.54 -24.84
C GLY F 471 12.49 -37.06 -25.02
N PRO F 472 13.55 -36.72 -25.77
CA PRO F 472 13.93 -35.33 -25.98
C PRO F 472 13.18 -34.64 -27.13
N GLY F 473 12.17 -35.32 -27.69
CA GLY F 473 11.39 -34.77 -28.78
C GLY F 473 9.90 -34.91 -28.57
N CYS F 474 9.12 -34.48 -29.55
CA CYS F 474 7.68 -34.49 -29.43
C CYS F 474 7.04 -35.82 -29.82
N SER F 475 7.80 -36.65 -30.52
CA SER F 475 7.36 -38.01 -30.86
C SER F 475 8.03 -38.98 -29.90
N LEU F 476 7.24 -39.84 -29.28
CA LEU F 476 7.72 -40.82 -28.28
C LEU F 476 8.18 -40.14 -26.99
#